data_2E63
#
_entry.id   2E63
#
_entity_poly.entity_id   1
_entity_poly.type   'polypeptide(L)'
_entity_poly.pdbx_seq_one_letter_code
;GSSGSSGELHPRTGRLVSLSACGRTARRQQPGQEFNHGLVLSREPLRDGRVFTVRIDRKVNSWSGSIEIGVTALDPSVLD
FPSSATGLKGGSWVVSGCSVLRDGRSVLEEYGQDLDQLGEGDRVGVERTVAGELRLWVNGRDCGVAATGLPPRVWAVVDL
YGKCTQITVL
;
_entity_poly.pdbx_strand_id   A
#
# COMPACT_ATOMS: atom_id res chain seq x y z
N GLY A 1 -7.97 22.37 14.78
CA GLY A 1 -7.95 21.53 13.60
C GLY A 1 -6.67 20.72 13.49
N SER A 2 -6.11 20.68 12.29
CA SER A 2 -4.88 19.92 12.05
C SER A 2 -5.05 18.46 12.47
N SER A 3 -3.97 17.69 12.35
CA SER A 3 -4.00 16.28 12.71
C SER A 3 -2.61 15.66 12.58
N GLY A 4 -1.89 16.07 11.54
CA GLY A 4 -0.55 15.54 11.31
C GLY A 4 -0.56 14.27 10.50
N SER A 5 -1.52 14.14 9.60
CA SER A 5 -1.64 12.95 8.77
C SER A 5 -1.32 13.27 7.32
N SER A 6 -1.52 12.29 6.44
CA SER A 6 -1.24 12.46 5.02
C SER A 6 -2.41 11.97 4.17
N GLY A 7 -2.56 10.65 4.08
CA GLY A 7 -3.64 10.07 3.29
C GLY A 7 -4.65 9.34 4.15
N GLU A 8 -4.24 9.01 5.38
CA GLU A 8 -5.11 8.29 6.30
C GLU A 8 -5.47 6.91 5.75
N LEU A 9 -6.42 6.24 6.39
CA LEU A 9 -6.85 4.92 5.97
C LEU A 9 -8.35 4.74 6.15
N HIS A 10 -9.01 4.23 5.11
CA HIS A 10 -10.45 4.01 5.17
C HIS A 10 -10.82 3.03 6.27
N PRO A 11 -11.92 3.31 6.98
CA PRO A 11 -12.41 2.48 8.08
C PRO A 11 -12.95 1.14 7.58
N ARG A 12 -13.30 1.08 6.31
CA ARG A 12 -13.84 -0.14 5.70
C ARG A 12 -12.71 -1.07 5.29
N THR A 13 -12.76 -2.31 5.77
CA THR A 13 -11.75 -3.30 5.45
C THR A 13 -12.35 -4.70 5.39
N GLY A 14 -11.51 -5.68 5.05
CA GLY A 14 -11.98 -7.06 4.97
C GLY A 14 -12.38 -7.61 6.32
N ARG A 15 -12.19 -8.91 6.50
CA ARG A 15 -12.55 -9.57 7.75
C ARG A 15 -11.36 -9.58 8.72
N LEU A 16 -10.27 -10.21 8.29
CA LEU A 16 -9.06 -10.29 9.11
C LEU A 16 -8.45 -8.91 9.32
N VAL A 17 -8.71 -8.01 8.37
CA VAL A 17 -8.18 -6.65 8.46
C VAL A 17 -9.01 -5.79 9.40
N SER A 18 -8.33 -5.05 10.26
CA SER A 18 -9.01 -4.18 11.22
C SER A 18 -8.29 -2.84 11.34
N LEU A 19 -9.07 -1.79 11.62
CA LEU A 19 -8.52 -0.45 11.75
C LEU A 19 -8.89 0.16 13.11
N SER A 20 -8.20 1.25 13.46
CA SER A 20 -8.46 1.93 14.73
C SER A 20 -9.58 2.95 14.58
N ALA A 21 -9.94 3.57 15.70
CA ALA A 21 -11.01 4.56 15.70
C ALA A 21 -10.58 5.82 14.94
N CYS A 22 -9.29 6.13 14.99
CA CYS A 22 -8.75 7.30 14.32
C CYS A 22 -8.76 7.10 12.80
N GLY A 23 -8.55 5.86 12.37
CA GLY A 23 -8.53 5.57 10.95
C GLY A 23 -7.17 5.82 10.31
N ARG A 24 -6.12 5.65 11.11
CA ARG A 24 -4.76 5.85 10.62
C ARG A 24 -3.86 4.70 11.03
N THR A 25 -4.45 3.54 11.24
CA THR A 25 -3.70 2.35 11.65
C THR A 25 -4.39 1.08 11.18
N ALA A 26 -3.68 0.29 10.37
CA ALA A 26 -4.22 -0.97 9.85
C ALA A 26 -3.49 -2.17 10.44
N ARG A 27 -4.21 -3.27 10.61
CA ARG A 27 -3.63 -4.49 11.16
C ARG A 27 -4.45 -5.71 10.77
N ARG A 28 -3.79 -6.86 10.74
CA ARG A 28 -4.46 -8.11 10.37
C ARG A 28 -4.64 -9.02 11.60
N GLN A 29 -5.63 -9.90 11.53
CA GLN A 29 -5.89 -10.82 12.63
C GLN A 29 -5.57 -12.25 12.24
N GLN A 30 -5.58 -13.15 13.21
CA GLN A 30 -5.30 -14.56 12.96
C GLN A 30 -3.98 -14.72 12.21
N PRO A 31 -2.88 -14.28 12.84
CA PRO A 31 -1.54 -14.37 12.25
C PRO A 31 -1.04 -15.80 12.16
N GLY A 32 -1.71 -16.71 12.87
CA GLY A 32 -1.31 -18.11 12.84
C GLY A 32 -2.30 -18.97 12.10
N GLN A 33 -2.50 -18.67 10.82
CA GLN A 33 -3.44 -19.44 9.99
C GLN A 33 -3.27 -19.07 8.52
N GLU A 34 -3.67 -17.86 8.16
CA GLU A 34 -3.57 -17.40 6.78
C GLU A 34 -2.85 -16.05 6.72
N PHE A 35 -2.66 -15.55 5.49
CA PHE A 35 -1.98 -14.27 5.29
C PHE A 35 -2.90 -13.28 4.58
N ASN A 36 -3.14 -13.51 3.30
CA ASN A 36 -4.00 -12.64 2.51
C ASN A 36 -5.47 -12.92 2.78
N HIS A 37 -6.23 -11.87 3.02
CA HIS A 37 -7.67 -12.00 3.30
C HIS A 37 -8.30 -10.63 3.53
N GLY A 38 -7.82 -9.63 2.81
CA GLY A 38 -8.35 -8.29 2.94
C GLY A 38 -7.44 -7.23 2.35
N LEU A 39 -7.68 -5.98 2.72
CA LEU A 39 -6.86 -4.87 2.22
C LEU A 39 -7.17 -3.59 2.98
N VAL A 40 -6.33 -2.58 2.78
CA VAL A 40 -6.52 -1.30 3.44
C VAL A 40 -6.11 -0.14 2.53
N LEU A 41 -7.09 0.70 2.17
CA LEU A 41 -6.84 1.84 1.30
C LEU A 41 -6.87 3.15 2.09
N SER A 42 -6.46 4.23 1.45
CA SER A 42 -6.46 5.55 2.09
C SER A 42 -7.86 6.12 2.16
N ARG A 43 -8.08 7.03 3.12
CA ARG A 43 -9.38 7.65 3.30
C ARG A 43 -9.65 8.67 2.19
N GLU A 44 -8.59 9.36 1.76
CA GLU A 44 -8.72 10.37 0.71
C GLU A 44 -7.70 10.11 -0.40
N PRO A 45 -8.03 10.58 -1.62
CA PRO A 45 -7.16 10.42 -2.79
C PRO A 45 -5.88 11.26 -2.69
N LEU A 46 -4.75 10.62 -2.88
CA LEU A 46 -3.45 11.30 -2.82
C LEU A 46 -3.39 12.43 -3.84
N ARG A 47 -2.86 13.57 -3.43
CA ARG A 47 -2.73 14.73 -4.31
C ARG A 47 -1.36 14.75 -4.98
N ASP A 48 -1.25 15.54 -6.04
CA ASP A 48 0.00 15.65 -6.78
C ASP A 48 1.16 16.00 -5.85
N GLY A 49 2.16 15.13 -5.81
CA GLY A 49 3.31 15.37 -4.95
C GLY A 49 3.17 14.68 -3.59
N ARG A 50 1.95 14.66 -3.07
CA ARG A 50 1.69 14.03 -1.78
C ARG A 50 2.16 12.59 -1.77
N VAL A 51 3.07 12.27 -0.85
CA VAL A 51 3.60 10.92 -0.73
C VAL A 51 3.02 10.20 0.48
N PHE A 52 2.26 9.14 0.23
CA PHE A 52 1.65 8.36 1.31
C PHE A 52 2.67 7.41 1.93
N THR A 53 3.23 7.82 3.06
CA THR A 53 4.21 7.00 3.76
C THR A 53 3.55 6.14 4.84
N VAL A 54 4.16 5.00 5.12
CA VAL A 54 3.63 4.09 6.14
C VAL A 54 4.74 3.28 6.78
N ARG A 55 4.62 3.06 8.09
CA ARG A 55 5.62 2.29 8.83
C ARG A 55 5.08 0.93 9.22
N ILE A 56 5.99 -0.02 9.43
CA ILE A 56 5.60 -1.38 9.81
C ILE A 56 5.57 -1.54 11.32
N ASP A 57 4.38 -1.39 11.90
CA ASP A 57 4.22 -1.52 13.35
C ASP A 57 4.75 -2.87 13.83
N ARG A 58 4.27 -3.94 13.22
CA ARG A 58 4.70 -5.29 13.59
C ARG A 58 4.94 -6.15 12.37
N LYS A 59 5.93 -7.03 12.45
CA LYS A 59 6.26 -7.92 11.33
C LYS A 59 6.57 -9.33 11.84
N VAL A 60 5.75 -10.29 11.43
CA VAL A 60 5.94 -11.68 11.83
C VAL A 60 6.90 -12.39 10.89
N ASN A 61 7.87 -13.10 11.47
CA ASN A 61 8.85 -13.83 10.68
C ASN A 61 8.53 -15.32 10.66
N SER A 62 7.25 -15.65 10.83
CA SER A 62 6.80 -17.04 10.84
C SER A 62 6.50 -17.52 9.42
N TRP A 63 6.15 -16.57 8.55
CA TRP A 63 5.82 -16.90 7.17
C TRP A 63 6.94 -16.46 6.23
N SER A 64 6.76 -16.71 4.93
CA SER A 64 7.76 -16.34 3.94
C SER A 64 7.16 -15.44 2.87
N GLY A 65 6.09 -14.73 3.23
CA GLY A 65 5.43 -13.85 2.29
C GLY A 65 6.10 -12.50 2.20
N SER A 66 5.37 -11.49 1.72
CA SER A 66 5.90 -10.15 1.58
C SER A 66 4.82 -9.10 1.78
N ILE A 67 5.19 -7.83 1.69
CA ILE A 67 4.25 -6.74 1.86
C ILE A 67 3.90 -6.09 0.52
N GLU A 68 2.61 -5.84 0.31
CA GLU A 68 2.16 -5.22 -0.92
C GLU A 68 1.67 -3.80 -0.68
N ILE A 69 2.13 -2.87 -1.50
CA ILE A 69 1.74 -1.46 -1.38
C ILE A 69 1.81 -0.75 -2.71
N GLY A 70 0.87 0.16 -2.94
CA GLY A 70 0.84 0.91 -4.19
C GLY A 70 -0.30 1.92 -4.23
N VAL A 71 -0.91 2.06 -5.40
CA VAL A 71 -2.01 3.00 -5.58
C VAL A 71 -3.09 2.41 -6.48
N THR A 72 -4.30 2.95 -6.38
CA THR A 72 -5.42 2.49 -7.19
C THR A 72 -6.26 3.65 -7.69
N ALA A 73 -7.11 3.38 -8.68
CA ALA A 73 -7.98 4.40 -9.24
C ALA A 73 -9.44 4.15 -8.89
N LEU A 74 -9.65 3.32 -7.86
CA LEU A 74 -11.01 3.00 -7.42
C LEU A 74 -11.25 3.47 -6.00
N ASP A 75 -12.34 4.21 -5.80
CA ASP A 75 -12.69 4.72 -4.48
C ASP A 75 -12.89 3.59 -3.49
N PRO A 76 -12.36 3.76 -2.26
CA PRO A 76 -12.47 2.75 -1.20
C PRO A 76 -13.90 2.63 -0.67
N SER A 77 -14.73 3.61 -0.98
CA SER A 77 -16.11 3.62 -0.53
C SER A 77 -16.94 2.59 -1.31
N VAL A 78 -16.47 2.25 -2.51
CA VAL A 78 -17.16 1.29 -3.35
C VAL A 78 -16.18 0.37 -4.06
N LEU A 79 -15.07 0.07 -3.37
CA LEU A 79 -14.04 -0.81 -3.94
C LEU A 79 -14.25 -2.25 -3.49
N ASP A 80 -13.84 -3.19 -4.33
CA ASP A 80 -13.98 -4.61 -4.01
C ASP A 80 -12.65 -5.20 -3.56
N PHE A 81 -12.39 -5.15 -2.26
CA PHE A 81 -11.15 -5.68 -1.71
C PHE A 81 -10.90 -7.10 -2.18
N PRO A 82 -9.98 -7.24 -3.15
CA PRO A 82 -9.64 -8.55 -3.72
C PRO A 82 -8.88 -9.43 -2.73
N SER A 83 -8.35 -10.54 -3.22
CA SER A 83 -7.60 -11.48 -2.38
C SER A 83 -6.33 -10.81 -1.84
N SER A 84 -5.84 -9.83 -2.56
CA SER A 84 -4.62 -9.11 -2.15
C SER A 84 -4.43 -7.85 -2.98
N ALA A 85 -3.54 -6.98 -2.53
CA ALA A 85 -3.26 -5.73 -3.22
C ALA A 85 -2.91 -5.98 -4.68
N THR A 86 -2.04 -6.95 -4.92
CA THR A 86 -1.62 -7.30 -6.27
C THR A 86 -2.78 -7.85 -7.08
N GLY A 87 -3.85 -8.24 -6.39
CA GLY A 87 -5.01 -8.79 -7.07
C GLY A 87 -6.04 -7.73 -7.38
N LEU A 88 -5.60 -6.48 -7.50
CA LEU A 88 -6.50 -5.37 -7.81
C LEU A 88 -6.54 -5.09 -9.30
N LYS A 89 -7.66 -4.53 -9.76
CA LYS A 89 -7.83 -4.21 -11.18
C LYS A 89 -8.38 -2.80 -11.35
N GLY A 90 -8.77 -2.46 -12.58
CA GLY A 90 -9.32 -1.15 -12.85
C GLY A 90 -8.31 -0.04 -12.63
N GLY A 91 -7.16 -0.16 -13.28
CA GLY A 91 -6.12 0.86 -13.13
C GLY A 91 -5.57 0.92 -11.72
N SER A 92 -4.92 -0.16 -11.28
CA SER A 92 -4.35 -0.23 -9.94
C SER A 92 -2.91 -0.74 -9.99
N TRP A 93 -2.00 0.07 -9.46
CA TRP A 93 -0.58 -0.31 -9.43
C TRP A 93 -0.18 -0.82 -8.06
N VAL A 94 0.50 -1.97 -8.04
CA VAL A 94 0.95 -2.57 -6.79
C VAL A 94 2.38 -3.09 -6.91
N VAL A 95 3.11 -3.04 -5.81
CA VAL A 95 4.50 -3.51 -5.79
C VAL A 95 4.63 -4.80 -4.98
N SER A 96 4.89 -5.90 -5.67
CA SER A 96 5.05 -7.20 -5.01
C SER A 96 6.50 -7.45 -4.63
N GLY A 97 7.13 -6.45 -4.03
CA GLY A 97 8.51 -6.58 -3.63
C GLY A 97 9.47 -6.53 -4.80
N CYS A 98 10.01 -5.34 -5.08
CA CYS A 98 10.94 -5.17 -6.19
C CYS A 98 10.28 -5.54 -7.51
N SER A 99 8.96 -5.53 -7.52
CA SER A 99 8.21 -5.88 -8.74
C SER A 99 6.94 -5.03 -8.85
N VAL A 100 6.93 -4.12 -9.81
CA VAL A 100 5.78 -3.25 -10.03
C VAL A 100 4.80 -3.87 -11.01
N LEU A 101 3.53 -3.93 -10.61
CA LEU A 101 2.49 -4.51 -11.45
C LEU A 101 1.31 -3.55 -11.58
N ARG A 102 0.48 -3.79 -12.59
CA ARG A 102 -0.69 -2.94 -12.82
C ARG A 102 -1.90 -3.79 -13.24
N ASP A 103 -2.94 -3.76 -12.41
CA ASP A 103 -4.16 -4.53 -12.71
C ASP A 103 -3.86 -6.02 -12.69
N GLY A 104 -2.81 -6.42 -11.99
CA GLY A 104 -2.45 -7.82 -11.92
C GLY A 104 -1.54 -8.24 -13.05
N ARG A 105 -0.71 -7.31 -13.52
CA ARG A 105 0.22 -7.60 -14.61
C ARG A 105 1.58 -6.96 -14.34
N SER A 106 2.63 -7.77 -14.48
CA SER A 106 3.99 -7.30 -14.25
C SER A 106 4.46 -6.40 -15.39
N VAL A 107 4.98 -5.22 -15.05
CA VAL A 107 5.46 -4.28 -16.04
C VAL A 107 6.92 -3.91 -15.79
N LEU A 108 7.29 -3.81 -14.52
CA LEU A 108 8.65 -3.46 -14.13
C LEU A 108 9.15 -4.38 -13.02
N GLU A 109 10.43 -4.76 -13.11
CA GLU A 109 11.03 -5.63 -12.11
C GLU A 109 12.38 -5.08 -11.65
N GLU A 110 12.92 -5.68 -10.60
CA GLU A 110 14.21 -5.25 -10.06
C GLU A 110 14.20 -3.76 -9.71
N TYR A 111 13.02 -3.28 -9.31
CA TYR A 111 12.86 -1.88 -8.94
C TYR A 111 13.90 -1.46 -7.91
N GLY A 112 14.13 -0.16 -7.80
CA GLY A 112 15.10 0.35 -6.84
C GLY A 112 14.80 -0.10 -5.43
N GLN A 113 13.64 0.29 -4.92
CA GLN A 113 13.24 -0.07 -3.57
C GLN A 113 12.67 -1.48 -3.52
N ASP A 114 13.09 -2.25 -2.52
CA ASP A 114 12.62 -3.62 -2.36
C ASP A 114 11.79 -3.77 -1.10
N LEU A 115 10.48 -3.95 -1.27
CA LEU A 115 9.58 -4.10 -0.13
C LEU A 115 9.80 -5.44 0.56
N ASP A 116 10.25 -6.43 -0.20
CA ASP A 116 10.50 -7.76 0.34
C ASP A 116 11.65 -7.72 1.35
N GLN A 117 12.44 -6.65 1.30
CA GLN A 117 13.57 -6.49 2.21
C GLN A 117 13.10 -5.98 3.56
N LEU A 118 11.98 -5.27 3.58
CA LEU A 118 11.44 -4.73 4.81
C LEU A 118 11.31 -5.80 5.88
N GLY A 119 11.25 -5.39 7.14
CA GLY A 119 11.14 -6.32 8.24
C GLY A 119 11.39 -5.68 9.59
N GLU A 120 10.41 -4.91 10.06
CA GLU A 120 10.54 -4.24 11.35
C GLU A 120 11.77 -3.33 11.38
N GLY A 121 11.56 -2.05 11.07
CA GLY A 121 12.66 -1.11 11.06
C GLY A 121 12.86 -0.46 9.69
N ASP A 122 11.82 -0.53 8.86
CA ASP A 122 11.89 0.05 7.52
C ASP A 122 10.50 0.45 7.03
N ARG A 123 10.30 1.73 6.77
CA ARG A 123 9.01 2.23 6.30
C ARG A 123 9.04 2.46 4.79
N VAL A 124 7.86 2.50 4.18
CA VAL A 124 7.75 2.71 2.75
C VAL A 124 6.52 3.54 2.41
N GLY A 125 6.58 4.26 1.29
CA GLY A 125 5.47 5.08 0.88
C GLY A 125 5.35 5.18 -0.63
N VAL A 126 4.20 5.63 -1.11
CA VAL A 126 3.96 5.78 -2.54
C VAL A 126 3.67 7.23 -2.91
N GLU A 127 3.74 7.53 -4.20
CA GLU A 127 3.49 8.88 -4.68
C GLU A 127 3.03 8.86 -6.14
N ARG A 128 2.18 9.82 -6.50
CA ARG A 128 1.66 9.92 -7.85
C ARG A 128 1.97 11.28 -8.46
N THR A 129 2.96 11.32 -9.34
CA THR A 129 3.36 12.56 -9.99
C THR A 129 2.24 13.12 -10.85
N VAL A 130 2.24 14.43 -11.06
CA VAL A 130 1.22 15.08 -11.87
C VAL A 130 1.11 14.42 -13.24
N ALA A 131 2.25 14.07 -13.82
CA ALA A 131 2.28 13.43 -15.13
C ALA A 131 1.56 12.08 -15.11
N GLY A 132 1.47 11.48 -13.92
CA GLY A 132 0.81 10.20 -13.78
C GLY A 132 1.80 9.06 -13.61
N GLU A 133 2.88 9.31 -12.88
CA GLU A 133 3.89 8.29 -12.64
C GLU A 133 3.93 7.89 -11.16
N LEU A 134 3.80 6.60 -10.91
CA LEU A 134 3.82 6.09 -9.54
C LEU A 134 5.26 5.90 -9.05
N ARG A 135 5.55 6.46 -7.88
CA ARG A 135 6.88 6.36 -7.30
C ARG A 135 6.81 5.90 -5.85
N LEU A 136 7.94 5.43 -5.32
CA LEU A 136 8.00 4.96 -3.95
C LEU A 136 9.01 5.77 -3.14
N TRP A 137 8.83 5.78 -1.82
CA TRP A 137 9.74 6.51 -0.94
C TRP A 137 10.02 5.71 0.33
N VAL A 138 11.31 5.50 0.62
CA VAL A 138 11.72 4.75 1.79
C VAL A 138 12.47 5.65 2.78
N ASN A 139 11.95 5.73 4.00
CA ASN A 139 12.56 6.55 5.03
C ASN A 139 12.69 8.00 4.59
N GLY A 140 11.83 8.39 3.65
CA GLY A 140 11.86 9.75 3.14
C GLY A 140 12.94 9.96 2.10
N ARG A 141 13.09 9.00 1.19
CA ARG A 141 14.09 9.08 0.15
C ARG A 141 13.53 8.60 -1.19
N ASP A 142 13.98 9.22 -2.27
CA ASP A 142 13.51 8.85 -3.61
C ASP A 142 14.06 7.49 -4.01
N CYS A 143 13.22 6.69 -4.66
CA CYS A 143 13.62 5.35 -5.10
C CYS A 143 13.59 5.25 -6.62
N GLY A 144 12.79 6.10 -7.25
CA GLY A 144 12.68 6.08 -8.70
C GLY A 144 11.25 6.07 -9.19
N VAL A 145 11.04 5.59 -10.40
CA VAL A 145 9.69 5.51 -10.98
C VAL A 145 9.27 4.07 -11.20
N ALA A 146 8.15 3.70 -10.59
CA ALA A 146 7.62 2.34 -10.72
C ALA A 146 6.91 2.15 -12.06
N ALA A 147 5.84 2.91 -12.26
CA ALA A 147 5.08 2.83 -13.50
C ALA A 147 4.57 4.21 -13.92
N THR A 148 4.08 4.30 -15.15
CA THR A 148 3.56 5.55 -15.68
C THR A 148 2.16 5.37 -16.28
N GLY A 149 1.50 6.49 -16.58
CA GLY A 149 0.18 6.43 -17.15
C GLY A 149 -0.90 6.27 -16.10
N LEU A 150 -0.85 7.11 -15.07
CA LEU A 150 -1.84 7.05 -13.99
C LEU A 150 -2.90 8.13 -14.16
N PRO A 151 -4.10 7.87 -13.60
CA PRO A 151 -5.22 8.81 -13.69
C PRO A 151 -4.99 10.06 -12.85
N PRO A 152 -5.87 11.07 -13.02
CA PRO A 152 -5.78 12.32 -12.29
C PRO A 152 -6.10 12.17 -10.81
N ARG A 153 -6.78 11.07 -10.47
CA ARG A 153 -7.15 10.80 -9.08
C ARG A 153 -6.81 9.36 -8.70
N VAL A 154 -6.09 9.20 -7.60
CA VAL A 154 -5.70 7.88 -7.13
C VAL A 154 -5.76 7.80 -5.61
N TRP A 155 -5.70 6.58 -5.09
CA TRP A 155 -5.74 6.36 -3.64
C TRP A 155 -4.57 5.50 -3.18
N ALA A 156 -4.18 5.66 -1.92
CA ALA A 156 -3.08 4.89 -1.36
C ALA A 156 -3.54 3.49 -0.96
N VAL A 157 -3.01 2.48 -1.63
CA VAL A 157 -3.36 1.09 -1.34
C VAL A 157 -2.28 0.41 -0.52
N VAL A 158 -2.70 -0.43 0.43
CA VAL A 158 -1.76 -1.15 1.28
C VAL A 158 -2.33 -2.50 1.69
N ASP A 159 -1.44 -3.48 1.83
CA ASP A 159 -1.84 -4.83 2.21
C ASP A 159 -0.94 -5.38 3.31
N LEU A 160 -1.54 -6.10 4.25
CA LEU A 160 -0.78 -6.68 5.36
C LEU A 160 -0.98 -8.20 5.42
N TYR A 161 -0.10 -8.91 4.72
CA TYR A 161 -0.17 -10.38 4.69
C TYR A 161 1.21 -10.98 4.87
N GLY A 162 1.26 -12.14 5.53
CA GLY A 162 2.54 -12.81 5.75
C GLY A 162 3.50 -11.97 6.56
N LYS A 163 4.56 -11.51 5.92
CA LYS A 163 5.57 -10.70 6.59
C LYS A 163 4.93 -9.52 7.30
N CYS A 164 4.23 -8.68 6.55
CA CYS A 164 3.56 -7.51 7.11
C CYS A 164 2.26 -7.91 7.80
N THR A 165 1.98 -7.27 8.94
CA THR A 165 0.77 -7.57 9.70
C THR A 165 0.06 -6.29 10.10
N GLN A 166 0.84 -5.29 10.51
CA GLN A 166 0.28 -4.00 10.93
C GLN A 166 1.04 -2.85 10.30
N ILE A 167 0.32 -1.79 9.93
CA ILE A 167 0.92 -0.62 9.32
C ILE A 167 0.36 0.66 9.90
N THR A 168 1.14 1.73 9.86
CA THR A 168 0.71 3.02 10.39
C THR A 168 1.16 4.16 9.48
N VAL A 169 0.22 5.04 9.13
CA VAL A 169 0.53 6.18 8.27
C VAL A 169 1.34 7.23 9.02
N LEU A 170 2.27 7.86 8.30
CA LEU A 170 3.12 8.89 8.89
C LEU A 170 2.45 10.26 8.81
N GLY A 1 7.08 12.04 13.13
CA GLY A 1 7.10 12.73 11.84
C GLY A 1 5.73 13.22 11.43
N SER A 2 5.44 14.48 11.71
CA SER A 2 4.16 15.08 11.37
C SER A 2 4.26 15.87 10.07
N SER A 3 3.48 15.46 9.08
CA SER A 3 3.47 16.13 7.78
C SER A 3 2.05 16.46 7.34
N GLY A 4 1.16 16.63 8.32
CA GLY A 4 -0.22 16.94 8.01
C GLY A 4 -1.02 15.72 7.59
N SER A 5 -1.79 15.86 6.52
CA SER A 5 -2.61 14.75 6.03
C SER A 5 -1.92 14.04 4.86
N SER A 6 -1.21 12.96 5.18
CA SER A 6 -0.51 12.19 4.16
C SER A 6 -1.49 11.43 3.27
N GLY A 7 -2.62 11.04 3.85
CA GLY A 7 -3.62 10.31 3.10
C GLY A 7 -4.59 9.57 3.99
N GLU A 8 -4.13 9.23 5.20
CA GLU A 8 -4.97 8.51 6.15
C GLU A 8 -5.34 7.13 5.62
N LEU A 9 -6.27 6.47 6.30
CA LEU A 9 -6.72 5.14 5.90
C LEU A 9 -8.22 4.99 6.09
N HIS A 10 -8.91 4.53 5.04
CA HIS A 10 -10.35 4.35 5.09
C HIS A 10 -10.73 3.40 6.22
N PRO A 11 -11.83 3.72 6.92
CA PRO A 11 -12.33 2.92 8.04
C PRO A 11 -12.90 1.58 7.59
N ARG A 12 -13.26 1.50 6.31
CA ARG A 12 -13.82 0.27 5.75
C ARG A 12 -12.70 -0.68 5.33
N THR A 13 -12.77 -1.90 5.87
CA THR A 13 -11.76 -2.92 5.55
C THR A 13 -12.40 -4.29 5.37
N GLY A 14 -11.59 -5.27 5.00
CA GLY A 14 -12.10 -6.61 4.79
C GLY A 14 -12.59 -7.25 6.07
N ARG A 15 -12.45 -8.57 6.17
CA ARG A 15 -12.89 -9.30 7.35
C ARG A 15 -11.74 -9.46 8.35
N LEU A 16 -10.61 -9.96 7.87
CA LEU A 16 -9.44 -10.15 8.71
C LEU A 16 -8.75 -8.83 9.02
N VAL A 17 -8.88 -7.88 8.09
CA VAL A 17 -8.27 -6.56 8.27
C VAL A 17 -9.04 -5.73 9.29
N SER A 18 -8.31 -5.05 10.16
CA SER A 18 -8.92 -4.22 11.19
C SER A 18 -8.18 -2.89 11.34
N LEU A 19 -8.93 -1.83 11.60
CA LEU A 19 -8.34 -0.51 11.77
C LEU A 19 -8.66 0.06 13.15
N SER A 20 -7.87 1.05 13.57
CA SER A 20 -8.08 1.68 14.87
C SER A 20 -9.21 2.71 14.80
N ALA A 21 -9.55 3.27 15.96
CA ALA A 21 -10.62 4.27 16.03
C ALA A 21 -10.26 5.51 15.23
N CYS A 22 -9.03 6.00 15.41
CA CYS A 22 -8.56 7.19 14.71
C CYS A 22 -8.66 6.99 13.19
N GLY A 23 -8.46 5.76 12.75
CA GLY A 23 -8.54 5.46 11.33
C GLY A 23 -7.25 5.80 10.60
N ARG A 24 -6.12 5.42 11.20
CA ARG A 24 -4.82 5.68 10.61
C ARG A 24 -3.84 4.55 10.93
N THR A 25 -4.37 3.37 11.19
CA THR A 25 -3.55 2.21 11.51
C THR A 25 -4.23 0.91 11.09
N ALA A 26 -3.59 0.20 10.15
CA ALA A 26 -4.13 -1.06 9.67
C ALA A 26 -3.41 -2.26 10.29
N ARG A 27 -4.16 -3.30 10.59
CA ARG A 27 -3.58 -4.51 11.19
C ARG A 27 -4.47 -5.72 10.94
N ARG A 28 -3.86 -6.90 10.91
CA ARG A 28 -4.61 -8.14 10.69
C ARG A 28 -5.20 -8.66 11.98
N GLN A 29 -6.23 -9.50 11.87
CA GLN A 29 -6.89 -10.07 13.03
C GLN A 29 -6.61 -11.57 13.14
N GLN A 30 -6.21 -12.17 12.03
CA GLN A 30 -5.91 -13.60 12.00
C GLN A 30 -4.44 -13.84 11.69
N PRO A 31 -3.57 -13.45 12.63
CA PRO A 31 -2.12 -13.61 12.47
C PRO A 31 -1.69 -15.08 12.55
N GLY A 32 -2.53 -15.91 13.15
CA GLY A 32 -2.22 -17.32 13.28
C GLY A 32 -3.18 -18.19 12.50
N GLN A 33 -3.26 -17.96 11.19
CA GLN A 33 -4.15 -18.73 10.33
C GLN A 33 -3.86 -18.47 8.86
N GLU A 34 -4.18 -17.26 8.40
CA GLU A 34 -3.95 -16.89 7.02
C GLU A 34 -3.16 -15.58 6.93
N PHE A 35 -2.87 -15.15 5.71
CA PHE A 35 -2.11 -13.92 5.49
C PHE A 35 -2.93 -12.92 4.67
N ASN A 36 -3.08 -13.21 3.38
CA ASN A 36 -3.85 -12.33 2.49
C ASN A 36 -5.34 -12.59 2.63
N HIS A 37 -6.12 -11.52 2.60
CA HIS A 37 -7.57 -11.62 2.72
C HIS A 37 -8.25 -10.30 2.34
N GLY A 38 -8.15 -9.31 3.21
CA GLY A 38 -8.76 -8.02 2.94
C GLY A 38 -7.76 -7.02 2.40
N LEU A 39 -8.05 -5.73 2.59
CA LEU A 39 -7.18 -4.66 2.12
C LEU A 39 -7.45 -3.36 2.86
N VAL A 40 -6.56 -2.39 2.70
CA VAL A 40 -6.70 -1.09 3.35
C VAL A 40 -6.25 0.03 2.43
N LEU A 41 -7.18 0.90 2.07
CA LEU A 41 -6.87 2.03 1.19
C LEU A 41 -6.89 3.34 1.98
N SER A 42 -6.43 4.40 1.33
CA SER A 42 -6.38 5.72 1.97
C SER A 42 -7.79 6.32 2.07
N ARG A 43 -7.97 7.20 3.04
CA ARG A 43 -9.26 7.85 3.26
C ARG A 43 -9.58 8.82 2.13
N GLU A 44 -8.54 9.46 1.60
CA GLU A 44 -8.71 10.43 0.52
C GLU A 44 -7.70 10.16 -0.60
N PRO A 45 -8.04 10.61 -1.82
CA PRO A 45 -7.18 10.43 -3.00
C PRO A 45 -5.93 11.29 -2.92
N LEU A 46 -4.77 10.64 -2.90
CA LEU A 46 -3.50 11.36 -2.83
C LEU A 46 -3.41 12.41 -3.93
N ARG A 47 -2.94 13.60 -3.55
CA ARG A 47 -2.80 14.70 -4.50
C ARG A 47 -1.43 14.69 -5.15
N ASP A 48 -1.16 15.71 -5.97
CA ASP A 48 0.12 15.81 -6.66
C ASP A 48 1.25 16.12 -5.68
N GLY A 49 2.26 15.26 -5.65
CA GLY A 49 3.38 15.46 -4.74
C GLY A 49 3.20 14.73 -3.42
N ARG A 50 1.96 14.68 -2.94
CA ARG A 50 1.66 14.01 -1.69
C ARG A 50 2.17 12.58 -1.69
N VAL A 51 3.00 12.24 -0.71
CA VAL A 51 3.57 10.90 -0.60
C VAL A 51 3.00 10.16 0.59
N PHE A 52 2.23 9.11 0.32
CA PHE A 52 1.63 8.31 1.38
C PHE A 52 2.64 7.34 1.99
N THR A 53 3.22 7.73 3.11
CA THR A 53 4.20 6.90 3.79
C THR A 53 3.54 6.04 4.87
N VAL A 54 4.16 4.89 5.15
CA VAL A 54 3.64 3.98 6.16
C VAL A 54 4.75 3.16 6.80
N ARG A 55 4.68 2.98 8.11
CA ARG A 55 5.68 2.22 8.84
C ARG A 55 5.11 0.90 9.33
N ILE A 56 5.99 -0.09 9.52
CA ILE A 56 5.58 -1.40 9.99
C ILE A 56 5.49 -1.45 11.50
N ASP A 57 4.29 -1.25 12.03
CA ASP A 57 4.06 -1.26 13.47
C ASP A 57 4.39 -2.63 14.06
N ARG A 58 4.23 -3.67 13.25
CA ARG A 58 4.49 -5.04 13.67
C ARG A 58 4.77 -5.95 12.48
N LYS A 59 5.72 -6.85 12.64
CA LYS A 59 6.08 -7.78 11.58
C LYS A 59 6.30 -9.19 12.13
N VAL A 60 5.50 -10.13 11.67
CA VAL A 60 5.60 -11.52 12.11
C VAL A 60 6.60 -12.29 11.26
N ASN A 61 7.45 -13.08 11.91
CA ASN A 61 8.45 -13.87 11.22
C ASN A 61 8.06 -15.35 11.21
N SER A 62 6.76 -15.62 11.30
CA SER A 62 6.26 -16.98 11.31
C SER A 62 5.99 -17.47 9.89
N TRP A 63 5.70 -16.53 9.00
CA TRP A 63 5.42 -16.86 7.61
C TRP A 63 6.60 -16.51 6.71
N SER A 64 6.38 -16.57 5.40
CA SER A 64 7.44 -16.26 4.43
C SER A 64 6.89 -15.41 3.30
N GLY A 65 5.83 -14.67 3.57
CA GLY A 65 5.22 -13.82 2.56
C GLY A 65 5.94 -12.49 2.40
N SER A 66 5.22 -11.49 1.90
CA SER A 66 5.80 -10.16 1.71
C SER A 66 4.75 -9.08 1.91
N ILE A 67 5.16 -7.82 1.77
CA ILE A 67 4.25 -6.69 1.92
C ILE A 67 3.91 -6.08 0.57
N GLU A 68 2.63 -5.78 0.38
CA GLU A 68 2.15 -5.19 -0.87
C GLU A 68 1.65 -3.77 -0.64
N ILE A 69 2.13 -2.83 -1.44
CA ILE A 69 1.72 -1.44 -1.32
C ILE A 69 1.78 -0.73 -2.67
N GLY A 70 0.84 0.17 -2.90
CA GLY A 70 0.80 0.90 -4.16
C GLY A 70 -0.33 1.91 -4.22
N VAL A 71 -0.92 2.06 -5.40
CA VAL A 71 -2.03 3.00 -5.58
C VAL A 71 -3.08 2.42 -6.52
N THR A 72 -4.29 2.96 -6.44
CA THR A 72 -5.39 2.50 -7.28
C THR A 72 -6.23 3.67 -7.79
N ALA A 73 -6.98 3.43 -8.85
CA ALA A 73 -7.83 4.46 -9.43
C ALA A 73 -9.30 4.22 -9.11
N LEU A 74 -9.55 3.41 -8.09
CA LEU A 74 -10.91 3.09 -7.66
C LEU A 74 -11.14 3.51 -6.22
N ASP A 75 -12.22 4.26 -5.99
CA ASP A 75 -12.55 4.73 -4.65
C ASP A 75 -12.75 3.55 -3.70
N PRO A 76 -12.25 3.71 -2.47
CA PRO A 76 -12.36 2.67 -1.44
C PRO A 76 -13.79 2.48 -0.94
N SER A 77 -14.55 3.57 -0.93
CA SER A 77 -15.94 3.53 -0.48
C SER A 77 -16.78 2.63 -1.38
N VAL A 78 -16.28 2.38 -2.59
CA VAL A 78 -16.97 1.53 -3.55
C VAL A 78 -16.02 0.56 -4.22
N LEU A 79 -15.01 0.12 -3.48
CA LEU A 79 -14.03 -0.82 -4.01
C LEU A 79 -14.24 -2.22 -3.43
N ASP A 80 -13.93 -3.23 -4.23
CA ASP A 80 -14.08 -4.62 -3.79
C ASP A 80 -12.74 -5.21 -3.38
N PHE A 81 -12.47 -5.20 -2.08
CA PHE A 81 -11.22 -5.73 -1.55
C PHE A 81 -10.96 -7.13 -2.09
N PRO A 82 -10.05 -7.23 -3.07
CA PRO A 82 -9.68 -8.51 -3.68
C PRO A 82 -8.90 -9.41 -2.74
N SER A 83 -8.35 -10.50 -3.28
CA SER A 83 -7.58 -11.44 -2.48
C SER A 83 -6.33 -10.78 -1.92
N SER A 84 -5.89 -9.70 -2.57
CA SER A 84 -4.70 -8.98 -2.13
C SER A 84 -4.52 -7.71 -2.95
N ALA A 85 -3.64 -6.82 -2.47
CA ALA A 85 -3.37 -5.56 -3.15
C ALA A 85 -3.01 -5.80 -4.61
N THR A 86 -2.11 -6.75 -4.85
CA THR A 86 -1.67 -7.08 -6.20
C THR A 86 -2.82 -7.64 -7.03
N GLY A 87 -3.89 -8.04 -6.35
CA GLY A 87 -5.04 -8.59 -7.04
C GLY A 87 -6.09 -7.54 -7.37
N LEU A 88 -5.65 -6.29 -7.47
CA LEU A 88 -6.55 -5.19 -7.78
C LEU A 88 -6.55 -4.89 -9.28
N LYS A 89 -7.70 -4.48 -9.80
CA LYS A 89 -7.84 -4.17 -11.22
C LYS A 89 -8.37 -2.75 -11.41
N GLY A 90 -8.73 -2.43 -12.65
CA GLY A 90 -9.24 -1.10 -12.94
C GLY A 90 -8.23 -0.01 -12.71
N GLY A 91 -7.05 -0.17 -13.30
CA GLY A 91 -5.99 0.82 -13.14
C GLY A 91 -5.44 0.86 -11.73
N SER A 92 -4.90 -0.26 -11.26
CA SER A 92 -4.35 -0.35 -9.92
C SER A 92 -2.91 -0.84 -9.96
N TRP A 93 -1.99 -0.01 -9.45
CA TRP A 93 -0.58 -0.36 -9.42
C TRP A 93 -0.17 -0.85 -8.04
N VAL A 94 0.52 -1.99 -7.99
CA VAL A 94 0.98 -2.56 -6.73
C VAL A 94 2.41 -3.08 -6.85
N VAL A 95 3.15 -3.02 -5.76
CA VAL A 95 4.53 -3.49 -5.73
C VAL A 95 4.67 -4.76 -4.90
N SER A 96 4.93 -5.87 -5.57
CA SER A 96 5.08 -7.16 -4.90
C SER A 96 6.53 -7.40 -4.54
N GLY A 97 7.19 -6.39 -3.98
CA GLY A 97 8.58 -6.51 -3.60
C GLY A 97 9.52 -6.51 -4.78
N CYS A 98 10.07 -5.35 -5.10
CA CYS A 98 10.98 -5.21 -6.22
C CYS A 98 10.29 -5.59 -7.54
N SER A 99 8.96 -5.58 -7.53
CA SER A 99 8.18 -5.92 -8.71
C SER A 99 6.93 -5.06 -8.81
N VAL A 100 6.91 -4.16 -9.78
CA VAL A 100 5.76 -3.28 -9.98
C VAL A 100 4.78 -3.87 -10.98
N LEU A 101 3.53 -4.02 -10.54
CA LEU A 101 2.49 -4.59 -11.40
C LEU A 101 1.31 -3.62 -11.53
N ARG A 102 0.49 -3.84 -12.55
CA ARG A 102 -0.67 -2.99 -12.80
C ARG A 102 -1.87 -3.82 -13.25
N ASP A 103 -2.93 -3.77 -12.46
CA ASP A 103 -4.15 -4.52 -12.78
C ASP A 103 -3.88 -6.03 -12.76
N GLY A 104 -2.82 -6.43 -12.06
CA GLY A 104 -2.48 -7.83 -11.99
C GLY A 104 -1.55 -8.26 -13.11
N ARG A 105 -0.68 -7.35 -13.54
CA ARG A 105 0.26 -7.64 -14.61
C ARG A 105 1.62 -7.00 -14.32
N SER A 106 2.68 -7.80 -14.42
CA SER A 106 4.02 -7.31 -14.17
C SER A 106 4.51 -6.43 -15.32
N VAL A 107 4.99 -5.25 -14.98
CA VAL A 107 5.48 -4.30 -15.99
C VAL A 107 6.94 -3.93 -15.71
N LEU A 108 7.29 -3.82 -14.44
CA LEU A 108 8.65 -3.47 -14.05
C LEU A 108 9.15 -4.38 -12.93
N GLU A 109 10.42 -4.75 -13.00
CA GLU A 109 11.02 -5.62 -12.00
C GLU A 109 12.38 -5.07 -11.55
N GLU A 110 12.92 -5.67 -10.49
CA GLU A 110 14.22 -5.25 -9.96
C GLU A 110 14.20 -3.77 -9.59
N TYR A 111 13.03 -3.28 -9.20
CA TYR A 111 12.87 -1.88 -8.82
C TYR A 111 13.92 -1.48 -7.79
N GLY A 112 14.16 -0.17 -7.67
CA GLY A 112 15.12 0.32 -6.71
C GLY A 112 14.80 -0.10 -5.29
N GLN A 113 13.62 0.28 -4.82
CA GLN A 113 13.19 -0.05 -3.46
C GLN A 113 12.65 -1.48 -3.41
N ASP A 114 13.07 -2.21 -2.38
CA ASP A 114 12.63 -3.59 -2.20
C ASP A 114 11.78 -3.73 -0.94
N LEU A 115 10.47 -3.90 -1.14
CA LEU A 115 9.54 -4.04 -0.01
C LEU A 115 9.75 -5.38 0.68
N ASP A 116 10.08 -6.41 -0.09
CA ASP A 116 10.31 -7.73 0.46
C ASP A 116 11.44 -7.72 1.47
N GLN A 117 12.28 -6.70 1.40
CA GLN A 117 13.41 -6.56 2.31
C GLN A 117 12.96 -6.04 3.67
N LEU A 118 11.84 -5.32 3.67
CA LEU A 118 11.31 -4.75 4.90
C LEU A 118 11.16 -5.83 5.98
N GLY A 119 11.05 -5.39 7.23
CA GLY A 119 10.91 -6.33 8.33
C GLY A 119 11.22 -5.70 9.67
N GLU A 120 10.31 -4.88 10.17
CA GLU A 120 10.49 -4.21 11.45
C GLU A 120 11.75 -3.34 11.43
N GLY A 121 11.57 -2.06 11.11
CA GLY A 121 12.68 -1.14 11.05
C GLY A 121 12.87 -0.53 9.68
N ASP A 122 11.82 -0.56 8.87
CA ASP A 122 11.87 0.00 7.53
C ASP A 122 10.47 0.39 7.05
N ARG A 123 10.29 1.66 6.72
CA ARG A 123 9.01 2.17 6.26
C ARG A 123 9.03 2.41 4.76
N VAL A 124 7.85 2.45 4.14
CA VAL A 124 7.74 2.67 2.71
C VAL A 124 6.50 3.49 2.38
N GLY A 125 6.57 4.24 1.28
CA GLY A 125 5.45 5.07 0.87
C GLY A 125 5.32 5.18 -0.63
N VAL A 126 4.17 5.62 -1.10
CA VAL A 126 3.92 5.78 -2.53
C VAL A 126 3.60 7.23 -2.88
N GLU A 127 3.66 7.54 -4.17
CA GLU A 127 3.36 8.89 -4.64
C GLU A 127 2.98 8.89 -6.11
N ARG A 128 2.15 9.85 -6.51
CA ARG A 128 1.70 9.95 -7.89
C ARG A 128 2.02 11.33 -8.47
N THR A 129 2.97 11.36 -9.40
CA THR A 129 3.38 12.61 -10.02
C THR A 129 2.24 13.20 -10.86
N VAL A 130 2.28 14.52 -11.06
CA VAL A 130 1.27 15.20 -11.83
C VAL A 130 1.12 14.57 -13.22
N ALA A 131 2.24 14.15 -13.80
CA ALA A 131 2.23 13.53 -15.11
C ALA A 131 1.50 12.19 -15.08
N GLY A 132 1.45 11.57 -13.91
CA GLY A 132 0.78 10.29 -13.77
C GLY A 132 1.76 9.15 -13.60
N GLU A 133 2.84 9.40 -12.87
CA GLU A 133 3.86 8.38 -12.63
C GLU A 133 3.91 7.98 -11.17
N LEU A 134 3.78 6.68 -10.91
CA LEU A 134 3.80 6.16 -9.54
C LEU A 134 5.23 5.99 -9.05
N ARG A 135 5.52 6.54 -7.88
CA ARG A 135 6.86 6.44 -7.29
C ARG A 135 6.78 5.98 -5.84
N LEU A 136 7.90 5.51 -5.32
CA LEU A 136 7.96 5.03 -3.94
C LEU A 136 8.95 5.86 -3.13
N TRP A 137 8.78 5.84 -1.81
CA TRP A 137 9.67 6.59 -0.92
C TRP A 137 9.97 5.79 0.34
N VAL A 138 11.25 5.57 0.61
CA VAL A 138 11.66 4.83 1.80
C VAL A 138 12.34 5.74 2.81
N ASN A 139 11.81 5.77 4.02
CA ASN A 139 12.35 6.60 5.09
C ASN A 139 12.42 8.07 4.66
N GLY A 140 11.57 8.44 3.71
CA GLY A 140 11.53 9.80 3.23
C GLY A 140 12.60 10.07 2.18
N ARG A 141 12.82 9.10 1.29
CA ARG A 141 13.82 9.24 0.25
C ARG A 141 13.30 8.69 -1.08
N ASP A 142 13.50 9.44 -2.16
CA ASP A 142 13.06 9.03 -3.47
C ASP A 142 13.75 7.75 -3.91
N CYS A 143 12.99 6.85 -4.54
CA CYS A 143 13.54 5.58 -5.01
C CYS A 143 13.53 5.50 -6.53
N GLY A 144 12.63 6.27 -7.15
CA GLY A 144 12.54 6.28 -8.59
C GLY A 144 11.10 6.20 -9.08
N VAL A 145 10.92 5.70 -10.30
CA VAL A 145 9.59 5.58 -10.88
C VAL A 145 9.22 4.11 -11.10
N ALA A 146 8.06 3.72 -10.60
CA ALA A 146 7.60 2.34 -10.75
C ALA A 146 6.89 2.13 -12.09
N ALA A 147 5.82 2.88 -12.30
CA ALA A 147 5.05 2.79 -13.54
C ALA A 147 4.52 4.16 -13.95
N THR A 148 4.08 4.25 -15.21
CA THR A 148 3.56 5.51 -15.73
C THR A 148 2.16 5.32 -16.31
N GLY A 149 1.47 6.42 -16.59
CA GLY A 149 0.13 6.36 -17.15
C GLY A 149 -0.93 6.23 -16.08
N LEU A 150 -0.84 7.07 -15.04
CA LEU A 150 -1.80 7.04 -13.95
C LEU A 150 -2.75 8.23 -14.03
N PRO A 151 -3.97 8.05 -13.51
CA PRO A 151 -4.99 9.10 -13.50
C PRO A 151 -4.65 10.24 -12.55
N PRO A 152 -5.36 11.37 -12.70
CA PRO A 152 -5.14 12.56 -11.85
C PRO A 152 -5.60 12.34 -10.41
N ARG A 153 -6.45 11.33 -10.21
CA ARG A 153 -6.96 11.02 -8.89
C ARG A 153 -6.71 9.56 -8.54
N VAL A 154 -5.86 9.33 -7.54
CA VAL A 154 -5.52 7.98 -7.10
C VAL A 154 -5.57 7.87 -5.59
N TRP A 155 -5.68 6.64 -5.10
CA TRP A 155 -5.73 6.39 -3.66
C TRP A 155 -4.57 5.51 -3.22
N ALA A 156 -4.14 5.68 -1.97
CA ALA A 156 -3.05 4.89 -1.43
C ALA A 156 -3.51 3.51 -1.00
N VAL A 157 -3.01 2.48 -1.67
CA VAL A 157 -3.38 1.11 -1.36
C VAL A 157 -2.31 0.43 -0.51
N VAL A 158 -2.76 -0.39 0.43
CA VAL A 158 -1.84 -1.10 1.32
C VAL A 158 -2.41 -2.46 1.72
N ASP A 159 -1.53 -3.45 1.87
CA ASP A 159 -1.94 -4.79 2.25
C ASP A 159 -1.02 -5.35 3.33
N LEU A 160 -1.61 -6.02 4.31
CA LEU A 160 -0.84 -6.60 5.42
C LEU A 160 -0.99 -8.12 5.42
N TYR A 161 -0.10 -8.80 4.70
CA TYR A 161 -0.12 -10.26 4.64
C TYR A 161 1.28 -10.84 4.77
N GLY A 162 1.39 -11.91 5.53
CA GLY A 162 2.68 -12.54 5.74
C GLY A 162 3.55 -11.79 6.73
N LYS A 163 4.74 -11.39 6.27
CA LYS A 163 5.67 -10.65 7.13
C LYS A 163 4.99 -9.44 7.75
N CYS A 164 4.51 -8.52 6.90
CA CYS A 164 3.84 -7.32 7.37
C CYS A 164 2.41 -7.63 7.80
N THR A 165 2.11 -7.40 9.07
CA THR A 165 0.78 -7.65 9.60
C THR A 165 0.14 -6.38 10.13
N GLN A 166 0.96 -5.33 10.28
CA GLN A 166 0.48 -4.04 10.77
C GLN A 166 1.18 -2.89 10.07
N ILE A 167 0.45 -1.79 9.86
CA ILE A 167 1.01 -0.62 9.20
C ILE A 167 0.39 0.66 9.75
N THR A 168 1.15 1.75 9.72
CA THR A 168 0.66 3.04 10.20
C THR A 168 1.22 4.18 9.36
N VAL A 169 0.35 5.11 8.97
CA VAL A 169 0.75 6.25 8.17
C VAL A 169 1.65 7.19 8.97
N LEU A 170 2.66 7.74 8.30
CA LEU A 170 3.58 8.67 8.96
C LEU A 170 3.10 10.11 8.82
N GLY A 1 -0.72 12.60 21.58
CA GLY A 1 -0.62 12.11 20.22
C GLY A 1 -0.59 13.24 19.20
N SER A 2 0.52 13.35 18.47
CA SER A 2 0.67 14.40 17.47
C SER A 2 -0.36 14.23 16.35
N SER A 3 -0.85 15.35 15.85
CA SER A 3 -1.84 15.33 14.78
C SER A 3 -1.21 15.69 13.43
N GLY A 4 -0.98 14.67 12.61
CA GLY A 4 -0.38 14.91 11.31
C GLY A 4 -0.49 13.70 10.39
N SER A 5 -1.38 13.78 9.42
CA SER A 5 -1.59 12.69 8.47
C SER A 5 -1.34 13.14 7.04
N SER A 6 -1.36 12.20 6.11
CA SER A 6 -1.13 12.50 4.70
C SER A 6 -2.31 12.03 3.85
N GLY A 7 -2.54 10.72 3.85
CA GLY A 7 -3.64 10.16 3.09
C GLY A 7 -4.64 9.43 3.94
N GLU A 8 -4.25 9.09 5.17
CA GLU A 8 -5.12 8.38 6.09
C GLU A 8 -5.47 7.00 5.54
N LEU A 9 -6.43 6.35 6.20
CA LEU A 9 -6.86 5.02 5.79
C LEU A 9 -8.37 4.85 5.97
N HIS A 10 -9.04 4.37 4.92
CA HIS A 10 -10.48 4.16 4.97
C HIS A 10 -10.86 3.21 6.10
N PRO A 11 -11.96 3.51 6.80
CA PRO A 11 -12.45 2.70 7.91
C PRO A 11 -13.00 1.35 7.44
N ARG A 12 -13.37 1.28 6.17
CA ARG A 12 -13.90 0.05 5.60
C ARG A 12 -12.78 -0.90 5.19
N THR A 13 -12.73 -2.06 5.83
CA THR A 13 -11.71 -3.05 5.54
C THR A 13 -12.32 -4.44 5.35
N GLY A 14 -11.47 -5.42 5.03
CA GLY A 14 -11.95 -6.77 4.83
C GLY A 14 -12.49 -7.38 6.12
N ARG A 15 -12.45 -8.71 6.20
CA ARG A 15 -12.94 -9.41 7.37
C ARG A 15 -11.82 -9.66 8.38
N LEU A 16 -10.61 -9.89 7.85
CA LEU A 16 -9.45 -10.15 8.69
C LEU A 16 -8.73 -8.85 9.03
N VAL A 17 -8.84 -7.87 8.14
CA VAL A 17 -8.19 -6.58 8.35
C VAL A 17 -8.98 -5.73 9.34
N SER A 18 -8.26 -5.04 10.22
CA SER A 18 -8.88 -4.19 11.23
C SER A 18 -8.12 -2.88 11.39
N LEU A 19 -8.86 -1.82 11.73
CA LEU A 19 -8.25 -0.51 11.91
C LEU A 19 -8.53 0.03 13.31
N SER A 20 -7.79 1.07 13.69
CA SER A 20 -7.96 1.68 15.01
C SER A 20 -9.18 2.59 15.03
N ALA A 21 -9.65 2.90 16.23
CA ALA A 21 -10.81 3.77 16.40
C ALA A 21 -10.64 5.07 15.62
N CYS A 22 -9.56 5.79 15.90
CA CYS A 22 -9.28 7.05 15.23
C CYS A 22 -8.84 6.81 13.79
N GLY A 23 -8.28 5.64 13.53
CA GLY A 23 -7.81 5.31 12.19
C GLY A 23 -6.32 5.52 12.03
N ARG A 24 -5.89 5.66 10.78
CA ARG A 24 -4.47 5.87 10.48
C ARG A 24 -3.63 4.71 11.01
N THR A 25 -4.27 3.57 11.22
CA THR A 25 -3.58 2.39 11.73
C THR A 25 -4.27 1.11 11.27
N ALA A 26 -3.56 0.32 10.47
CA ALA A 26 -4.11 -0.93 9.96
C ALA A 26 -3.38 -2.13 10.57
N ARG A 27 -4.13 -3.21 10.79
CA ARG A 27 -3.55 -4.42 11.37
C ARG A 27 -4.41 -5.64 11.06
N ARG A 28 -3.77 -6.80 10.95
CA ARG A 28 -4.48 -8.03 10.65
C ARG A 28 -5.05 -8.66 11.92
N GLN A 29 -6.05 -9.52 11.74
CA GLN A 29 -6.69 -10.19 12.88
C GLN A 29 -6.71 -11.69 12.67
N GLN A 30 -5.92 -12.18 11.73
CA GLN A 30 -5.85 -13.60 11.43
C GLN A 30 -4.43 -14.02 11.06
N PRO A 31 -3.50 -13.85 12.00
CA PRO A 31 -2.08 -14.19 11.78
C PRO A 31 -1.87 -15.70 11.71
N GLY A 32 -2.62 -16.45 12.51
CA GLY A 32 -2.49 -17.90 12.52
C GLY A 32 -3.62 -18.58 11.77
N GLN A 33 -3.74 -18.28 10.48
CA GLN A 33 -4.78 -18.88 9.65
C GLN A 33 -4.51 -18.64 8.18
N GLU A 34 -4.58 -17.38 7.76
CA GLU A 34 -4.34 -17.01 6.37
C GLU A 34 -3.59 -15.68 6.27
N PHE A 35 -3.25 -15.29 5.05
CA PHE A 35 -2.54 -14.04 4.81
C PHE A 35 -3.35 -13.11 3.92
N ASN A 36 -3.48 -13.49 2.66
CA ASN A 36 -4.23 -12.68 1.69
C ASN A 36 -5.73 -12.84 1.90
N HIS A 37 -6.45 -11.73 1.84
CA HIS A 37 -7.90 -11.75 2.03
C HIS A 37 -8.48 -10.34 1.90
N GLY A 38 -8.28 -9.53 2.93
CA GLY A 38 -8.79 -8.17 2.92
C GLY A 38 -7.77 -7.17 2.41
N LEU A 39 -8.09 -5.89 2.54
CA LEU A 39 -7.18 -4.84 2.09
C LEU A 39 -7.46 -3.54 2.84
N VAL A 40 -6.59 -2.54 2.63
CA VAL A 40 -6.74 -1.24 3.28
C VAL A 40 -6.31 -0.12 2.36
N LEU A 41 -7.25 0.75 1.99
CA LEU A 41 -6.96 1.87 1.12
C LEU A 41 -6.98 3.19 1.90
N SER A 42 -6.54 4.26 1.25
CA SER A 42 -6.50 5.58 1.88
C SER A 42 -7.89 6.18 1.95
N ARG A 43 -8.09 7.09 2.90
CA ARG A 43 -9.38 7.75 3.08
C ARG A 43 -9.63 8.76 1.97
N GLU A 44 -8.56 9.41 1.52
CA GLU A 44 -8.66 10.42 0.46
C GLU A 44 -7.64 10.14 -0.64
N PRO A 45 -7.94 10.62 -1.86
CA PRO A 45 -7.08 10.44 -3.02
C PRO A 45 -5.80 11.27 -2.93
N LEU A 46 -4.66 10.59 -2.98
CA LEU A 46 -3.37 11.26 -2.90
C LEU A 46 -3.25 12.36 -3.95
N ARG A 47 -2.81 13.53 -3.53
CA ARG A 47 -2.64 14.66 -4.43
C ARG A 47 -1.22 14.75 -4.96
N ASP A 48 -1.02 15.52 -6.02
CA ASP A 48 0.30 15.69 -6.62
C ASP A 48 1.32 16.09 -5.56
N GLY A 49 2.38 15.30 -5.44
CA GLY A 49 3.42 15.59 -4.45
C GLY A 49 3.24 14.81 -3.17
N ARG A 50 2.00 14.71 -2.70
CA ARG A 50 1.69 13.99 -1.48
C ARG A 50 2.20 12.56 -1.55
N VAL A 51 3.00 12.17 -0.55
CA VAL A 51 3.55 10.81 -0.50
C VAL A 51 2.99 10.04 0.68
N PHE A 52 2.18 9.03 0.38
CA PHE A 52 1.57 8.20 1.42
C PHE A 52 2.58 7.22 1.99
N THR A 53 3.16 7.59 3.13
CA THR A 53 4.16 6.74 3.79
C THR A 53 3.52 5.86 4.85
N VAL A 54 4.13 4.72 5.13
CA VAL A 54 3.62 3.79 6.13
C VAL A 54 4.75 2.97 6.75
N ARG A 55 4.72 2.84 8.07
CA ARG A 55 5.74 2.09 8.79
C ARG A 55 5.16 0.78 9.32
N ILE A 56 6.02 -0.23 9.42
CA ILE A 56 5.60 -1.54 9.92
C ILE A 56 5.64 -1.59 11.44
N ASP A 57 4.49 -1.34 12.07
CA ASP A 57 4.39 -1.36 13.52
C ASP A 57 4.72 -2.75 14.08
N ARG A 58 4.29 -3.78 13.37
CA ARG A 58 4.53 -5.15 13.78
C ARG A 58 4.73 -6.06 12.57
N LYS A 59 5.59 -7.06 12.73
CA LYS A 59 5.86 -8.01 11.65
C LYS A 59 6.14 -9.40 12.20
N VAL A 60 5.40 -10.39 11.71
CA VAL A 60 5.58 -11.76 12.16
C VAL A 60 6.71 -12.45 11.40
N ASN A 61 7.33 -13.44 12.04
CA ASN A 61 8.43 -14.18 11.41
C ASN A 61 8.08 -15.65 11.26
N SER A 62 6.79 -15.93 11.03
CA SER A 62 6.32 -17.30 10.86
C SER A 62 5.95 -17.57 9.41
N TRP A 63 5.58 -16.52 8.69
CA TRP A 63 5.21 -16.65 7.29
C TRP A 63 6.38 -16.31 6.37
N SER A 64 6.31 -16.76 5.13
CA SER A 64 7.36 -16.49 4.15
C SER A 64 6.86 -15.62 3.02
N GLY A 65 5.82 -14.84 3.29
CA GLY A 65 5.25 -13.96 2.29
C GLY A 65 5.95 -12.61 2.23
N SER A 66 5.24 -11.60 1.74
CA SER A 66 5.79 -10.25 1.63
C SER A 66 4.71 -9.21 1.79
N ILE A 67 5.09 -7.94 1.73
CA ILE A 67 4.16 -6.84 1.88
C ILE A 67 3.87 -6.17 0.53
N GLU A 68 2.60 -5.90 0.28
CA GLU A 68 2.19 -5.26 -0.98
C GLU A 68 1.68 -3.85 -0.73
N ILE A 69 2.11 -2.91 -1.56
CA ILE A 69 1.69 -1.52 -1.43
C ILE A 69 1.75 -0.80 -2.78
N GLY A 70 0.79 0.10 -3.00
CA GLY A 70 0.76 0.84 -4.25
C GLY A 70 -0.37 1.84 -4.29
N VAL A 71 -0.95 2.02 -5.47
CA VAL A 71 -2.06 2.96 -5.64
C VAL A 71 -3.13 2.39 -6.57
N THR A 72 -4.32 2.97 -6.52
CA THR A 72 -5.43 2.51 -7.35
C THR A 72 -6.24 3.69 -7.87
N ALA A 73 -6.99 3.46 -8.95
CA ALA A 73 -7.82 4.51 -9.53
C ALA A 73 -9.29 4.30 -9.18
N LEU A 74 -9.54 3.46 -8.18
CA LEU A 74 -10.92 3.18 -7.75
C LEU A 74 -11.14 3.62 -6.31
N ASP A 75 -12.19 4.39 -6.08
CA ASP A 75 -12.51 4.89 -4.75
C ASP A 75 -12.72 3.72 -3.78
N PRO A 76 -12.25 3.90 -2.54
CA PRO A 76 -12.36 2.87 -1.49
C PRO A 76 -13.81 2.70 -1.03
N SER A 77 -14.56 3.79 -1.01
CA SER A 77 -15.95 3.75 -0.58
C SER A 77 -16.78 2.86 -1.51
N VAL A 78 -16.24 2.59 -2.68
CA VAL A 78 -16.93 1.76 -3.66
C VAL A 78 -15.98 0.77 -4.32
N LEU A 79 -14.99 0.32 -3.55
CA LEU A 79 -14.00 -0.63 -4.06
C LEU A 79 -14.24 -2.02 -3.48
N ASP A 80 -13.94 -3.04 -4.28
CA ASP A 80 -14.13 -4.42 -3.85
C ASP A 80 -12.79 -5.06 -3.47
N PHE A 81 -12.49 -5.06 -2.18
CA PHE A 81 -11.24 -5.64 -1.69
C PHE A 81 -11.04 -7.05 -2.23
N PRO A 82 -10.15 -7.17 -3.24
CA PRO A 82 -9.85 -8.45 -3.88
C PRO A 82 -9.07 -9.39 -2.95
N SER A 83 -8.59 -10.49 -3.51
CA SER A 83 -7.83 -11.47 -2.73
C SER A 83 -6.63 -10.82 -2.05
N SER A 84 -6.02 -9.85 -2.73
CA SER A 84 -4.86 -9.14 -2.21
C SER A 84 -4.61 -7.85 -2.98
N ALA A 85 -3.65 -7.06 -2.50
CA ALA A 85 -3.32 -5.80 -3.15
C ALA A 85 -2.99 -6.00 -4.63
N THR A 86 -2.24 -7.06 -4.93
CA THR A 86 -1.87 -7.37 -6.30
C THR A 86 -3.06 -7.87 -7.09
N GLY A 87 -4.14 -8.19 -6.40
CA GLY A 87 -5.33 -8.69 -7.05
C GLY A 87 -6.31 -7.57 -7.40
N LEU A 88 -5.80 -6.34 -7.47
CA LEU A 88 -6.63 -5.19 -7.78
C LEU A 88 -6.56 -4.87 -9.27
N LYS A 89 -7.72 -4.59 -9.87
CA LYS A 89 -7.78 -4.25 -11.29
C LYS A 89 -8.35 -2.86 -11.50
N GLY A 90 -8.66 -2.53 -12.75
CA GLY A 90 -9.21 -1.22 -13.05
C GLY A 90 -8.22 -0.10 -12.81
N GLY A 91 -7.04 -0.21 -13.40
CA GLY A 91 -6.03 0.82 -13.22
C GLY A 91 -5.51 0.88 -11.79
N SER A 92 -4.84 -0.18 -11.37
CA SER A 92 -4.30 -0.25 -10.02
C SER A 92 -2.86 -0.75 -10.03
N TRP A 93 -1.94 0.07 -9.52
CA TRP A 93 -0.53 -0.29 -9.48
C TRP A 93 -0.16 -0.83 -8.10
N VAL A 94 0.52 -1.98 -8.09
CA VAL A 94 0.95 -2.59 -6.83
C VAL A 94 2.37 -3.12 -6.94
N VAL A 95 3.10 -3.06 -5.83
CA VAL A 95 4.48 -3.54 -5.80
C VAL A 95 4.61 -4.82 -4.98
N SER A 96 4.95 -5.91 -5.64
CA SER A 96 5.09 -7.20 -4.97
C SER A 96 6.54 -7.43 -4.55
N GLY A 97 7.17 -6.38 -4.02
CA GLY A 97 8.55 -6.49 -3.58
C GLY A 97 9.52 -6.50 -4.74
N CYS A 98 10.08 -5.34 -5.06
CA CYS A 98 11.03 -5.22 -6.15
C CYS A 98 10.38 -5.58 -7.48
N SER A 99 9.05 -5.59 -7.50
CA SER A 99 8.30 -5.93 -8.70
C SER A 99 7.04 -5.10 -8.82
N VAL A 100 7.02 -4.18 -9.78
CA VAL A 100 5.87 -3.32 -10.00
C VAL A 100 4.88 -3.95 -10.97
N LEU A 101 3.61 -3.93 -10.61
CA LEU A 101 2.55 -4.50 -11.46
C LEU A 101 1.38 -3.55 -11.58
N ARG A 102 0.56 -3.76 -12.61
CA ARG A 102 -0.61 -2.91 -12.84
C ARG A 102 -1.80 -3.74 -13.31
N ASP A 103 -2.88 -3.72 -12.53
CA ASP A 103 -4.08 -4.46 -12.87
C ASP A 103 -3.81 -5.96 -12.86
N GLY A 104 -2.75 -6.36 -12.17
CA GLY A 104 -2.39 -7.76 -12.09
C GLY A 104 -1.45 -8.18 -13.19
N ARG A 105 -0.59 -7.26 -13.63
CA ARG A 105 0.36 -7.54 -14.69
C ARG A 105 1.71 -6.89 -14.39
N SER A 106 2.78 -7.68 -14.47
CA SER A 106 4.11 -7.19 -14.20
C SER A 106 4.59 -6.27 -15.33
N VAL A 107 5.13 -5.11 -14.95
CA VAL A 107 5.63 -4.14 -15.92
C VAL A 107 7.08 -3.80 -15.65
N LEU A 108 7.44 -3.71 -14.38
CA LEU A 108 8.81 -3.39 -13.99
C LEU A 108 9.30 -4.33 -12.90
N GLU A 109 10.59 -4.69 -12.97
CA GLU A 109 11.18 -5.59 -11.98
C GLU A 109 12.51 -5.04 -11.48
N GLU A 110 13.01 -5.61 -10.40
CA GLU A 110 14.27 -5.17 -9.81
C GLU A 110 14.21 -3.70 -9.42
N TYR A 111 13.01 -3.23 -9.08
CA TYR A 111 12.82 -1.84 -8.70
C TYR A 111 13.79 -1.44 -7.59
N GLY A 112 14.11 -0.16 -7.52
CA GLY A 112 15.03 0.34 -6.51
C GLY A 112 14.63 -0.10 -5.11
N GLN A 113 13.43 0.28 -4.70
CA GLN A 113 12.94 -0.08 -3.37
C GLN A 113 12.38 -1.49 -3.36
N ASP A 114 12.83 -2.28 -2.39
CA ASP A 114 12.39 -3.67 -2.26
C ASP A 114 11.57 -3.87 -0.98
N LEU A 115 10.29 -4.21 -1.14
CA LEU A 115 9.41 -4.42 -0.01
C LEU A 115 9.67 -5.79 0.64
N ASP A 116 10.22 -6.70 -0.15
CA ASP A 116 10.52 -8.04 0.35
C ASP A 116 11.67 -8.01 1.34
N GLN A 117 12.38 -6.89 1.39
CA GLN A 117 13.51 -6.75 2.30
C GLN A 117 13.09 -6.00 3.56
N LEU A 118 11.79 -5.90 3.78
CA LEU A 118 11.25 -5.21 4.95
C LEU A 118 10.96 -6.19 6.08
N GLY A 119 10.72 -5.66 7.27
CA GLY A 119 10.43 -6.51 8.41
C GLY A 119 10.85 -5.87 9.73
N GLU A 120 10.00 -5.01 10.26
CA GLU A 120 10.29 -4.33 11.52
C GLU A 120 11.59 -3.54 11.43
N GLY A 121 11.49 -2.26 11.10
CA GLY A 121 12.66 -1.43 10.98
C GLY A 121 12.82 -0.83 9.59
N ASP A 122 11.74 -0.85 8.82
CA ASP A 122 11.75 -0.31 7.46
C ASP A 122 10.35 0.13 7.04
N ARG A 123 10.24 1.37 6.58
CA ARG A 123 8.96 1.91 6.14
C ARG A 123 8.97 2.19 4.64
N VAL A 124 7.79 2.26 4.05
CA VAL A 124 7.67 2.53 2.62
C VAL A 124 6.44 3.39 2.32
N GLY A 125 6.50 4.14 1.21
CA GLY A 125 5.40 4.99 0.84
C GLY A 125 5.28 5.15 -0.66
N VAL A 126 4.09 5.54 -1.12
CA VAL A 126 3.84 5.73 -2.55
C VAL A 126 3.48 7.18 -2.85
N GLU A 127 3.55 7.55 -4.12
CA GLU A 127 3.24 8.90 -4.56
C GLU A 127 2.89 8.93 -6.04
N ARG A 128 2.07 9.90 -6.43
CA ARG A 128 1.65 10.05 -7.81
C ARG A 128 2.15 11.37 -8.39
N THR A 129 3.19 11.30 -9.22
CA THR A 129 3.76 12.49 -9.84
C THR A 129 2.73 13.18 -10.74
N VAL A 130 2.83 14.50 -10.84
CA VAL A 130 1.93 15.28 -11.67
C VAL A 130 1.88 14.73 -13.10
N ALA A 131 3.03 14.28 -13.59
CA ALA A 131 3.12 13.73 -14.93
C ALA A 131 2.21 12.51 -15.09
N GLY A 132 2.00 11.79 -13.99
CA GLY A 132 1.16 10.61 -14.02
C GLY A 132 1.94 9.33 -13.86
N GLU A 133 2.97 9.36 -13.02
CA GLU A 133 3.81 8.19 -12.77
C GLU A 133 3.88 7.88 -11.29
N LEU A 134 3.74 6.60 -10.95
CA LEU A 134 3.78 6.17 -9.55
C LEU A 134 5.22 6.11 -9.06
N ARG A 135 5.43 6.63 -7.85
CA ARG A 135 6.76 6.65 -7.24
C ARG A 135 6.73 6.10 -5.82
N LEU A 136 7.86 5.58 -5.36
CA LEU A 136 7.95 5.03 -4.01
C LEU A 136 8.98 5.78 -3.19
N TRP A 137 8.80 5.75 -1.87
CA TRP A 137 9.73 6.44 -0.96
C TRP A 137 9.97 5.61 0.29
N VAL A 138 11.24 5.42 0.63
CA VAL A 138 11.61 4.65 1.82
C VAL A 138 12.29 5.53 2.85
N ASN A 139 11.80 5.49 4.07
CA ASN A 139 12.36 6.29 5.17
C ASN A 139 12.50 7.75 4.75
N GLY A 140 11.60 8.20 3.87
CA GLY A 140 11.64 9.58 3.41
C GLY A 140 12.73 9.82 2.39
N ARG A 141 13.01 8.81 1.58
CA ARG A 141 14.05 8.92 0.56
C ARG A 141 13.50 8.56 -0.82
N ASP A 142 14.06 9.17 -1.85
CA ASP A 142 13.63 8.91 -3.22
C ASP A 142 14.24 7.62 -3.75
N CYS A 143 13.39 6.78 -4.36
CA CYS A 143 13.85 5.51 -4.91
C CYS A 143 13.68 5.47 -6.43
N GLY A 144 12.76 6.30 -6.93
CA GLY A 144 12.52 6.36 -8.36
C GLY A 144 11.05 6.16 -8.70
N VAL A 145 10.77 6.00 -9.99
CA VAL A 145 9.40 5.80 -10.46
C VAL A 145 9.16 4.34 -10.84
N ALA A 146 8.06 3.78 -10.36
CA ALA A 146 7.71 2.40 -10.66
C ALA A 146 7.18 2.26 -12.08
N ALA A 147 6.11 2.99 -12.38
CA ALA A 147 5.51 2.95 -13.71
C ALA A 147 4.94 4.30 -14.09
N THR A 148 4.35 4.38 -15.30
CA THR A 148 3.77 5.62 -15.78
C THR A 148 2.38 5.37 -16.36
N GLY A 149 1.65 6.45 -16.62
CA GLY A 149 0.32 6.34 -17.18
C GLY A 149 -0.75 6.22 -16.11
N LEU A 150 -0.75 7.14 -15.16
CA LEU A 150 -1.72 7.13 -14.07
C LEU A 150 -2.73 8.26 -14.23
N PRO A 151 -3.92 8.07 -13.67
CA PRO A 151 -5.00 9.06 -13.72
C PRO A 151 -4.69 10.29 -12.87
N PRO A 152 -5.53 11.33 -13.02
CA PRO A 152 -5.37 12.59 -12.27
C PRO A 152 -5.68 12.41 -10.79
N ARG A 153 -6.42 11.36 -10.46
CA ARG A 153 -6.78 11.08 -9.08
C ARG A 153 -6.54 9.63 -8.73
N VAL A 154 -5.76 9.40 -7.68
CA VAL A 154 -5.44 8.04 -7.24
C VAL A 154 -5.52 7.92 -5.73
N TRP A 155 -5.63 6.69 -5.23
CA TRP A 155 -5.71 6.45 -3.80
C TRP A 155 -4.56 5.56 -3.33
N ALA A 156 -4.16 5.72 -2.08
CA ALA A 156 -3.07 4.93 -1.52
C ALA A 156 -3.56 3.54 -1.10
N VAL A 157 -3.05 2.52 -1.77
CA VAL A 157 -3.43 1.14 -1.46
C VAL A 157 -2.38 0.45 -0.62
N VAL A 158 -2.84 -0.34 0.36
CA VAL A 158 -1.93 -1.06 1.25
C VAL A 158 -2.50 -2.42 1.63
N ASP A 159 -1.62 -3.36 1.93
CA ASP A 159 -2.04 -4.70 2.31
C ASP A 159 -1.12 -5.28 3.39
N LEU A 160 -1.69 -6.01 4.32
CA LEU A 160 -0.93 -6.62 5.41
C LEU A 160 -1.10 -8.14 5.42
N TYR A 161 -0.22 -8.83 4.70
CA TYR A 161 -0.28 -10.28 4.62
C TYR A 161 1.11 -10.89 4.75
N GLY A 162 1.18 -12.07 5.37
CA GLY A 162 2.46 -12.74 5.54
C GLY A 162 3.34 -12.04 6.56
N LYS A 163 4.33 -11.30 6.06
CA LYS A 163 5.25 -10.57 6.94
C LYS A 163 4.56 -9.36 7.56
N CYS A 164 4.09 -8.45 6.71
CA CYS A 164 3.41 -7.25 7.17
C CYS A 164 2.08 -7.60 7.84
N THR A 165 1.97 -7.28 9.13
CA THR A 165 0.76 -7.55 9.88
C THR A 165 0.11 -6.26 10.39
N GLN A 166 0.89 -5.18 10.39
CA GLN A 166 0.39 -3.89 10.85
C GLN A 166 1.08 -2.76 10.10
N ILE A 167 0.40 -1.62 10.02
CA ILE A 167 0.94 -0.44 9.33
C ILE A 167 0.41 0.85 9.94
N THR A 168 1.20 1.92 9.82
CA THR A 168 0.81 3.21 10.36
C THR A 168 1.29 4.35 9.47
N VAL A 169 0.37 5.22 9.06
CA VAL A 169 0.72 6.34 8.20
C VAL A 169 1.56 7.37 8.95
N LEU A 170 2.66 7.77 8.36
CA LEU A 170 3.56 8.75 8.96
C LEU A 170 2.96 10.15 8.90
N GLY A 1 -5.11 24.73 3.25
CA GLY A 1 -5.75 25.51 4.29
C GLY A 1 -5.69 24.84 5.64
N SER A 2 -6.03 23.56 5.69
CA SER A 2 -6.01 22.81 6.93
C SER A 2 -5.54 21.37 6.70
N SER A 3 -4.23 21.15 6.87
CA SER A 3 -3.65 19.84 6.66
C SER A 3 -2.50 19.59 7.63
N GLY A 4 -2.07 18.34 7.74
CA GLY A 4 -0.98 18.00 8.63
C GLY A 4 -0.10 16.89 8.08
N SER A 5 -0.68 15.70 7.92
CA SER A 5 0.05 14.56 7.40
C SER A 5 -0.29 14.31 5.93
N SER A 6 0.41 13.36 5.33
CA SER A 6 0.20 13.03 3.92
C SER A 6 -1.25 12.61 3.68
N GLY A 7 -1.76 11.74 4.54
CA GLY A 7 -3.13 11.28 4.40
C GLY A 7 -3.60 10.46 5.59
N GLU A 8 -4.52 9.54 5.36
CA GLU A 8 -5.05 8.70 6.42
C GLU A 8 -5.43 7.32 5.89
N LEU A 9 -6.11 6.54 6.72
CA LEU A 9 -6.53 5.19 6.34
C LEU A 9 -8.04 5.06 6.39
N HIS A 10 -8.64 4.64 5.29
CA HIS A 10 -10.08 4.46 5.22
C HIS A 10 -10.58 3.58 6.36
N PRO A 11 -11.73 3.95 6.94
CA PRO A 11 -12.33 3.20 8.05
C PRO A 11 -12.89 1.85 7.60
N ARG A 12 -13.15 1.73 6.30
CA ARG A 12 -13.68 0.48 5.75
C ARG A 12 -12.55 -0.48 5.38
N THR A 13 -12.53 -1.64 6.03
CA THR A 13 -11.50 -2.64 5.77
C THR A 13 -12.12 -4.00 5.46
N GLY A 14 -11.29 -4.94 5.02
CA GLY A 14 -11.78 -6.26 4.69
C GLY A 14 -12.30 -7.01 5.91
N ARG A 15 -12.22 -8.33 5.86
CA ARG A 15 -12.69 -9.16 6.97
C ARG A 15 -11.58 -9.36 8.00
N LEU A 16 -10.44 -9.88 7.54
CA LEU A 16 -9.31 -10.13 8.42
C LEU A 16 -8.61 -8.82 8.80
N VAL A 17 -8.78 -7.81 7.96
CA VAL A 17 -8.18 -6.50 8.20
C VAL A 17 -9.03 -5.66 9.14
N SER A 18 -8.37 -4.92 10.04
CA SER A 18 -9.08 -4.08 10.99
C SER A 18 -8.39 -2.72 11.13
N LEU A 19 -9.17 -1.69 11.42
CA LEU A 19 -8.63 -0.34 11.58
C LEU A 19 -8.64 0.07 13.04
N SER A 20 -7.53 0.64 13.50
CA SER A 20 -7.41 1.08 14.89
C SER A 20 -8.51 2.08 15.24
N ALA A 21 -8.77 2.24 16.53
CA ALA A 21 -9.80 3.16 16.99
C ALA A 21 -9.61 4.54 16.39
N CYS A 22 -8.52 5.20 16.75
CA CYS A 22 -8.22 6.53 16.24
C CYS A 22 -8.11 6.52 14.71
N GLY A 23 -7.77 5.36 14.16
CA GLY A 23 -7.62 5.23 12.72
C GLY A 23 -6.21 5.48 12.26
N ARG A 24 -6.01 5.52 10.94
CA ARG A 24 -4.69 5.74 10.37
C ARG A 24 -3.74 4.60 10.72
N THR A 25 -4.32 3.44 11.02
CA THR A 25 -3.52 2.27 11.39
C THR A 25 -4.25 0.98 11.03
N ALA A 26 -3.57 0.13 10.25
CA ALA A 26 -4.16 -1.14 9.83
C ALA A 26 -3.41 -2.31 10.46
N ARG A 27 -4.12 -3.42 10.67
CA ARG A 27 -3.52 -4.61 11.26
C ARG A 27 -4.33 -5.85 10.92
N ARG A 28 -3.69 -7.01 11.03
CA ARG A 28 -4.37 -8.28 10.73
C ARG A 28 -5.16 -8.77 11.92
N GLN A 29 -6.12 -9.65 11.66
CA GLN A 29 -6.96 -10.21 12.72
C GLN A 29 -6.80 -11.72 12.82
N GLN A 30 -6.53 -12.35 11.68
CA GLN A 30 -6.36 -13.80 11.64
C GLN A 30 -4.96 -14.17 11.15
N PRO A 31 -3.94 -13.81 11.94
CA PRO A 31 -2.54 -14.09 11.61
C PRO A 31 -2.22 -15.58 11.67
N GLY A 32 -2.74 -16.25 12.69
CA GLY A 32 -2.50 -17.68 12.84
C GLY A 32 -3.46 -18.52 12.04
N GLN A 33 -3.56 -18.24 10.74
CA GLN A 33 -4.45 -18.98 9.86
C GLN A 33 -4.15 -18.67 8.40
N GLU A 34 -4.35 -17.42 8.01
CA GLU A 34 -4.09 -17.00 6.63
C GLU A 34 -3.35 -15.67 6.59
N PHE A 35 -3.02 -15.21 5.39
CA PHE A 35 -2.30 -13.95 5.21
C PHE A 35 -3.13 -12.97 4.39
N ASN A 36 -3.25 -13.26 3.10
CA ASN A 36 -4.00 -12.39 2.19
C ASN A 36 -5.50 -12.60 2.38
N HIS A 37 -6.26 -11.50 2.32
CA HIS A 37 -7.70 -11.55 2.48
C HIS A 37 -8.33 -10.18 2.24
N GLY A 38 -8.18 -9.29 3.21
CA GLY A 38 -8.74 -7.96 3.10
C GLY A 38 -7.73 -6.96 2.56
N LEU A 39 -8.06 -5.67 2.68
CA LEU A 39 -7.18 -4.61 2.20
C LEU A 39 -7.45 -3.31 2.94
N VAL A 40 -6.55 -2.34 2.75
CA VAL A 40 -6.71 -1.04 3.40
C VAL A 40 -6.24 0.09 2.48
N LEU A 41 -7.17 0.96 2.10
CA LEU A 41 -6.85 2.08 1.22
C LEU A 41 -6.82 3.39 2.00
N SER A 42 -6.35 4.45 1.35
CA SER A 42 -6.25 5.75 1.99
C SER A 42 -7.64 6.38 2.15
N ARG A 43 -7.74 7.33 3.06
CA ARG A 43 -9.00 8.01 3.32
C ARG A 43 -9.35 8.97 2.18
N GLU A 44 -8.33 9.63 1.64
CA GLU A 44 -8.53 10.57 0.55
C GLU A 44 -7.54 10.29 -0.60
N PRO A 45 -7.90 10.76 -1.80
CA PRO A 45 -7.07 10.57 -2.99
C PRO A 45 -5.79 11.39 -2.94
N LEU A 46 -4.65 10.70 -2.96
CA LEU A 46 -3.35 11.37 -2.91
C LEU A 46 -3.25 12.44 -3.99
N ARG A 47 -2.83 13.64 -3.60
CA ARG A 47 -2.69 14.74 -4.53
C ARG A 47 -1.28 14.78 -5.13
N ASP A 48 -1.12 15.56 -6.19
CA ASP A 48 0.18 15.68 -6.85
C ASP A 48 1.26 16.06 -5.84
N GLY A 49 2.27 15.21 -5.73
CA GLY A 49 3.36 15.47 -4.80
C GLY A 49 3.18 14.74 -3.48
N ARG A 50 1.95 14.70 -2.98
CA ARG A 50 1.66 14.03 -1.73
C ARG A 50 2.16 12.59 -1.74
N VAL A 51 2.99 12.25 -0.75
CA VAL A 51 3.54 10.90 -0.65
C VAL A 51 2.97 10.17 0.56
N PHE A 52 2.23 9.09 0.30
CA PHE A 52 1.63 8.30 1.36
C PHE A 52 2.65 7.34 1.97
N THR A 53 3.23 7.73 3.10
CA THR A 53 4.22 6.91 3.77
C THR A 53 3.57 6.05 4.85
N VAL A 54 4.17 4.89 5.11
CA VAL A 54 3.65 3.96 6.11
C VAL A 54 4.79 3.19 6.78
N ARG A 55 4.66 2.97 8.08
CA ARG A 55 5.67 2.23 8.83
C ARG A 55 5.13 0.89 9.29
N ILE A 56 6.03 -0.10 9.39
CA ILE A 56 5.64 -1.44 9.82
C ILE A 56 5.53 -1.52 11.34
N ASP A 57 4.31 -1.37 11.84
CA ASP A 57 4.07 -1.43 13.27
C ASP A 57 4.54 -2.76 13.85
N ARG A 58 4.27 -3.84 13.13
CA ARG A 58 4.66 -5.17 13.57
C ARG A 58 4.92 -6.08 12.38
N LYS A 59 5.84 -7.02 12.54
CA LYS A 59 6.18 -7.96 11.47
C LYS A 59 6.38 -9.37 12.03
N VAL A 60 5.54 -10.29 11.60
CA VAL A 60 5.63 -11.68 12.06
C VAL A 60 6.65 -12.46 11.24
N ASN A 61 7.53 -13.19 11.93
CA ASN A 61 8.56 -13.98 11.27
C ASN A 61 8.17 -15.46 11.24
N SER A 62 6.86 -15.72 11.28
CA SER A 62 6.36 -17.09 11.25
C SER A 62 6.08 -17.54 9.82
N TRP A 63 5.78 -16.57 8.95
CA TRP A 63 5.49 -16.87 7.56
C TRP A 63 6.65 -16.45 6.66
N SER A 64 6.47 -16.61 5.35
CA SER A 64 7.51 -16.25 4.39
C SER A 64 6.94 -15.38 3.27
N GLY A 65 5.85 -14.67 3.57
CA GLY A 65 5.23 -13.81 2.58
C GLY A 65 5.95 -12.49 2.43
N SER A 66 5.24 -11.48 1.94
CA SER A 66 5.83 -10.16 1.73
C SER A 66 4.78 -9.07 1.94
N ILE A 67 5.21 -7.82 1.79
CA ILE A 67 4.31 -6.68 1.94
C ILE A 67 3.95 -6.06 0.60
N GLU A 68 2.67 -5.76 0.43
CA GLU A 68 2.19 -5.17 -0.82
C GLU A 68 1.68 -3.75 -0.58
N ILE A 69 2.13 -2.82 -1.42
CA ILE A 69 1.72 -1.42 -1.30
C ILE A 69 1.78 -0.71 -2.66
N GLY A 70 0.83 0.19 -2.90
CA GLY A 70 0.81 0.92 -4.15
C GLY A 70 -0.33 1.91 -4.21
N VAL A 71 -0.92 2.06 -5.39
CA VAL A 71 -2.03 2.99 -5.58
C VAL A 71 -3.11 2.38 -6.46
N THR A 72 -4.30 2.98 -6.44
CA THR A 72 -5.42 2.50 -7.24
C THR A 72 -6.27 3.65 -7.75
N ALA A 73 -7.01 3.41 -8.83
CA ALA A 73 -7.87 4.43 -9.42
C ALA A 73 -9.34 4.18 -9.07
N LEU A 74 -9.56 3.39 -8.02
CA LEU A 74 -10.92 3.08 -7.59
C LEU A 74 -11.17 3.55 -6.16
N ASP A 75 -12.25 4.29 -5.96
CA ASP A 75 -12.60 4.80 -4.64
C ASP A 75 -12.81 3.66 -3.66
N PRO A 76 -12.28 3.82 -2.44
CA PRO A 76 -12.40 2.82 -1.38
C PRO A 76 -13.83 2.70 -0.85
N SER A 77 -14.63 3.72 -1.10
CA SER A 77 -16.02 3.73 -0.65
C SER A 77 -16.86 2.74 -1.43
N VAL A 78 -16.42 2.43 -2.65
CA VAL A 78 -17.13 1.49 -3.50
C VAL A 78 -16.16 0.52 -4.18
N LEU A 79 -15.09 0.18 -3.48
CA LEU A 79 -14.08 -0.73 -4.01
C LEU A 79 -14.29 -2.14 -3.48
N ASP A 80 -13.94 -3.13 -4.29
CA ASP A 80 -14.09 -4.53 -3.90
C ASP A 80 -12.75 -5.11 -3.46
N PHE A 81 -12.49 -5.08 -2.15
CA PHE A 81 -11.26 -5.61 -1.60
C PHE A 81 -10.99 -7.02 -2.10
N PRO A 82 -10.07 -7.15 -3.06
CA PRO A 82 -9.72 -8.45 -3.64
C PRO A 82 -8.96 -9.34 -2.66
N SER A 83 -8.41 -10.44 -3.17
CA SER A 83 -7.66 -11.37 -2.33
C SER A 83 -6.41 -10.70 -1.75
N SER A 84 -5.92 -9.68 -2.45
CA SER A 84 -4.74 -8.96 -2.01
C SER A 84 -4.54 -7.69 -2.84
N ALA A 85 -3.66 -6.82 -2.37
CA ALA A 85 -3.37 -5.57 -3.06
C ALA A 85 -3.00 -5.82 -4.51
N THR A 86 -2.13 -6.80 -4.74
CA THR A 86 -1.69 -7.14 -6.08
C THR A 86 -2.83 -7.73 -6.90
N GLY A 87 -3.90 -8.11 -6.22
CA GLY A 87 -5.05 -8.69 -6.90
C GLY A 87 -6.09 -7.65 -7.26
N LEU A 88 -5.66 -6.39 -7.38
CA LEU A 88 -6.57 -5.30 -7.72
C LEU A 88 -6.58 -5.06 -9.22
N LYS A 89 -7.70 -4.52 -9.71
CA LYS A 89 -7.85 -4.23 -11.14
C LYS A 89 -8.37 -2.83 -11.36
N GLY A 90 -8.74 -2.52 -12.60
CA GLY A 90 -9.26 -1.20 -12.92
C GLY A 90 -8.26 -0.10 -12.63
N GLY A 91 -7.05 -0.24 -13.19
CA GLY A 91 -6.02 0.76 -12.98
C GLY A 91 -5.51 0.77 -11.54
N SER A 92 -4.89 -0.34 -11.14
CA SER A 92 -4.36 -0.47 -9.79
C SER A 92 -2.90 -0.92 -9.82
N TRP A 93 -2.01 -0.05 -9.34
CA TRP A 93 -0.59 -0.36 -9.32
C TRP A 93 -0.16 -0.86 -7.94
N VAL A 94 0.53 -1.99 -7.92
CA VAL A 94 0.99 -2.57 -6.66
C VAL A 94 2.41 -3.09 -6.79
N VAL A 95 3.17 -3.02 -5.69
CA VAL A 95 4.55 -3.48 -5.69
C VAL A 95 4.70 -4.76 -4.87
N SER A 96 4.96 -5.87 -5.55
CA SER A 96 5.11 -7.16 -4.89
C SER A 96 6.57 -7.40 -4.54
N GLY A 97 7.21 -6.39 -3.95
CA GLY A 97 8.61 -6.52 -3.55
C GLY A 97 9.55 -6.48 -4.75
N CYS A 98 10.08 -5.31 -5.05
CA CYS A 98 10.99 -5.15 -6.18
C CYS A 98 10.31 -5.54 -7.48
N SER A 99 8.98 -5.52 -7.48
CA SER A 99 8.21 -5.89 -8.67
C SER A 99 6.95 -5.03 -8.77
N VAL A 100 6.92 -4.13 -9.75
CA VAL A 100 5.78 -3.27 -9.96
C VAL A 100 4.78 -3.88 -10.93
N LEU A 101 3.53 -4.01 -10.49
CA LEU A 101 2.49 -4.59 -11.32
C LEU A 101 1.31 -3.65 -11.44
N ARG A 102 0.48 -3.86 -12.46
CA ARG A 102 -0.69 -3.02 -12.69
C ARG A 102 -1.89 -3.87 -13.12
N ASP A 103 -2.95 -3.82 -12.32
CA ASP A 103 -4.17 -4.59 -12.61
C ASP A 103 -3.89 -6.09 -12.58
N GLY A 104 -2.81 -6.47 -11.88
CA GLY A 104 -2.46 -7.87 -11.78
C GLY A 104 -1.54 -8.32 -12.91
N ARG A 105 -0.69 -7.40 -13.37
CA ARG A 105 0.24 -7.70 -14.46
C ARG A 105 1.60 -7.05 -14.20
N SER A 106 2.65 -7.84 -14.32
CA SER A 106 4.00 -7.34 -14.09
C SER A 106 4.45 -6.45 -15.25
N VAL A 107 4.95 -5.27 -14.92
CA VAL A 107 5.41 -4.33 -15.93
C VAL A 107 6.87 -3.94 -15.69
N LEU A 108 7.24 -3.82 -14.42
CA LEU A 108 8.61 -3.45 -14.05
C LEU A 108 9.13 -4.33 -12.93
N GLU A 109 10.41 -4.69 -12.99
CA GLU A 109 11.02 -5.52 -11.98
C GLU A 109 12.38 -4.97 -11.55
N GLU A 110 12.94 -5.53 -10.49
CA GLU A 110 14.23 -5.08 -9.98
C GLU A 110 14.18 -3.60 -9.60
N TYR A 111 13.01 -3.13 -9.22
CA TYR A 111 12.82 -1.74 -8.83
C TYR A 111 13.85 -1.33 -7.78
N GLY A 112 14.16 -0.04 -7.74
CA GLY A 112 15.13 0.46 -6.77
C GLY A 112 14.80 0.03 -5.35
N GLN A 113 13.61 0.42 -4.88
CA GLN A 113 13.18 0.08 -3.53
C GLN A 113 12.63 -1.36 -3.48
N ASP A 114 13.07 -2.11 -2.48
CA ASP A 114 12.63 -3.49 -2.33
C ASP A 114 11.80 -3.65 -1.05
N LEU A 115 10.50 -3.83 -1.21
CA LEU A 115 9.61 -3.99 -0.07
C LEU A 115 9.82 -5.35 0.61
N ASP A 116 10.16 -6.35 -0.19
CA ASP A 116 10.41 -7.70 0.33
C ASP A 116 11.57 -7.69 1.31
N GLN A 117 12.39 -6.65 1.25
CA GLN A 117 13.54 -6.53 2.13
C GLN A 117 13.12 -6.01 3.51
N LEU A 118 12.01 -5.28 3.54
CA LEU A 118 11.50 -4.72 4.79
C LEU A 118 11.37 -5.81 5.85
N GLY A 119 11.18 -5.38 7.11
CA GLY A 119 11.05 -6.33 8.20
C GLY A 119 11.35 -5.70 9.54
N GLU A 120 10.40 -4.94 10.07
CA GLU A 120 10.56 -4.28 11.35
C GLU A 120 11.80 -3.39 11.36
N GLY A 121 11.62 -2.11 11.04
CA GLY A 121 12.73 -1.19 11.01
C GLY A 121 12.91 -0.55 9.65
N ASP A 122 11.86 -0.57 8.84
CA ASP A 122 11.91 0.01 7.51
C ASP A 122 10.51 0.42 7.04
N ARG A 123 10.35 1.70 6.73
CA ARG A 123 9.07 2.22 6.27
C ARG A 123 9.08 2.47 4.76
N VAL A 124 7.91 2.50 4.15
CA VAL A 124 7.79 2.73 2.72
C VAL A 124 6.55 3.55 2.39
N GLY A 125 6.60 4.27 1.28
CA GLY A 125 5.48 5.10 0.87
C GLY A 125 5.35 5.20 -0.63
N VAL A 126 4.18 5.65 -1.09
CA VAL A 126 3.94 5.79 -2.53
C VAL A 126 3.61 7.24 -2.88
N GLU A 127 3.66 7.56 -4.17
CA GLU A 127 3.37 8.90 -4.65
C GLU A 127 2.95 8.89 -6.11
N ARG A 128 2.11 9.84 -6.48
CA ARG A 128 1.62 9.94 -7.85
C ARG A 128 2.04 11.27 -8.48
N THR A 129 3.03 11.22 -9.36
CA THR A 129 3.52 12.43 -10.02
C THR A 129 2.43 13.05 -10.89
N VAL A 130 2.51 14.36 -11.09
CA VAL A 130 1.54 15.08 -11.90
C VAL A 130 1.42 14.45 -13.29
N ALA A 131 2.54 14.00 -13.84
CA ALA A 131 2.56 13.38 -15.15
C ALA A 131 1.77 12.07 -15.15
N GLY A 132 1.64 11.46 -13.98
CA GLY A 132 0.91 10.21 -13.87
C GLY A 132 1.83 9.02 -13.70
N GLU A 133 2.91 9.21 -12.94
CA GLU A 133 3.87 8.14 -12.69
C GLU A 133 3.93 7.78 -11.21
N LEU A 134 3.73 6.50 -10.90
CA LEU A 134 3.76 6.04 -9.52
C LEU A 134 5.20 5.91 -9.02
N ARG A 135 5.48 6.52 -7.89
CA ARG A 135 6.81 6.47 -7.30
C ARG A 135 6.76 6.00 -5.85
N LEU A 136 7.89 5.54 -5.34
CA LEU A 136 7.97 5.04 -3.96
C LEU A 136 8.97 5.87 -3.15
N TRP A 137 8.81 5.86 -1.84
CA TRP A 137 9.70 6.59 -0.95
C TRP A 137 10.02 5.77 0.30
N VAL A 138 11.30 5.59 0.58
CA VAL A 138 11.73 4.83 1.75
C VAL A 138 12.48 5.72 2.73
N ASN A 139 12.02 5.74 3.98
CA ASN A 139 12.65 6.55 5.01
C ASN A 139 12.71 8.02 4.59
N GLY A 140 11.81 8.42 3.71
CA GLY A 140 11.78 9.79 3.25
C GLY A 140 12.83 10.06 2.18
N ARG A 141 12.99 9.12 1.26
CA ARG A 141 13.96 9.26 0.19
C ARG A 141 13.39 8.78 -1.14
N ASP A 142 13.71 9.48 -2.22
CA ASP A 142 13.23 9.12 -3.54
C ASP A 142 13.89 7.84 -4.03
N CYS A 143 13.08 6.97 -4.65
CA CYS A 143 13.59 5.69 -5.16
C CYS A 143 13.56 5.67 -6.69
N GLY A 144 12.67 6.47 -7.27
CA GLY A 144 12.55 6.53 -8.71
C GLY A 144 11.11 6.38 -9.18
N VAL A 145 10.93 5.84 -10.38
CA VAL A 145 9.61 5.65 -10.94
C VAL A 145 9.29 4.17 -11.12
N ALA A 146 8.05 3.79 -10.80
CA ALA A 146 7.62 2.41 -10.93
C ALA A 146 6.85 2.19 -12.22
N ALA A 147 5.78 2.95 -12.42
CA ALA A 147 4.96 2.84 -13.62
C ALA A 147 4.50 4.21 -14.09
N THR A 148 4.05 4.28 -15.35
CA THR A 148 3.58 5.53 -15.92
C THR A 148 2.19 5.37 -16.50
N GLY A 149 1.48 6.49 -16.69
CA GLY A 149 0.14 6.44 -17.25
C GLY A 149 -0.92 6.30 -16.19
N LEU A 150 -0.88 7.17 -15.19
CA LEU A 150 -1.85 7.13 -14.10
C LEU A 150 -2.88 8.25 -14.25
N PRO A 151 -4.07 8.02 -13.69
CA PRO A 151 -5.17 9.00 -13.74
C PRO A 151 -4.89 10.23 -12.89
N PRO A 152 -5.74 11.27 -13.05
CA PRO A 152 -5.61 12.52 -12.30
C PRO A 152 -5.92 12.35 -10.82
N ARG A 153 -6.63 11.28 -10.48
CA ARG A 153 -6.99 11.01 -9.10
C ARG A 153 -6.69 9.56 -8.73
N VAL A 154 -5.92 9.37 -7.66
CA VAL A 154 -5.56 8.03 -7.21
C VAL A 154 -5.61 7.94 -5.69
N TRP A 155 -5.64 6.72 -5.17
CA TRP A 155 -5.67 6.48 -3.73
C TRP A 155 -4.53 5.59 -3.29
N ALA A 156 -4.08 5.77 -2.06
CA ALA A 156 -2.99 4.98 -1.51
C ALA A 156 -3.48 3.60 -1.06
N VAL A 157 -3.00 2.56 -1.73
CA VAL A 157 -3.38 1.19 -1.40
C VAL A 157 -2.34 0.52 -0.52
N VAL A 158 -2.80 -0.26 0.44
CA VAL A 158 -1.90 -0.96 1.36
C VAL A 158 -2.49 -2.30 1.78
N ASP A 159 -1.61 -3.26 2.06
CA ASP A 159 -2.04 -4.59 2.48
C ASP A 159 -1.12 -5.15 3.56
N LEU A 160 -1.70 -5.91 4.49
CA LEU A 160 -0.93 -6.49 5.57
C LEU A 160 -1.07 -8.01 5.59
N TYR A 161 -0.18 -8.68 4.87
CA TYR A 161 -0.19 -10.14 4.78
C TYR A 161 1.21 -10.71 4.93
N GLY A 162 1.30 -11.88 5.56
CA GLY A 162 2.59 -12.52 5.76
C GLY A 162 3.46 -11.78 6.75
N LYS A 163 4.68 -11.44 6.33
CA LYS A 163 5.61 -10.71 7.18
C LYS A 163 4.96 -9.47 7.77
N CYS A 164 4.55 -8.55 6.89
CA CYS A 164 3.90 -7.32 7.33
C CYS A 164 2.42 -7.54 7.61
N THR A 165 2.06 -7.51 8.89
CA THR A 165 0.67 -7.72 9.30
C THR A 165 0.11 -6.47 9.97
N GLN A 166 0.95 -5.45 10.12
CA GLN A 166 0.53 -4.21 10.75
C GLN A 166 1.24 -3.02 10.12
N ILE A 167 0.47 -1.98 9.78
CA ILE A 167 1.02 -0.79 9.16
C ILE A 167 0.41 0.47 9.77
N THR A 168 1.13 1.58 9.67
CA THR A 168 0.66 2.85 10.21
C THR A 168 1.19 4.03 9.39
N VAL A 169 0.27 4.76 8.77
CA VAL A 169 0.64 5.92 7.95
C VAL A 169 1.37 6.96 8.78
N LEU A 170 2.34 7.63 8.17
CA LEU A 170 3.11 8.66 8.85
C LEU A 170 2.44 10.02 8.70
N GLY A 1 6.48 24.44 3.77
CA GLY A 1 6.86 23.24 4.50
C GLY A 1 6.49 23.31 5.96
N SER A 2 6.02 22.18 6.51
CA SER A 2 5.63 22.12 7.90
C SER A 2 5.18 20.70 8.28
N SER A 3 4.98 20.48 9.57
CA SER A 3 4.56 19.18 10.06
C SER A 3 3.15 18.85 9.60
N GLY A 4 2.86 17.56 9.44
CA GLY A 4 1.55 17.13 8.99
C GLY A 4 1.51 15.67 8.59
N SER A 5 0.31 15.12 8.51
CA SER A 5 0.14 13.72 8.14
C SER A 5 -0.09 13.58 6.64
N SER A 6 0.54 12.57 6.05
CA SER A 6 0.41 12.31 4.61
C SER A 6 -1.04 12.04 4.24
N GLY A 7 -1.64 11.06 4.90
CA GLY A 7 -3.02 10.71 4.63
C GLY A 7 -3.66 9.95 5.78
N GLU A 8 -4.63 9.09 5.45
CA GLU A 8 -5.33 8.31 6.46
C GLU A 8 -5.69 6.93 5.93
N LEU A 9 -6.51 6.20 6.68
CA LEU A 9 -6.92 4.86 6.29
C LEU A 9 -8.44 4.73 6.35
N HIS A 10 -9.04 4.32 5.23
CA HIS A 10 -10.49 4.15 5.16
C HIS A 10 -10.98 3.20 6.24
N PRO A 11 -12.11 3.55 6.85
CA PRO A 11 -12.72 2.74 7.92
C PRO A 11 -13.29 1.43 7.39
N ARG A 12 -13.56 1.37 6.10
CA ARG A 12 -14.11 0.17 5.48
C ARG A 12 -12.99 -0.77 5.06
N THR A 13 -13.05 -2.00 5.57
CA THR A 13 -12.05 -3.01 5.26
C THR A 13 -12.65 -4.42 5.31
N GLY A 14 -11.87 -5.40 4.87
CA GLY A 14 -12.32 -6.77 4.86
C GLY A 14 -12.62 -7.28 6.27
N ARG A 15 -12.69 -8.60 6.41
CA ARG A 15 -12.97 -9.21 7.71
C ARG A 15 -11.69 -9.33 8.53
N LEU A 16 -10.72 -10.05 8.01
CA LEU A 16 -9.44 -10.23 8.70
C LEU A 16 -8.76 -8.88 8.96
N VAL A 17 -9.14 -7.88 8.18
CA VAL A 17 -8.56 -6.54 8.31
C VAL A 17 -9.19 -5.80 9.48
N SER A 18 -8.36 -5.12 10.26
CA SER A 18 -8.84 -4.37 11.41
C SER A 18 -8.25 -2.96 11.42
N LEU A 19 -9.10 -1.97 11.67
CA LEU A 19 -8.68 -0.58 11.71
C LEU A 19 -8.61 -0.06 13.14
N SER A 20 -7.79 0.96 13.37
CA SER A 20 -7.64 1.54 14.70
C SER A 20 -8.84 2.42 15.04
N ALA A 21 -8.85 2.93 16.27
CA ALA A 21 -9.95 3.79 16.72
C ALA A 21 -9.86 5.18 16.09
N CYS A 22 -8.64 5.64 15.87
CA CYS A 22 -8.42 6.95 15.28
C CYS A 22 -8.64 6.91 13.77
N GLY A 23 -8.25 5.80 13.15
CA GLY A 23 -8.43 5.65 11.72
C GLY A 23 -7.16 5.98 10.95
N ARG A 24 -6.01 5.73 11.57
CA ARG A 24 -4.72 6.00 10.94
C ARG A 24 -3.75 4.85 11.17
N THR A 25 -4.29 3.66 11.39
CA THR A 25 -3.48 2.47 11.62
C THR A 25 -4.20 1.22 11.17
N ALA A 26 -3.52 0.40 10.37
CA ALA A 26 -4.09 -0.85 9.88
C ALA A 26 -3.38 -2.05 10.46
N ARG A 27 -4.10 -3.16 10.61
CA ARG A 27 -3.54 -4.38 11.16
C ARG A 27 -4.31 -5.61 10.68
N ARG A 28 -3.64 -6.75 10.66
CA ARG A 28 -4.27 -7.99 10.22
C ARG A 28 -4.60 -8.89 11.42
N GLN A 29 -5.77 -9.51 11.38
CA GLN A 29 -6.20 -10.39 12.46
C GLN A 29 -5.98 -11.85 12.09
N GLN A 30 -5.88 -12.71 13.10
CA GLN A 30 -5.67 -14.13 12.88
C GLN A 30 -4.32 -14.38 12.21
N PRO A 31 -3.23 -14.00 12.90
CA PRO A 31 -1.87 -14.18 12.39
C PRO A 31 -1.45 -15.65 12.34
N GLY A 32 -2.28 -16.51 12.91
CA GLY A 32 -1.98 -17.93 12.92
C GLY A 32 -2.99 -18.75 12.13
N GLN A 33 -3.11 -18.45 10.84
CA GLN A 33 -4.05 -19.16 9.98
C GLN A 33 -3.78 -18.85 8.51
N GLU A 34 -4.08 -17.61 8.11
CA GLU A 34 -3.87 -17.19 6.74
C GLU A 34 -3.08 -15.88 6.69
N PHE A 35 -2.88 -15.36 5.47
CA PHE A 35 -2.14 -14.12 5.29
C PHE A 35 -2.98 -13.10 4.51
N ASN A 36 -3.16 -13.35 3.21
CA ASN A 36 -3.94 -12.46 2.36
C ASN A 36 -5.42 -12.72 2.52
N HIS A 37 -6.23 -11.68 2.33
CA HIS A 37 -7.68 -11.80 2.45
C HIS A 37 -8.36 -10.47 2.12
N GLY A 38 -8.16 -9.48 2.97
CA GLY A 38 -8.77 -8.17 2.75
C GLY A 38 -7.78 -7.16 2.19
N LEU A 39 -7.99 -5.89 2.52
CA LEU A 39 -7.12 -4.83 2.05
C LEU A 39 -7.38 -3.54 2.81
N VAL A 40 -6.49 -2.56 2.66
CA VAL A 40 -6.62 -1.28 3.32
C VAL A 40 -6.19 -0.14 2.41
N LEU A 41 -7.14 0.73 2.06
CA LEU A 41 -6.85 1.87 1.20
C LEU A 41 -6.87 3.18 1.99
N SER A 42 -6.42 4.25 1.34
CA SER A 42 -6.38 5.56 1.99
C SER A 42 -7.78 6.18 2.04
N ARG A 43 -7.98 7.09 3.00
CA ARG A 43 -9.26 7.76 3.15
C ARG A 43 -9.50 8.74 2.00
N GLU A 44 -8.47 9.50 1.65
CA GLU A 44 -8.57 10.48 0.57
C GLU A 44 -7.56 10.16 -0.53
N PRO A 45 -7.87 10.63 -1.76
CA PRO A 45 -7.00 10.41 -2.92
C PRO A 45 -5.71 11.22 -2.84
N LEU A 46 -4.58 10.52 -2.92
CA LEU A 46 -3.27 11.17 -2.86
C LEU A 46 -3.18 12.30 -3.88
N ARG A 47 -2.91 13.50 -3.40
CA ARG A 47 -2.78 14.67 -4.27
C ARG A 47 -1.40 14.71 -4.93
N ASP A 48 -1.28 15.51 -5.98
CA ASP A 48 -0.02 15.64 -6.70
C ASP A 48 1.12 15.99 -5.75
N GLY A 49 2.14 15.13 -5.71
CA GLY A 49 3.27 15.37 -4.83
C GLY A 49 3.13 14.66 -3.50
N ARG A 50 1.92 14.65 -2.96
CA ARG A 50 1.66 14.00 -1.68
C ARG A 50 2.16 12.56 -1.69
N VAL A 51 3.00 12.22 -0.72
CA VAL A 51 3.55 10.87 -0.62
C VAL A 51 2.98 10.13 0.58
N PHE A 52 2.23 9.06 0.31
CA PHE A 52 1.62 8.27 1.38
C PHE A 52 2.64 7.30 1.98
N THR A 53 3.22 7.69 3.11
CA THR A 53 4.20 6.87 3.79
C THR A 53 3.56 6.01 4.87
N VAL A 54 4.17 4.86 5.16
CA VAL A 54 3.65 3.96 6.19
C VAL A 54 4.77 3.15 6.83
N ARG A 55 4.71 3.01 8.15
CA ARG A 55 5.72 2.26 8.88
C ARG A 55 5.16 0.95 9.41
N ILE A 56 6.01 -0.07 9.50
CA ILE A 56 5.58 -1.37 9.99
C ILE A 56 5.61 -1.42 11.52
N ASP A 57 4.44 -1.18 12.12
CA ASP A 57 4.33 -1.20 13.57
C ASP A 57 4.85 -2.51 14.15
N ARG A 58 4.58 -3.61 13.44
CA ARG A 58 5.02 -4.92 13.89
C ARG A 58 5.01 -5.92 12.72
N LYS A 59 5.95 -6.86 12.75
CA LYS A 59 6.05 -7.87 11.70
C LYS A 59 6.10 -9.27 12.29
N VAL A 60 5.39 -10.21 11.67
CA VAL A 60 5.35 -11.58 12.14
C VAL A 60 6.55 -12.37 11.62
N ASN A 61 6.91 -13.43 12.33
CA ASN A 61 8.04 -14.27 11.95
C ASN A 61 7.63 -15.74 11.88
N SER A 62 6.92 -16.10 10.83
CA SER A 62 6.46 -17.47 10.64
C SER A 62 6.18 -17.76 9.17
N TRP A 63 5.57 -16.81 8.49
CA TRP A 63 5.25 -16.95 7.08
C TRP A 63 6.40 -16.49 6.20
N SER A 64 6.36 -16.85 4.92
CA SER A 64 7.41 -16.49 3.98
C SER A 64 6.87 -15.58 2.89
N GLY A 65 5.78 -14.87 3.20
CA GLY A 65 5.17 -13.98 2.24
C GLY A 65 5.88 -12.64 2.16
N SER A 66 5.18 -11.62 1.67
CA SER A 66 5.76 -10.29 1.54
C SER A 66 4.69 -9.22 1.73
N ILE A 67 5.10 -7.96 1.64
CA ILE A 67 4.18 -6.84 1.80
C ILE A 67 3.88 -6.18 0.46
N GLU A 68 2.60 -5.90 0.23
CA GLU A 68 2.18 -5.27 -1.02
C GLU A 68 1.65 -3.86 -0.76
N ILE A 69 2.14 -2.90 -1.55
CA ILE A 69 1.73 -1.51 -1.41
C ILE A 69 1.80 -0.78 -2.74
N GLY A 70 0.85 0.13 -2.97
CA GLY A 70 0.82 0.88 -4.20
C GLY A 70 -0.32 1.88 -4.25
N VAL A 71 -0.92 2.04 -5.42
CA VAL A 71 -2.03 2.98 -5.59
C VAL A 71 -3.10 2.40 -6.51
N THR A 72 -4.30 2.97 -6.44
CA THR A 72 -5.41 2.50 -7.27
C THR A 72 -6.26 3.66 -7.76
N ALA A 73 -6.99 3.45 -8.84
CA ALA A 73 -7.85 4.48 -9.41
C ALA A 73 -9.32 4.22 -9.08
N LEU A 74 -9.55 3.41 -8.05
CA LEU A 74 -10.91 3.08 -7.63
C LEU A 74 -11.17 3.55 -6.20
N ASP A 75 -12.24 4.30 -6.00
CA ASP A 75 -12.60 4.80 -4.69
C ASP A 75 -12.83 3.66 -3.71
N PRO A 76 -12.31 3.80 -2.48
CA PRO A 76 -12.45 2.78 -1.44
C PRO A 76 -13.89 2.66 -0.92
N SER A 77 -14.69 3.67 -1.23
CA SER A 77 -16.09 3.69 -0.80
C SER A 77 -16.91 2.68 -1.58
N VAL A 78 -16.45 2.36 -2.79
CA VAL A 78 -17.14 1.41 -3.65
C VAL A 78 -16.15 0.48 -4.35
N LEU A 79 -15.06 0.16 -3.67
CA LEU A 79 -14.04 -0.72 -4.22
C LEU A 79 -14.26 -2.16 -3.77
N ASP A 80 -13.86 -3.11 -4.62
CA ASP A 80 -14.02 -4.52 -4.32
C ASP A 80 -12.70 -5.12 -3.85
N PHE A 81 -12.46 -5.08 -2.54
CA PHE A 81 -11.23 -5.62 -1.97
C PHE A 81 -10.99 -7.05 -2.46
N PRO A 82 -10.05 -7.18 -3.41
CA PRO A 82 -9.69 -8.49 -3.98
C PRO A 82 -8.96 -9.38 -2.99
N SER A 83 -8.42 -10.49 -3.48
CA SER A 83 -7.70 -11.43 -2.64
C SER A 83 -6.44 -10.78 -2.06
N SER A 84 -5.92 -9.79 -2.77
CA SER A 84 -4.71 -9.09 -2.33
C SER A 84 -4.50 -7.81 -3.13
N ALA A 85 -3.63 -6.94 -2.63
CA ALA A 85 -3.35 -5.68 -3.31
C ALA A 85 -2.96 -5.90 -4.77
N THR A 86 -2.07 -6.87 -5.00
CA THR A 86 -1.63 -7.17 -6.35
C THR A 86 -2.77 -7.74 -7.19
N GLY A 87 -3.85 -8.14 -6.52
CA GLY A 87 -5.00 -8.70 -7.23
C GLY A 87 -6.04 -7.64 -7.54
N LEU A 88 -5.60 -6.40 -7.64
CA LEU A 88 -6.51 -5.29 -7.94
C LEU A 88 -6.55 -5.02 -9.43
N LYS A 89 -7.67 -4.45 -9.90
CA LYS A 89 -7.84 -4.13 -11.31
C LYS A 89 -8.43 -2.74 -11.49
N GLY A 90 -8.81 -2.41 -12.72
CA GLY A 90 -9.38 -1.11 -13.00
C GLY A 90 -8.38 0.02 -12.80
N GLY A 91 -7.17 -0.18 -13.30
CA GLY A 91 -6.14 0.84 -13.16
C GLY A 91 -5.58 0.91 -11.76
N SER A 92 -4.96 -0.18 -11.32
CA SER A 92 -4.39 -0.25 -9.98
C SER A 92 -2.94 -0.75 -10.03
N TRP A 93 -2.03 0.03 -9.45
CA TRP A 93 -0.62 -0.35 -9.44
C TRP A 93 -0.20 -0.84 -8.06
N VAL A 94 0.48 -1.98 -8.03
CA VAL A 94 0.94 -2.57 -6.79
C VAL A 94 2.38 -3.08 -6.91
N VAL A 95 3.11 -3.03 -5.80
CA VAL A 95 4.50 -3.50 -5.79
C VAL A 95 4.63 -4.78 -4.98
N SER A 96 4.90 -5.88 -5.67
CA SER A 96 5.05 -7.17 -5.01
C SER A 96 6.51 -7.41 -4.64
N GLY A 97 7.13 -6.42 -4.03
CA GLY A 97 8.52 -6.55 -3.61
C GLY A 97 9.47 -6.49 -4.79
N CYS A 98 10.00 -5.30 -5.07
CA CYS A 98 10.93 -5.12 -6.18
C CYS A 98 10.28 -5.50 -7.50
N SER A 99 8.95 -5.50 -7.52
CA SER A 99 8.20 -5.85 -8.73
C SER A 99 6.94 -5.01 -8.85
N VAL A 100 6.93 -4.11 -9.83
CA VAL A 100 5.78 -3.24 -10.05
C VAL A 100 4.80 -3.87 -11.03
N LEU A 101 3.53 -3.89 -10.65
CA LEU A 101 2.49 -4.47 -11.50
C LEU A 101 1.31 -3.51 -11.66
N ARG A 102 0.47 -3.76 -12.65
CA ARG A 102 -0.69 -2.91 -12.91
C ARG A 102 -1.88 -3.76 -13.34
N ASP A 103 -2.95 -3.73 -12.54
CA ASP A 103 -4.15 -4.48 -12.85
C ASP A 103 -3.87 -5.98 -12.84
N GLY A 104 -2.82 -6.38 -12.12
CA GLY A 104 -2.47 -7.78 -12.05
C GLY A 104 -1.53 -8.20 -13.17
N ARG A 105 -0.69 -7.28 -13.63
CA ARG A 105 0.25 -7.56 -14.70
C ARG A 105 1.60 -6.93 -14.41
N SER A 106 2.66 -7.73 -14.53
CA SER A 106 4.02 -7.26 -14.28
C SER A 106 4.50 -6.36 -15.41
N VAL A 107 5.01 -5.20 -15.06
CA VAL A 107 5.52 -4.25 -16.04
C VAL A 107 6.97 -3.89 -15.77
N LEU A 108 7.32 -3.78 -14.50
CA LEU A 108 8.68 -3.45 -14.09
C LEU A 108 9.16 -4.35 -12.97
N GLU A 109 10.44 -4.72 -13.02
CA GLU A 109 11.02 -5.59 -12.00
C GLU A 109 12.39 -5.07 -11.56
N GLU A 110 12.93 -5.67 -10.50
CA GLU A 110 14.24 -5.26 -9.98
C GLU A 110 14.23 -3.79 -9.61
N TYR A 111 13.07 -3.27 -9.23
CA TYR A 111 12.94 -1.87 -8.85
C TYR A 111 13.98 -1.49 -7.80
N GLY A 112 14.28 -0.20 -7.72
CA GLY A 112 15.25 0.29 -6.76
C GLY A 112 14.93 -0.17 -5.34
N GLN A 113 13.77 0.25 -4.85
CA GLN A 113 13.34 -0.11 -3.49
C GLN A 113 12.75 -1.52 -3.47
N ASP A 114 13.14 -2.31 -2.47
CA ASP A 114 12.65 -3.67 -2.33
C ASP A 114 11.79 -3.81 -1.07
N LEU A 115 10.49 -3.94 -1.25
CA LEU A 115 9.57 -4.07 -0.13
C LEU A 115 9.77 -5.42 0.57
N ASP A 116 10.13 -6.43 -0.21
CA ASP A 116 10.35 -7.76 0.34
C ASP A 116 11.49 -7.75 1.36
N GLN A 117 12.30 -6.71 1.31
CA GLN A 117 13.43 -6.57 2.23
C GLN A 117 12.97 -6.05 3.59
N LEU A 118 11.86 -5.33 3.58
CA LEU A 118 11.31 -4.77 4.81
C LEU A 118 11.17 -5.85 5.89
N GLY A 119 11.05 -5.41 7.14
CA GLY A 119 10.92 -6.35 8.23
C GLY A 119 11.22 -5.72 9.58
N GLU A 120 10.27 -4.93 10.08
CA GLU A 120 10.44 -4.27 11.37
C GLU A 120 11.70 -3.39 11.37
N GLY A 121 11.52 -2.11 11.05
CA GLY A 121 12.65 -1.20 11.02
C GLY A 121 12.84 -0.56 9.65
N ASP A 122 11.80 -0.61 8.83
CA ASP A 122 11.86 -0.04 7.49
C ASP A 122 10.47 0.35 7.00
N ARG A 123 10.27 1.64 6.75
CA ARG A 123 8.99 2.14 6.29
C ARG A 123 9.02 2.37 4.77
N VAL A 124 7.84 2.42 4.17
CA VAL A 124 7.73 2.64 2.73
C VAL A 124 6.49 3.46 2.39
N GLY A 125 6.56 4.21 1.30
CA GLY A 125 5.44 5.03 0.88
C GLY A 125 5.32 5.13 -0.63
N VAL A 126 4.17 5.59 -1.09
CA VAL A 126 3.93 5.74 -2.52
C VAL A 126 3.61 7.18 -2.89
N GLU A 127 3.67 7.50 -4.17
CA GLU A 127 3.37 8.85 -4.65
C GLU A 127 2.99 8.83 -6.12
N ARG A 128 2.14 9.78 -6.52
CA ARG A 128 1.70 9.87 -7.90
C ARG A 128 2.04 11.24 -8.49
N THR A 129 3.00 11.26 -9.41
CA THR A 129 3.42 12.50 -10.06
C THR A 129 2.29 13.10 -10.88
N VAL A 130 2.33 14.42 -11.04
CA VAL A 130 1.31 15.12 -11.82
C VAL A 130 1.18 14.53 -13.22
N ALA A 131 2.29 14.05 -13.75
CA ALA A 131 2.30 13.45 -15.09
C ALA A 131 1.57 12.12 -15.10
N GLY A 132 1.53 11.46 -13.94
CA GLY A 132 0.86 10.17 -13.84
C GLY A 132 1.82 9.02 -13.66
N GLU A 133 2.89 9.26 -12.90
CA GLU A 133 3.90 8.23 -12.66
C GLU A 133 3.94 7.85 -11.18
N LEU A 134 3.80 6.55 -10.91
CA LEU A 134 3.82 6.05 -9.54
C LEU A 134 5.25 5.89 -9.04
N ARG A 135 5.53 6.46 -7.88
CA ARG A 135 6.86 6.38 -7.29
C ARG A 135 6.79 5.92 -5.84
N LEU A 136 7.90 5.44 -5.31
CA LEU A 136 7.97 4.97 -3.93
C LEU A 136 8.95 5.81 -3.12
N TRP A 137 8.78 5.79 -1.80
CA TRP A 137 9.65 6.53 -0.91
C TRP A 137 9.95 5.74 0.36
N VAL A 138 11.24 5.53 0.62
CA VAL A 138 11.66 4.77 1.80
C VAL A 138 12.33 5.69 2.83
N ASN A 139 11.78 5.73 4.04
CA ASN A 139 12.32 6.56 5.10
C ASN A 139 12.38 8.03 4.67
N GLY A 140 11.53 8.39 3.71
CA GLY A 140 11.50 9.76 3.22
C GLY A 140 12.58 10.02 2.19
N ARG A 141 12.79 9.05 1.31
CA ARG A 141 13.80 9.19 0.26
C ARG A 141 13.28 8.63 -1.07
N ASP A 142 13.50 9.39 -2.15
CA ASP A 142 13.06 8.96 -3.47
C ASP A 142 13.78 7.70 -3.91
N CYS A 143 13.04 6.79 -4.54
CA CYS A 143 13.61 5.53 -5.00
C CYS A 143 13.61 5.48 -6.53
N GLY A 144 12.72 6.23 -7.16
CA GLY A 144 12.63 6.25 -8.60
C GLY A 144 11.21 6.17 -9.10
N VAL A 145 11.03 5.65 -10.31
CA VAL A 145 9.71 5.52 -10.91
C VAL A 145 9.32 4.06 -11.09
N ALA A 146 8.15 3.70 -10.59
CA ALA A 146 7.67 2.32 -10.71
C ALA A 146 6.93 2.11 -12.03
N ALA A 147 5.86 2.86 -12.23
CA ALA A 147 5.07 2.75 -13.46
C ALA A 147 4.54 4.11 -13.89
N THR A 148 4.11 4.20 -15.14
CA THR A 148 3.58 5.44 -15.69
C THR A 148 2.19 5.25 -16.27
N GLY A 149 1.52 6.36 -16.58
CA GLY A 149 0.18 6.28 -17.15
C GLY A 149 -0.89 6.15 -16.10
N LEU A 150 -0.80 6.98 -15.07
CA LEU A 150 -1.78 6.96 -13.98
C LEU A 150 -2.72 8.17 -14.07
N PRO A 151 -3.94 8.00 -13.56
CA PRO A 151 -4.96 9.06 -13.57
C PRO A 151 -4.61 10.20 -12.62
N PRO A 152 -5.31 11.33 -12.78
CA PRO A 152 -5.10 12.51 -11.95
C PRO A 152 -5.56 12.31 -10.51
N ARG A 153 -6.43 11.31 -10.31
CA ARG A 153 -6.96 11.02 -8.99
C ARG A 153 -6.70 9.55 -8.61
N VAL A 154 -5.83 9.34 -7.64
CA VAL A 154 -5.49 8.00 -7.19
C VAL A 154 -5.54 7.90 -5.68
N TRP A 155 -5.63 6.68 -5.17
CA TRP A 155 -5.68 6.44 -3.73
C TRP A 155 -4.53 5.54 -3.28
N ALA A 156 -4.11 5.71 -2.03
CA ALA A 156 -3.02 4.91 -1.48
C ALA A 156 -3.50 3.52 -1.07
N VAL A 157 -3.00 2.50 -1.75
CA VAL A 157 -3.38 1.12 -1.46
C VAL A 157 -2.31 0.42 -0.62
N VAL A 158 -2.76 -0.40 0.33
CA VAL A 158 -1.83 -1.13 1.19
C VAL A 158 -2.41 -2.49 1.58
N ASP A 159 -1.53 -3.46 1.79
CA ASP A 159 -1.95 -4.80 2.18
C ASP A 159 -1.03 -5.37 3.25
N LEU A 160 -1.61 -6.13 4.17
CA LEU A 160 -0.84 -6.74 5.26
C LEU A 160 -1.02 -8.26 5.27
N TYR A 161 -0.15 -8.95 4.54
CA TYR A 161 -0.21 -10.40 4.47
C TYR A 161 1.18 -11.01 4.61
N GLY A 162 1.27 -12.10 5.36
CA GLY A 162 2.54 -12.77 5.56
C GLY A 162 3.44 -12.02 6.54
N LYS A 163 4.59 -11.58 6.06
CA LYS A 163 5.54 -10.86 6.90
C LYS A 163 4.86 -9.66 7.57
N CYS A 164 4.36 -8.74 6.77
CA CYS A 164 3.69 -7.55 7.29
C CYS A 164 2.37 -7.92 7.95
N THR A 165 2.08 -7.28 9.07
CA THR A 165 0.85 -7.53 9.80
C THR A 165 0.18 -6.24 10.26
N GLN A 166 1.00 -5.30 10.72
CA GLN A 166 0.50 -4.00 11.17
C GLN A 166 1.23 -2.85 10.48
N ILE A 167 0.50 -1.77 10.25
CA ILE A 167 1.08 -0.60 9.59
C ILE A 167 0.45 0.69 10.10
N THR A 168 1.16 1.80 9.94
CA THR A 168 0.66 3.09 10.39
C THR A 168 1.14 4.21 9.47
N VAL A 169 0.24 5.13 9.15
CA VAL A 169 0.57 6.26 8.29
C VAL A 169 1.42 7.29 9.02
N LEU A 170 2.40 7.86 8.31
CA LEU A 170 3.27 8.86 8.89
C LEU A 170 2.70 10.26 8.72
N GLY A 1 -10.88 23.87 4.55
CA GLY A 1 -12.23 23.37 4.60
C GLY A 1 -12.29 21.84 4.60
N SER A 2 -12.22 21.26 3.41
CA SER A 2 -12.26 19.81 3.28
C SER A 2 -11.42 19.34 2.10
N SER A 3 -10.12 19.13 2.36
CA SER A 3 -9.20 18.70 1.31
C SER A 3 -8.64 17.31 1.63
N GLY A 4 -7.96 16.71 0.66
CA GLY A 4 -7.38 15.40 0.85
C GLY A 4 -5.90 15.45 1.13
N SER A 5 -5.36 14.35 1.67
CA SER A 5 -3.94 14.28 1.99
C SER A 5 -3.53 12.86 2.34
N SER A 6 -2.23 12.61 2.33
CA SER A 6 -1.71 11.28 2.64
C SER A 6 -1.28 11.19 4.10
N GLY A 7 -2.25 11.00 4.99
CA GLY A 7 -1.94 10.91 6.40
C GLY A 7 -3.02 10.16 7.18
N GLU A 8 -3.82 9.37 6.47
CA GLU A 8 -4.89 8.61 7.08
C GLU A 8 -5.19 7.33 6.30
N LEU A 9 -6.13 6.54 6.78
CA LEU A 9 -6.51 5.29 6.13
C LEU A 9 -8.00 5.05 6.24
N HIS A 10 -8.63 4.71 5.13
CA HIS A 10 -10.06 4.45 5.10
C HIS A 10 -10.45 3.43 6.18
N PRO A 11 -11.60 3.68 6.84
CA PRO A 11 -12.11 2.80 7.90
C PRO A 11 -12.58 1.45 7.37
N ARG A 12 -13.15 1.46 6.17
CA ARG A 12 -13.65 0.24 5.54
C ARG A 12 -12.50 -0.70 5.21
N THR A 13 -12.59 -1.93 5.71
CA THR A 13 -11.56 -2.93 5.46
C THR A 13 -12.17 -4.29 5.12
N GLY A 14 -11.31 -5.30 4.97
CA GLY A 14 -11.80 -6.62 4.64
C GLY A 14 -12.43 -7.33 5.84
N ARG A 15 -12.33 -8.65 5.86
CA ARG A 15 -12.89 -9.44 6.94
C ARG A 15 -11.85 -9.69 8.03
N LEU A 16 -10.62 -9.94 7.62
CA LEU A 16 -9.54 -10.20 8.57
C LEU A 16 -8.81 -8.90 8.92
N VAL A 17 -8.84 -7.94 8.01
CA VAL A 17 -8.19 -6.66 8.23
C VAL A 17 -8.98 -5.79 9.20
N SER A 18 -8.28 -5.11 10.09
CA SER A 18 -8.91 -4.25 11.08
C SER A 18 -8.14 -2.94 11.23
N LEU A 19 -8.87 -1.88 11.56
CA LEU A 19 -8.26 -0.57 11.74
C LEU A 19 -8.55 -0.02 13.14
N SER A 20 -7.73 0.94 13.57
CA SER A 20 -7.91 1.54 14.89
C SER A 20 -9.01 2.59 14.87
N ALA A 21 -9.45 3.01 16.05
CA ALA A 21 -10.51 4.00 16.17
C ALA A 21 -10.15 5.27 15.41
N CYS A 22 -8.96 5.80 15.67
CA CYS A 22 -8.50 7.02 15.01
C CYS A 22 -8.57 6.87 13.50
N GLY A 23 -8.42 5.64 13.02
CA GLY A 23 -8.47 5.39 11.59
C GLY A 23 -7.18 5.76 10.88
N ARG A 24 -6.05 5.46 11.52
CA ARG A 24 -4.74 5.78 10.95
C ARG A 24 -3.76 4.63 11.19
N THR A 25 -4.29 3.43 11.41
CA THR A 25 -3.47 2.26 11.65
C THR A 25 -4.18 0.99 11.20
N ALA A 26 -3.52 0.22 10.33
CA ALA A 26 -4.09 -1.02 9.83
C ALA A 26 -3.37 -2.23 10.43
N ARG A 27 -4.12 -3.31 10.66
CA ARG A 27 -3.57 -4.52 11.22
C ARG A 27 -4.43 -5.73 10.89
N ARG A 28 -3.81 -6.90 10.77
CA ARG A 28 -4.51 -8.13 10.45
C ARG A 28 -5.10 -8.76 11.71
N GLN A 29 -6.10 -9.61 11.52
CA GLN A 29 -6.75 -10.28 12.64
C GLN A 29 -6.48 -11.78 12.60
N GLN A 30 -6.08 -12.28 11.43
CA GLN A 30 -5.80 -13.69 11.27
C GLN A 30 -4.31 -13.92 10.98
N PRO A 31 -3.46 -13.68 12.00
CA PRO A 31 -2.02 -13.85 11.88
C PRO A 31 -1.61 -15.31 11.77
N GLY A 32 -2.31 -16.17 12.50
CA GLY A 32 -2.02 -17.59 12.48
C GLY A 32 -3.09 -18.40 11.78
N GLN A 33 -3.28 -18.15 10.49
CA GLN A 33 -4.29 -18.85 9.71
C GLN A 33 -4.12 -18.57 8.22
N GLU A 34 -4.41 -17.34 7.82
CA GLU A 34 -4.29 -16.94 6.42
C GLU A 34 -3.51 -15.64 6.29
N PHE A 35 -3.21 -15.25 5.05
CA PHE A 35 -2.47 -14.03 4.79
C PHE A 35 -3.28 -13.06 3.94
N ASN A 36 -3.47 -13.41 2.67
CA ASN A 36 -4.24 -12.57 1.76
C ASN A 36 -5.74 -12.74 1.98
N HIS A 37 -6.46 -11.63 2.04
CA HIS A 37 -7.90 -11.66 2.24
C HIS A 37 -8.50 -10.26 2.08
N GLY A 38 -8.24 -9.40 3.05
CA GLY A 38 -8.77 -8.05 3.00
C GLY A 38 -7.75 -7.05 2.48
N LEU A 39 -8.04 -5.77 2.64
CA LEU A 39 -7.15 -4.72 2.17
C LEU A 39 -7.39 -3.42 2.95
N VAL A 40 -6.49 -2.46 2.76
CA VAL A 40 -6.60 -1.17 3.44
C VAL A 40 -6.16 -0.03 2.53
N LEU A 41 -7.09 0.85 2.20
CA LEU A 41 -6.79 2.00 1.33
C LEU A 41 -6.76 3.29 2.13
N SER A 42 -6.32 4.37 1.50
CA SER A 42 -6.23 5.67 2.14
C SER A 42 -7.61 6.30 2.27
N ARG A 43 -7.75 7.21 3.23
CA ARG A 43 -9.02 7.89 3.46
C ARG A 43 -9.35 8.82 2.31
N GLU A 44 -8.34 9.50 1.80
CA GLU A 44 -8.52 10.44 0.68
C GLU A 44 -7.54 10.14 -0.44
N PRO A 45 -7.84 10.66 -1.64
CA PRO A 45 -7.00 10.46 -2.83
C PRO A 45 -5.68 11.22 -2.72
N LEU A 46 -4.59 10.54 -3.07
CA LEU A 46 -3.26 11.15 -3.02
C LEU A 46 -3.15 12.29 -4.01
N ARG A 47 -2.82 13.48 -3.52
CA ARG A 47 -2.68 14.65 -4.37
C ARG A 47 -1.29 14.72 -4.97
N ASP A 48 -1.12 15.58 -5.97
CA ASP A 48 0.17 15.74 -6.64
C ASP A 48 1.24 16.16 -5.64
N GLY A 49 2.30 15.35 -5.56
CA GLY A 49 3.38 15.65 -4.63
C GLY A 49 3.24 14.92 -3.31
N ARG A 50 2.00 14.77 -2.86
CA ARG A 50 1.74 14.08 -1.60
C ARG A 50 2.23 12.64 -1.65
N VAL A 51 3.07 12.27 -0.68
CA VAL A 51 3.61 10.92 -0.62
C VAL A 51 3.05 10.16 0.59
N PHE A 52 2.25 9.14 0.31
CA PHE A 52 1.65 8.33 1.36
C PHE A 52 2.66 7.35 1.95
N THR A 53 3.25 7.73 3.08
CA THR A 53 4.24 6.89 3.74
C THR A 53 3.61 6.04 4.83
N VAL A 54 4.19 4.87 5.08
CA VAL A 54 3.67 3.96 6.10
C VAL A 54 4.80 3.14 6.72
N ARG A 55 4.72 2.95 8.04
CA ARG A 55 5.73 2.18 8.76
C ARG A 55 5.14 0.87 9.29
N ILE A 56 6.00 -0.14 9.41
CA ILE A 56 5.58 -1.44 9.91
C ILE A 56 5.64 -1.50 11.42
N ASP A 57 4.48 -1.37 12.07
CA ASP A 57 4.41 -1.42 13.53
C ASP A 57 4.80 -2.79 14.05
N ARG A 58 4.45 -3.83 13.29
CA ARG A 58 4.77 -5.20 13.68
C ARG A 58 4.95 -6.09 12.45
N LYS A 59 5.79 -7.10 12.58
CA LYS A 59 6.04 -8.03 11.48
C LYS A 59 6.31 -9.44 12.00
N VAL A 60 5.53 -10.40 11.53
CA VAL A 60 5.68 -11.79 11.95
C VAL A 60 6.64 -12.53 11.02
N ASN A 61 7.51 -13.34 11.61
CA ASN A 61 8.49 -14.11 10.84
C ASN A 61 8.05 -15.57 10.73
N SER A 62 6.74 -15.79 10.65
CA SER A 62 6.19 -17.14 10.56
C SER A 62 5.85 -17.48 9.11
N TRP A 63 5.58 -16.45 8.31
CA TRP A 63 5.23 -16.63 6.90
C TRP A 63 6.39 -16.23 6.00
N SER A 64 6.43 -16.80 4.80
CA SER A 64 7.48 -16.49 3.85
C SER A 64 6.96 -15.62 2.71
N GLY A 65 5.89 -14.87 3.00
CA GLY A 65 5.31 -14.00 1.99
C GLY A 65 5.99 -12.64 1.93
N SER A 66 5.25 -11.63 1.47
CA SER A 66 5.79 -10.29 1.37
C SER A 66 4.71 -9.24 1.59
N ILE A 67 5.10 -7.97 1.52
CA ILE A 67 4.15 -6.87 1.71
C ILE A 67 3.81 -6.20 0.39
N GLU A 68 2.52 -5.93 0.18
CA GLU A 68 2.07 -5.29 -1.04
C GLU A 68 1.59 -3.86 -0.77
N ILE A 69 2.05 -2.93 -1.58
CA ILE A 69 1.67 -1.53 -1.43
C ILE A 69 1.75 -0.78 -2.77
N GLY A 70 0.82 0.14 -2.97
CA GLY A 70 0.80 0.90 -4.21
C GLY A 70 -0.35 1.89 -4.25
N VAL A 71 -0.95 2.05 -5.43
CA VAL A 71 -2.06 2.98 -5.61
C VAL A 71 -3.16 2.37 -6.47
N THR A 72 -4.35 2.94 -6.39
CA THR A 72 -5.49 2.44 -7.17
C THR A 72 -6.29 3.59 -7.76
N ALA A 73 -7.17 3.27 -8.71
CA ALA A 73 -8.00 4.27 -9.35
C ALA A 73 -9.44 4.20 -8.85
N LEU A 74 -9.79 3.07 -8.24
CA LEU A 74 -11.14 2.87 -7.73
C LEU A 74 -11.28 3.46 -6.33
N ASP A 75 -12.38 4.15 -6.10
CA ASP A 75 -12.64 4.77 -4.80
C ASP A 75 -12.87 3.71 -3.73
N PRO A 76 -12.28 3.93 -2.55
CA PRO A 76 -12.41 3.00 -1.41
C PRO A 76 -13.81 2.99 -0.82
N SER A 77 -14.60 3.99 -1.18
CA SER A 77 -15.97 4.10 -0.69
C SER A 77 -16.88 3.07 -1.34
N VAL A 78 -16.44 2.56 -2.49
CA VAL A 78 -17.21 1.57 -3.23
C VAL A 78 -16.29 0.56 -3.92
N LEU A 79 -15.12 0.34 -3.34
CA LEU A 79 -14.14 -0.60 -3.89
C LEU A 79 -14.37 -2.00 -3.35
N ASP A 80 -14.06 -3.00 -4.17
CA ASP A 80 -14.21 -4.40 -3.76
C ASP A 80 -12.88 -5.01 -3.37
N PHE A 81 -12.56 -4.97 -2.08
CA PHE A 81 -11.31 -5.52 -1.58
C PHE A 81 -11.10 -6.94 -2.08
N PRO A 82 -10.22 -7.09 -3.08
CA PRO A 82 -9.91 -8.40 -3.66
C PRO A 82 -9.13 -9.30 -2.71
N SER A 83 -8.64 -10.42 -3.23
CA SER A 83 -7.87 -11.36 -2.42
C SER A 83 -6.61 -10.71 -1.88
N SER A 84 -6.07 -9.74 -2.62
CA SER A 84 -4.86 -9.05 -2.21
C SER A 84 -4.68 -7.75 -3.01
N ALA A 85 -3.78 -6.90 -2.55
CA ALA A 85 -3.50 -5.64 -3.22
C ALA A 85 -3.16 -5.85 -4.69
N THR A 86 -2.33 -6.86 -4.95
CA THR A 86 -1.93 -7.18 -6.31
C THR A 86 -3.10 -7.69 -7.13
N GLY A 87 -4.19 -8.01 -6.46
CA GLY A 87 -5.38 -8.51 -7.15
C GLY A 87 -6.33 -7.40 -7.52
N LEU A 88 -5.83 -6.17 -7.61
CA LEU A 88 -6.65 -5.03 -7.96
C LEU A 88 -6.58 -4.74 -9.45
N LYS A 89 -7.75 -4.54 -10.07
CA LYS A 89 -7.82 -4.25 -11.50
C LYS A 89 -8.37 -2.85 -11.74
N GLY A 90 -8.69 -2.56 -13.00
CA GLY A 90 -9.23 -1.26 -13.35
C GLY A 90 -8.26 -0.13 -13.05
N GLY A 91 -7.05 -0.23 -13.60
CA GLY A 91 -6.04 0.79 -13.38
C GLY A 91 -5.56 0.83 -11.94
N SER A 92 -4.92 -0.25 -11.50
CA SER A 92 -4.42 -0.34 -10.14
C SER A 92 -2.96 -0.80 -10.13
N TRP A 93 -2.09 0.01 -9.55
CA TRP A 93 -0.67 -0.31 -9.48
C TRP A 93 -0.31 -0.81 -8.08
N VAL A 94 0.37 -1.96 -8.03
CA VAL A 94 0.78 -2.54 -6.76
C VAL A 94 2.22 -3.06 -6.83
N VAL A 95 2.93 -2.99 -5.71
CA VAL A 95 4.31 -3.45 -5.64
C VAL A 95 4.43 -4.69 -4.76
N SER A 96 4.79 -5.81 -5.37
CA SER A 96 4.94 -7.06 -4.64
C SER A 96 6.39 -7.27 -4.20
N GLY A 97 7.03 -6.19 -3.77
CA GLY A 97 8.42 -6.27 -3.33
C GLY A 97 9.39 -6.29 -4.49
N CYS A 98 9.91 -5.13 -4.85
CA CYS A 98 10.86 -5.02 -5.95
C CYS A 98 10.21 -5.43 -7.27
N SER A 99 8.88 -5.48 -7.28
CA SER A 99 8.14 -5.87 -8.48
C SER A 99 6.84 -5.07 -8.59
N VAL A 100 6.79 -4.17 -9.56
CA VAL A 100 5.61 -3.35 -9.78
C VAL A 100 4.67 -3.98 -10.81
N LEU A 101 3.39 -4.04 -10.48
CA LEU A 101 2.39 -4.62 -11.38
C LEU A 101 1.20 -3.68 -11.55
N ARG A 102 0.51 -3.82 -12.68
CA ARG A 102 -0.65 -2.99 -12.97
C ARG A 102 -1.82 -3.83 -13.47
N ASP A 103 -2.93 -3.81 -12.75
CA ASP A 103 -4.11 -4.58 -13.13
C ASP A 103 -3.82 -6.07 -13.09
N GLY A 104 -2.79 -6.46 -12.34
CA GLY A 104 -2.44 -7.86 -12.23
C GLY A 104 -1.44 -8.28 -13.30
N ARG A 105 -0.57 -7.36 -13.70
CA ARG A 105 0.43 -7.64 -14.72
C ARG A 105 1.75 -6.97 -14.37
N SER A 106 2.83 -7.76 -14.38
CA SER A 106 4.15 -7.25 -14.07
C SER A 106 4.68 -6.37 -15.20
N VAL A 107 5.09 -5.16 -14.85
CA VAL A 107 5.62 -4.22 -15.83
C VAL A 107 7.06 -3.83 -15.51
N LEU A 108 7.38 -3.79 -14.22
CA LEU A 108 8.72 -3.43 -13.78
C LEU A 108 9.25 -4.46 -12.78
N GLU A 109 10.56 -4.71 -12.84
CA GLU A 109 11.19 -5.67 -11.93
C GLU A 109 12.50 -5.11 -11.38
N GLU A 110 13.01 -5.76 -10.33
CA GLU A 110 14.26 -5.32 -9.71
C GLU A 110 14.19 -3.84 -9.32
N TYR A 111 13.00 -3.41 -8.92
CA TYR A 111 12.80 -2.01 -8.53
C TYR A 111 13.82 -1.60 -7.47
N GLY A 112 14.07 -0.30 -7.37
CA GLY A 112 15.02 0.21 -6.40
C GLY A 112 14.70 -0.23 -4.99
N GLN A 113 13.49 0.10 -4.53
CA GLN A 113 13.06 -0.27 -3.18
C GLN A 113 12.58 -1.71 -3.13
N ASP A 114 12.95 -2.43 -2.09
CA ASP A 114 12.56 -3.82 -1.93
C ASP A 114 11.63 -3.98 -0.72
N LEU A 115 10.34 -4.13 -0.99
CA LEU A 115 9.36 -4.29 0.07
C LEU A 115 9.51 -5.65 0.74
N ASP A 116 9.85 -6.66 -0.04
CA ASP A 116 10.04 -8.01 0.49
C ASP A 116 11.17 -8.05 1.51
N GLN A 117 12.01 -7.03 1.48
CA GLN A 117 13.14 -6.95 2.40
C GLN A 117 12.71 -6.36 3.74
N LEU A 118 11.65 -5.56 3.72
CA LEU A 118 11.14 -4.94 4.93
C LEU A 118 10.91 -5.98 6.02
N GLY A 119 10.79 -5.50 7.26
CA GLY A 119 10.57 -6.41 8.38
C GLY A 119 10.85 -5.76 9.71
N GLU A 120 9.95 -4.89 10.16
CA GLU A 120 10.11 -4.20 11.42
C GLU A 120 11.40 -3.39 11.45
N GLY A 121 11.29 -2.09 11.14
CA GLY A 121 12.45 -1.23 11.12
C GLY A 121 12.58 -0.46 9.83
N ASP A 122 11.77 -0.82 8.84
CA ASP A 122 11.80 -0.15 7.54
C ASP A 122 10.39 0.27 7.12
N ARG A 123 10.28 1.48 6.56
CA ARG A 123 9.00 2.00 6.12
C ARG A 123 9.02 2.27 4.62
N VAL A 124 7.83 2.36 4.03
CA VAL A 124 7.71 2.62 2.59
C VAL A 124 6.50 3.48 2.29
N GLY A 125 6.57 4.24 1.19
CA GLY A 125 5.46 5.11 0.81
C GLY A 125 5.34 5.26 -0.68
N VAL A 126 4.14 5.59 -1.15
CA VAL A 126 3.88 5.77 -2.58
C VAL A 126 3.53 7.21 -2.90
N GLU A 127 3.63 7.56 -4.17
CA GLU A 127 3.32 8.92 -4.61
C GLU A 127 2.95 8.95 -6.09
N ARG A 128 1.96 9.76 -6.44
CA ARG A 128 1.51 9.87 -7.82
C ARG A 128 1.88 11.24 -8.41
N THR A 129 2.87 11.25 -9.29
CA THR A 129 3.32 12.49 -9.91
C THR A 129 2.21 13.11 -10.76
N VAL A 130 2.30 14.42 -10.95
CA VAL A 130 1.30 15.13 -11.75
C VAL A 130 1.13 14.50 -13.12
N ALA A 131 2.24 14.07 -13.70
CA ALA A 131 2.21 13.45 -15.02
C ALA A 131 1.49 12.11 -14.98
N GLY A 132 1.44 11.50 -13.79
CA GLY A 132 0.77 10.21 -13.65
C GLY A 132 1.75 9.06 -13.53
N GLU A 133 2.86 9.30 -12.85
CA GLU A 133 3.88 8.27 -12.67
C GLU A 133 3.96 7.82 -11.21
N LEU A 134 4.06 6.52 -11.00
CA LEU A 134 4.14 5.96 -9.65
C LEU A 134 5.53 6.16 -9.07
N ARG A 135 5.59 6.63 -7.83
CA ARG A 135 6.86 6.85 -7.15
C ARG A 135 6.85 6.25 -5.76
N LEU A 136 8.00 5.75 -5.33
CA LEU A 136 8.13 5.14 -4.01
C LEU A 136 9.10 5.92 -3.13
N TRP A 137 8.90 5.87 -1.82
CA TRP A 137 9.76 6.57 -0.89
C TRP A 137 10.02 5.72 0.36
N VAL A 138 11.29 5.52 0.67
CA VAL A 138 11.67 4.72 1.84
C VAL A 138 12.36 5.58 2.89
N ASN A 139 11.81 5.59 4.09
CA ASN A 139 12.37 6.38 5.19
C ASN A 139 12.54 7.85 4.78
N GLY A 140 11.71 8.29 3.84
CA GLY A 140 11.78 9.66 3.38
C GLY A 140 12.85 9.87 2.33
N ARG A 141 13.02 8.87 1.47
CA ARG A 141 14.02 8.95 0.41
C ARG A 141 13.48 8.38 -0.90
N ASP A 142 13.66 9.14 -1.98
CA ASP A 142 13.18 8.72 -3.30
C ASP A 142 13.77 7.35 -3.67
N CYS A 143 12.94 6.51 -4.28
CA CYS A 143 13.38 5.17 -4.69
C CYS A 143 13.37 5.05 -6.20
N GLY A 144 12.56 5.86 -6.86
CA GLY A 144 12.48 5.84 -8.31
C GLY A 144 11.04 5.85 -8.81
N VAL A 145 10.83 5.29 -10.00
CA VAL A 145 9.50 5.25 -10.59
C VAL A 145 9.01 3.81 -10.73
N ALA A 146 7.87 3.52 -10.13
CA ALA A 146 7.29 2.18 -10.18
C ALA A 146 6.64 1.92 -11.54
N ALA A 147 5.82 2.86 -11.99
CA ALA A 147 5.14 2.73 -13.28
C ALA A 147 4.72 4.09 -13.81
N THR A 148 4.05 4.10 -14.97
CA THR A 148 3.60 5.33 -15.58
C THR A 148 2.21 5.16 -16.20
N GLY A 149 1.56 6.28 -16.51
CA GLY A 149 0.24 6.22 -17.10
C GLY A 149 -0.85 6.09 -16.07
N LEU A 150 -0.84 6.97 -15.07
CA LEU A 150 -1.85 6.95 -14.01
C LEU A 150 -2.87 8.06 -14.20
N PRO A 151 -4.08 7.85 -13.67
CA PRO A 151 -5.17 8.83 -13.75
C PRO A 151 -4.91 10.07 -12.91
N PRO A 152 -5.75 11.09 -13.09
CA PRO A 152 -5.64 12.35 -12.35
C PRO A 152 -5.98 12.19 -10.87
N ARG A 153 -6.69 11.12 -10.56
CA ARG A 153 -7.10 10.87 -9.17
C ARG A 153 -6.78 9.42 -8.79
N VAL A 154 -6.06 9.26 -7.68
CA VAL A 154 -5.68 7.93 -7.20
C VAL A 154 -5.72 7.87 -5.68
N TRP A 155 -5.65 6.66 -5.14
CA TRP A 155 -5.68 6.46 -3.69
C TRP A 155 -4.53 5.56 -3.25
N ALA A 156 -4.11 5.73 -2.00
CA ALA A 156 -3.02 4.94 -1.44
C ALA A 156 -3.50 3.56 -1.02
N VAL A 157 -3.00 2.52 -1.69
CA VAL A 157 -3.39 1.15 -1.39
C VAL A 157 -2.32 0.46 -0.55
N VAL A 158 -2.76 -0.36 0.40
CA VAL A 158 -1.85 -1.09 1.26
C VAL A 158 -2.42 -2.45 1.66
N ASP A 159 -1.54 -3.42 1.87
CA ASP A 159 -1.97 -4.76 2.24
C ASP A 159 -1.01 -5.36 3.27
N LEU A 160 -1.56 -6.11 4.22
CA LEU A 160 -0.76 -6.74 5.26
C LEU A 160 -0.93 -8.26 5.24
N TYR A 161 -0.08 -8.94 4.48
CA TYR A 161 -0.14 -10.39 4.38
C TYR A 161 1.26 -11.00 4.46
N GLY A 162 1.34 -12.18 5.07
CA GLY A 162 2.63 -12.84 5.21
C GLY A 162 3.53 -12.18 6.23
N LYS A 163 4.48 -11.39 5.75
CA LYS A 163 5.42 -10.70 6.63
C LYS A 163 4.74 -9.51 7.31
N CYS A 164 4.23 -8.59 6.50
CA CYS A 164 3.55 -7.41 7.01
C CYS A 164 2.25 -7.78 7.71
N THR A 165 2.09 -7.31 8.95
CA THR A 165 0.90 -7.60 9.72
C THR A 165 0.20 -6.31 10.16
N GLN A 166 0.99 -5.28 10.44
CA GLN A 166 0.45 -4.00 10.87
C GLN A 166 1.15 -2.84 10.16
N ILE A 167 0.45 -1.73 10.01
CA ILE A 167 1.00 -0.56 9.35
C ILE A 167 0.40 0.73 9.91
N THR A 168 1.13 1.84 9.76
CA THR A 168 0.66 3.13 10.25
C THR A 168 1.12 4.26 9.33
N VAL A 169 0.19 5.11 8.94
CA VAL A 169 0.49 6.24 8.06
C VAL A 169 1.32 7.29 8.79
N LEU A 170 2.42 7.70 8.16
CA LEU A 170 3.31 8.70 8.75
C LEU A 170 2.85 10.11 8.38
N GLY A 1 -14.46 21.27 4.00
CA GLY A 1 -14.81 19.91 4.35
C GLY A 1 -13.65 18.94 4.14
N SER A 2 -12.95 19.09 3.03
CA SER A 2 -11.82 18.23 2.72
C SER A 2 -10.68 19.03 2.08
N SER A 3 -9.52 18.39 1.97
CA SER A 3 -8.35 19.04 1.38
C SER A 3 -7.59 18.09 0.47
N GLY A 4 -7.28 16.91 0.99
CA GLY A 4 -6.55 15.92 0.22
C GLY A 4 -5.09 15.84 0.59
N SER A 5 -4.71 14.76 1.28
CA SER A 5 -3.32 14.59 1.70
C SER A 5 -3.02 13.11 1.96
N SER A 6 -1.86 12.84 2.54
CA SER A 6 -1.45 11.47 2.85
C SER A 6 -1.14 11.32 4.33
N GLY A 7 -2.14 10.87 5.10
CA GLY A 7 -1.95 10.69 6.52
C GLY A 7 -3.16 10.06 7.18
N GLU A 8 -3.89 9.24 6.44
CA GLU A 8 -5.08 8.59 6.95
C GLU A 8 -5.37 7.29 6.20
N LEU A 9 -6.28 6.49 6.74
CA LEU A 9 -6.64 5.21 6.12
C LEU A 9 -8.13 4.94 6.28
N HIS A 10 -8.78 4.55 5.18
CA HIS A 10 -10.21 4.26 5.20
C HIS A 10 -10.53 3.25 6.30
N PRO A 11 -11.67 3.47 6.98
CA PRO A 11 -12.13 2.60 8.07
C PRO A 11 -12.58 1.23 7.56
N ARG A 12 -13.21 1.22 6.39
CA ARG A 12 -13.69 -0.02 5.80
C ARG A 12 -12.53 -0.95 5.46
N THR A 13 -12.58 -2.17 5.99
CA THR A 13 -11.52 -3.14 5.73
C THR A 13 -12.09 -4.57 5.73
N GLY A 14 -11.36 -5.48 5.10
CA GLY A 14 -11.81 -6.86 5.03
C GLY A 14 -12.07 -7.45 6.39
N ARG A 15 -12.47 -8.71 6.43
CA ARG A 15 -12.76 -9.39 7.68
C ARG A 15 -11.49 -9.57 8.51
N LEU A 16 -10.45 -10.10 7.89
CA LEU A 16 -9.18 -10.31 8.57
C LEU A 16 -8.55 -8.99 8.97
N VAL A 17 -8.55 -8.03 8.05
CA VAL A 17 -7.99 -6.72 8.31
C VAL A 17 -8.89 -5.89 9.21
N SER A 18 -8.28 -5.08 10.08
CA SER A 18 -9.03 -4.24 11.00
C SER A 18 -8.42 -2.85 11.09
N LEU A 19 -9.27 -1.85 11.34
CA LEU A 19 -8.81 -0.48 11.46
C LEU A 19 -8.98 0.04 12.88
N SER A 20 -7.97 0.74 13.38
CA SER A 20 -8.00 1.28 14.73
C SER A 20 -9.22 2.20 14.91
N ALA A 21 -9.60 2.41 16.17
CA ALA A 21 -10.74 3.26 16.48
C ALA A 21 -10.62 4.62 15.80
N CYS A 22 -9.61 5.39 16.19
CA CYS A 22 -9.39 6.72 15.62
C CYS A 22 -9.08 6.62 14.13
N GLY A 23 -8.54 5.46 13.72
CA GLY A 23 -8.19 5.26 12.33
C GLY A 23 -6.74 5.54 12.05
N ARG A 24 -6.38 5.59 10.76
CA ARG A 24 -5.00 5.85 10.37
C ARG A 24 -4.08 4.74 10.84
N THR A 25 -4.65 3.55 11.03
CA THR A 25 -3.88 2.39 11.48
C THR A 25 -4.50 1.09 11.00
N ALA A 26 -3.71 0.29 10.29
CA ALA A 26 -4.18 -0.99 9.77
C ALA A 26 -3.46 -2.15 10.44
N ARG A 27 -4.20 -3.22 10.71
CA ARG A 27 -3.64 -4.41 11.35
C ARG A 27 -4.48 -5.64 11.05
N ARG A 28 -3.83 -6.80 10.99
CA ARG A 28 -4.53 -8.06 10.72
C ARG A 28 -5.10 -8.65 12.01
N GLN A 29 -6.08 -9.54 11.86
CA GLN A 29 -6.71 -10.17 13.01
C GLN A 29 -6.70 -11.69 12.85
N GLN A 30 -5.78 -12.19 12.05
CA GLN A 30 -5.67 -13.63 11.81
C GLN A 30 -4.24 -14.02 11.46
N PRO A 31 -3.31 -13.80 12.40
CA PRO A 31 -1.89 -14.12 12.22
C PRO A 31 -1.64 -15.62 12.18
N GLY A 32 -2.57 -16.38 12.75
CA GLY A 32 -2.43 -17.83 12.77
C GLY A 32 -3.59 -18.54 12.11
N GLN A 33 -3.83 -18.23 10.85
CA GLN A 33 -4.91 -18.84 10.09
C GLN A 33 -4.80 -18.53 8.61
N GLU A 34 -5.01 -17.26 8.25
CA GLU A 34 -4.93 -16.84 6.86
C GLU A 34 -4.00 -15.64 6.71
N PHE A 35 -3.85 -15.16 5.48
CA PHE A 35 -2.99 -14.02 5.21
C PHE A 35 -3.66 -13.05 4.24
N ASN A 36 -3.80 -13.47 2.99
CA ASN A 36 -4.44 -12.64 1.97
C ASN A 36 -5.95 -12.77 2.02
N HIS A 37 -6.64 -11.64 1.98
CA HIS A 37 -8.11 -11.62 2.01
C HIS A 37 -8.64 -10.20 1.93
N GLY A 38 -8.42 -9.43 2.99
CA GLY A 38 -8.89 -8.06 3.00
C GLY A 38 -7.85 -7.08 2.49
N LEU A 39 -8.07 -5.79 2.73
CA LEU A 39 -7.15 -4.76 2.28
C LEU A 39 -7.38 -3.45 3.04
N VAL A 40 -6.48 -2.50 2.87
CA VAL A 40 -6.58 -1.21 3.53
C VAL A 40 -6.13 -0.07 2.60
N LEU A 41 -7.07 0.80 2.25
CA LEU A 41 -6.76 1.93 1.38
C LEU A 41 -6.78 3.25 2.16
N SER A 42 -6.33 4.31 1.50
CA SER A 42 -6.29 5.63 2.14
C SER A 42 -7.69 6.22 2.23
N ARG A 43 -7.85 7.22 3.11
CA ARG A 43 -9.14 7.86 3.30
C ARG A 43 -9.39 8.91 2.22
N GLU A 44 -8.32 9.59 1.80
CA GLU A 44 -8.43 10.61 0.77
C GLU A 44 -7.47 10.32 -0.39
N PRO A 45 -7.81 10.83 -1.58
CA PRO A 45 -7.00 10.64 -2.78
C PRO A 45 -5.68 11.40 -2.72
N LEU A 46 -4.57 10.68 -2.87
CA LEU A 46 -3.25 11.29 -2.83
C LEU A 46 -3.13 12.40 -3.86
N ARG A 47 -2.82 13.61 -3.40
CA ARG A 47 -2.68 14.75 -4.30
C ARG A 47 -1.29 14.79 -4.91
N ASP A 48 -1.12 15.61 -5.95
CA ASP A 48 0.16 15.73 -6.63
C ASP A 48 1.25 16.17 -5.66
N GLY A 49 2.34 15.41 -5.62
CA GLY A 49 3.43 15.73 -4.73
C GLY A 49 3.34 15.01 -3.40
N ARG A 50 2.11 14.83 -2.92
CA ARG A 50 1.88 14.14 -1.65
C ARG A 50 2.33 12.69 -1.72
N VAL A 51 3.12 12.27 -0.74
CA VAL A 51 3.62 10.90 -0.70
C VAL A 51 3.04 10.15 0.51
N PHE A 52 2.26 9.11 0.22
CA PHE A 52 1.64 8.31 1.28
C PHE A 52 2.65 7.33 1.87
N THR A 53 3.22 7.72 3.01
CA THR A 53 4.21 6.88 3.69
C THR A 53 3.55 6.01 4.75
N VAL A 54 4.16 4.85 5.03
CA VAL A 54 3.64 3.93 6.02
C VAL A 54 4.75 3.11 6.66
N ARG A 55 4.67 2.93 7.97
CA ARG A 55 5.68 2.16 8.69
C ARG A 55 5.09 0.86 9.23
N ILE A 56 5.94 -0.16 9.37
CA ILE A 56 5.51 -1.45 9.87
C ILE A 56 5.47 -1.47 11.40
N ASP A 57 4.29 -1.24 11.95
CA ASP A 57 4.12 -1.23 13.40
C ASP A 57 4.69 -2.51 14.02
N ARG A 58 4.36 -3.64 13.42
CA ARG A 58 4.83 -4.93 13.92
C ARG A 58 4.81 -5.99 12.81
N LYS A 59 5.80 -6.86 12.81
CA LYS A 59 5.90 -7.91 11.80
C LYS A 59 5.97 -9.28 12.46
N VAL A 60 5.25 -10.24 11.89
CA VAL A 60 5.24 -11.60 12.42
C VAL A 60 6.44 -12.41 11.91
N ASN A 61 6.74 -13.51 12.60
CA ASN A 61 7.85 -14.36 12.21
C ASN A 61 7.42 -15.82 12.15
N SER A 62 6.62 -16.15 11.14
CA SER A 62 6.13 -17.51 10.96
C SER A 62 5.89 -17.81 9.48
N TRP A 63 5.30 -16.85 8.78
CA TRP A 63 5.01 -17.01 7.37
C TRP A 63 6.20 -16.61 6.51
N SER A 64 6.15 -16.93 5.22
CA SER A 64 7.22 -16.59 4.30
C SER A 64 6.71 -15.71 3.16
N GLY A 65 5.77 -14.83 3.47
CA GLY A 65 5.21 -13.95 2.47
C GLY A 65 5.92 -12.61 2.43
N SER A 66 5.22 -11.59 1.90
CA SER A 66 5.78 -10.25 1.81
C SER A 66 4.71 -9.19 1.95
N ILE A 67 5.10 -7.93 1.89
CA ILE A 67 4.16 -6.82 2.01
C ILE A 67 3.92 -6.16 0.66
N GLU A 68 2.67 -5.79 0.41
CA GLU A 68 2.30 -5.14 -0.84
C GLU A 68 1.79 -3.73 -0.60
N ILE A 69 2.21 -2.79 -1.45
CA ILE A 69 1.79 -1.40 -1.32
C ILE A 69 1.82 -0.69 -2.67
N GLY A 70 0.86 0.19 -2.89
CA GLY A 70 0.80 0.92 -4.15
C GLY A 70 -0.35 1.92 -4.18
N VAL A 71 -0.96 2.07 -5.35
CA VAL A 71 -2.07 2.99 -5.50
C VAL A 71 -3.15 2.39 -6.41
N THR A 72 -4.33 3.02 -6.41
CA THR A 72 -5.45 2.55 -7.22
C THR A 72 -6.28 3.71 -7.72
N ALA A 73 -7.06 3.48 -8.78
CA ALA A 73 -7.91 4.51 -9.35
C ALA A 73 -9.38 4.27 -8.98
N LEU A 74 -9.60 3.48 -7.94
CA LEU A 74 -10.96 3.17 -7.50
C LEU A 74 -11.17 3.62 -6.05
N ASP A 75 -12.24 4.38 -5.82
CA ASP A 75 -12.55 4.87 -4.48
C ASP A 75 -12.72 3.71 -3.50
N PRO A 76 -12.17 3.87 -2.29
CA PRO A 76 -12.26 2.85 -1.24
C PRO A 76 -13.67 2.69 -0.70
N SER A 77 -14.43 3.78 -0.70
CA SER A 77 -15.80 3.75 -0.20
C SER A 77 -16.66 2.80 -1.02
N VAL A 78 -16.22 2.51 -2.24
CA VAL A 78 -16.94 1.62 -3.14
C VAL A 78 -16.00 0.66 -3.84
N LEU A 79 -14.93 0.28 -3.15
CA LEU A 79 -13.94 -0.64 -3.72
C LEU A 79 -14.16 -2.06 -3.20
N ASP A 80 -13.88 -3.04 -4.04
CA ASP A 80 -14.04 -4.44 -3.67
C ASP A 80 -12.70 -5.06 -3.28
N PHE A 81 -12.42 -5.06 -1.99
CA PHE A 81 -11.17 -5.63 -1.48
C PHE A 81 -10.94 -7.02 -2.02
N PRO A 82 -10.05 -7.13 -3.02
CA PRO A 82 -9.72 -8.42 -3.65
C PRO A 82 -8.95 -9.34 -2.72
N SER A 83 -8.43 -10.44 -3.27
CA SER A 83 -7.67 -11.40 -2.49
C SER A 83 -6.44 -10.75 -1.87
N SER A 84 -5.90 -9.76 -2.56
CA SER A 84 -4.71 -9.06 -2.09
C SER A 84 -4.49 -7.75 -2.87
N ALA A 85 -3.57 -6.93 -2.39
CA ALA A 85 -3.28 -5.65 -3.03
C ALA A 85 -2.97 -5.85 -4.51
N THR A 86 -2.12 -6.84 -4.80
CA THR A 86 -1.73 -7.12 -6.18
C THR A 86 -2.91 -7.68 -6.98
N GLY A 87 -3.97 -8.04 -6.27
CA GLY A 87 -5.15 -8.59 -6.94
C GLY A 87 -6.17 -7.51 -7.28
N LEU A 88 -5.71 -6.27 -7.35
CA LEU A 88 -6.58 -5.14 -7.67
C LEU A 88 -6.55 -4.84 -9.16
N LYS A 89 -7.73 -4.56 -9.73
CA LYS A 89 -7.84 -4.24 -11.15
C LYS A 89 -8.38 -2.83 -11.35
N GLY A 90 -8.73 -2.51 -12.59
CA GLY A 90 -9.25 -1.19 -12.90
C GLY A 90 -8.26 -0.08 -12.59
N GLY A 91 -7.07 -0.19 -13.15
CA GLY A 91 -6.05 0.81 -12.93
C GLY A 91 -5.54 0.81 -11.50
N SER A 92 -4.90 -0.29 -11.10
CA SER A 92 -4.37 -0.42 -9.75
C SER A 92 -2.91 -0.85 -9.78
N TRP A 93 -2.02 0.04 -9.34
CA TRP A 93 -0.60 -0.25 -9.32
C TRP A 93 -0.17 -0.78 -7.96
N VAL A 94 0.49 -1.95 -7.96
CA VAL A 94 0.95 -2.56 -6.72
C VAL A 94 2.37 -3.08 -6.86
N VAL A 95 3.12 -3.02 -5.77
CA VAL A 95 4.51 -3.49 -5.77
C VAL A 95 4.66 -4.77 -4.96
N SER A 96 4.96 -5.87 -5.64
CA SER A 96 5.13 -7.15 -4.99
C SER A 96 6.59 -7.39 -4.61
N GLY A 97 7.21 -6.37 -4.03
CA GLY A 97 8.60 -6.47 -3.63
C GLY A 97 9.55 -6.47 -4.81
N CYS A 98 10.07 -5.29 -5.15
CA CYS A 98 11.00 -5.16 -6.27
C CYS A 98 10.31 -5.53 -7.58
N SER A 99 8.99 -5.51 -7.58
CA SER A 99 8.21 -5.84 -8.77
C SER A 99 6.95 -4.99 -8.86
N VAL A 100 6.94 -4.08 -9.83
CA VAL A 100 5.79 -3.20 -10.03
C VAL A 100 4.78 -3.81 -11.00
N LEU A 101 3.53 -3.91 -10.55
CA LEU A 101 2.47 -4.47 -11.38
C LEU A 101 1.30 -3.50 -11.50
N ARG A 102 0.49 -3.70 -12.52
CA ARG A 102 -0.68 -2.85 -12.76
C ARG A 102 -1.87 -3.67 -13.22
N ASP A 103 -2.94 -3.63 -12.44
CA ASP A 103 -4.16 -4.38 -12.77
C ASP A 103 -3.90 -5.88 -12.76
N GLY A 104 -2.83 -6.29 -12.07
CA GLY A 104 -2.49 -7.69 -12.00
C GLY A 104 -1.55 -8.12 -13.12
N ARG A 105 -0.71 -7.19 -13.57
CA ARG A 105 0.23 -7.48 -14.64
C ARG A 105 1.59 -6.84 -14.35
N SER A 106 2.65 -7.64 -14.45
CA SER A 106 4.00 -7.15 -14.19
C SER A 106 4.49 -6.28 -15.34
N VAL A 107 4.94 -5.07 -15.00
CA VAL A 107 5.43 -4.13 -16.01
C VAL A 107 6.90 -3.80 -15.77
N LEU A 108 7.28 -3.72 -14.49
CA LEU A 108 8.65 -3.39 -14.12
C LEU A 108 9.15 -4.33 -13.03
N GLU A 109 10.40 -4.77 -13.15
CA GLU A 109 11.00 -5.66 -12.17
C GLU A 109 12.35 -5.13 -11.70
N GLU A 110 12.90 -5.76 -10.66
CA GLU A 110 14.18 -5.35 -10.11
C GLU A 110 14.17 -3.86 -9.76
N TYR A 111 13.01 -3.37 -9.33
CA TYR A 111 12.87 -1.96 -8.98
C TYR A 111 13.94 -1.55 -7.96
N GLY A 112 14.12 -0.24 -7.79
CA GLY A 112 15.10 0.27 -6.86
C GLY A 112 14.81 -0.16 -5.43
N GLN A 113 13.65 0.26 -4.92
CA GLN A 113 13.25 -0.07 -3.55
C GLN A 113 12.67 -1.48 -3.49
N ASP A 114 13.06 -2.21 -2.45
CA ASP A 114 12.58 -3.58 -2.26
C ASP A 114 11.72 -3.69 -1.01
N LEU A 115 10.44 -4.00 -1.21
CA LEU A 115 9.51 -4.14 -0.09
C LEU A 115 9.67 -5.49 0.59
N ASP A 116 9.98 -6.51 -0.20
CA ASP A 116 10.15 -7.86 0.33
C ASP A 116 11.30 -7.90 1.35
N GLN A 117 12.17 -6.89 1.29
CA GLN A 117 13.31 -6.81 2.19
C GLN A 117 12.87 -6.27 3.56
N LEU A 118 11.79 -5.51 3.56
CA LEU A 118 11.28 -4.92 4.80
C LEU A 118 11.10 -5.99 5.88
N GLY A 119 10.91 -5.55 7.11
CA GLY A 119 10.73 -6.49 8.22
C GLY A 119 11.09 -5.87 9.56
N GLU A 120 10.17 -5.08 10.10
CA GLU A 120 10.40 -4.43 11.40
C GLU A 120 11.67 -3.59 11.36
N GLY A 121 11.51 -2.30 11.07
CA GLY A 121 12.65 -1.41 11.00
C GLY A 121 12.81 -0.76 9.64
N ASP A 122 11.74 -0.76 8.85
CA ASP A 122 11.77 -0.17 7.52
C ASP A 122 10.37 0.26 7.10
N ARG A 123 10.28 1.47 6.56
CA ARG A 123 9.00 2.02 6.10
C ARG A 123 9.03 2.28 4.60
N VAL A 124 7.84 2.37 4.00
CA VAL A 124 7.72 2.62 2.57
C VAL A 124 6.51 3.48 2.26
N GLY A 125 6.58 4.24 1.16
CA GLY A 125 5.48 5.10 0.78
C GLY A 125 5.36 5.24 -0.72
N VAL A 126 4.16 5.59 -1.19
CA VAL A 126 3.91 5.76 -2.60
C VAL A 126 3.62 7.21 -2.95
N GLU A 127 3.74 7.55 -4.22
CA GLU A 127 3.50 8.92 -4.69
C GLU A 127 3.02 8.92 -6.14
N ARG A 128 2.19 9.91 -6.46
CA ARG A 128 1.66 10.03 -7.82
C ARG A 128 2.01 11.38 -8.43
N THR A 129 3.01 11.38 -9.33
CA THR A 129 3.44 12.61 -9.97
C THR A 129 2.33 13.22 -10.80
N VAL A 130 2.38 14.54 -10.99
CA VAL A 130 1.37 15.24 -11.77
C VAL A 130 1.23 14.62 -13.16
N ALA A 131 2.34 14.19 -13.74
CA ALA A 131 2.34 13.59 -15.06
C ALA A 131 1.58 12.26 -15.05
N GLY A 132 1.52 11.63 -13.88
CA GLY A 132 0.83 10.36 -13.75
C GLY A 132 1.79 9.20 -13.60
N GLU A 133 2.88 9.41 -12.87
CA GLU A 133 3.87 8.37 -12.65
C GLU A 133 3.95 7.98 -11.19
N LEU A 134 3.79 6.70 -10.90
CA LEU A 134 3.83 6.19 -9.54
C LEU A 134 5.28 6.07 -9.06
N ARG A 135 5.56 6.63 -7.89
CA ARG A 135 6.89 6.58 -7.31
C ARG A 135 6.86 6.03 -5.89
N LEU A 136 8.00 5.56 -5.40
CA LEU A 136 8.09 5.02 -4.06
C LEU A 136 9.10 5.79 -3.22
N TRP A 137 8.92 5.77 -1.91
CA TRP A 137 9.82 6.46 -1.00
C TRP A 137 10.09 5.64 0.26
N VAL A 138 11.36 5.43 0.56
CA VAL A 138 11.75 4.65 1.74
C VAL A 138 12.43 5.53 2.78
N ASN A 139 11.88 5.56 3.98
CA ASN A 139 12.45 6.36 5.07
C ASN A 139 12.58 7.82 4.65
N GLY A 140 11.73 8.24 3.70
CA GLY A 140 11.77 9.61 3.23
C GLY A 140 12.86 9.84 2.21
N ARG A 141 13.02 8.90 1.28
CA ARG A 141 14.03 9.01 0.24
C ARG A 141 13.50 8.54 -1.10
N ASP A 142 13.74 9.33 -2.14
CA ASP A 142 13.28 9.00 -3.48
C ASP A 142 13.92 7.71 -3.97
N CYS A 143 13.14 6.87 -4.64
CA CYS A 143 13.63 5.61 -5.17
C CYS A 143 13.59 5.59 -6.69
N GLY A 144 12.69 6.40 -7.26
CA GLY A 144 12.56 6.46 -8.70
C GLY A 144 11.13 6.32 -9.16
N VAL A 145 10.94 6.09 -10.46
CA VAL A 145 9.60 5.94 -11.03
C VAL A 145 9.31 4.48 -11.33
N ALA A 146 8.15 4.01 -10.88
CA ALA A 146 7.74 2.63 -11.10
C ALA A 146 7.01 2.48 -12.43
N ALA A 147 5.92 3.21 -12.58
CA ALA A 147 5.13 3.15 -13.82
C ALA A 147 4.57 4.53 -14.16
N THR A 148 4.07 4.66 -15.39
CA THR A 148 3.51 5.93 -15.86
C THR A 148 2.14 5.72 -16.47
N GLY A 149 1.39 6.82 -16.63
CA GLY A 149 0.07 6.74 -17.21
C GLY A 149 -1.01 6.57 -16.15
N LEU A 150 -0.91 7.35 -15.07
CA LEU A 150 -1.89 7.28 -14.00
C LEU A 150 -2.93 8.38 -14.14
N PRO A 151 -4.12 8.14 -13.57
CA PRO A 151 -5.24 9.09 -13.62
C PRO A 151 -4.96 10.33 -12.76
N PRO A 152 -5.83 11.35 -12.90
CA PRO A 152 -5.71 12.59 -12.14
C PRO A 152 -6.02 12.41 -10.66
N ARG A 153 -6.72 11.33 -10.34
CA ARG A 153 -7.08 11.03 -8.96
C ARG A 153 -6.76 9.58 -8.61
N VAL A 154 -6.01 9.39 -7.53
CA VAL A 154 -5.62 8.06 -7.08
C VAL A 154 -5.65 7.95 -5.57
N TRP A 155 -5.66 6.72 -5.06
CA TRP A 155 -5.70 6.49 -3.62
C TRP A 155 -4.58 5.54 -3.20
N ALA A 156 -4.16 5.65 -1.95
CA ALA A 156 -3.09 4.81 -1.42
C ALA A 156 -3.62 3.42 -1.06
N VAL A 157 -2.88 2.40 -1.46
CA VAL A 157 -3.27 1.01 -1.17
C VAL A 157 -2.21 0.30 -0.37
N VAL A 158 -2.65 -0.53 0.58
CA VAL A 158 -1.73 -1.28 1.43
C VAL A 158 -2.33 -2.62 1.83
N ASP A 159 -1.47 -3.61 1.99
CA ASP A 159 -1.90 -4.96 2.37
C ASP A 159 -1.00 -5.53 3.45
N LEU A 160 -1.60 -6.26 4.39
CA LEU A 160 -0.85 -6.86 5.48
C LEU A 160 -1.07 -8.37 5.53
N TYR A 161 -0.22 -9.11 4.81
CA TYR A 161 -0.33 -10.56 4.77
C TYR A 161 1.05 -11.21 4.92
N GLY A 162 1.10 -12.31 5.67
CA GLY A 162 2.36 -13.00 5.88
C GLY A 162 3.29 -12.25 6.81
N LYS A 163 4.36 -11.69 6.26
CA LYS A 163 5.33 -10.95 7.04
C LYS A 163 4.68 -9.73 7.69
N CYS A 164 4.16 -8.83 6.86
CA CYS A 164 3.52 -7.62 7.36
C CYS A 164 2.20 -7.95 8.06
N THR A 165 1.98 -7.35 9.22
CA THR A 165 0.76 -7.58 9.98
C THR A 165 0.07 -6.27 10.34
N GLN A 166 0.88 -5.27 10.70
CA GLN A 166 0.34 -3.96 11.07
C GLN A 166 1.08 -2.84 10.33
N ILE A 167 0.40 -1.73 10.11
CA ILE A 167 0.99 -0.59 9.42
C ILE A 167 0.39 0.72 9.92
N THR A 168 1.20 1.78 9.91
CA THR A 168 0.74 3.09 10.35
C THR A 168 1.15 4.17 9.36
N VAL A 169 0.17 4.97 8.94
CA VAL A 169 0.43 6.06 7.98
C VAL A 169 1.09 7.25 8.67
N LEU A 170 2.17 7.74 8.07
CA LEU A 170 2.90 8.88 8.63
C LEU A 170 2.19 10.19 8.29
N GLY A 1 -11.00 23.51 2.37
CA GLY A 1 -12.05 22.75 1.72
C GLY A 1 -12.09 21.30 2.16
N SER A 2 -11.94 20.39 1.21
CA SER A 2 -11.96 18.97 1.50
C SER A 2 -11.03 18.20 0.56
N SER A 3 -9.95 18.85 0.14
CA SER A 3 -8.98 18.24 -0.76
C SER A 3 -8.45 16.93 -0.18
N GLY A 4 -7.68 16.21 -0.99
CA GLY A 4 -7.12 14.95 -0.54
C GLY A 4 -5.75 15.11 0.08
N SER A 5 -5.26 14.06 0.73
CA SER A 5 -3.96 14.09 1.37
C SER A 5 -3.47 12.67 1.70
N SER A 6 -2.30 12.58 2.31
CA SER A 6 -1.72 11.30 2.66
C SER A 6 -1.33 11.27 4.14
N GLY A 7 -2.29 10.93 5.00
CA GLY A 7 -2.02 10.86 6.42
C GLY A 7 -3.15 10.20 7.18
N GLU A 8 -3.89 9.33 6.51
CA GLU A 8 -5.00 8.62 7.14
C GLU A 8 -5.24 7.27 6.48
N LEU A 9 -6.09 6.45 7.10
CA LEU A 9 -6.39 5.14 6.57
C LEU A 9 -7.91 4.90 6.53
N HIS A 10 -8.40 4.51 5.37
CA HIS A 10 -9.83 4.26 5.19
C HIS A 10 -10.34 3.27 6.25
N PRO A 11 -11.53 3.55 6.80
CA PRO A 11 -12.14 2.70 7.83
C PRO A 11 -12.61 1.36 7.27
N ARG A 12 -13.31 1.41 6.14
CA ARG A 12 -13.82 0.20 5.51
C ARG A 12 -12.67 -0.72 5.11
N THR A 13 -12.66 -1.93 5.67
CA THR A 13 -11.62 -2.90 5.37
C THR A 13 -12.21 -4.30 5.18
N GLY A 14 -11.34 -5.27 4.91
CA GLY A 14 -11.79 -6.63 4.71
C GLY A 14 -12.40 -7.23 5.96
N ARG A 15 -12.32 -8.55 6.08
CA ARG A 15 -12.86 -9.25 7.24
C ARG A 15 -11.80 -9.45 8.32
N LEU A 16 -10.62 -9.89 7.90
CA LEU A 16 -9.51 -10.11 8.83
C LEU A 16 -8.81 -8.80 9.15
N VAL A 17 -9.00 -7.80 8.30
CA VAL A 17 -8.38 -6.50 8.51
C VAL A 17 -9.07 -5.73 9.64
N SER A 18 -8.27 -5.06 10.46
CA SER A 18 -8.79 -4.29 11.57
C SER A 18 -8.08 -2.95 11.70
N LEU A 19 -8.82 -1.93 12.13
CA LEU A 19 -8.24 -0.59 12.28
C LEU A 19 -8.47 -0.07 13.70
N SER A 20 -7.76 1.00 14.06
CA SER A 20 -7.89 1.59 15.38
C SER A 20 -9.04 2.58 15.43
N ALA A 21 -9.31 3.11 16.62
CA ALA A 21 -10.38 4.07 16.80
C ALA A 21 -10.19 5.29 15.91
N CYS A 22 -9.03 5.93 16.02
CA CYS A 22 -8.71 7.10 15.22
C CYS A 22 -8.87 6.81 13.73
N GLY A 23 -8.52 5.58 13.34
CA GLY A 23 -8.63 5.19 11.95
C GLY A 23 -7.38 5.55 11.15
N ARG A 24 -6.23 5.58 11.83
CA ARG A 24 -4.97 5.90 11.18
C ARG A 24 -3.96 4.78 11.36
N THR A 25 -4.46 3.57 11.56
CA THR A 25 -3.60 2.41 11.74
C THR A 25 -4.29 1.13 11.28
N ALA A 26 -3.62 0.37 10.43
CA ALA A 26 -4.17 -0.88 9.92
C ALA A 26 -3.43 -2.08 10.49
N ARG A 27 -4.16 -3.18 10.68
CA ARG A 27 -3.57 -4.40 11.23
C ARG A 27 -4.30 -5.63 10.72
N ARG A 28 -3.62 -6.77 10.75
CA ARG A 28 -4.21 -8.03 10.29
C ARG A 28 -4.64 -8.89 11.46
N GLN A 29 -5.70 -9.68 11.25
CA GLN A 29 -6.21 -10.56 12.30
C GLN A 29 -6.06 -12.02 11.90
N GLN A 30 -5.61 -12.85 12.83
CA GLN A 30 -5.43 -14.27 12.58
C GLN A 30 -4.37 -14.50 11.50
N PRO A 31 -3.13 -14.06 11.80
CA PRO A 31 -2.00 -14.21 10.87
C PRO A 31 -1.56 -15.66 10.73
N GLY A 32 -1.66 -16.42 11.81
CA GLY A 32 -1.27 -17.81 11.78
C GLY A 32 -2.23 -18.67 10.98
N GLN A 33 -3.50 -18.28 10.96
CA GLN A 33 -4.53 -19.01 10.23
C GLN A 33 -4.46 -18.69 8.74
N GLU A 34 -4.39 -17.41 8.42
CA GLU A 34 -4.34 -16.97 7.03
C GLU A 34 -3.50 -15.70 6.89
N PHE A 35 -3.23 -15.31 5.65
CA PHE A 35 -2.45 -14.11 5.39
C PHE A 35 -3.26 -13.09 4.57
N ASN A 36 -3.46 -13.41 3.29
CA ASN A 36 -4.21 -12.54 2.40
C ASN A 36 -5.71 -12.80 2.52
N HIS A 37 -6.49 -11.72 2.52
CA HIS A 37 -7.94 -11.83 2.63
C HIS A 37 -8.61 -10.50 2.32
N GLY A 38 -8.17 -9.44 3.00
CA GLY A 38 -8.74 -8.13 2.78
C GLY A 38 -7.71 -7.13 2.29
N LEU A 39 -8.02 -5.84 2.45
CA LEU A 39 -7.12 -4.78 2.01
C LEU A 39 -7.38 -3.50 2.79
N VAL A 40 -6.48 -2.52 2.63
CA VAL A 40 -6.62 -1.24 3.31
C VAL A 40 -6.17 -0.09 2.41
N LEU A 41 -7.08 0.82 2.13
CA LEU A 41 -6.78 1.97 1.28
C LEU A 41 -6.76 3.26 2.10
N SER A 42 -6.31 4.34 1.48
CA SER A 42 -6.23 5.64 2.14
C SER A 42 -7.61 6.25 2.31
N ARG A 43 -7.71 7.27 3.15
CA ARG A 43 -8.98 7.95 3.39
C ARG A 43 -9.27 8.96 2.28
N GLU A 44 -8.22 9.45 1.64
CA GLU A 44 -8.37 10.42 0.57
C GLU A 44 -7.40 10.13 -0.57
N PRO A 45 -7.71 10.65 -1.76
CA PRO A 45 -6.88 10.46 -2.95
C PRO A 45 -5.56 11.22 -2.87
N LEU A 46 -4.46 10.50 -3.02
CA LEU A 46 -3.13 11.11 -2.95
C LEU A 46 -2.96 12.16 -4.05
N ARG A 47 -2.86 13.41 -3.64
CA ARG A 47 -2.70 14.51 -4.58
C ARG A 47 -1.27 14.55 -5.12
N ASP A 48 -1.03 15.45 -6.08
CA ASP A 48 0.29 15.58 -6.68
C ASP A 48 1.33 15.98 -5.63
N GLY A 49 2.40 15.20 -5.54
CA GLY A 49 3.45 15.48 -4.57
C GLY A 49 3.23 14.75 -3.26
N ARG A 50 1.98 14.70 -2.82
CA ARG A 50 1.65 14.04 -1.56
C ARG A 50 2.14 12.59 -1.57
N VAL A 51 3.06 12.27 -0.67
CA VAL A 51 3.61 10.92 -0.57
C VAL A 51 3.01 10.18 0.63
N PHE A 52 2.24 9.13 0.34
CA PHE A 52 1.62 8.33 1.38
C PHE A 52 2.61 7.31 1.95
N THR A 53 3.21 7.66 3.09
CA THR A 53 4.17 6.78 3.75
C THR A 53 3.51 5.97 4.86
N VAL A 54 4.03 4.77 5.09
CA VAL A 54 3.49 3.90 6.13
C VAL A 54 4.60 3.08 6.77
N ARG A 55 4.60 3.03 8.11
CA ARG A 55 5.60 2.27 8.84
C ARG A 55 5.03 0.95 9.35
N ILE A 56 5.84 -0.09 9.32
CA ILE A 56 5.41 -1.41 9.77
C ILE A 56 5.37 -1.48 11.29
N ASP A 57 4.18 -1.29 11.85
CA ASP A 57 4.00 -1.33 13.30
C ASP A 57 4.53 -2.64 13.88
N ARG A 58 4.24 -3.74 13.18
CA ARG A 58 4.68 -5.05 13.62
C ARG A 58 4.85 -6.00 12.44
N LYS A 59 5.71 -7.00 12.60
CA LYS A 59 5.97 -7.97 11.54
C LYS A 59 6.28 -9.34 12.13
N VAL A 60 5.60 -10.36 11.63
CA VAL A 60 5.80 -11.72 12.10
C VAL A 60 6.99 -12.39 11.40
N ASN A 61 7.56 -13.40 12.04
CA ASN A 61 8.70 -14.11 11.48
C ASN A 61 8.42 -15.60 11.38
N SER A 62 7.19 -15.94 11.02
CA SER A 62 6.78 -17.33 10.88
C SER A 62 6.45 -17.68 9.44
N TRP A 63 6.04 -16.67 8.68
CA TRP A 63 5.69 -16.85 7.28
C TRP A 63 6.87 -16.52 6.37
N SER A 64 6.63 -16.53 5.06
CA SER A 64 7.68 -16.24 4.09
C SER A 64 7.13 -15.39 2.94
N GLY A 65 6.05 -14.66 3.21
CA GLY A 65 5.44 -13.83 2.20
C GLY A 65 6.07 -12.45 2.13
N SER A 66 5.30 -11.47 1.64
CA SER A 66 5.80 -10.11 1.51
C SER A 66 4.66 -9.11 1.68
N ILE A 67 4.99 -7.82 1.61
CA ILE A 67 3.99 -6.77 1.75
C ILE A 67 3.66 -6.13 0.40
N GLU A 68 2.37 -5.92 0.16
CA GLU A 68 1.93 -5.32 -1.09
C GLU A 68 1.46 -3.88 -0.87
N ILE A 69 2.08 -2.94 -1.57
CA ILE A 69 1.73 -1.53 -1.45
C ILE A 69 1.82 -0.83 -2.79
N GLY A 70 0.90 0.11 -3.03
CA GLY A 70 0.90 0.84 -4.28
C GLY A 70 -0.21 1.87 -4.34
N VAL A 71 -0.80 2.04 -5.52
CA VAL A 71 -1.88 3.01 -5.70
C VAL A 71 -2.98 2.44 -6.57
N THR A 72 -4.15 3.07 -6.53
CA THR A 72 -5.29 2.63 -7.32
C THR A 72 -6.12 3.81 -7.83
N ALA A 73 -6.87 3.59 -8.90
CA ALA A 73 -7.70 4.64 -9.48
C ALA A 73 -9.16 4.44 -9.09
N LEU A 74 -9.41 3.49 -8.20
CA LEU A 74 -10.77 3.21 -7.75
C LEU A 74 -10.98 3.68 -6.32
N ASP A 75 -12.11 4.36 -6.09
CA ASP A 75 -12.43 4.87 -4.76
C ASP A 75 -12.63 3.72 -3.77
N PRO A 76 -12.12 3.90 -2.55
CA PRO A 76 -12.21 2.89 -1.48
C PRO A 76 -13.64 2.74 -0.97
N SER A 77 -14.40 3.82 -1.01
CA SER A 77 -15.78 3.81 -0.55
C SER A 77 -16.65 2.92 -1.43
N VAL A 78 -16.12 2.58 -2.60
CA VAL A 78 -16.84 1.73 -3.55
C VAL A 78 -15.90 0.75 -4.23
N LEU A 79 -14.87 0.31 -3.50
CA LEU A 79 -13.90 -0.64 -4.04
C LEU A 79 -14.15 -2.04 -3.51
N ASP A 80 -13.83 -3.04 -4.32
CA ASP A 80 -14.02 -4.43 -3.93
C ASP A 80 -12.69 -5.07 -3.52
N PHE A 81 -12.42 -5.06 -2.22
CA PHE A 81 -11.18 -5.62 -1.71
C PHE A 81 -10.96 -7.04 -2.24
N PRO A 82 -10.06 -7.17 -3.22
CA PRO A 82 -9.75 -8.47 -3.83
C PRO A 82 -8.99 -9.39 -2.89
N SER A 83 -8.49 -10.50 -3.42
CA SER A 83 -7.75 -11.46 -2.62
C SER A 83 -6.49 -10.84 -2.03
N SER A 84 -5.97 -9.82 -2.72
CA SER A 84 -4.76 -9.14 -2.28
C SER A 84 -4.54 -7.86 -3.07
N ALA A 85 -3.64 -7.01 -2.58
CA ALA A 85 -3.33 -5.74 -3.24
C ALA A 85 -2.96 -5.97 -4.71
N THR A 86 -2.14 -6.98 -4.96
CA THR A 86 -1.71 -7.30 -6.31
C THR A 86 -2.86 -7.84 -7.14
N GLY A 87 -3.96 -8.20 -6.47
CA GLY A 87 -5.11 -8.72 -7.17
C GLY A 87 -6.12 -7.64 -7.51
N LEU A 88 -5.66 -6.41 -7.59
CA LEU A 88 -6.53 -5.28 -7.91
C LEU A 88 -6.53 -4.99 -9.41
N LYS A 89 -7.63 -4.45 -9.90
CA LYS A 89 -7.77 -4.13 -11.32
C LYS A 89 -8.31 -2.72 -11.51
N GLY A 90 -8.68 -2.39 -12.74
CA GLY A 90 -9.21 -1.07 -13.04
C GLY A 90 -8.20 0.02 -12.78
N GLY A 91 -7.03 -0.07 -13.41
CA GLY A 91 -6.00 0.92 -13.23
C GLY A 91 -5.47 0.96 -11.81
N SER A 92 -4.86 -0.14 -11.38
CA SER A 92 -4.32 -0.22 -10.02
C SER A 92 -2.88 -0.72 -10.05
N TRP A 93 -1.98 0.08 -9.50
CA TRP A 93 -0.56 -0.28 -9.47
C TRP A 93 -0.17 -0.81 -8.09
N VAL A 94 0.50 -1.96 -8.07
CA VAL A 94 0.93 -2.58 -6.83
C VAL A 94 2.36 -3.11 -6.94
N VAL A 95 3.09 -3.04 -5.83
CA VAL A 95 4.47 -3.52 -5.80
C VAL A 95 4.60 -4.77 -4.96
N SER A 96 4.93 -5.89 -5.60
CA SER A 96 5.09 -7.16 -4.92
C SER A 96 6.54 -7.38 -4.49
N GLY A 97 7.16 -6.33 -3.97
CA GLY A 97 8.54 -6.42 -3.53
C GLY A 97 9.52 -6.43 -4.70
N CYS A 98 10.05 -5.27 -5.04
CA CYS A 98 11.00 -5.14 -6.14
C CYS A 98 10.34 -5.52 -7.46
N SER A 99 9.01 -5.52 -7.47
CA SER A 99 8.26 -5.87 -8.68
C SER A 99 6.99 -5.04 -8.78
N VAL A 100 6.97 -4.12 -9.75
CA VAL A 100 5.81 -3.25 -9.96
C VAL A 100 4.85 -3.87 -10.97
N LEU A 101 3.57 -3.91 -10.60
CA LEU A 101 2.54 -4.48 -11.46
C LEU A 101 1.36 -3.52 -11.61
N ARG A 102 0.54 -3.75 -12.63
CA ARG A 102 -0.63 -2.91 -12.87
C ARG A 102 -1.81 -3.74 -13.31
N ASP A 103 -2.87 -3.72 -12.51
CA ASP A 103 -4.08 -4.48 -12.81
C ASP A 103 -3.80 -5.98 -12.81
N GLY A 104 -2.75 -6.38 -12.09
CA GLY A 104 -2.40 -7.78 -12.02
C GLY A 104 -1.47 -8.20 -13.14
N ARG A 105 -0.62 -7.28 -13.58
CA ARG A 105 0.32 -7.56 -14.66
C ARG A 105 1.68 -6.93 -14.37
N SER A 106 2.74 -7.72 -14.49
CA SER A 106 4.09 -7.26 -14.24
C SER A 106 4.57 -6.35 -15.37
N VAL A 107 5.09 -5.18 -15.01
CA VAL A 107 5.59 -4.24 -16.00
C VAL A 107 7.05 -3.86 -15.72
N LEU A 108 7.38 -3.77 -14.44
CA LEU A 108 8.75 -3.42 -14.03
C LEU A 108 9.25 -4.35 -12.94
N GLU A 109 10.51 -4.74 -13.03
CA GLU A 109 11.11 -5.63 -12.04
C GLU A 109 12.44 -5.08 -11.54
N GLU A 110 12.97 -5.69 -10.48
CA GLU A 110 14.23 -5.25 -9.91
C GLU A 110 14.17 -3.77 -9.53
N TYR A 111 12.99 -3.31 -9.14
CA TYR A 111 12.80 -1.92 -8.75
C TYR A 111 13.84 -1.49 -7.72
N GLY A 112 14.02 -0.18 -7.59
CA GLY A 112 14.98 0.34 -6.63
C GLY A 112 14.71 -0.14 -5.22
N GLN A 113 13.53 0.18 -4.71
CA GLN A 113 13.15 -0.22 -3.35
C GLN A 113 12.66 -1.66 -3.34
N ASP A 114 13.06 -2.40 -2.30
CA ASP A 114 12.66 -3.80 -2.16
C ASP A 114 11.76 -3.99 -0.94
N LEU A 115 10.47 -4.12 -1.19
CA LEU A 115 9.50 -4.31 -0.11
C LEU A 115 9.68 -5.67 0.56
N ASP A 116 10.19 -6.63 -0.21
CA ASP A 116 10.41 -7.98 0.30
C ASP A 116 11.53 -7.99 1.33
N GLN A 117 12.34 -6.93 1.33
CA GLN A 117 13.45 -6.81 2.27
C GLN A 117 12.97 -6.29 3.63
N LEU A 118 11.87 -5.55 3.61
CA LEU A 118 11.31 -4.99 4.84
C LEU A 118 11.14 -6.07 5.90
N GLY A 119 10.85 -5.63 7.13
CA GLY A 119 10.67 -6.58 8.22
C GLY A 119 10.97 -5.97 9.57
N GLU A 120 10.05 -5.18 10.08
CA GLU A 120 10.23 -4.52 11.37
C GLU A 120 11.45 -3.61 11.36
N GLY A 121 11.21 -2.31 11.18
CA GLY A 121 12.30 -1.35 11.15
C GLY A 121 12.49 -0.74 9.78
N ASP A 122 11.46 -0.82 8.95
CA ASP A 122 11.52 -0.25 7.60
C ASP A 122 10.13 0.17 7.13
N ARG A 123 10.02 1.42 6.69
CA ARG A 123 8.74 1.95 6.22
C ARG A 123 8.79 2.19 4.71
N VAL A 124 7.61 2.26 4.09
CA VAL A 124 7.52 2.49 2.66
C VAL A 124 6.31 3.35 2.32
N GLY A 125 6.40 4.09 1.22
CA GLY A 125 5.31 4.95 0.81
C GLY A 125 5.23 5.09 -0.70
N VAL A 126 4.10 5.62 -1.17
CA VAL A 126 3.88 5.80 -2.61
C VAL A 126 3.57 7.25 -2.93
N GLU A 127 3.68 7.61 -4.21
CA GLU A 127 3.41 8.97 -4.65
C GLU A 127 3.10 9.00 -6.15
N ARG A 128 2.30 9.98 -6.56
CA ARG A 128 1.93 10.12 -7.97
C ARG A 128 2.38 11.47 -8.51
N THR A 129 3.46 11.46 -9.29
CA THR A 129 4.00 12.69 -9.88
C THR A 129 3.00 13.33 -10.83
N VAL A 130 3.02 14.66 -10.89
CA VAL A 130 2.12 15.39 -11.77
C VAL A 130 2.19 14.87 -13.20
N ALA A 131 3.38 14.46 -13.61
CA ALA A 131 3.59 13.94 -14.96
C ALA A 131 2.71 12.73 -15.23
N GLY A 132 2.36 12.01 -14.16
CA GLY A 132 1.52 10.83 -14.29
C GLY A 132 2.30 9.54 -14.14
N GLU A 133 3.26 9.55 -13.21
CA GLU A 133 4.09 8.36 -12.97
C GLU A 133 4.12 8.01 -11.48
N LEU A 134 3.94 6.73 -11.18
CA LEU A 134 3.94 6.27 -9.80
C LEU A 134 5.35 6.20 -9.25
N ARG A 135 5.51 6.52 -7.97
CA ARG A 135 6.82 6.49 -7.32
C ARG A 135 6.70 5.97 -5.89
N LEU A 136 7.83 5.55 -5.33
CA LEU A 136 7.85 5.03 -3.97
C LEU A 136 8.84 5.81 -3.11
N TRP A 137 8.65 5.76 -1.79
CA TRP A 137 9.52 6.46 -0.86
C TRP A 137 9.80 5.61 0.37
N VAL A 138 11.09 5.36 0.61
CA VAL A 138 11.49 4.55 1.76
C VAL A 138 12.21 5.40 2.81
N ASN A 139 11.65 5.42 4.02
CA ASN A 139 12.23 6.20 5.11
C ASN A 139 12.38 7.66 4.71
N GLY A 140 11.55 8.10 3.77
CA GLY A 140 11.61 9.48 3.32
C GLY A 140 12.68 9.70 2.27
N ARG A 141 12.84 8.74 1.37
CA ARG A 141 13.85 8.83 0.33
C ARG A 141 13.29 8.32 -1.00
N ASP A 142 13.56 9.05 -2.07
CA ASP A 142 13.09 8.68 -3.39
C ASP A 142 13.66 7.32 -3.81
N CYS A 143 12.82 6.50 -4.44
CA CYS A 143 13.24 5.18 -4.88
C CYS A 143 13.26 5.10 -6.41
N GLY A 144 12.47 5.95 -7.05
CA GLY A 144 12.41 5.96 -8.50
C GLY A 144 10.99 5.97 -9.03
N VAL A 145 10.80 5.48 -10.25
CA VAL A 145 9.49 5.43 -10.86
C VAL A 145 9.03 4.00 -11.09
N ALA A 146 7.85 3.67 -10.59
CA ALA A 146 7.30 2.33 -10.75
C ALA A 146 6.69 2.14 -12.13
N ALA A 147 5.69 2.95 -12.45
CA ALA A 147 5.02 2.87 -13.75
C ALA A 147 4.57 4.25 -14.22
N THR A 148 4.19 4.34 -15.49
CA THR A 148 3.73 5.60 -16.06
C THR A 148 2.28 5.51 -16.53
N GLY A 149 1.70 6.65 -16.86
CA GLY A 149 0.31 6.67 -17.32
C GLY A 149 -0.68 6.61 -16.18
N LEU A 150 -0.41 7.38 -15.13
CA LEU A 150 -1.29 7.42 -13.97
C LEU A 150 -2.45 8.39 -14.19
N PRO A 151 -3.63 8.04 -13.64
CA PRO A 151 -4.83 8.87 -13.77
C PRO A 151 -4.73 10.16 -12.96
N PRO A 152 -5.71 11.05 -13.16
CA PRO A 152 -5.75 12.35 -12.46
C PRO A 152 -6.06 12.19 -10.98
N ARG A 153 -6.61 11.04 -10.61
CA ARG A 153 -6.96 10.77 -9.22
C ARG A 153 -6.54 9.35 -8.83
N VAL A 154 -5.80 9.25 -7.73
CA VAL A 154 -5.33 7.94 -7.25
C VAL A 154 -5.45 7.85 -5.73
N TRP A 155 -5.46 6.63 -5.22
CA TRP A 155 -5.57 6.41 -3.78
C TRP A 155 -4.45 5.50 -3.29
N ALA A 156 -4.08 5.64 -2.02
CA ALA A 156 -3.03 4.83 -1.43
C ALA A 156 -3.54 3.44 -1.06
N VAL A 157 -2.91 2.41 -1.61
CA VAL A 157 -3.31 1.03 -1.34
C VAL A 157 -2.25 0.31 -0.54
N VAL A 158 -2.68 -0.50 0.44
CA VAL A 158 -1.76 -1.25 1.28
C VAL A 158 -2.36 -2.60 1.66
N ASP A 159 -1.49 -3.59 1.88
CA ASP A 159 -1.93 -4.92 2.25
C ASP A 159 -1.02 -5.51 3.32
N LEU A 160 -1.62 -6.21 4.28
CA LEU A 160 -0.86 -6.83 5.36
C LEU A 160 -1.06 -8.34 5.38
N TYR A 161 -0.20 -9.05 4.65
CA TYR A 161 -0.29 -10.51 4.58
C TYR A 161 1.09 -11.14 4.70
N GLY A 162 1.17 -12.24 5.45
CA GLY A 162 2.43 -12.92 5.62
C GLY A 162 3.39 -12.15 6.52
N LYS A 163 4.42 -11.57 5.92
CA LYS A 163 5.40 -10.80 6.67
C LYS A 163 4.76 -9.61 7.36
N CYS A 164 4.17 -8.71 6.56
CA CYS A 164 3.52 -7.52 7.09
C CYS A 164 2.25 -7.90 7.84
N THR A 165 1.99 -7.22 8.95
CA THR A 165 0.81 -7.48 9.77
C THR A 165 0.17 -6.18 10.24
N GLN A 166 1.01 -5.26 10.70
CA GLN A 166 0.52 -3.97 11.19
C GLN A 166 1.20 -2.82 10.46
N ILE A 167 0.46 -1.75 10.23
CA ILE A 167 0.99 -0.58 9.54
C ILE A 167 0.33 0.71 10.04
N THR A 168 1.02 1.83 9.85
CA THR A 168 0.49 3.12 10.28
C THR A 168 0.94 4.23 9.34
N VAL A 169 0.00 5.08 8.94
CA VAL A 169 0.30 6.19 8.04
C VAL A 169 1.13 7.26 8.74
N LEU A 170 2.15 7.76 8.05
CA LEU A 170 3.02 8.78 8.60
C LEU A 170 2.54 10.18 8.22
N GLY A 1 -3.29 22.78 10.70
CA GLY A 1 -4.61 22.38 10.24
C GLY A 1 -4.70 22.28 8.74
N SER A 2 -3.95 21.34 8.16
CA SER A 2 -3.95 21.15 6.71
C SER A 2 -5.13 20.28 6.28
N SER A 3 -5.40 20.28 4.97
CA SER A 3 -6.50 19.49 4.43
C SER A 3 -6.11 18.01 4.34
N GLY A 4 -4.87 17.76 3.93
CA GLY A 4 -4.39 16.40 3.80
C GLY A 4 -2.99 16.22 4.33
N SER A 5 -2.86 15.55 5.47
CA SER A 5 -1.56 15.31 6.08
C SER A 5 -0.73 14.34 5.25
N SER A 6 -1.31 13.18 4.97
CA SER A 6 -0.63 12.15 4.19
C SER A 6 -1.60 11.40 3.28
N GLY A 7 -2.74 11.01 3.86
CA GLY A 7 -3.75 10.30 3.10
C GLY A 7 -4.72 9.55 3.98
N GLU A 8 -4.29 9.22 5.19
CA GLU A 8 -5.13 8.50 6.13
C GLU A 8 -5.49 7.11 5.60
N LEU A 9 -6.42 6.44 6.27
CA LEU A 9 -6.84 5.11 5.87
C LEU A 9 -8.35 4.94 6.05
N HIS A 10 -9.04 4.58 4.97
CA HIS A 10 -10.48 4.38 5.01
C HIS A 10 -10.86 3.43 6.13
N PRO A 11 -11.97 3.76 6.83
CA PRO A 11 -12.47 2.94 7.94
C PRO A 11 -13.03 1.60 7.47
N ARG A 12 -13.35 1.52 6.19
CA ARG A 12 -13.90 0.29 5.62
C ARG A 12 -12.79 -0.69 5.26
N THR A 13 -12.91 -1.92 5.75
CA THR A 13 -11.91 -2.95 5.48
C THR A 13 -12.56 -4.32 5.35
N GLY A 14 -11.75 -5.33 5.03
CA GLY A 14 -12.27 -6.67 4.89
C GLY A 14 -12.64 -7.30 6.22
N ARG A 15 -12.51 -8.62 6.29
CA ARG A 15 -12.83 -9.35 7.51
C ARG A 15 -11.59 -9.53 8.38
N LEU A 16 -10.53 -10.07 7.78
CA LEU A 16 -9.29 -10.31 8.49
C LEU A 16 -8.60 -8.99 8.83
N VAL A 17 -8.88 -7.96 8.03
CA VAL A 17 -8.29 -6.64 8.24
C VAL A 17 -9.05 -5.86 9.32
N SER A 18 -8.30 -5.19 10.18
CA SER A 18 -8.90 -4.41 11.25
C SER A 18 -8.19 -3.07 11.41
N LEU A 19 -8.94 -2.04 11.77
CA LEU A 19 -8.39 -0.70 11.95
C LEU A 19 -8.69 -0.18 13.36
N SER A 20 -7.96 0.85 13.77
CA SER A 20 -8.14 1.44 15.09
C SER A 20 -9.26 2.48 15.07
N ALA A 21 -9.78 2.80 16.25
CA ALA A 21 -10.85 3.78 16.36
C ALA A 21 -10.49 5.09 15.66
N CYS A 22 -9.35 5.66 16.05
CA CYS A 22 -8.89 6.90 15.44
C CYS A 22 -8.55 6.71 13.97
N GLY A 23 -8.17 5.50 13.61
CA GLY A 23 -7.83 5.21 12.22
C GLY A 23 -6.36 5.42 11.92
N ARG A 24 -6.02 5.51 10.65
CA ARG A 24 -4.63 5.71 10.24
C ARG A 24 -3.75 4.58 10.77
N THR A 25 -4.35 3.42 11.03
CA THR A 25 -3.61 2.28 11.55
C THR A 25 -4.28 0.98 11.14
N ALA A 26 -3.62 0.21 10.28
CA ALA A 26 -4.14 -1.06 9.81
C ALA A 26 -3.42 -2.23 10.48
N ARG A 27 -4.17 -3.31 10.72
CA ARG A 27 -3.60 -4.49 11.37
C ARG A 27 -4.44 -5.72 11.05
N ARG A 28 -3.80 -6.89 11.05
CA ARG A 28 -4.48 -8.15 10.77
C ARG A 28 -5.15 -8.69 12.02
N GLN A 29 -6.13 -9.57 11.84
CA GLN A 29 -6.85 -10.17 12.96
C GLN A 29 -6.63 -11.68 12.99
N GLN A 30 -6.44 -12.27 11.81
CA GLN A 30 -6.21 -13.72 11.72
C GLN A 30 -4.81 -14.02 11.19
N PRO A 31 -3.80 -13.72 12.01
CA PRO A 31 -2.40 -13.95 11.65
C PRO A 31 -2.05 -15.43 11.59
N GLY A 32 -2.83 -16.25 12.29
CA GLY A 32 -2.59 -17.68 12.31
C GLY A 32 -3.64 -18.45 11.54
N GLN A 33 -3.72 -18.22 10.24
CA GLN A 33 -4.70 -18.90 9.40
C GLN A 33 -4.40 -18.67 7.92
N GLU A 34 -4.56 -17.42 7.47
CA GLU A 34 -4.30 -17.07 6.09
C GLU A 34 -3.59 -15.72 5.99
N PHE A 35 -3.33 -15.29 4.76
CA PHE A 35 -2.66 -14.01 4.53
C PHE A 35 -3.54 -13.07 3.71
N ASN A 36 -3.69 -13.40 2.42
CA ASN A 36 -4.50 -12.59 1.52
C ASN A 36 -5.99 -12.75 1.84
N HIS A 37 -6.69 -11.62 1.91
CA HIS A 37 -8.13 -11.64 2.21
C HIS A 37 -8.73 -10.25 2.03
N GLY A 38 -8.47 -9.36 2.98
CA GLY A 38 -9.00 -8.01 2.91
C GLY A 38 -7.98 -7.02 2.36
N LEU A 39 -8.21 -5.75 2.63
CA LEU A 39 -7.31 -4.69 2.16
C LEU A 39 -7.56 -3.39 2.90
N VAL A 40 -6.66 -2.43 2.72
CA VAL A 40 -6.80 -1.12 3.37
C VAL A 40 -6.34 0.00 2.45
N LEU A 41 -7.27 0.87 2.08
CA LEU A 41 -6.96 1.99 1.21
C LEU A 41 -6.97 3.31 1.98
N SER A 42 -6.51 4.37 1.33
CA SER A 42 -6.46 5.69 1.96
C SER A 42 -7.85 6.32 1.99
N ARG A 43 -8.05 7.25 2.92
CA ARG A 43 -9.33 7.93 3.07
C ARG A 43 -9.53 8.95 1.95
N GLU A 44 -8.45 9.62 1.55
CA GLU A 44 -8.52 10.61 0.49
C GLU A 44 -7.52 10.29 -0.62
N PRO A 45 -7.82 10.77 -1.84
CA PRO A 45 -6.96 10.55 -3.00
C PRO A 45 -5.64 11.31 -2.92
N LEU A 46 -4.54 10.58 -3.02
CA LEU A 46 -3.22 11.19 -2.96
C LEU A 46 -3.05 12.26 -4.03
N ARG A 47 -2.84 13.49 -3.60
CA ARG A 47 -2.67 14.61 -4.53
C ARG A 47 -1.25 14.64 -5.09
N ASP A 48 -1.04 15.45 -6.11
CA ASP A 48 0.27 15.57 -6.74
C ASP A 48 1.32 16.00 -5.72
N GLY A 49 2.40 15.23 -5.64
CA GLY A 49 3.46 15.55 -4.70
C GLY A 49 3.34 14.79 -3.39
N ARG A 50 2.13 14.79 -2.82
CA ARG A 50 1.87 14.10 -1.56
C ARG A 50 2.35 12.65 -1.64
N VAL A 51 3.14 12.25 -0.66
CA VAL A 51 3.66 10.89 -0.60
C VAL A 51 3.10 10.13 0.59
N PHE A 52 2.24 9.15 0.31
CA PHE A 52 1.63 8.34 1.36
C PHE A 52 2.64 7.36 1.95
N THR A 53 3.22 7.72 3.09
CA THR A 53 4.21 6.87 3.74
C THR A 53 3.54 5.99 4.81
N VAL A 54 4.16 4.85 5.08
CA VAL A 54 3.63 3.92 6.07
C VAL A 54 4.75 3.09 6.69
N ARG A 55 4.71 2.95 8.02
CA ARG A 55 5.72 2.19 8.73
C ARG A 55 5.13 0.88 9.26
N ILE A 56 5.98 -0.13 9.38
CA ILE A 56 5.55 -1.43 9.88
C ILE A 56 5.62 -1.50 11.40
N ASP A 57 4.48 -1.32 12.05
CA ASP A 57 4.42 -1.36 13.51
C ASP A 57 4.62 -2.78 14.02
N ARG A 58 4.23 -3.75 13.21
CA ARG A 58 4.36 -5.16 13.58
C ARG A 58 4.62 -6.03 12.35
N LYS A 59 5.48 -7.03 12.51
CA LYS A 59 5.81 -7.93 11.42
C LYS A 59 6.09 -9.34 11.95
N VAL A 60 5.26 -10.29 11.52
CA VAL A 60 5.43 -11.69 11.94
C VAL A 60 6.41 -12.42 11.04
N ASN A 61 7.30 -13.19 11.66
CA ASN A 61 8.30 -13.95 10.91
C ASN A 61 7.90 -15.41 10.82
N SER A 62 6.60 -15.68 10.88
CA SER A 62 6.08 -17.05 10.80
C SER A 62 5.81 -17.45 9.36
N TRP A 63 5.55 -16.45 8.51
CA TRP A 63 5.26 -16.69 7.11
C TRP A 63 6.41 -16.21 6.23
N SER A 64 6.48 -16.73 5.01
CA SER A 64 7.53 -16.35 4.07
C SER A 64 6.98 -15.48 2.95
N GLY A 65 5.87 -14.80 3.22
CA GLY A 65 5.26 -13.94 2.23
C GLY A 65 5.94 -12.60 2.12
N SER A 66 5.21 -11.59 1.65
CA SER A 66 5.75 -10.25 1.48
C SER A 66 4.68 -9.19 1.72
N ILE A 67 5.07 -7.93 1.62
CA ILE A 67 4.15 -6.82 1.81
C ILE A 67 3.77 -6.18 0.48
N GLU A 68 2.48 -5.89 0.31
CA GLU A 68 2.00 -5.28 -0.92
C GLU A 68 1.53 -3.85 -0.66
N ILE A 69 2.01 -2.92 -1.48
CA ILE A 69 1.64 -1.51 -1.34
C ILE A 69 1.73 -0.79 -2.68
N GLY A 70 0.80 0.14 -2.91
CA GLY A 70 0.79 0.89 -4.15
C GLY A 70 -0.34 1.90 -4.21
N VAL A 71 -0.93 2.05 -5.39
CA VAL A 71 -2.03 3.00 -5.58
C VAL A 71 -3.10 2.41 -6.49
N THR A 72 -4.30 2.99 -6.43
CA THR A 72 -5.41 2.52 -7.26
C THR A 72 -6.20 3.70 -7.82
N ALA A 73 -7.05 3.42 -8.80
CA ALA A 73 -7.88 4.45 -9.42
C ALA A 73 -9.35 4.24 -9.09
N LEU A 74 -9.62 3.52 -8.01
CA LEU A 74 -10.99 3.25 -7.59
C LEU A 74 -11.23 3.74 -6.17
N ASP A 75 -12.30 4.51 -5.99
CA ASP A 75 -12.65 5.04 -4.68
C ASP A 75 -12.89 3.91 -3.69
N PRO A 76 -12.36 4.08 -2.46
CA PRO A 76 -12.51 3.08 -1.40
C PRO A 76 -13.94 3.00 -0.88
N SER A 77 -14.74 4.01 -1.19
CA SER A 77 -16.14 4.05 -0.75
C SER A 77 -16.98 3.05 -1.53
N VAL A 78 -16.51 2.69 -2.73
CA VAL A 78 -17.22 1.73 -3.56
C VAL A 78 -16.25 0.78 -4.25
N LEU A 79 -15.16 0.46 -3.57
CA LEU A 79 -14.15 -0.44 -4.12
C LEU A 79 -14.40 -1.87 -3.67
N ASP A 80 -14.02 -2.83 -4.51
CA ASP A 80 -14.19 -4.24 -4.19
C ASP A 80 -12.88 -4.88 -3.74
N PHE A 81 -12.64 -4.86 -2.44
CA PHE A 81 -11.41 -5.41 -1.88
C PHE A 81 -11.18 -6.84 -2.40
N PRO A 82 -10.26 -6.97 -3.35
CA PRO A 82 -9.93 -8.28 -3.95
C PRO A 82 -9.19 -9.19 -2.97
N SER A 83 -8.69 -10.31 -3.49
CA SER A 83 -7.97 -11.28 -2.66
C SER A 83 -6.77 -10.61 -1.97
N SER A 84 -6.14 -9.69 -2.68
CA SER A 84 -4.98 -8.99 -2.14
C SER A 84 -4.72 -7.69 -2.91
N ALA A 85 -3.79 -6.88 -2.41
CA ALA A 85 -3.45 -5.62 -3.04
C ALA A 85 -3.08 -5.83 -4.51
N THR A 86 -2.30 -6.87 -4.78
CA THR A 86 -1.87 -7.17 -6.14
C THR A 86 -3.02 -7.73 -6.96
N GLY A 87 -4.12 -8.08 -6.29
CA GLY A 87 -5.27 -8.62 -6.97
C GLY A 87 -6.26 -7.55 -7.38
N LEU A 88 -5.81 -6.31 -7.44
CA LEU A 88 -6.66 -5.20 -7.81
C LEU A 88 -6.61 -4.94 -9.31
N LYS A 89 -7.72 -4.50 -9.88
CA LYS A 89 -7.80 -4.21 -11.31
C LYS A 89 -8.51 -2.90 -11.56
N GLY A 90 -8.61 -2.51 -12.83
CA GLY A 90 -9.27 -1.28 -13.20
C GLY A 90 -8.34 -0.08 -13.13
N GLY A 91 -7.04 -0.34 -13.21
CA GLY A 91 -6.06 0.74 -13.17
C GLY A 91 -5.46 0.91 -11.78
N SER A 92 -4.89 -0.18 -11.25
CA SER A 92 -4.29 -0.15 -9.93
C SER A 92 -2.85 -0.67 -9.99
N TRP A 93 -1.93 0.10 -9.43
CA TRP A 93 -0.52 -0.29 -9.41
C TRP A 93 -0.11 -0.81 -8.04
N VAL A 94 0.53 -1.98 -8.03
CA VAL A 94 0.97 -2.59 -6.78
C VAL A 94 2.40 -3.12 -6.89
N VAL A 95 3.14 -3.05 -5.80
CA VAL A 95 4.52 -3.52 -5.78
C VAL A 95 4.66 -4.78 -4.94
N SER A 96 5.02 -5.88 -5.59
CA SER A 96 5.18 -7.16 -4.90
C SER A 96 6.63 -7.37 -4.48
N GLY A 97 7.25 -6.30 -3.96
CA GLY A 97 8.63 -6.40 -3.53
C GLY A 97 9.60 -6.45 -4.70
N CYS A 98 10.16 -5.30 -5.06
CA CYS A 98 11.10 -5.21 -6.17
C CYS A 98 10.43 -5.61 -7.48
N SER A 99 9.10 -5.60 -7.49
CA SER A 99 8.35 -5.95 -8.68
C SER A 99 7.08 -5.10 -8.79
N VAL A 100 7.06 -4.20 -9.77
CA VAL A 100 5.92 -3.33 -9.99
C VAL A 100 4.91 -3.97 -10.93
N LEU A 101 3.64 -3.94 -10.57
CA LEU A 101 2.57 -4.52 -11.38
C LEU A 101 1.40 -3.55 -11.51
N ARG A 102 0.57 -3.77 -12.52
CA ARG A 102 -0.59 -2.91 -12.76
C ARG A 102 -1.78 -3.74 -13.22
N ASP A 103 -2.86 -3.70 -12.44
CA ASP A 103 -4.07 -4.45 -12.75
C ASP A 103 -3.81 -5.95 -12.73
N GLY A 104 -2.74 -6.34 -12.04
CA GLY A 104 -2.40 -7.75 -11.95
C GLY A 104 -1.46 -8.19 -13.06
N ARG A 105 -0.61 -7.27 -13.51
CA ARG A 105 0.34 -7.57 -14.57
C ARG A 105 1.69 -6.92 -14.29
N SER A 106 2.76 -7.72 -14.34
CA SER A 106 4.11 -7.22 -14.09
C SER A 106 4.58 -6.34 -15.24
N VAL A 107 5.11 -5.17 -14.89
CA VAL A 107 5.60 -4.23 -15.90
C VAL A 107 7.07 -3.89 -15.65
N LEU A 108 7.46 -3.82 -14.39
CA LEU A 108 8.83 -3.51 -14.03
C LEU A 108 9.33 -4.44 -12.93
N GLU A 109 10.59 -4.86 -13.04
CA GLU A 109 11.18 -5.75 -12.06
C GLU A 109 12.52 -5.21 -11.56
N GLU A 110 13.03 -5.80 -10.49
CA GLU A 110 14.30 -5.38 -9.92
C GLU A 110 14.27 -3.89 -9.55
N TYR A 111 13.08 -3.40 -9.20
CA TYR A 111 12.91 -2.01 -8.83
C TYR A 111 13.92 -1.60 -7.76
N GLY A 112 14.18 -0.29 -7.68
CA GLY A 112 15.13 0.21 -6.70
C GLY A 112 14.77 -0.19 -5.28
N GLN A 113 13.58 0.18 -4.84
CA GLN A 113 13.12 -0.15 -3.50
C GLN A 113 12.59 -1.57 -3.44
N ASP A 114 13.00 -2.31 -2.41
CA ASP A 114 12.58 -3.69 -2.23
C ASP A 114 11.71 -3.83 -0.98
N LEU A 115 10.41 -4.00 -1.17
CA LEU A 115 9.48 -4.15 -0.06
C LEU A 115 9.67 -5.50 0.63
N ASP A 116 10.04 -6.50 -0.15
CA ASP A 116 10.26 -7.85 0.39
C ASP A 116 11.39 -7.84 1.42
N GLN A 117 12.21 -6.80 1.39
CA GLN A 117 13.32 -6.68 2.32
C GLN A 117 12.84 -6.16 3.67
N LEU A 118 11.73 -5.42 3.66
CA LEU A 118 11.17 -4.87 4.89
C LEU A 118 11.00 -5.95 5.95
N GLY A 119 10.70 -5.53 7.17
CA GLY A 119 10.51 -6.48 8.25
C GLY A 119 10.91 -5.91 9.60
N GLU A 120 10.05 -5.07 10.17
CA GLU A 120 10.33 -4.46 11.46
C GLU A 120 11.61 -3.63 11.41
N GLY A 121 11.47 -2.34 11.11
CA GLY A 121 12.62 -1.46 11.04
C GLY A 121 12.77 -0.82 9.68
N ASP A 122 11.69 -0.81 8.91
CA ASP A 122 11.70 -0.23 7.58
C ASP A 122 10.31 0.24 7.17
N ARG A 123 10.24 1.39 6.53
CA ARG A 123 8.96 1.96 6.08
C ARG A 123 8.98 2.25 4.59
N VAL A 124 7.80 2.34 3.99
CA VAL A 124 7.68 2.62 2.56
C VAL A 124 6.47 3.50 2.28
N GLY A 125 6.54 4.24 1.17
CA GLY A 125 5.45 5.11 0.80
C GLY A 125 5.30 5.25 -0.71
N VAL A 126 4.10 5.60 -1.15
CA VAL A 126 3.83 5.77 -2.58
C VAL A 126 3.49 7.22 -2.90
N GLU A 127 3.58 7.58 -4.18
CA GLU A 127 3.28 8.93 -4.63
C GLU A 127 2.88 8.94 -6.09
N ARG A 128 2.07 9.93 -6.48
CA ARG A 128 1.61 10.05 -7.85
C ARG A 128 2.12 11.34 -8.49
N THR A 129 3.16 11.23 -9.29
CA THR A 129 3.75 12.38 -9.95
C THR A 129 2.76 13.05 -10.90
N VAL A 130 2.83 14.36 -11.00
CA VAL A 130 1.94 15.12 -11.86
C VAL A 130 1.95 14.57 -13.29
N ALA A 131 3.11 14.09 -13.72
CA ALA A 131 3.26 13.52 -15.06
C ALA A 131 2.34 12.31 -15.24
N GLY A 132 2.08 11.60 -14.15
CA GLY A 132 1.22 10.43 -14.22
C GLY A 132 1.98 9.14 -14.01
N GLU A 133 2.96 9.18 -13.12
CA GLU A 133 3.77 7.99 -12.82
C GLU A 133 3.85 7.75 -11.32
N LEU A 134 3.71 6.49 -10.93
CA LEU A 134 3.77 6.12 -9.52
C LEU A 134 5.21 6.10 -9.02
N ARG A 135 5.44 6.67 -7.84
CA ARG A 135 6.77 6.71 -7.24
C ARG A 135 6.76 6.15 -5.84
N LEU A 136 7.89 5.60 -5.41
CA LEU A 136 8.02 5.03 -4.08
C LEU A 136 9.03 5.80 -3.24
N TRP A 137 8.87 5.75 -1.92
CA TRP A 137 9.77 6.45 -1.01
C TRP A 137 10.04 5.60 0.23
N VAL A 138 11.31 5.40 0.54
CA VAL A 138 11.70 4.61 1.71
C VAL A 138 12.44 5.47 2.72
N ASN A 139 11.99 5.42 3.97
CA ASN A 139 12.62 6.20 5.04
C ASN A 139 12.69 7.67 4.67
N GLY A 140 11.77 8.12 3.82
CA GLY A 140 11.74 9.50 3.40
C GLY A 140 12.79 9.80 2.35
N ARG A 141 13.10 8.82 1.51
CA ARG A 141 14.09 8.99 0.45
C ARG A 141 13.51 8.64 -0.91
N ASP A 142 14.13 9.15 -1.97
CA ASP A 142 13.67 8.90 -3.32
C ASP A 142 14.30 7.63 -3.88
N CYS A 143 13.47 6.78 -4.49
CA CYS A 143 13.94 5.53 -5.07
C CYS A 143 13.74 5.53 -6.58
N GLY A 144 12.79 6.32 -7.05
CA GLY A 144 12.51 6.39 -8.48
C GLY A 144 11.05 6.18 -8.79
N VAL A 145 10.75 5.88 -10.06
CA VAL A 145 9.38 5.65 -10.48
C VAL A 145 9.13 4.18 -10.78
N ALA A 146 8.02 3.66 -10.26
CA ALA A 146 7.66 2.26 -10.47
C ALA A 146 7.06 2.04 -11.85
N ALA A 147 5.98 2.77 -12.15
CA ALA A 147 5.31 2.65 -13.44
C ALA A 147 4.81 4.01 -13.91
N THR A 148 4.24 4.04 -15.11
CA THR A 148 3.71 5.27 -15.67
C THR A 148 2.30 5.07 -16.23
N GLY A 149 1.63 6.16 -16.57
CA GLY A 149 0.29 6.08 -17.11
C GLY A 149 -0.76 6.00 -16.03
N LEU A 150 -0.73 6.95 -15.10
CA LEU A 150 -1.70 6.97 -14.00
C LEU A 150 -2.71 8.10 -14.19
N PRO A 151 -3.93 7.90 -13.65
CA PRO A 151 -5.00 8.89 -13.74
C PRO A 151 -4.72 10.14 -12.92
N PRO A 152 -5.56 11.18 -13.11
CA PRO A 152 -5.41 12.44 -12.38
C PRO A 152 -5.75 12.31 -10.89
N ARG A 153 -6.47 11.25 -10.55
CA ARG A 153 -6.86 11.00 -9.17
C ARG A 153 -6.59 9.55 -8.77
N VAL A 154 -5.80 9.36 -7.73
CA VAL A 154 -5.47 8.02 -7.25
C VAL A 154 -5.54 7.94 -5.73
N TRP A 155 -5.58 6.73 -5.21
CA TRP A 155 -5.65 6.52 -3.77
C TRP A 155 -4.52 5.62 -3.29
N ALA A 156 -4.12 5.78 -2.03
CA ALA A 156 -3.05 4.98 -1.46
C ALA A 156 -3.55 3.60 -1.04
N VAL A 157 -3.03 2.56 -1.69
CA VAL A 157 -3.43 1.20 -1.38
C VAL A 157 -2.38 0.49 -0.52
N VAL A 158 -2.84 -0.29 0.45
CA VAL A 158 -1.95 -1.01 1.33
C VAL A 158 -2.55 -2.35 1.75
N ASP A 159 -1.68 -3.32 2.03
CA ASP A 159 -2.13 -4.65 2.44
C ASP A 159 -1.21 -5.22 3.51
N LEU A 160 -1.79 -5.96 4.45
CA LEU A 160 -1.01 -6.58 5.52
C LEU A 160 -1.19 -8.09 5.53
N TYR A 161 -0.32 -8.78 4.80
CA TYR A 161 -0.37 -10.23 4.72
C TYR A 161 1.02 -10.84 4.85
N GLY A 162 1.08 -12.09 5.32
CA GLY A 162 2.35 -12.76 5.48
C GLY A 162 3.30 -11.99 6.38
N LYS A 163 4.45 -11.60 5.83
CA LYS A 163 5.44 -10.86 6.59
C LYS A 163 4.81 -9.64 7.28
N CYS A 164 4.22 -8.76 6.48
CA CYS A 164 3.58 -7.56 7.02
C CYS A 164 2.28 -7.91 7.73
N THR A 165 2.02 -7.26 8.86
CA THR A 165 0.81 -7.49 9.63
C THR A 165 0.18 -6.19 10.09
N GLN A 166 1.02 -5.25 10.51
CA GLN A 166 0.55 -3.96 10.99
C GLN A 166 1.23 -2.81 10.23
N ILE A 167 0.50 -1.74 10.01
CA ILE A 167 1.02 -0.58 9.31
C ILE A 167 0.40 0.72 9.81
N THR A 168 1.16 1.81 9.75
CA THR A 168 0.68 3.10 10.21
C THR A 168 1.18 4.21 9.29
N VAL A 169 0.26 5.07 8.85
CA VAL A 169 0.60 6.19 7.98
C VAL A 169 1.34 7.27 8.74
N LEU A 170 2.46 7.72 8.19
CA LEU A 170 3.26 8.78 8.81
C LEU A 170 2.60 10.14 8.65
N GLY A 1 -1.56 22.47 10.64
CA GLY A 1 -0.13 22.70 10.73
C GLY A 1 0.64 21.47 11.15
N SER A 2 0.05 20.69 12.06
CA SER A 2 0.69 19.47 12.55
C SER A 2 -0.30 18.31 12.56
N SER A 3 -1.23 18.32 11.62
CA SER A 3 -2.24 17.27 11.52
C SER A 3 -2.16 16.57 10.16
N GLY A 4 -2.18 17.35 9.09
CA GLY A 4 -2.11 16.78 7.76
C GLY A 4 -0.69 16.51 7.32
N SER A 5 -0.27 15.26 7.44
CA SER A 5 1.09 14.87 7.05
C SER A 5 1.12 14.33 5.63
N SER A 6 0.21 13.40 5.33
CA SER A 6 0.13 12.81 4.00
C SER A 6 -1.30 12.39 3.67
N GLY A 7 -1.88 11.56 4.54
CA GLY A 7 -3.23 11.10 4.34
C GLY A 7 -3.77 10.33 5.53
N GLU A 8 -4.69 9.41 5.27
CA GLU A 8 -5.30 8.61 6.32
C GLU A 8 -5.58 7.19 5.84
N LEU A 9 -6.31 6.43 6.65
CA LEU A 9 -6.66 5.05 6.31
C LEU A 9 -8.16 4.85 6.35
N HIS A 10 -8.72 4.38 5.24
CA HIS A 10 -10.16 4.12 5.16
C HIS A 10 -10.63 3.25 6.32
N PRO A 11 -11.80 3.59 6.88
CA PRO A 11 -12.39 2.85 8.00
C PRO A 11 -12.87 1.46 7.59
N ARG A 12 -13.17 1.31 6.31
CA ARG A 12 -13.65 0.02 5.79
C ARG A 12 -12.48 -0.88 5.43
N THR A 13 -12.50 -2.11 5.95
CA THR A 13 -11.43 -3.07 5.68
C THR A 13 -12.01 -4.47 5.45
N GLY A 14 -11.17 -5.37 4.96
CA GLY A 14 -11.61 -6.73 4.71
C GLY A 14 -12.11 -7.42 5.96
N ARG A 15 -12.35 -8.72 5.86
CA ARG A 15 -12.84 -9.49 6.99
C ARG A 15 -11.71 -9.83 7.95
N LEU A 16 -10.51 -9.99 7.41
CA LEU A 16 -9.33 -10.31 8.21
C LEU A 16 -8.62 -9.05 8.67
N VAL A 17 -8.65 -8.01 7.83
CA VAL A 17 -8.01 -6.75 8.15
C VAL A 17 -8.87 -5.91 9.09
N SER A 18 -8.23 -5.14 9.96
CA SER A 18 -8.95 -4.30 10.91
C SER A 18 -8.29 -2.93 11.02
N LEU A 19 -9.10 -1.90 11.30
CA LEU A 19 -8.59 -0.54 11.43
C LEU A 19 -8.59 -0.11 12.89
N SER A 20 -7.48 0.49 13.32
CA SER A 20 -7.35 0.95 14.70
C SER A 20 -8.47 1.93 15.06
N ALA A 21 -8.75 2.06 16.35
CA ALA A 21 -9.79 2.96 16.81
C ALA A 21 -9.61 4.37 16.25
N CYS A 22 -8.50 4.99 16.60
CA CYS A 22 -8.20 6.34 16.12
C CYS A 22 -8.09 6.37 14.60
N GLY A 23 -7.72 5.24 14.01
CA GLY A 23 -7.59 5.15 12.58
C GLY A 23 -6.17 5.40 12.10
N ARG A 24 -6.00 5.60 10.80
CA ARG A 24 -4.68 5.83 10.23
C ARG A 24 -3.73 4.70 10.57
N THR A 25 -4.29 3.52 10.84
CA THR A 25 -3.48 2.35 11.19
C THR A 25 -4.19 1.06 10.78
N ALA A 26 -3.47 0.20 10.06
CA ALA A 26 -4.03 -1.07 9.62
C ALA A 26 -3.37 -2.24 10.35
N ARG A 27 -4.12 -3.33 10.49
CA ARG A 27 -3.61 -4.51 11.18
C ARG A 27 -4.39 -5.76 10.76
N ARG A 28 -3.79 -6.92 10.95
CA ARG A 28 -4.44 -8.18 10.60
C ARG A 28 -5.15 -8.78 11.81
N GLN A 29 -6.09 -9.70 11.55
CA GLN A 29 -6.83 -10.33 12.61
C GLN A 29 -6.60 -11.84 12.62
N GLN A 30 -6.27 -12.39 11.45
CA GLN A 30 -6.02 -13.82 11.31
C GLN A 30 -4.57 -14.07 10.92
N PRO A 31 -3.63 -13.76 11.82
CA PRO A 31 -2.20 -13.95 11.58
C PRO A 31 -1.81 -15.42 11.55
N GLY A 32 -2.28 -16.18 12.53
CA GLY A 32 -1.97 -17.59 12.60
C GLY A 32 -3.04 -18.45 11.95
N GLN A 33 -3.35 -18.15 10.70
CA GLN A 33 -4.36 -18.90 9.96
C GLN A 33 -4.35 -18.53 8.49
N GLU A 34 -4.48 -17.24 8.19
CA GLU A 34 -4.48 -16.76 6.82
C GLU A 34 -3.60 -15.53 6.67
N PHE A 35 -3.56 -14.97 5.46
CA PHE A 35 -2.76 -13.79 5.19
C PHE A 35 -3.42 -12.90 4.14
N ASN A 36 -3.52 -13.41 2.92
CA ASN A 36 -4.14 -12.67 1.83
C ASN A 36 -5.66 -12.85 1.84
N HIS A 37 -6.38 -11.73 1.93
CA HIS A 37 -7.83 -11.76 1.95
C HIS A 37 -8.40 -10.34 1.91
N GLY A 38 -8.19 -9.60 2.99
CA GLY A 38 -8.70 -8.25 3.07
C GLY A 38 -7.71 -7.23 2.53
N LEU A 39 -8.03 -5.95 2.70
CA LEU A 39 -7.14 -4.88 2.23
C LEU A 39 -7.45 -3.57 2.96
N VAL A 40 -6.57 -2.59 2.79
CA VAL A 40 -6.74 -1.29 3.42
C VAL A 40 -6.32 -0.16 2.49
N LEU A 41 -7.27 0.69 2.12
CA LEU A 41 -6.99 1.81 1.23
C LEU A 41 -7.00 3.13 2.00
N SER A 42 -6.56 4.19 1.34
CA SER A 42 -6.52 5.51 1.96
C SER A 42 -7.92 6.10 2.09
N ARG A 43 -8.08 7.05 3.00
CA ARG A 43 -9.37 7.70 3.22
C ARG A 43 -9.72 8.63 2.07
N GLU A 44 -8.71 9.37 1.59
CA GLU A 44 -8.92 10.30 0.48
C GLU A 44 -7.88 10.07 -0.61
N PRO A 45 -8.19 10.57 -1.83
CA PRO A 45 -7.29 10.44 -2.98
C PRO A 45 -6.03 11.28 -2.84
N LEU A 46 -4.88 10.64 -2.95
CA LEU A 46 -3.59 11.32 -2.84
C LEU A 46 -3.49 12.44 -3.87
N ARG A 47 -2.91 13.57 -3.46
CA ARG A 47 -2.74 14.71 -4.35
C ARG A 47 -1.35 14.72 -4.97
N ASP A 48 -1.18 15.50 -6.04
CA ASP A 48 0.10 15.59 -6.71
C ASP A 48 1.21 16.00 -5.74
N GLY A 49 2.27 15.19 -5.69
CA GLY A 49 3.37 15.47 -4.80
C GLY A 49 3.24 14.75 -3.47
N ARG A 50 2.04 14.77 -2.90
CA ARG A 50 1.79 14.12 -1.62
C ARG A 50 2.23 12.66 -1.66
N VAL A 51 3.11 12.29 -0.74
CA VAL A 51 3.60 10.91 -0.67
C VAL A 51 3.03 10.19 0.54
N PHE A 52 2.26 9.13 0.26
CA PHE A 52 1.64 8.35 1.33
C PHE A 52 2.66 7.38 1.94
N THR A 53 3.23 7.78 3.08
CA THR A 53 4.21 6.94 3.77
C THR A 53 3.55 6.09 4.83
N VAL A 54 4.16 4.95 5.13
CA VAL A 54 3.64 4.03 6.14
C VAL A 54 4.75 3.22 6.78
N ARG A 55 4.68 3.07 8.11
CA ARG A 55 5.69 2.32 8.84
C ARG A 55 5.12 1.01 9.37
N ILE A 56 5.94 -0.03 9.36
CA ILE A 56 5.51 -1.35 9.81
C ILE A 56 5.48 -1.41 11.34
N ASP A 57 4.29 -1.24 11.92
CA ASP A 57 4.13 -1.28 13.36
C ASP A 57 4.44 -2.66 13.90
N ARG A 58 4.27 -3.68 13.07
CA ARG A 58 4.53 -5.06 13.47
C ARG A 58 4.82 -5.93 12.25
N LYS A 59 5.69 -6.92 12.43
CA LYS A 59 6.05 -7.83 11.36
C LYS A 59 6.33 -9.23 11.90
N VAL A 60 5.55 -10.20 11.43
CA VAL A 60 5.71 -11.59 11.86
C VAL A 60 6.71 -12.33 10.98
N ASN A 61 7.64 -13.03 11.60
CA ASN A 61 8.65 -13.78 10.87
C ASN A 61 8.30 -15.26 10.81
N SER A 62 7.00 -15.55 10.81
CA SER A 62 6.52 -16.93 10.77
C SER A 62 6.26 -17.35 9.32
N TRP A 63 5.96 -16.38 8.47
CA TRP A 63 5.67 -16.65 7.06
C TRP A 63 6.84 -16.20 6.18
N SER A 64 6.81 -16.62 4.92
CA SER A 64 7.87 -16.27 3.98
C SER A 64 7.31 -15.40 2.85
N GLY A 65 6.21 -14.71 3.13
CA GLY A 65 5.60 -13.86 2.13
C GLY A 65 6.25 -12.49 2.05
N SER A 66 5.50 -11.51 1.58
CA SER A 66 6.01 -10.14 1.45
C SER A 66 4.91 -9.12 1.67
N ILE A 67 5.26 -7.85 1.58
CA ILE A 67 4.29 -6.77 1.76
C ILE A 67 3.94 -6.11 0.43
N GLU A 68 2.66 -5.88 0.22
CA GLU A 68 2.19 -5.25 -1.01
C GLU A 68 1.65 -3.85 -0.75
N ILE A 69 2.24 -2.86 -1.42
CA ILE A 69 1.82 -1.47 -1.25
C ILE A 69 1.86 -0.72 -2.58
N GLY A 70 0.88 0.16 -2.79
CA GLY A 70 0.83 0.93 -4.02
C GLY A 70 -0.34 1.89 -4.05
N VAL A 71 -0.96 2.04 -5.22
CA VAL A 71 -2.09 2.93 -5.37
C VAL A 71 -3.13 2.35 -6.33
N THR A 72 -4.31 2.93 -6.35
CA THR A 72 -5.39 2.47 -7.21
C THR A 72 -6.23 3.63 -7.72
N ALA A 73 -6.98 3.40 -8.79
CA ALA A 73 -7.84 4.43 -9.37
C ALA A 73 -9.29 4.26 -8.93
N LEU A 74 -9.56 3.15 -8.24
CA LEU A 74 -10.91 2.86 -7.77
C LEU A 74 -11.18 3.54 -6.43
N ASP A 75 -12.45 3.68 -6.09
CA ASP A 75 -12.84 4.31 -4.82
C ASP A 75 -13.00 3.26 -3.72
N PRO A 76 -12.44 3.56 -2.54
CA PRO A 76 -12.50 2.65 -1.39
C PRO A 76 -13.90 2.56 -0.80
N SER A 77 -14.69 3.63 -0.99
CA SER A 77 -16.06 3.66 -0.47
C SER A 77 -16.92 2.60 -1.15
N VAL A 78 -16.46 2.12 -2.30
CA VAL A 78 -17.19 1.10 -3.04
C VAL A 78 -16.24 0.13 -3.74
N LEU A 79 -15.10 -0.13 -3.09
CA LEU A 79 -14.11 -1.04 -3.64
C LEU A 79 -14.28 -2.44 -3.07
N ASP A 80 -14.00 -3.45 -3.90
CA ASP A 80 -14.13 -4.84 -3.48
C ASP A 80 -12.76 -5.42 -3.14
N PHE A 81 -12.45 -5.45 -1.84
CA PHE A 81 -11.17 -5.98 -1.38
C PHE A 81 -10.91 -7.36 -1.97
N PRO A 82 -10.03 -7.41 -2.99
CA PRO A 82 -9.68 -8.66 -3.65
C PRO A 82 -8.85 -9.58 -2.76
N SER A 83 -8.30 -10.64 -3.36
CA SER A 83 -7.49 -11.60 -2.62
C SER A 83 -6.30 -10.91 -1.97
N SER A 84 -5.82 -9.85 -2.60
CA SER A 84 -4.68 -9.10 -2.09
C SER A 84 -4.49 -7.80 -2.86
N ALA A 85 -3.58 -6.96 -2.38
CA ALA A 85 -3.30 -5.68 -3.02
C ALA A 85 -2.98 -5.86 -4.50
N THR A 86 -2.14 -6.85 -4.79
CA THR A 86 -1.74 -7.14 -6.17
C THR A 86 -2.91 -7.70 -6.97
N GLY A 87 -3.98 -8.06 -6.27
CA GLY A 87 -5.15 -8.59 -6.94
C GLY A 87 -6.17 -7.51 -7.29
N LEU A 88 -5.71 -6.27 -7.36
CA LEU A 88 -6.59 -5.15 -7.68
C LEU A 88 -6.57 -4.86 -9.18
N LYS A 89 -7.74 -4.60 -9.74
CA LYS A 89 -7.86 -4.29 -11.16
C LYS A 89 -8.55 -2.95 -11.38
N GLY A 90 -8.80 -2.61 -12.63
CA GLY A 90 -9.45 -1.36 -12.96
C GLY A 90 -8.50 -0.17 -12.85
N GLY A 91 -7.23 -0.41 -13.17
CA GLY A 91 -6.24 0.66 -13.11
C GLY A 91 -5.65 0.82 -11.71
N SER A 92 -4.95 -0.21 -11.25
CA SER A 92 -4.35 -0.17 -9.92
C SER A 92 -2.91 -0.70 -9.97
N TRP A 93 -2.00 0.09 -9.42
CA TRP A 93 -0.58 -0.29 -9.40
C TRP A 93 -0.18 -0.80 -8.03
N VAL A 94 0.47 -1.96 -8.00
CA VAL A 94 0.91 -2.55 -6.73
C VAL A 94 2.34 -3.08 -6.85
N VAL A 95 3.08 -3.02 -5.75
CA VAL A 95 4.45 -3.49 -5.72
C VAL A 95 4.59 -4.76 -4.90
N SER A 96 4.87 -5.87 -5.59
CA SER A 96 5.02 -7.16 -4.91
C SER A 96 6.47 -7.40 -4.53
N GLY A 97 7.12 -6.38 -3.98
CA GLY A 97 8.51 -6.51 -3.58
C GLY A 97 9.45 -6.53 -4.75
N CYS A 98 9.99 -5.37 -5.10
CA CYS A 98 10.91 -5.26 -6.23
C CYS A 98 10.23 -5.63 -7.53
N SER A 99 8.90 -5.60 -7.53
CA SER A 99 8.11 -5.94 -8.71
C SER A 99 6.86 -5.07 -8.81
N VAL A 100 6.85 -4.17 -9.78
CA VAL A 100 5.72 -3.27 -9.98
C VAL A 100 4.73 -3.87 -10.98
N LEU A 101 3.48 -4.01 -10.55
CA LEU A 101 2.43 -4.56 -11.40
C LEU A 101 1.26 -3.58 -11.54
N ARG A 102 0.46 -3.75 -12.58
CA ARG A 102 -0.70 -2.90 -12.82
C ARG A 102 -1.90 -3.72 -13.26
N ASP A 103 -2.97 -3.65 -12.48
CA ASP A 103 -4.19 -4.39 -12.79
C ASP A 103 -3.94 -5.90 -12.76
N GLY A 104 -2.90 -6.31 -12.05
CA GLY A 104 -2.57 -7.71 -11.94
C GLY A 104 -1.64 -8.17 -13.05
N ARG A 105 -0.77 -7.28 -13.50
CA ARG A 105 0.17 -7.59 -14.57
C ARG A 105 1.53 -6.96 -14.30
N SER A 106 2.58 -7.77 -14.40
CA SER A 106 3.94 -7.29 -14.16
C SER A 106 4.41 -6.41 -15.31
N VAL A 107 4.93 -5.24 -14.98
CA VAL A 107 5.42 -4.31 -15.98
C VAL A 107 6.88 -3.93 -15.72
N LEU A 108 7.23 -3.82 -14.45
CA LEU A 108 8.60 -3.47 -14.06
C LEU A 108 9.10 -4.39 -12.94
N GLU A 109 10.36 -4.79 -13.04
CA GLU A 109 10.96 -5.66 -12.04
C GLU A 109 12.31 -5.11 -11.57
N GLU A 110 12.86 -5.71 -10.53
CA GLU A 110 14.14 -5.29 -9.99
C GLU A 110 14.11 -3.81 -9.59
N TYR A 111 12.93 -3.35 -9.18
CA TYR A 111 12.75 -1.96 -8.78
C TYR A 111 13.80 -1.56 -7.74
N GLY A 112 14.10 -0.27 -7.68
CA GLY A 112 15.08 0.22 -6.73
C GLY A 112 14.80 -0.23 -5.31
N GLN A 113 13.63 0.14 -4.81
CA GLN A 113 13.23 -0.23 -3.45
C GLN A 113 12.70 -1.65 -3.41
N ASP A 114 13.10 -2.41 -2.39
CA ASP A 114 12.67 -3.79 -2.24
C ASP A 114 11.81 -3.94 -0.99
N LEU A 115 10.50 -4.05 -1.19
CA LEU A 115 9.56 -4.21 -0.08
C LEU A 115 9.75 -5.56 0.60
N ASP A 116 10.13 -6.57 -0.18
CA ASP A 116 10.35 -7.91 0.35
C ASP A 116 11.49 -7.92 1.37
N GLN A 117 12.31 -6.87 1.34
CA GLN A 117 13.43 -6.76 2.24
C GLN A 117 13.00 -6.22 3.60
N LEU A 118 11.88 -5.49 3.60
CA LEU A 118 11.35 -4.91 4.83
C LEU A 118 11.20 -5.97 5.91
N GLY A 119 11.02 -5.52 7.15
CA GLY A 119 10.87 -6.45 8.26
C GLY A 119 11.19 -5.81 9.60
N GLU A 120 10.26 -5.02 10.11
CA GLU A 120 10.45 -4.34 11.39
C GLU A 120 11.72 -3.48 11.37
N GLY A 121 11.54 -2.21 11.05
CA GLY A 121 12.67 -1.29 11.00
C GLY A 121 12.84 -0.67 9.63
N ASP A 122 11.78 -0.70 8.82
CA ASP A 122 11.82 -0.14 7.48
C ASP A 122 10.42 0.29 7.02
N ARG A 123 10.29 1.56 6.67
CA ARG A 123 9.01 2.09 6.22
C ARG A 123 9.02 2.34 4.72
N VAL A 124 7.83 2.43 4.13
CA VAL A 124 7.70 2.65 2.70
C VAL A 124 6.49 3.54 2.39
N GLY A 125 6.57 4.25 1.27
CA GLY A 125 5.48 5.13 0.88
C GLY A 125 5.34 5.25 -0.62
N VAL A 126 4.13 5.58 -1.09
CA VAL A 126 3.89 5.73 -2.51
C VAL A 126 3.61 7.19 -2.87
N GLU A 127 3.74 7.51 -4.15
CA GLU A 127 3.49 8.87 -4.63
C GLU A 127 3.00 8.86 -6.08
N ARG A 128 2.20 9.85 -6.42
CA ARG A 128 1.66 9.96 -7.77
C ARG A 128 2.01 11.32 -8.39
N THR A 129 3.03 11.32 -9.24
CA THR A 129 3.48 12.54 -9.90
C THR A 129 2.39 13.12 -10.79
N VAL A 130 2.42 14.42 -11.00
CA VAL A 130 1.43 15.09 -11.83
C VAL A 130 1.35 14.45 -13.22
N ALA A 131 2.50 14.03 -13.74
CA ALA A 131 2.56 13.39 -15.04
C ALA A 131 1.78 12.08 -15.05
N GLY A 132 1.65 11.46 -13.88
CA GLY A 132 0.93 10.21 -13.77
C GLY A 132 1.85 9.02 -13.61
N GLU A 133 2.93 9.21 -12.85
CA GLU A 133 3.90 8.14 -12.61
C GLU A 133 3.98 7.80 -11.12
N LEU A 134 3.80 6.53 -10.81
CA LEU A 134 3.84 6.07 -9.42
C LEU A 134 5.28 5.97 -8.93
N ARG A 135 5.54 6.57 -7.77
CA ARG A 135 6.88 6.55 -7.19
C ARG A 135 6.84 5.99 -5.77
N LEU A 136 7.99 5.49 -5.31
CA LEU A 136 8.09 4.92 -3.98
C LEU A 136 9.15 5.64 -3.15
N TRP A 137 8.92 5.75 -1.86
CA TRP A 137 9.86 6.42 -0.96
C TRP A 137 10.07 5.61 0.32
N VAL A 138 11.34 5.39 0.67
CA VAL A 138 11.68 4.63 1.86
C VAL A 138 12.45 5.48 2.85
N ASN A 139 11.94 5.57 4.08
CA ASN A 139 12.59 6.36 5.12
C ASN A 139 12.79 7.80 4.67
N GLY A 140 11.95 8.24 3.75
CA GLY A 140 12.05 9.60 3.25
C GLY A 140 13.14 9.76 2.20
N ARG A 141 13.24 8.79 1.30
CA ARG A 141 14.26 8.83 0.25
C ARG A 141 13.67 8.35 -1.08
N ASP A 142 14.05 9.02 -2.16
CA ASP A 142 13.57 8.67 -3.49
C ASP A 142 14.10 7.30 -3.90
N CYS A 143 13.24 6.50 -4.53
CA CYS A 143 13.61 5.17 -4.98
C CYS A 143 13.57 5.09 -6.51
N GLY A 144 12.75 5.93 -7.12
CA GLY A 144 12.63 5.93 -8.57
C GLY A 144 11.19 5.81 -9.03
N VAL A 145 11.00 5.62 -10.33
CA VAL A 145 9.66 5.49 -10.90
C VAL A 145 9.28 4.02 -11.07
N ALA A 146 8.04 3.69 -10.74
CA ALA A 146 7.55 2.33 -10.87
C ALA A 146 6.81 2.13 -12.19
N ALA A 147 5.78 2.95 -12.41
CA ALA A 147 4.99 2.86 -13.63
C ALA A 147 4.51 4.24 -14.07
N THR A 148 4.06 4.34 -15.32
CA THR A 148 3.58 5.60 -15.86
C THR A 148 2.18 5.44 -16.46
N GLY A 149 1.47 6.56 -16.60
CA GLY A 149 0.13 6.52 -17.15
C GLY A 149 -0.94 6.36 -16.10
N LEU A 150 -0.87 7.19 -15.06
CA LEU A 150 -1.84 7.13 -13.97
C LEU A 150 -2.89 8.23 -14.13
N PRO A 151 -4.09 7.98 -13.57
CA PRO A 151 -5.20 8.93 -13.64
C PRO A 151 -4.96 10.18 -12.79
N PRO A 152 -5.83 11.18 -12.95
CA PRO A 152 -5.73 12.44 -12.21
C PRO A 152 -6.03 12.27 -10.72
N ARG A 153 -6.71 11.18 -10.39
CA ARG A 153 -7.07 10.90 -9.00
C ARG A 153 -6.75 9.46 -8.63
N VAL A 154 -5.99 9.28 -7.55
CA VAL A 154 -5.61 7.94 -7.10
C VAL A 154 -5.67 7.84 -5.58
N TRP A 155 -5.71 6.61 -5.08
CA TRP A 155 -5.77 6.39 -3.63
C TRP A 155 -4.60 5.51 -3.19
N ALA A 156 -4.19 5.68 -1.93
CA ALA A 156 -3.10 4.90 -1.38
C ALA A 156 -3.56 3.51 -0.96
N VAL A 157 -3.05 2.49 -1.62
CA VAL A 157 -3.42 1.11 -1.31
C VAL A 157 -2.36 0.44 -0.45
N VAL A 158 -2.81 -0.34 0.53
CA VAL A 158 -1.90 -1.04 1.43
C VAL A 158 -2.47 -2.40 1.83
N ASP A 159 -1.57 -3.33 2.14
CA ASP A 159 -1.98 -4.68 2.54
C ASP A 159 -1.04 -5.24 3.60
N LEU A 160 -1.60 -5.99 4.54
CA LEU A 160 -0.81 -6.58 5.62
C LEU A 160 -0.98 -8.09 5.64
N TYR A 161 -0.12 -8.80 4.89
CA TYR A 161 -0.17 -10.25 4.83
C TYR A 161 1.22 -10.84 4.91
N GLY A 162 1.32 -12.04 5.49
CA GLY A 162 2.61 -12.70 5.63
C GLY A 162 3.58 -11.90 6.46
N LYS A 163 4.65 -11.42 5.81
CA LYS A 163 5.66 -10.63 6.49
C LYS A 163 5.05 -9.44 7.22
N CYS A 164 4.34 -8.60 6.46
CA CYS A 164 3.70 -7.42 7.04
C CYS A 164 2.41 -7.81 7.76
N THR A 165 2.16 -7.16 8.89
CA THR A 165 0.97 -7.44 9.68
C THR A 165 0.30 -6.15 10.13
N GLN A 166 1.10 -5.17 10.53
CA GLN A 166 0.58 -3.89 10.98
C GLN A 166 1.27 -2.74 10.26
N ILE A 167 0.53 -1.65 10.06
CA ILE A 167 1.07 -0.48 9.37
C ILE A 167 0.44 0.81 9.91
N THR A 168 1.17 1.91 9.77
CA THR A 168 0.69 3.20 10.24
C THR A 168 1.17 4.33 9.33
N VAL A 169 0.23 5.15 8.87
CA VAL A 169 0.56 6.27 7.99
C VAL A 169 1.31 7.36 8.76
N LEU A 170 2.31 7.95 8.12
CA LEU A 170 3.10 9.00 8.74
C LEU A 170 2.43 10.36 8.55
N GLY A 1 1.23 14.04 16.41
CA GLY A 1 1.47 15.37 15.86
C GLY A 1 2.14 15.33 14.51
N SER A 2 1.55 14.58 13.58
CA SER A 2 2.10 14.45 12.24
C SER A 2 2.27 15.82 11.59
N SER A 3 1.33 16.71 11.85
CA SER A 3 1.38 18.06 11.29
C SER A 3 1.43 18.01 9.77
N GLY A 4 0.74 17.04 9.18
CA GLY A 4 0.73 16.89 7.74
C GLY A 4 -0.25 15.84 7.27
N SER A 5 -0.99 16.15 6.21
CA SER A 5 -1.97 15.23 5.66
C SER A 5 -1.39 14.44 4.48
N SER A 6 -1.37 13.13 4.61
CA SER A 6 -0.84 12.26 3.57
C SER A 6 -1.96 11.51 2.86
N GLY A 7 -2.99 11.15 3.61
CA GLY A 7 -4.12 10.43 3.05
C GLY A 7 -4.89 9.63 4.08
N GLU A 8 -4.23 9.33 5.20
CA GLU A 8 -4.87 8.58 6.27
C GLU A 8 -5.27 7.18 5.79
N LEU A 9 -6.02 6.47 6.61
CA LEU A 9 -6.47 5.13 6.27
C LEU A 9 -8.00 5.03 6.32
N HIS A 10 -8.59 4.49 5.26
CA HIS A 10 -10.04 4.33 5.18
C HIS A 10 -10.56 3.48 6.33
N PRO A 11 -11.70 3.89 6.90
CA PRO A 11 -12.33 3.17 8.01
C PRO A 11 -12.89 1.82 7.59
N ARG A 12 -13.01 1.61 6.28
CA ARG A 12 -13.54 0.36 5.75
C ARG A 12 -12.41 -0.62 5.45
N THR A 13 -12.44 -1.76 6.14
CA THR A 13 -11.42 -2.78 5.95
C THR A 13 -12.05 -4.14 5.64
N GLY A 14 -11.22 -5.11 5.29
CA GLY A 14 -11.71 -6.43 4.98
C GLY A 14 -12.36 -7.11 6.16
N ARG A 15 -12.38 -8.44 6.14
CA ARG A 15 -12.98 -9.21 7.23
C ARG A 15 -11.94 -9.56 8.28
N LEU A 16 -10.69 -9.76 7.84
CA LEU A 16 -9.61 -10.09 8.76
C LEU A 16 -8.86 -8.84 9.21
N VAL A 17 -8.83 -7.83 8.34
CA VAL A 17 -8.16 -6.57 8.65
C VAL A 17 -9.04 -5.69 9.54
N SER A 18 -8.40 -4.88 10.36
CA SER A 18 -9.12 -3.98 11.26
C SER A 18 -8.46 -2.60 11.31
N LEU A 19 -9.28 -1.57 11.41
CA LEU A 19 -8.78 -0.20 11.45
C LEU A 19 -8.88 0.37 12.86
N SER A 20 -7.75 0.86 13.38
CA SER A 20 -7.71 1.44 14.72
C SER A 20 -8.71 2.58 14.85
N ALA A 21 -9.09 2.88 16.09
CA ALA A 21 -10.04 3.95 16.36
C ALA A 21 -9.53 5.28 15.82
N CYS A 22 -8.21 5.40 15.72
CA CYS A 22 -7.59 6.63 15.23
C CYS A 22 -7.92 6.84 13.75
N GLY A 23 -8.19 5.75 13.04
CA GLY A 23 -8.51 5.84 11.63
C GLY A 23 -7.29 6.09 10.77
N ARG A 24 -6.11 5.80 11.31
CA ARG A 24 -4.87 6.00 10.59
C ARG A 24 -3.90 4.84 10.85
N THR A 25 -4.44 3.67 11.16
CA THR A 25 -3.63 2.50 11.42
C THR A 25 -4.36 1.22 11.01
N ALA A 26 -3.65 0.34 10.31
CA ALA A 26 -4.23 -0.92 9.85
C ALA A 26 -3.52 -2.11 10.50
N ARG A 27 -4.27 -3.19 10.70
CA ARG A 27 -3.72 -4.40 11.31
C ARG A 27 -4.54 -5.62 10.95
N ARG A 28 -3.90 -6.78 10.92
CA ARG A 28 -4.58 -8.02 10.59
C ARG A 28 -5.11 -8.71 11.85
N GLN A 29 -6.09 -9.59 11.68
CA GLN A 29 -6.68 -10.31 12.80
C GLN A 29 -6.60 -11.82 12.57
N GLN A 30 -5.62 -12.25 11.79
CA GLN A 30 -5.44 -13.67 11.51
C GLN A 30 -3.97 -13.98 11.25
N PRO A 31 -3.13 -13.77 12.29
CA PRO A 31 -1.69 -14.03 12.20
C PRO A 31 -1.37 -15.51 12.14
N GLY A 32 -2.31 -16.34 12.60
CA GLY A 32 -2.11 -17.78 12.58
C GLY A 32 -3.27 -18.52 11.93
N GLN A 33 -3.47 -18.28 10.64
CA GLN A 33 -4.55 -18.93 9.90
C GLN A 33 -4.39 -18.70 8.40
N GLU A 34 -4.55 -17.45 7.98
CA GLU A 34 -4.43 -17.11 6.56
C GLU A 34 -3.70 -15.78 6.39
N PHE A 35 -3.44 -15.42 5.14
CA PHE A 35 -2.75 -14.17 4.83
C PHE A 35 -3.62 -13.27 3.96
N ASN A 36 -3.77 -13.66 2.69
CA ASN A 36 -4.57 -12.88 1.75
C ASN A 36 -6.07 -13.03 2.06
N HIS A 37 -6.77 -11.91 2.07
CA HIS A 37 -8.21 -11.91 2.35
C HIS A 37 -8.79 -10.51 2.21
N GLY A 38 -8.41 -9.62 3.12
CA GLY A 38 -8.91 -8.26 3.08
C GLY A 38 -7.88 -7.28 2.56
N LEU A 39 -8.13 -5.99 2.74
CA LEU A 39 -7.22 -4.95 2.28
C LEU A 39 -7.45 -3.65 3.04
N VAL A 40 -6.55 -2.68 2.84
CA VAL A 40 -6.66 -1.39 3.51
C VAL A 40 -6.22 -0.26 2.58
N LEU A 41 -7.15 0.62 2.25
CA LEU A 41 -6.87 1.75 1.38
C LEU A 41 -6.84 3.06 2.17
N SER A 42 -6.39 4.12 1.52
CA SER A 42 -6.30 5.43 2.16
C SER A 42 -7.68 6.04 2.32
N ARG A 43 -7.77 7.09 3.15
CA ARG A 43 -9.03 7.76 3.40
C ARG A 43 -9.39 8.69 2.23
N GLU A 44 -8.41 9.43 1.75
CA GLU A 44 -8.61 10.36 0.64
C GLU A 44 -7.64 10.09 -0.49
N PRO A 45 -7.95 10.60 -1.69
CA PRO A 45 -7.10 10.42 -2.88
C PRO A 45 -5.80 11.21 -2.77
N LEU A 46 -4.68 10.52 -2.92
CA LEU A 46 -3.37 11.15 -2.85
C LEU A 46 -3.24 12.24 -3.90
N ARG A 47 -2.93 13.45 -3.46
CA ARG A 47 -2.77 14.58 -4.37
C ARG A 47 -1.38 14.60 -4.98
N ASP A 48 -1.22 15.38 -6.05
CA ASP A 48 0.07 15.47 -6.73
C ASP A 48 1.17 15.91 -5.76
N GLY A 49 2.25 15.14 -5.70
CA GLY A 49 3.35 15.47 -4.81
C GLY A 49 3.26 14.73 -3.49
N ARG A 50 2.09 14.78 -2.87
CA ARG A 50 1.88 14.11 -1.60
C ARG A 50 2.32 12.65 -1.65
N VAL A 51 3.15 12.24 -0.69
CA VAL A 51 3.64 10.88 -0.64
C VAL A 51 3.08 10.13 0.56
N PHE A 52 2.26 9.12 0.31
CA PHE A 52 1.66 8.34 1.38
C PHE A 52 2.66 7.35 1.97
N THR A 53 3.26 7.73 3.09
CA THR A 53 4.25 6.90 3.76
C THR A 53 3.59 6.02 4.83
N VAL A 54 4.20 4.87 5.09
CA VAL A 54 3.68 3.94 6.08
C VAL A 54 4.80 3.11 6.70
N ARG A 55 4.70 2.86 8.00
CA ARG A 55 5.70 2.08 8.71
C ARG A 55 5.15 0.71 9.10
N ILE A 56 6.06 -0.22 9.39
CA ILE A 56 5.66 -1.57 9.78
C ILE A 56 5.63 -1.72 11.29
N ASP A 57 4.45 -1.56 11.88
CA ASP A 57 4.28 -1.70 13.32
C ASP A 57 4.77 -3.06 13.81
N ARG A 58 4.24 -4.11 13.19
CA ARG A 58 4.61 -5.48 13.56
C ARG A 58 4.86 -6.33 12.32
N LYS A 59 5.85 -7.22 12.41
CA LYS A 59 6.18 -8.09 11.29
C LYS A 59 6.41 -9.52 11.78
N VAL A 60 5.71 -10.47 11.16
CA VAL A 60 5.83 -11.87 11.53
C VAL A 60 6.91 -12.57 10.69
N ASN A 61 7.79 -13.29 11.38
CA ASN A 61 8.87 -14.00 10.71
C ASN A 61 8.49 -15.46 10.46
N SER A 62 7.62 -15.98 11.31
CA SER A 62 7.18 -17.37 11.18
C SER A 62 6.64 -17.65 9.78
N TRP A 63 6.09 -16.62 9.15
CA TRP A 63 5.54 -16.74 7.81
C TRP A 63 6.64 -16.65 6.76
N SER A 64 6.23 -16.69 5.49
CA SER A 64 7.19 -16.62 4.39
C SER A 64 6.64 -15.77 3.24
N GLY A 65 5.74 -14.85 3.59
CA GLY A 65 5.15 -13.98 2.59
C GLY A 65 5.84 -12.63 2.51
N SER A 66 5.14 -11.64 1.99
CA SER A 66 5.69 -10.30 1.85
C SER A 66 4.60 -9.24 1.99
N ILE A 67 4.99 -7.97 1.90
CA ILE A 67 4.06 -6.87 2.01
C ILE A 67 3.78 -6.23 0.66
N GLU A 68 2.51 -5.91 0.40
CA GLU A 68 2.12 -5.30 -0.86
C GLU A 68 1.61 -3.87 -0.63
N ILE A 69 2.11 -2.94 -1.44
CA ILE A 69 1.70 -1.54 -1.33
C ILE A 69 1.76 -0.84 -2.69
N GLY A 70 0.81 0.05 -2.92
CA GLY A 70 0.76 0.78 -4.18
C GLY A 70 -0.37 1.78 -4.23
N VAL A 71 -0.92 1.99 -5.42
CA VAL A 71 -2.02 2.94 -5.61
C VAL A 71 -3.13 2.34 -6.45
N THR A 72 -4.33 2.90 -6.33
CA THR A 72 -5.47 2.42 -7.10
C THR A 72 -6.22 3.57 -7.75
N ALA A 73 -7.10 3.23 -8.69
CA ALA A 73 -7.89 4.24 -9.39
C ALA A 73 -9.34 4.24 -8.94
N LEU A 74 -9.73 3.16 -8.26
CA LEU A 74 -11.10 3.03 -7.77
C LEU A 74 -11.23 3.64 -6.37
N ASP A 75 -12.44 4.08 -6.04
CA ASP A 75 -12.70 4.69 -4.74
C ASP A 75 -12.91 3.62 -3.68
N PRO A 76 -12.32 3.83 -2.49
CA PRO A 76 -12.43 2.90 -1.37
C PRO A 76 -13.83 2.86 -0.78
N SER A 77 -14.62 3.90 -1.07
CA SER A 77 -15.98 3.99 -0.56
C SER A 77 -16.89 2.96 -1.23
N VAL A 78 -16.44 2.46 -2.39
CA VAL A 78 -17.22 1.47 -3.13
C VAL A 78 -16.29 0.50 -3.85
N LEU A 79 -15.15 0.22 -3.25
CA LEU A 79 -14.17 -0.71 -3.84
C LEU A 79 -14.39 -2.13 -3.30
N ASP A 80 -14.08 -3.11 -4.13
CA ASP A 80 -14.22 -4.51 -3.74
C ASP A 80 -12.87 -5.12 -3.39
N PHE A 81 -12.55 -5.13 -2.10
CA PHE A 81 -11.28 -5.68 -1.63
C PHE A 81 -11.07 -7.09 -2.19
N PRO A 82 -10.20 -7.19 -3.21
CA PRO A 82 -9.88 -8.47 -3.85
C PRO A 82 -9.08 -9.39 -2.94
N SER A 83 -8.57 -10.48 -3.51
CA SER A 83 -7.79 -11.44 -2.75
C SER A 83 -6.60 -10.76 -2.05
N SER A 84 -6.00 -9.80 -2.75
CA SER A 84 -4.86 -9.07 -2.20
C SER A 84 -4.64 -7.77 -2.96
N ALA A 85 -3.69 -6.97 -2.49
CA ALA A 85 -3.38 -5.69 -3.12
C ALA A 85 -3.06 -5.88 -4.61
N THR A 86 -2.29 -6.91 -4.92
CA THR A 86 -1.92 -7.20 -6.29
C THR A 86 -3.12 -7.68 -7.10
N GLY A 87 -4.21 -7.98 -6.40
CA GLY A 87 -5.41 -8.46 -7.07
C GLY A 87 -6.35 -7.33 -7.44
N LEU A 88 -5.83 -6.11 -7.48
CA LEU A 88 -6.63 -4.94 -7.82
C LEU A 88 -6.54 -4.64 -9.31
N LYS A 89 -7.70 -4.40 -9.94
CA LYS A 89 -7.74 -4.09 -11.36
C LYS A 89 -8.30 -2.70 -11.59
N GLY A 90 -8.60 -2.38 -12.85
CA GLY A 90 -9.14 -1.08 -13.18
C GLY A 90 -8.18 0.04 -12.84
N GLY A 91 -6.96 -0.04 -13.37
CA GLY A 91 -5.97 0.99 -13.11
C GLY A 91 -5.45 0.94 -11.68
N SER A 92 -4.84 -0.18 -11.32
CA SER A 92 -4.30 -0.35 -9.97
C SER A 92 -2.84 -0.81 -10.03
N TRP A 93 -1.95 0.01 -9.48
CA TRP A 93 -0.53 -0.32 -9.46
C TRP A 93 -0.10 -0.84 -8.10
N VAL A 94 0.58 -1.97 -8.09
CA VAL A 94 1.06 -2.57 -6.85
C VAL A 94 2.49 -3.08 -6.99
N VAL A 95 3.24 -3.02 -5.89
CA VAL A 95 4.62 -3.48 -5.88
C VAL A 95 4.78 -4.77 -5.08
N SER A 96 5.04 -5.87 -5.77
CA SER A 96 5.21 -7.16 -5.13
C SER A 96 6.67 -7.41 -4.77
N GLY A 97 7.31 -6.39 -4.19
CA GLY A 97 8.70 -6.53 -3.81
C GLY A 97 9.63 -6.48 -5.01
N CYS A 98 10.17 -5.30 -5.30
CA CYS A 98 11.09 -5.13 -6.43
C CYS A 98 10.40 -5.50 -7.74
N SER A 99 9.07 -5.49 -7.73
CA SER A 99 8.29 -5.83 -8.92
C SER A 99 7.03 -4.98 -8.99
N VAL A 100 7.00 -4.06 -9.96
CA VAL A 100 5.84 -3.19 -10.13
C VAL A 100 4.85 -3.78 -11.13
N LEU A 101 3.61 -3.93 -10.70
CA LEU A 101 2.56 -4.49 -11.56
C LEU A 101 1.39 -3.53 -11.67
N ARG A 102 0.59 -3.70 -12.73
CA ARG A 102 -0.57 -2.85 -12.95
C ARG A 102 -1.76 -3.68 -13.43
N ASP A 103 -2.84 -3.64 -12.66
CA ASP A 103 -4.05 -4.38 -13.00
C ASP A 103 -3.79 -5.89 -12.97
N GLY A 104 -2.73 -6.29 -12.27
CA GLY A 104 -2.39 -7.70 -12.18
C GLY A 104 -1.44 -8.13 -13.29
N ARG A 105 -0.59 -7.22 -13.72
CA ARG A 105 0.37 -7.51 -14.79
C ARG A 105 1.72 -6.86 -14.50
N SER A 106 2.78 -7.64 -14.59
CA SER A 106 4.13 -7.14 -14.33
C SER A 106 4.60 -6.25 -15.48
N VAL A 107 5.08 -5.06 -15.13
CA VAL A 107 5.57 -4.12 -16.13
C VAL A 107 7.01 -3.73 -15.86
N LEU A 108 7.36 -3.62 -14.59
CA LEU A 108 8.73 -3.26 -14.20
C LEU A 108 9.24 -4.17 -13.09
N GLU A 109 10.52 -4.52 -13.16
CA GLU A 109 11.14 -5.39 -12.17
C GLU A 109 12.49 -4.84 -11.72
N GLU A 110 13.03 -5.41 -10.64
CA GLU A 110 14.32 -4.98 -10.12
C GLU A 110 14.27 -3.51 -9.71
N TYR A 111 13.09 -3.05 -9.31
CA TYR A 111 12.91 -1.66 -8.88
C TYR A 111 13.94 -1.27 -7.83
N GLY A 112 14.26 0.01 -7.77
CA GLY A 112 15.23 0.50 -6.80
C GLY A 112 14.90 0.06 -5.38
N GLN A 113 13.73 0.44 -4.89
CA GLN A 113 13.30 0.09 -3.55
C GLN A 113 12.74 -1.33 -3.52
N ASP A 114 13.12 -2.10 -2.50
CA ASP A 114 12.64 -3.46 -2.36
C ASP A 114 11.77 -3.61 -1.11
N LEU A 115 10.50 -3.94 -1.32
CA LEU A 115 9.57 -4.11 -0.22
C LEU A 115 9.72 -5.48 0.43
N ASP A 116 10.06 -6.48 -0.39
CA ASP A 116 10.24 -7.84 0.12
C ASP A 116 11.37 -7.88 1.14
N GLN A 117 12.23 -6.87 1.12
CA GLN A 117 13.35 -6.81 2.05
C GLN A 117 12.90 -6.25 3.41
N LEU A 118 11.83 -5.48 3.39
CA LEU A 118 11.30 -4.89 4.62
C LEU A 118 11.09 -5.96 5.69
N GLY A 119 11.00 -5.52 6.95
CA GLY A 119 10.81 -6.45 8.04
C GLY A 119 11.15 -5.84 9.38
N GLU A 120 10.25 -5.03 9.92
CA GLU A 120 10.47 -4.38 11.21
C GLU A 120 11.75 -3.55 11.19
N GLY A 121 11.60 -2.26 10.88
CA GLY A 121 12.74 -1.36 10.82
C GLY A 121 12.91 -0.74 9.46
N ASP A 122 11.85 -0.75 8.66
CA ASP A 122 11.89 -0.17 7.33
C ASP A 122 10.49 0.25 6.88
N ARG A 123 10.34 1.53 6.57
CA ARG A 123 9.05 2.06 6.13
C ARG A 123 9.06 2.34 4.63
N VAL A 124 7.88 2.40 4.04
CA VAL A 124 7.75 2.66 2.61
C VAL A 124 6.52 3.52 2.30
N GLY A 125 6.58 4.27 1.22
CA GLY A 125 5.47 5.12 0.85
C GLY A 125 5.32 5.25 -0.66
N VAL A 126 4.11 5.58 -1.11
CA VAL A 126 3.84 5.73 -2.53
C VAL A 126 3.52 7.18 -2.88
N GLU A 127 3.64 7.52 -4.16
CA GLU A 127 3.35 8.87 -4.62
C GLU A 127 2.90 8.87 -6.08
N ARG A 128 1.99 9.79 -6.41
CA ARG A 128 1.47 9.88 -7.77
C ARG A 128 1.86 11.21 -8.40
N THR A 129 2.87 11.17 -9.27
CA THR A 129 3.34 12.37 -9.95
C THR A 129 2.25 12.97 -10.83
N VAL A 130 2.32 14.28 -11.03
CA VAL A 130 1.33 14.98 -11.87
C VAL A 130 1.23 14.34 -13.24
N ALA A 131 2.36 13.90 -13.77
CA ALA A 131 2.41 13.27 -15.09
C ALA A 131 1.63 11.96 -15.09
N GLY A 132 1.51 11.35 -13.92
CA GLY A 132 0.78 10.10 -13.80
C GLY A 132 1.71 8.91 -13.63
N GLU A 133 2.79 9.10 -12.88
CA GLU A 133 3.75 8.04 -12.64
C GLU A 133 3.85 7.70 -11.16
N LEU A 134 3.71 6.43 -10.83
CA LEU A 134 3.78 5.98 -9.45
C LEU A 134 5.22 5.94 -8.95
N ARG A 135 5.47 6.56 -7.81
CA ARG A 135 6.81 6.59 -7.23
C ARG A 135 6.79 6.06 -5.80
N LEU A 136 7.94 5.56 -5.35
CA LEU A 136 8.07 5.01 -4.01
C LEU A 136 9.05 5.83 -3.17
N TRP A 137 8.88 5.78 -1.86
CA TRP A 137 9.76 6.52 -0.95
C TRP A 137 10.04 5.72 0.31
N VAL A 138 11.32 5.51 0.60
CA VAL A 138 11.72 4.76 1.78
C VAL A 138 12.39 5.66 2.81
N ASN A 139 11.84 5.67 4.02
CA ASN A 139 12.37 6.50 5.10
C ASN A 139 12.44 7.96 4.69
N GLY A 140 11.59 8.34 3.74
CA GLY A 140 11.56 9.71 3.28
C GLY A 140 12.67 10.00 2.28
N ARG A 141 12.88 9.08 1.35
CA ARG A 141 13.91 9.23 0.34
C ARG A 141 13.42 8.74 -1.02
N ASP A 142 13.79 9.46 -2.07
CA ASP A 142 13.39 9.11 -3.43
C ASP A 142 14.06 7.81 -3.87
N CYS A 143 13.30 6.95 -4.53
CA CYS A 143 13.82 5.68 -5.02
C CYS A 143 13.76 5.60 -6.54
N GLY A 144 12.83 6.35 -7.13
CA GLY A 144 12.68 6.35 -8.57
C GLY A 144 11.24 6.23 -9.01
N VAL A 145 11.03 5.72 -10.21
CA VAL A 145 9.69 5.54 -10.75
C VAL A 145 9.33 4.07 -10.89
N ALA A 146 8.07 3.74 -10.63
CA ALA A 146 7.60 2.36 -10.73
C ALA A 146 6.87 2.13 -12.05
N ALA A 147 5.86 2.93 -12.31
CA ALA A 147 5.09 2.81 -13.54
C ALA A 147 4.49 4.16 -13.96
N THR A 148 4.09 4.26 -15.21
CA THR A 148 3.51 5.49 -15.74
C THR A 148 2.12 5.24 -16.31
N GLY A 149 1.37 6.32 -16.53
CA GLY A 149 0.03 6.19 -17.07
C GLY A 149 -1.02 6.04 -15.99
N LEU A 150 -1.00 6.95 -15.02
CA LEU A 150 -1.96 6.91 -13.92
C LEU A 150 -3.02 8.00 -14.08
N PRO A 151 -4.21 7.75 -13.51
CA PRO A 151 -5.33 8.70 -13.58
C PRO A 151 -5.08 9.95 -12.74
N PRO A 152 -5.96 10.95 -12.91
CA PRO A 152 -5.85 12.22 -12.17
C PRO A 152 -6.16 12.05 -10.69
N ARG A 153 -6.85 10.97 -10.35
CA ARG A 153 -7.20 10.70 -8.96
C ARG A 153 -6.84 9.27 -8.58
N VAL A 154 -6.05 9.12 -7.52
CA VAL A 154 -5.63 7.81 -7.05
C VAL A 154 -5.62 7.75 -5.52
N TRP A 155 -5.66 6.54 -4.99
CA TRP A 155 -5.66 6.34 -3.54
C TRP A 155 -4.52 5.43 -3.12
N ALA A 156 -4.08 5.58 -1.87
CA ALA A 156 -2.98 4.78 -1.33
C ALA A 156 -3.48 3.40 -0.92
N VAL A 157 -2.99 2.37 -1.60
CA VAL A 157 -3.38 1.00 -1.29
C VAL A 157 -2.32 0.30 -0.45
N VAL A 158 -2.77 -0.51 0.50
CA VAL A 158 -1.86 -1.24 1.39
C VAL A 158 -2.43 -2.60 1.76
N ASP A 159 -1.55 -3.55 2.02
CA ASP A 159 -1.96 -4.90 2.39
C ASP A 159 -1.05 -5.47 3.48
N LEU A 160 -1.65 -6.19 4.42
CA LEU A 160 -0.89 -6.79 5.52
C LEU A 160 -1.11 -8.29 5.57
N TYR A 161 -0.26 -9.03 4.86
CA TYR A 161 -0.37 -10.48 4.83
C TYR A 161 1.01 -11.13 4.98
N GLY A 162 1.04 -12.29 5.63
CA GLY A 162 2.30 -12.99 5.84
C GLY A 162 3.26 -12.22 6.74
N LYS A 163 4.28 -11.63 6.14
CA LYS A 163 5.26 -10.87 6.89
C LYS A 163 4.62 -9.67 7.58
N CYS A 164 4.05 -8.77 6.78
CA CYS A 164 3.39 -7.58 7.30
C CYS A 164 2.09 -7.94 8.01
N THR A 165 1.86 -7.31 9.15
CA THR A 165 0.65 -7.56 9.94
C THR A 165 -0.04 -6.26 10.31
N GLN A 166 0.75 -5.25 10.65
CA GLN A 166 0.20 -3.94 11.03
C GLN A 166 0.98 -2.82 10.37
N ILE A 167 0.26 -1.76 9.99
CA ILE A 167 0.88 -0.61 9.34
C ILE A 167 0.34 0.70 9.91
N THR A 168 1.14 1.76 9.79
CA THR A 168 0.74 3.07 10.28
C THR A 168 1.31 4.19 9.42
N VAL A 169 0.47 5.14 9.05
CA VAL A 169 0.89 6.26 8.23
C VAL A 169 1.81 7.21 9.01
N LEU A 170 2.92 7.60 8.39
CA LEU A 170 3.87 8.50 9.02
C LEU A 170 3.41 9.95 8.92
N GLY A 1 -9.96 22.14 10.48
CA GLY A 1 -8.54 22.29 10.76
C GLY A 1 -7.69 21.53 9.77
N SER A 2 -7.22 20.35 10.18
CA SER A 2 -6.37 19.53 9.33
C SER A 2 -7.19 18.89 8.20
N SER A 3 -6.63 18.92 6.99
CA SER A 3 -7.31 18.35 5.83
C SER A 3 -6.45 17.28 5.17
N GLY A 4 -5.37 17.70 4.54
CA GLY A 4 -4.47 16.77 3.88
C GLY A 4 -3.13 16.67 4.57
N SER A 5 -2.39 15.59 4.27
CA SER A 5 -1.08 15.38 4.88
C SER A 5 -0.37 14.21 4.21
N SER A 6 -1.02 13.04 4.22
CA SER A 6 -0.45 11.84 3.62
C SER A 6 -1.51 11.05 2.87
N GLY A 7 -2.63 10.79 3.53
CA GLY A 7 -3.71 10.05 2.91
C GLY A 7 -4.60 9.37 3.94
N GLU A 8 -4.07 9.15 5.13
CA GLU A 8 -4.84 8.51 6.20
C GLU A 8 -5.23 7.09 5.80
N LEU A 9 -6.09 6.48 6.61
CA LEU A 9 -6.56 5.12 6.34
C LEU A 9 -8.08 5.04 6.40
N HIS A 10 -8.68 4.46 5.36
CA HIS A 10 -10.13 4.32 5.30
C HIS A 10 -10.64 3.45 6.45
N PRO A 11 -11.76 3.87 7.05
CA PRO A 11 -12.38 3.14 8.16
C PRO A 11 -12.97 1.80 7.72
N ARG A 12 -13.17 1.64 6.42
CA ARG A 12 -13.73 0.42 5.88
C ARG A 12 -12.63 -0.55 5.45
N THR A 13 -12.52 -1.66 6.17
CA THR A 13 -11.51 -2.67 5.86
C THR A 13 -12.14 -4.01 5.50
N GLY A 14 -11.31 -4.97 5.14
CA GLY A 14 -11.82 -6.29 4.77
C GLY A 14 -12.44 -7.02 5.95
N ARG A 15 -12.27 -8.34 5.98
CA ARG A 15 -12.82 -9.15 7.06
C ARG A 15 -11.80 -9.35 8.17
N LEU A 16 -10.63 -9.87 7.81
CA LEU A 16 -9.57 -10.10 8.79
C LEU A 16 -8.86 -8.80 9.15
N VAL A 17 -8.87 -7.85 8.22
CA VAL A 17 -8.23 -6.56 8.46
C VAL A 17 -9.06 -5.70 9.39
N SER A 18 -8.39 -4.89 10.20
CA SER A 18 -9.06 -4.02 11.15
C SER A 18 -8.41 -2.64 11.18
N LEU A 19 -9.21 -1.62 11.46
CA LEU A 19 -8.72 -0.25 11.52
C LEU A 19 -8.75 0.28 12.95
N SER A 20 -7.83 1.20 13.25
CA SER A 20 -7.75 1.78 14.59
C SER A 20 -8.93 2.70 14.85
N ALA A 21 -9.01 3.22 16.07
CA ALA A 21 -10.09 4.12 16.45
C ALA A 21 -9.94 5.49 15.79
N CYS A 22 -8.71 6.01 15.80
CA CYS A 22 -8.43 7.30 15.19
C CYS A 22 -8.59 7.25 13.68
N GLY A 23 -8.25 6.10 13.09
CA GLY A 23 -8.36 5.94 11.66
C GLY A 23 -7.07 6.26 10.94
N ARG A 24 -5.96 5.72 11.44
CA ARG A 24 -4.65 5.95 10.85
C ARG A 24 -3.71 4.79 11.12
N THR A 25 -4.28 3.62 11.35
CA THR A 25 -3.50 2.43 11.65
C THR A 25 -4.23 1.16 11.21
N ALA A 26 -3.56 0.35 10.39
CA ALA A 26 -4.16 -0.89 9.89
C ALA A 26 -3.48 -2.10 10.53
N ARG A 27 -4.22 -3.20 10.62
CA ARG A 27 -3.70 -4.43 11.22
C ARG A 27 -4.49 -5.64 10.73
N ARG A 28 -3.85 -6.80 10.73
CA ARG A 28 -4.49 -8.03 10.30
C ARG A 28 -4.86 -8.91 11.49
N GLN A 29 -6.02 -9.57 11.40
CA GLN A 29 -6.48 -10.43 12.48
C GLN A 29 -6.01 -11.87 12.27
N GLN A 30 -5.98 -12.64 13.34
CA GLN A 30 -5.55 -14.03 13.28
C GLN A 30 -4.15 -14.14 12.69
N PRO A 31 -3.13 -13.82 13.50
CA PRO A 31 -1.72 -13.87 13.10
C PRO A 31 -1.23 -15.29 12.89
N GLY A 32 -2.06 -16.26 13.28
CA GLY A 32 -1.69 -17.66 13.13
C GLY A 32 -2.78 -18.48 12.47
N GLN A 33 -3.01 -18.23 11.18
CA GLN A 33 -4.03 -18.96 10.45
C GLN A 33 -3.90 -18.71 8.95
N GLU A 34 -4.22 -17.49 8.52
CA GLU A 34 -4.13 -17.12 7.11
C GLU A 34 -3.32 -15.83 6.93
N PHE A 35 -3.12 -15.44 5.69
CA PHE A 35 -2.36 -14.23 5.38
C PHE A 35 -3.22 -13.23 4.62
N ASN A 36 -3.47 -13.53 3.34
CA ASN A 36 -4.28 -12.65 2.51
C ASN A 36 -5.77 -12.83 2.80
N HIS A 37 -6.52 -11.74 2.73
CA HIS A 37 -7.95 -11.77 2.98
C HIS A 37 -8.61 -10.45 2.62
N GLY A 38 -8.24 -9.39 3.35
CA GLY A 38 -8.81 -8.08 3.09
C GLY A 38 -7.78 -7.11 2.56
N LEU A 39 -8.05 -5.82 2.73
CA LEU A 39 -7.14 -4.78 2.26
C LEU A 39 -7.37 -3.47 3.01
N VAL A 40 -6.46 -2.51 2.83
CA VAL A 40 -6.57 -1.22 3.48
C VAL A 40 -6.11 -0.10 2.56
N LEU A 41 -7.04 0.79 2.21
CA LEU A 41 -6.73 1.90 1.32
C LEU A 41 -6.74 3.23 2.09
N SER A 42 -6.28 4.29 1.45
CA SER A 42 -6.23 5.61 2.08
C SER A 42 -7.63 6.20 2.19
N ARG A 43 -7.77 7.21 3.05
CA ARG A 43 -9.06 7.86 3.25
C ARG A 43 -9.35 8.85 2.12
N GLU A 44 -8.33 9.58 1.70
CA GLU A 44 -8.49 10.56 0.62
C GLU A 44 -7.51 10.28 -0.50
N PRO A 45 -7.82 10.80 -1.71
CA PRO A 45 -6.98 10.62 -2.89
C PRO A 45 -5.66 11.38 -2.80
N LEU A 46 -4.56 10.67 -2.99
CA LEU A 46 -3.23 11.28 -2.92
C LEU A 46 -3.10 12.39 -3.96
N ARG A 47 -2.85 13.61 -3.48
CA ARG A 47 -2.70 14.76 -4.36
C ARG A 47 -1.30 14.79 -4.98
N ASP A 48 -1.14 15.59 -6.02
CA ASP A 48 0.14 15.71 -6.70
C ASP A 48 1.26 16.05 -5.71
N GLY A 49 2.27 15.18 -5.67
CA GLY A 49 3.39 15.40 -4.77
C GLY A 49 3.20 14.68 -3.44
N ARG A 50 1.98 14.67 -2.94
CA ARG A 50 1.68 14.01 -1.67
C ARG A 50 2.15 12.56 -1.69
N VAL A 51 3.03 12.23 -0.74
CA VAL A 51 3.58 10.88 -0.65
C VAL A 51 2.98 10.14 0.55
N PHE A 52 2.22 9.09 0.28
CA PHE A 52 1.60 8.30 1.34
C PHE A 52 2.61 7.32 1.94
N THR A 53 3.18 7.71 3.08
CA THR A 53 4.16 6.87 3.76
C THR A 53 3.50 6.01 4.82
N VAL A 54 4.13 4.87 5.13
CA VAL A 54 3.60 3.95 6.13
C VAL A 54 4.72 3.15 6.78
N ARG A 55 4.65 3.04 8.11
CA ARG A 55 5.66 2.29 8.85
C ARG A 55 5.14 0.93 9.27
N ILE A 56 6.04 -0.03 9.43
CA ILE A 56 5.66 -1.38 9.84
C ILE A 56 5.71 -1.53 11.35
N ASP A 57 4.54 -1.43 11.99
CA ASP A 57 4.45 -1.55 13.44
C ASP A 57 5.12 -2.84 13.92
N ARG A 58 4.73 -3.96 13.32
CA ARG A 58 5.29 -5.25 13.68
C ARG A 58 5.40 -6.16 12.46
N LYS A 59 6.22 -7.20 12.57
CA LYS A 59 6.41 -8.15 11.47
C LYS A 59 6.66 -9.56 12.01
N VAL A 60 5.80 -10.49 11.62
CA VAL A 60 5.93 -11.87 12.06
C VAL A 60 6.90 -12.64 11.17
N ASN A 61 7.68 -13.53 11.77
CA ASN A 61 8.64 -14.34 11.03
C ASN A 61 8.23 -15.80 11.02
N SER A 62 6.92 -16.05 11.08
CA SER A 62 6.40 -17.41 11.08
C SER A 62 6.06 -17.86 9.66
N TRP A 63 5.61 -16.92 8.84
CA TRP A 63 5.24 -17.21 7.47
C TRP A 63 6.36 -16.79 6.51
N SER A 64 6.13 -16.99 5.21
CA SER A 64 7.11 -16.64 4.20
C SER A 64 6.52 -15.69 3.17
N GLY A 65 5.50 -14.93 3.58
CA GLY A 65 4.87 -13.99 2.69
C GLY A 65 5.61 -12.67 2.61
N SER A 66 4.94 -11.65 2.07
CA SER A 66 5.55 -10.33 1.93
C SER A 66 4.51 -9.23 2.07
N ILE A 67 4.95 -7.99 1.97
CA ILE A 67 4.06 -6.84 2.08
C ILE A 67 3.82 -6.20 0.72
N GLU A 68 2.57 -5.82 0.46
CA GLU A 68 2.21 -5.19 -0.81
C GLU A 68 1.72 -3.76 -0.59
N ILE A 69 2.16 -2.85 -1.44
CA ILE A 69 1.76 -1.45 -1.35
C ILE A 69 1.81 -0.77 -2.70
N GLY A 70 0.85 0.13 -2.94
CA GLY A 70 0.80 0.85 -4.20
C GLY A 70 -0.33 1.85 -4.25
N VAL A 71 -0.94 2.00 -5.43
CA VAL A 71 -2.04 2.93 -5.61
C VAL A 71 -3.12 2.34 -6.51
N THR A 72 -4.30 2.96 -6.49
CA THR A 72 -5.42 2.50 -7.30
C THR A 72 -6.25 3.66 -7.82
N ALA A 73 -7.01 3.43 -8.88
CA ALA A 73 -7.86 4.46 -9.45
C ALA A 73 -9.32 4.23 -9.11
N LEU A 74 -9.56 3.47 -8.05
CA LEU A 74 -10.92 3.17 -7.61
C LEU A 74 -11.13 3.61 -6.17
N ASP A 75 -12.21 4.37 -5.93
CA ASP A 75 -12.53 4.85 -4.60
C ASP A 75 -12.72 3.69 -3.63
N PRO A 76 -12.16 3.84 -2.42
CA PRO A 76 -12.26 2.81 -1.38
C PRO A 76 -13.67 2.66 -0.82
N SER A 77 -14.44 3.75 -0.89
CA SER A 77 -15.81 3.75 -0.38
C SER A 77 -16.68 2.78 -1.19
N VAL A 78 -16.26 2.51 -2.42
CA VAL A 78 -17.00 1.60 -3.29
C VAL A 78 -16.06 0.62 -3.98
N LEU A 79 -15.00 0.24 -3.28
CA LEU A 79 -14.02 -0.70 -3.82
C LEU A 79 -14.24 -2.11 -3.26
N ASP A 80 -13.93 -3.11 -4.07
CA ASP A 80 -14.10 -4.50 -3.65
C ASP A 80 -12.75 -5.12 -3.27
N PHE A 81 -12.45 -5.13 -1.97
CA PHE A 81 -11.19 -5.69 -1.49
C PHE A 81 -10.97 -7.08 -2.04
N PRO A 82 -10.08 -7.19 -3.04
CA PRO A 82 -9.75 -8.47 -3.67
C PRO A 82 -8.97 -9.40 -2.74
N SER A 83 -8.47 -10.49 -3.30
CA SER A 83 -7.70 -11.46 -2.53
C SER A 83 -6.45 -10.82 -1.94
N SER A 84 -5.95 -9.79 -2.61
CA SER A 84 -4.75 -9.09 -2.17
C SER A 84 -4.55 -7.81 -2.96
N ALA A 85 -3.63 -6.96 -2.48
CA ALA A 85 -3.33 -5.70 -3.15
C ALA A 85 -3.00 -5.92 -4.63
N THR A 86 -2.16 -6.91 -4.90
CA THR A 86 -1.75 -7.23 -6.26
C THR A 86 -2.93 -7.76 -7.07
N GLY A 87 -4.02 -8.10 -6.38
CA GLY A 87 -5.19 -8.62 -7.05
C GLY A 87 -6.20 -7.53 -7.38
N LEU A 88 -5.71 -6.29 -7.48
CA LEU A 88 -6.57 -5.15 -7.78
C LEU A 88 -6.54 -4.84 -9.27
N LYS A 89 -7.72 -4.58 -9.84
CA LYS A 89 -7.82 -4.26 -11.26
C LYS A 89 -8.39 -2.86 -11.46
N GLY A 90 -8.74 -2.53 -12.70
CA GLY A 90 -9.29 -1.23 -13.01
C GLY A 90 -8.30 -0.11 -12.74
N GLY A 91 -7.12 -0.21 -13.31
CA GLY A 91 -6.10 0.81 -13.11
C GLY A 91 -5.57 0.84 -11.70
N SER A 92 -4.90 -0.25 -11.29
CA SER A 92 -4.35 -0.35 -9.95
C SER A 92 -2.90 -0.83 -10.00
N TRP A 93 -2.00 0.00 -9.48
CA TRP A 93 -0.58 -0.34 -9.46
C TRP A 93 -0.16 -0.87 -8.09
N VAL A 94 0.54 -2.01 -8.09
CA VAL A 94 0.99 -2.61 -6.85
C VAL A 94 2.43 -3.11 -6.97
N VAL A 95 3.17 -3.06 -5.88
CA VAL A 95 4.55 -3.51 -5.86
C VAL A 95 4.72 -4.78 -5.05
N SER A 96 5.03 -5.88 -5.73
CA SER A 96 5.20 -7.17 -5.07
C SER A 96 6.66 -7.39 -4.69
N GLY A 97 7.29 -6.36 -4.14
CA GLY A 97 8.68 -6.46 -3.74
C GLY A 97 9.63 -6.45 -4.93
N CYS A 98 10.14 -5.27 -5.27
CA CYS A 98 11.05 -5.13 -6.40
C CYS A 98 10.36 -5.49 -7.71
N SER A 99 9.04 -5.49 -7.69
CA SER A 99 8.26 -5.83 -8.88
C SER A 99 7.00 -4.99 -8.96
N VAL A 100 6.95 -4.08 -9.92
CA VAL A 100 5.80 -3.21 -10.11
C VAL A 100 4.81 -3.82 -11.11
N LEU A 101 3.56 -3.95 -10.68
CA LEU A 101 2.53 -4.51 -11.53
C LEU A 101 1.34 -3.56 -11.65
N ARG A 102 0.50 -3.78 -12.66
CA ARG A 102 -0.67 -2.93 -12.87
C ARG A 102 -1.86 -3.78 -13.31
N ASP A 103 -2.92 -3.77 -12.52
CA ASP A 103 -4.13 -4.53 -12.81
C ASP A 103 -3.83 -6.03 -12.83
N GLY A 104 -2.77 -6.42 -12.14
CA GLY A 104 -2.41 -7.83 -12.08
C GLY A 104 -1.49 -8.23 -13.21
N ARG A 105 -0.64 -7.30 -13.64
CA ARG A 105 0.29 -7.57 -14.74
C ARG A 105 1.64 -6.92 -14.46
N SER A 106 2.71 -7.71 -14.59
CA SER A 106 4.06 -7.21 -14.35
C SER A 106 4.51 -6.30 -15.49
N VAL A 107 5.01 -5.12 -15.14
CA VAL A 107 5.48 -4.16 -16.12
C VAL A 107 6.93 -3.76 -15.87
N LEU A 108 7.29 -3.68 -14.58
CA LEU A 108 8.65 -3.31 -14.20
C LEU A 108 9.17 -4.22 -13.10
N GLU A 109 10.45 -4.57 -13.18
CA GLU A 109 11.06 -5.45 -12.18
C GLU A 109 12.41 -4.88 -11.73
N GLU A 110 12.94 -5.45 -10.65
CA GLU A 110 14.23 -5.00 -10.11
C GLU A 110 14.16 -3.54 -9.70
N TYR A 111 12.99 -3.09 -9.29
CA TYR A 111 12.79 -1.70 -8.87
C TYR A 111 13.82 -1.31 -7.81
N GLY A 112 14.12 -0.02 -7.76
CA GLY A 112 15.09 0.47 -6.79
C GLY A 112 14.77 0.03 -5.38
N GLN A 113 13.58 0.35 -4.90
CA GLN A 113 13.16 -0.01 -3.56
C GLN A 113 12.66 -1.45 -3.52
N ASP A 114 13.09 -2.19 -2.49
CA ASP A 114 12.68 -3.58 -2.34
C ASP A 114 11.81 -3.77 -1.10
N LEU A 115 10.51 -3.90 -1.31
CA LEU A 115 9.57 -4.08 -0.21
C LEU A 115 9.76 -5.44 0.45
N ASP A 116 10.11 -6.44 -0.36
CA ASP A 116 10.32 -7.79 0.15
C ASP A 116 11.46 -7.82 1.16
N GLN A 117 12.30 -6.78 1.13
CA GLN A 117 13.43 -6.70 2.04
C GLN A 117 12.99 -6.19 3.41
N LEU A 118 11.89 -5.44 3.43
CA LEU A 118 11.36 -4.90 4.67
C LEU A 118 11.21 -5.99 5.73
N GLY A 119 11.14 -5.58 6.99
CA GLY A 119 10.99 -6.54 8.08
C GLY A 119 11.27 -5.93 9.43
N GLU A 120 10.36 -5.09 9.91
CA GLU A 120 10.53 -4.43 11.21
C GLU A 120 11.74 -3.51 11.20
N GLY A 121 11.50 -2.22 10.98
CA GLY A 121 12.58 -1.26 10.96
C GLY A 121 12.77 -0.64 9.59
N ASP A 122 11.74 -0.70 8.77
CA ASP A 122 11.79 -0.14 7.41
C ASP A 122 10.41 0.28 6.94
N ARG A 123 10.24 1.57 6.69
CA ARG A 123 8.96 2.10 6.23
C ARG A 123 8.99 2.36 4.73
N VAL A 124 7.81 2.42 4.13
CA VAL A 124 7.70 2.66 2.69
C VAL A 124 6.48 3.51 2.37
N GLY A 125 6.51 4.18 1.23
CA GLY A 125 5.39 5.02 0.82
C GLY A 125 5.28 5.15 -0.68
N VAL A 126 4.12 5.60 -1.15
CA VAL A 126 3.88 5.77 -2.58
C VAL A 126 3.60 7.22 -2.92
N GLU A 127 3.70 7.55 -4.21
CA GLU A 127 3.46 8.92 -4.67
C GLU A 127 3.01 8.94 -6.13
N ARG A 128 2.16 9.89 -6.47
CA ARG A 128 1.66 10.01 -7.84
C ARG A 128 2.04 11.36 -8.44
N THR A 129 3.02 11.35 -9.32
CA THR A 129 3.48 12.58 -9.97
C THR A 129 2.37 13.20 -10.82
N VAL A 130 2.44 14.52 -10.99
CA VAL A 130 1.45 15.23 -11.78
C VAL A 130 1.31 14.62 -13.18
N ALA A 131 2.44 14.19 -13.74
CA ALA A 131 2.44 13.58 -15.06
C ALA A 131 1.67 12.27 -15.07
N GLY A 132 1.58 11.64 -13.91
CA GLY A 132 0.88 10.38 -13.80
C GLY A 132 1.81 9.19 -13.63
N GLU A 133 2.90 9.39 -12.89
CA GLU A 133 3.88 8.35 -12.66
C GLU A 133 3.92 7.95 -11.18
N LEU A 134 3.75 6.66 -10.91
CA LEU A 134 3.77 6.16 -9.54
C LEU A 134 5.20 5.97 -9.06
N ARG A 135 5.50 6.55 -7.89
CA ARG A 135 6.83 6.45 -7.31
C ARG A 135 6.75 5.94 -5.88
N LEU A 136 7.88 5.44 -5.37
CA LEU A 136 7.94 4.93 -4.01
C LEU A 136 8.99 5.68 -3.19
N TRP A 137 8.77 5.74 -1.88
CA TRP A 137 9.70 6.43 -0.99
C TRP A 137 9.99 5.58 0.25
N VAL A 138 11.27 5.51 0.63
CA VAL A 138 11.68 4.75 1.79
C VAL A 138 12.44 5.61 2.78
N ASN A 139 11.96 5.64 4.02
CA ASN A 139 12.60 6.44 5.07
C ASN A 139 12.62 7.92 4.69
N GLY A 140 11.75 8.30 3.76
CA GLY A 140 11.68 9.68 3.33
C GLY A 140 12.70 10.02 2.26
N ARG A 141 12.85 9.11 1.30
CA ARG A 141 13.80 9.31 0.21
C ARG A 141 13.19 8.93 -1.14
N ASP A 142 13.79 9.40 -2.22
CA ASP A 142 13.31 9.11 -3.56
C ASP A 142 13.94 7.83 -4.11
N CYS A 143 13.09 6.86 -4.43
CA CYS A 143 13.57 5.58 -4.96
C CYS A 143 13.57 5.60 -6.49
N GLY A 144 12.66 6.37 -7.08
CA GLY A 144 12.57 6.45 -8.52
C GLY A 144 11.15 6.35 -9.03
N VAL A 145 11.00 5.81 -10.23
CA VAL A 145 9.68 5.65 -10.83
C VAL A 145 9.33 4.17 -11.02
N ALA A 146 8.08 3.83 -10.74
CA ALA A 146 7.62 2.46 -10.87
C ALA A 146 6.86 2.26 -12.18
N ALA A 147 5.80 3.04 -12.37
CA ALA A 147 4.99 2.96 -13.57
C ALA A 147 4.48 4.33 -13.99
N THR A 148 4.08 4.45 -15.26
CA THR A 148 3.58 5.71 -15.78
C THR A 148 2.18 5.55 -16.36
N GLY A 149 1.52 6.67 -16.66
CA GLY A 149 0.19 6.61 -17.22
C GLY A 149 -0.89 6.44 -16.16
N LEU A 150 -0.86 7.31 -15.16
CA LEU A 150 -1.83 7.25 -14.08
C LEU A 150 -2.87 8.36 -14.21
N PRO A 151 -4.07 8.12 -13.64
CA PRO A 151 -5.17 9.09 -13.69
C PRO A 151 -4.89 10.32 -12.83
N PRO A 152 -5.75 11.34 -12.96
CA PRO A 152 -5.62 12.59 -12.20
C PRO A 152 -5.93 12.40 -10.73
N ARG A 153 -6.62 11.32 -10.40
CA ARG A 153 -6.98 11.03 -9.02
C ARG A 153 -6.67 9.58 -8.67
N VAL A 154 -5.91 9.37 -7.61
CA VAL A 154 -5.54 8.04 -7.17
C VAL A 154 -5.58 7.92 -5.65
N TRP A 155 -5.62 6.69 -5.15
CA TRP A 155 -5.66 6.44 -3.71
C TRP A 155 -4.54 5.50 -3.29
N ALA A 156 -4.11 5.61 -2.03
CA ALA A 156 -3.06 4.77 -1.50
C ALA A 156 -3.59 3.39 -1.14
N VAL A 157 -2.86 2.36 -1.54
CA VAL A 157 -3.25 0.97 -1.25
C VAL A 157 -2.19 0.26 -0.42
N VAL A 158 -2.64 -0.56 0.53
CA VAL A 158 -1.73 -1.30 1.39
C VAL A 158 -2.33 -2.64 1.79
N ASP A 159 -1.47 -3.64 1.95
CA ASP A 159 -1.91 -4.98 2.34
C ASP A 159 -1.00 -5.57 3.40
N LEU A 160 -1.58 -6.32 4.34
CA LEU A 160 -0.81 -6.94 5.41
C LEU A 160 -1.01 -8.45 5.41
N TYR A 161 -0.16 -9.16 4.68
CA TYR A 161 -0.26 -10.62 4.60
C TYR A 161 1.13 -11.25 4.73
N GLY A 162 1.20 -12.36 5.46
CA GLY A 162 2.46 -13.05 5.64
C GLY A 162 3.34 -12.38 6.69
N LYS A 163 4.33 -11.62 6.21
CA LYS A 163 5.24 -10.92 7.11
C LYS A 163 4.56 -9.72 7.75
N CYS A 164 4.12 -8.78 6.92
CA CYS A 164 3.46 -7.57 7.41
C CYS A 164 2.14 -7.93 8.09
N THR A 165 1.93 -7.37 9.28
CA THR A 165 0.72 -7.63 10.04
C THR A 165 0.05 -6.32 10.48
N GLN A 166 0.87 -5.35 10.85
CA GLN A 166 0.37 -4.05 11.30
C GLN A 166 1.10 -2.92 10.59
N ILE A 167 0.38 -1.83 10.35
CA ILE A 167 0.96 -0.67 9.68
C ILE A 167 0.37 0.63 10.22
N THR A 168 1.13 1.72 10.08
CA THR A 168 0.68 3.02 10.56
C THR A 168 1.17 4.13 9.65
N VAL A 169 0.24 4.92 9.12
CA VAL A 169 0.58 6.02 8.23
C VAL A 169 1.33 7.12 8.98
N LEU A 170 2.19 7.83 8.26
CA LEU A 170 2.98 8.91 8.86
C LEU A 170 2.49 10.26 8.38
N GLY A 1 2.02 21.61 17.23
CA GLY A 1 1.13 22.09 16.20
C GLY A 1 1.44 21.49 14.83
N SER A 2 1.59 22.35 13.83
CA SER A 2 1.89 21.90 12.48
C SER A 2 0.68 21.24 11.84
N SER A 3 0.33 20.06 12.36
CA SER A 3 -0.81 19.31 11.83
C SER A 3 -0.59 18.91 10.37
N GLY A 4 -1.53 18.15 9.82
CA GLY A 4 -1.41 17.71 8.45
C GLY A 4 -1.98 16.33 8.23
N SER A 5 -2.06 15.91 6.97
CA SER A 5 -2.59 14.60 6.63
C SER A 5 -1.93 14.05 5.37
N SER A 6 -1.72 12.74 5.33
CA SER A 6 -1.10 12.09 4.18
C SER A 6 -2.15 11.38 3.32
N GLY A 7 -3.23 10.95 3.96
CA GLY A 7 -4.28 10.25 3.24
C GLY A 7 -5.14 9.40 4.16
N GLU A 8 -4.60 9.04 5.32
CA GLU A 8 -5.32 8.21 6.28
C GLU A 8 -5.64 6.84 5.70
N LEU A 9 -6.48 6.08 6.39
CA LEU A 9 -6.86 4.76 5.95
C LEU A 9 -8.36 4.53 6.12
N HIS A 10 -9.02 4.17 5.03
CA HIS A 10 -10.46 3.92 5.05
C HIS A 10 -10.82 2.95 6.18
N PRO A 11 -11.95 3.21 6.86
CA PRO A 11 -12.42 2.38 7.96
C PRO A 11 -12.94 1.02 7.48
N ARG A 12 -13.22 0.94 6.18
CA ARG A 12 -13.73 -0.30 5.60
C ARG A 12 -12.57 -1.22 5.21
N THR A 13 -12.64 -2.47 5.68
CA THR A 13 -11.59 -3.44 5.39
C THR A 13 -12.18 -4.85 5.29
N GLY A 14 -11.30 -5.84 5.15
CA GLY A 14 -11.75 -7.22 5.04
C GLY A 14 -12.40 -7.71 6.32
N ARG A 15 -12.27 -9.01 6.58
CA ARG A 15 -12.86 -9.61 7.77
C ARG A 15 -11.84 -9.65 8.92
N LEU A 16 -10.68 -10.21 8.65
CA LEU A 16 -9.62 -10.30 9.66
C LEU A 16 -8.94 -8.95 9.86
N VAL A 17 -9.08 -8.07 8.87
CA VAL A 17 -8.48 -6.74 8.94
C VAL A 17 -9.22 -5.85 9.92
N SER A 18 -8.48 -5.02 10.64
CA SER A 18 -9.07 -4.11 11.62
C SER A 18 -8.44 -2.73 11.54
N LEU A 19 -9.24 -1.69 11.76
CA LEU A 19 -8.75 -0.33 11.71
C LEU A 19 -8.87 0.34 13.08
N SER A 20 -7.85 1.11 13.45
CA SER A 20 -7.82 1.81 14.73
C SER A 20 -9.05 2.70 14.88
N ALA A 21 -9.38 3.04 16.12
CA ALA A 21 -10.53 3.89 16.40
C ALA A 21 -10.48 5.17 15.58
N CYS A 22 -9.37 5.90 15.68
CA CYS A 22 -9.20 7.14 14.95
C CYS A 22 -8.80 6.86 13.50
N GLY A 23 -8.17 5.72 13.27
CA GLY A 23 -7.74 5.36 11.93
C GLY A 23 -6.24 5.51 11.74
N ARG A 24 -5.83 5.63 10.48
CA ARG A 24 -4.41 5.78 10.16
C ARG A 24 -3.60 4.61 10.70
N THR A 25 -4.28 3.49 10.93
CA THR A 25 -3.62 2.29 11.44
C THR A 25 -4.35 1.03 10.99
N ALA A 26 -3.62 0.12 10.35
CA ALA A 26 -4.19 -1.13 9.88
C ALA A 26 -3.46 -2.33 10.46
N ARG A 27 -4.20 -3.37 10.80
CA ARG A 27 -3.61 -4.58 11.37
C ARG A 27 -4.55 -5.77 11.19
N ARG A 28 -3.96 -6.96 11.01
CA ARG A 28 -4.74 -8.18 10.82
C ARG A 28 -5.06 -8.83 12.17
N GLN A 29 -6.08 -9.67 12.18
CA GLN A 29 -6.49 -10.36 13.41
C GLN A 29 -6.14 -11.84 13.33
N GLN A 30 -5.06 -12.16 12.62
CA GLN A 30 -4.64 -13.54 12.47
C GLN A 30 -3.13 -13.62 12.23
N PRO A 31 -2.34 -13.16 13.23
CA PRO A 31 -0.88 -13.16 13.15
C PRO A 31 -0.30 -14.57 13.21
N GLY A 32 -1.08 -15.50 13.76
CA GLY A 32 -0.62 -16.87 13.87
C GLY A 32 -1.64 -17.87 13.35
N GLN A 33 -2.07 -17.68 12.11
CA GLN A 33 -3.06 -18.56 11.50
C GLN A 33 -3.09 -18.38 9.99
N GLU A 34 -3.58 -17.23 9.54
CA GLU A 34 -3.67 -16.93 8.12
C GLU A 34 -2.86 -15.68 7.78
N PHE A 35 -2.77 -15.39 6.49
CA PHE A 35 -2.02 -14.22 6.02
C PHE A 35 -2.93 -13.27 5.25
N ASN A 36 -3.38 -13.72 4.08
CA ASN A 36 -4.26 -12.91 3.24
C ASN A 36 -5.72 -13.08 3.64
N HIS A 37 -6.54 -12.09 3.33
CA HIS A 37 -7.95 -12.13 3.66
C HIS A 37 -8.67 -10.87 3.16
N GLY A 38 -8.06 -9.72 3.41
CA GLY A 38 -8.64 -8.46 2.98
C GLY A 38 -7.60 -7.46 2.52
N LEU A 39 -7.92 -6.17 2.63
CA LEU A 39 -7.01 -5.12 2.21
C LEU A 39 -7.25 -3.85 3.01
N VAL A 40 -6.58 -2.77 2.62
CA VAL A 40 -6.71 -1.48 3.30
C VAL A 40 -6.29 -0.34 2.40
N LEU A 41 -7.25 0.52 2.05
CA LEU A 41 -6.97 1.67 1.19
C LEU A 41 -7.00 2.97 1.99
N SER A 42 -6.58 4.06 1.36
CA SER A 42 -6.55 5.37 2.01
C SER A 42 -7.97 5.95 2.09
N ARG A 43 -8.15 6.87 3.03
CA ARG A 43 -9.45 7.51 3.22
C ARG A 43 -9.71 8.54 2.12
N GLU A 44 -8.67 9.28 1.74
CA GLU A 44 -8.79 10.29 0.70
C GLU A 44 -7.78 10.04 -0.41
N PRO A 45 -8.09 10.56 -1.62
CA PRO A 45 -7.22 10.42 -2.78
C PRO A 45 -5.94 11.22 -2.66
N LEU A 46 -4.81 10.56 -2.93
CA LEU A 46 -3.51 11.22 -2.85
C LEU A 46 -3.38 12.33 -3.87
N ARG A 47 -2.98 13.51 -3.42
CA ARG A 47 -2.83 14.66 -4.30
C ARG A 47 -1.45 14.67 -4.95
N ASP A 48 -1.31 15.46 -6.01
CA ASP A 48 -0.04 15.56 -6.72
C ASP A 48 1.08 16.00 -5.77
N GLY A 49 2.15 15.21 -5.71
CA GLY A 49 3.27 15.54 -4.85
C GLY A 49 3.18 14.85 -3.50
N ARG A 50 1.95 14.70 -3.01
CA ARG A 50 1.73 14.06 -1.71
C ARG A 50 2.20 12.61 -1.74
N VAL A 51 3.09 12.26 -0.81
CA VAL A 51 3.62 10.91 -0.71
C VAL A 51 3.04 10.18 0.49
N PHE A 52 2.27 9.13 0.22
CA PHE A 52 1.65 8.34 1.28
C PHE A 52 2.66 7.37 1.89
N THR A 53 3.24 7.75 3.03
CA THR A 53 4.22 6.93 3.71
C THR A 53 3.56 6.04 4.76
N VAL A 54 4.17 4.90 5.03
CA VAL A 54 3.65 3.96 6.02
C VAL A 54 4.77 3.15 6.67
N ARG A 55 4.67 2.95 7.98
CA ARG A 55 5.67 2.19 8.71
C ARG A 55 5.13 0.82 9.11
N ILE A 56 6.04 -0.10 9.41
CA ILE A 56 5.66 -1.45 9.81
C ILE A 56 5.66 -1.60 11.33
N ASP A 57 4.49 -1.45 11.93
CA ASP A 57 4.34 -1.57 13.37
C ASP A 57 4.94 -2.88 13.87
N ARG A 58 4.49 -3.99 13.28
CA ARG A 58 4.98 -5.31 13.65
C ARG A 58 5.11 -6.21 12.44
N LYS A 59 6.15 -7.03 12.43
CA LYS A 59 6.38 -7.95 11.32
C LYS A 59 6.68 -9.36 11.83
N VAL A 60 5.86 -10.31 11.40
CA VAL A 60 6.02 -11.71 11.82
C VAL A 60 7.01 -12.43 10.90
N ASN A 61 7.87 -13.25 11.50
CA ASN A 61 8.86 -14.00 10.75
C ASN A 61 8.54 -15.50 10.76
N SER A 62 7.26 -15.82 10.88
CA SER A 62 6.82 -17.21 10.92
C SER A 62 6.41 -17.68 9.53
N TRP A 63 5.99 -16.75 8.69
CA TRP A 63 5.56 -17.06 7.33
C TRP A 63 6.62 -16.66 6.32
N SER A 64 6.31 -16.82 5.04
CA SER A 64 7.24 -16.48 3.97
C SER A 64 6.60 -15.52 2.97
N GLY A 65 5.60 -14.79 3.43
CA GLY A 65 4.91 -13.84 2.57
C GLY A 65 5.66 -12.54 2.41
N SER A 66 4.98 -11.52 1.92
CA SER A 66 5.60 -10.21 1.72
C SER A 66 4.57 -9.09 1.91
N ILE A 67 5.03 -7.85 1.76
CA ILE A 67 4.16 -6.69 1.91
C ILE A 67 3.83 -6.07 0.56
N GLU A 68 2.57 -5.73 0.37
CA GLU A 68 2.11 -5.12 -0.88
C GLU A 68 1.61 -3.70 -0.65
N ILE A 69 2.12 -2.76 -1.42
CA ILE A 69 1.72 -1.37 -1.30
C ILE A 69 1.81 -0.64 -2.64
N GLY A 70 0.86 0.25 -2.89
CA GLY A 70 0.85 0.99 -4.15
C GLY A 70 -0.29 1.99 -4.22
N VAL A 71 -0.87 2.13 -5.40
CA VAL A 71 -1.98 3.06 -5.60
C VAL A 71 -3.06 2.45 -6.48
N THR A 72 -4.26 3.01 -6.41
CA THR A 72 -5.38 2.52 -7.20
C THR A 72 -6.13 3.67 -7.86
N ALA A 73 -6.98 3.34 -8.82
CA ALA A 73 -7.76 4.35 -9.53
C ALA A 73 -9.24 4.28 -9.15
N LEU A 74 -9.59 3.26 -8.36
CA LEU A 74 -10.96 3.08 -7.92
C LEU A 74 -11.18 3.69 -6.54
N ASP A 75 -12.44 3.78 -6.12
CA ASP A 75 -12.78 4.34 -4.82
C ASP A 75 -12.99 3.23 -3.80
N PRO A 76 -12.45 3.45 -2.58
CA PRO A 76 -12.55 2.48 -1.48
C PRO A 76 -13.98 2.37 -0.94
N SER A 77 -14.77 3.41 -1.17
CA SER A 77 -16.15 3.43 -0.70
C SER A 77 -16.99 2.42 -1.45
N VAL A 78 -16.51 1.99 -2.61
CA VAL A 78 -17.22 1.01 -3.42
C VAL A 78 -16.25 0.04 -4.08
N LEU A 79 -15.16 -0.27 -3.37
CA LEU A 79 -14.15 -1.20 -3.90
C LEU A 79 -14.32 -2.58 -3.27
N ASP A 80 -13.97 -3.61 -4.03
CA ASP A 80 -14.07 -4.99 -3.56
C ASP A 80 -12.70 -5.53 -3.19
N PHE A 81 -12.32 -5.37 -1.93
CA PHE A 81 -11.02 -5.85 -1.46
C PHE A 81 -10.81 -7.31 -1.84
N PRO A 82 -9.99 -7.55 -2.87
CA PRO A 82 -9.69 -8.89 -3.36
C PRO A 82 -8.82 -9.68 -2.38
N SER A 83 -8.33 -10.83 -2.82
CA SER A 83 -7.51 -11.68 -1.97
C SER A 83 -6.26 -10.93 -1.50
N SER A 84 -5.67 -10.16 -2.40
CA SER A 84 -4.48 -9.39 -2.08
C SER A 84 -4.42 -8.10 -2.90
N ALA A 85 -3.52 -7.20 -2.51
CA ALA A 85 -3.36 -5.93 -3.21
C ALA A 85 -3.00 -6.16 -4.67
N THR A 86 -2.46 -7.33 -4.97
CA THR A 86 -2.08 -7.68 -6.34
C THR A 86 -3.27 -8.18 -7.14
N GLY A 87 -4.44 -8.19 -6.51
CA GLY A 87 -5.64 -8.65 -7.18
C GLY A 87 -6.49 -7.50 -7.70
N LEU A 88 -6.16 -6.28 -7.28
CA LEU A 88 -6.89 -5.10 -7.71
C LEU A 88 -6.73 -4.87 -9.21
N LYS A 89 -7.84 -4.57 -9.88
CA LYS A 89 -7.82 -4.33 -11.32
C LYS A 89 -8.61 -3.07 -11.67
N GLY A 90 -8.54 -2.67 -12.93
CA GLY A 90 -9.25 -1.48 -13.37
C GLY A 90 -8.42 -0.22 -13.27
N GLY A 91 -7.10 -0.40 -13.16
CA GLY A 91 -6.21 0.74 -13.04
C GLY A 91 -5.62 0.88 -11.66
N SER A 92 -4.90 -0.15 -11.21
CA SER A 92 -4.29 -0.14 -9.89
C SER A 92 -2.86 -0.67 -9.96
N TRP A 93 -1.93 0.10 -9.40
CA TRP A 93 -0.52 -0.29 -9.40
C TRP A 93 -0.10 -0.79 -8.03
N VAL A 94 0.57 -1.94 -8.01
CA VAL A 94 1.03 -2.53 -6.76
C VAL A 94 2.45 -3.07 -6.89
N VAL A 95 3.20 -3.01 -5.79
CA VAL A 95 4.58 -3.48 -5.79
C VAL A 95 4.71 -4.77 -4.97
N SER A 96 4.99 -5.88 -5.66
CA SER A 96 5.15 -7.16 -4.99
C SER A 96 6.61 -7.41 -4.61
N GLY A 97 7.24 -6.39 -4.04
CA GLY A 97 8.63 -6.53 -3.64
C GLY A 97 9.58 -6.48 -4.83
N CYS A 98 10.11 -5.30 -5.11
CA CYS A 98 11.03 -5.12 -6.22
C CYS A 98 10.37 -5.49 -7.55
N SER A 99 9.04 -5.50 -7.56
CA SER A 99 8.28 -5.84 -8.75
C SER A 99 7.01 -5.00 -8.85
N VAL A 100 6.99 -4.09 -9.82
CA VAL A 100 5.84 -3.22 -10.02
C VAL A 100 4.85 -3.85 -10.99
N LEU A 101 3.59 -3.92 -10.58
CA LEU A 101 2.54 -4.50 -11.42
C LEU A 101 1.35 -3.55 -11.53
N ARG A 102 0.53 -3.76 -12.56
CA ARG A 102 -0.64 -2.92 -12.78
C ARG A 102 -1.83 -3.77 -13.22
N ASP A 103 -2.90 -3.75 -12.41
CA ASP A 103 -4.10 -4.52 -12.71
C ASP A 103 -3.81 -6.01 -12.72
N GLY A 104 -2.75 -6.41 -12.02
CA GLY A 104 -2.38 -7.81 -11.95
C GLY A 104 -1.46 -8.21 -13.08
N ARG A 105 -0.63 -7.29 -13.54
CA ARG A 105 0.30 -7.55 -14.62
C ARG A 105 1.66 -6.91 -14.34
N SER A 106 2.71 -7.71 -14.45
CA SER A 106 4.07 -7.22 -14.21
C SER A 106 4.54 -6.33 -15.35
N VAL A 107 5.03 -5.14 -15.01
CA VAL A 107 5.50 -4.20 -16.01
C VAL A 107 6.97 -3.84 -15.76
N LEU A 108 7.34 -3.74 -14.49
CA LEU A 108 8.71 -3.39 -14.11
C LEU A 108 9.21 -4.32 -13.01
N GLU A 109 10.47 -4.73 -13.13
CA GLU A 109 11.08 -5.61 -12.14
C GLU A 109 12.42 -5.06 -11.66
N GLU A 110 12.96 -5.66 -10.61
CA GLU A 110 14.23 -5.23 -10.06
C GLU A 110 14.21 -3.75 -9.72
N TYR A 111 13.05 -3.27 -9.30
CA TYR A 111 12.88 -1.86 -8.94
C TYR A 111 13.93 -1.43 -7.92
N GLY A 112 14.08 -0.12 -7.76
CA GLY A 112 15.04 0.41 -6.81
C GLY A 112 14.75 -0.01 -5.39
N GLN A 113 13.56 0.37 -4.90
CA GLN A 113 13.15 0.03 -3.54
C GLN A 113 12.64 -1.40 -3.47
N ASP A 114 13.02 -2.10 -2.40
CA ASP A 114 12.61 -3.49 -2.21
C ASP A 114 11.70 -3.62 -0.98
N LEU A 115 10.45 -4.00 -1.21
CA LEU A 115 9.49 -4.16 -0.12
C LEU A 115 9.65 -5.51 0.56
N ASP A 116 9.96 -6.54 -0.24
CA ASP A 116 10.15 -7.89 0.29
C ASP A 116 11.31 -7.93 1.27
N GLN A 117 12.17 -6.91 1.22
CA GLN A 117 13.32 -6.83 2.10
C GLN A 117 12.93 -6.28 3.46
N LEU A 118 11.85 -5.49 3.49
CA LEU A 118 11.37 -4.88 4.72
C LEU A 118 11.20 -5.94 5.81
N GLY A 119 11.21 -5.50 7.06
CA GLY A 119 11.05 -6.42 8.17
C GLY A 119 11.36 -5.78 9.51
N GLU A 120 10.44 -4.96 10.00
CA GLU A 120 10.62 -4.28 11.28
C GLU A 120 11.85 -3.38 11.24
N GLY A 121 11.63 -2.09 11.01
CA GLY A 121 12.73 -1.15 10.96
C GLY A 121 12.90 -0.54 9.58
N ASP A 122 11.85 -0.60 8.77
CA ASP A 122 11.88 -0.05 7.42
C ASP A 122 10.48 0.35 6.96
N ARG A 123 10.34 1.63 6.60
CA ARG A 123 9.05 2.14 6.14
C ARG A 123 9.08 2.41 4.63
N VAL A 124 7.90 2.47 4.03
CA VAL A 124 7.78 2.72 2.60
C VAL A 124 6.56 3.57 2.29
N GLY A 125 6.61 4.31 1.19
CA GLY A 125 5.50 5.15 0.79
C GLY A 125 5.38 5.29 -0.71
N VAL A 126 4.18 5.64 -1.17
CA VAL A 126 3.93 5.80 -2.60
C VAL A 126 3.65 7.26 -2.95
N GLU A 127 3.77 7.59 -4.23
CA GLU A 127 3.52 8.94 -4.70
C GLU A 127 3.05 8.95 -6.15
N ARG A 128 2.20 9.91 -6.48
CA ARG A 128 1.67 10.03 -7.84
C ARG A 128 1.97 11.41 -8.42
N THR A 129 2.99 11.48 -9.27
CA THR A 129 3.37 12.74 -9.90
C THR A 129 2.25 13.28 -10.78
N VAL A 130 2.25 14.59 -10.99
CA VAL A 130 1.24 15.23 -11.83
C VAL A 130 1.16 14.58 -13.19
N ALA A 131 2.31 14.20 -13.73
CA ALA A 131 2.37 13.55 -15.04
C ALA A 131 1.64 12.22 -15.04
N GLY A 132 1.51 11.62 -13.85
CA GLY A 132 0.82 10.36 -13.74
C GLY A 132 1.79 9.19 -13.59
N GLU A 133 2.87 9.41 -12.86
CA GLU A 133 3.87 8.37 -12.64
C GLU A 133 3.94 7.98 -11.16
N LEU A 134 3.80 6.68 -10.89
CA LEU A 134 3.85 6.18 -9.53
C LEU A 134 5.28 6.04 -9.05
N ARG A 135 5.57 6.62 -7.89
CA ARG A 135 6.91 6.56 -7.32
C ARG A 135 6.87 6.04 -5.88
N LEU A 136 8.01 5.56 -5.40
CA LEU A 136 8.11 5.04 -4.04
C LEU A 136 9.12 5.83 -3.22
N TRP A 137 8.94 5.81 -1.91
CA TRP A 137 9.83 6.52 -1.00
C TRP A 137 10.11 5.71 0.26
N VAL A 138 11.38 5.51 0.58
CA VAL A 138 11.77 4.75 1.75
C VAL A 138 12.53 5.63 2.75
N ASN A 139 12.02 5.68 3.98
CA ASN A 139 12.66 6.48 5.03
C ASN A 139 12.78 7.93 4.59
N GLY A 140 11.91 8.36 3.68
CA GLY A 140 11.94 9.72 3.19
C GLY A 140 13.01 9.94 2.15
N ARG A 141 13.13 8.99 1.22
CA ARG A 141 14.12 9.08 0.16
C ARG A 141 13.53 8.62 -1.18
N ASP A 142 13.80 9.39 -2.22
CA ASP A 142 13.30 9.05 -3.56
C ASP A 142 13.90 7.75 -4.06
N CYS A 143 13.08 6.91 -4.67
CA CYS A 143 13.53 5.63 -5.19
C CYS A 143 13.49 5.61 -6.71
N GLY A 144 12.64 6.45 -7.29
CA GLY A 144 12.52 6.52 -8.74
C GLY A 144 11.09 6.38 -9.21
N VAL A 145 10.92 6.09 -10.50
CA VAL A 145 9.59 5.94 -11.08
C VAL A 145 9.29 4.48 -11.38
N ALA A 146 8.15 4.00 -10.90
CA ALA A 146 7.74 2.62 -11.13
C ALA A 146 7.00 2.48 -12.45
N ALA A 147 5.89 3.18 -12.58
CA ALA A 147 5.09 3.13 -13.81
C ALA A 147 4.55 4.51 -14.17
N THR A 148 4.05 4.65 -15.39
CA THR A 148 3.50 5.91 -15.86
C THR A 148 2.12 5.72 -16.48
N GLY A 149 1.39 6.82 -16.62
CA GLY A 149 0.05 6.75 -17.20
C GLY A 149 -1.02 6.56 -16.14
N LEU A 150 -0.91 7.32 -15.05
CA LEU A 150 -1.88 7.22 -13.96
C LEU A 150 -2.96 8.29 -14.11
N PRO A 151 -4.15 8.02 -13.55
CA PRO A 151 -5.29 8.94 -13.61
C PRO A 151 -5.07 10.18 -12.75
N PRO A 152 -5.95 11.18 -12.90
CA PRO A 152 -5.87 12.43 -12.15
C PRO A 152 -6.18 12.25 -10.67
N ARG A 153 -6.87 11.15 -10.35
CA ARG A 153 -7.23 10.86 -8.97
C ARG A 153 -6.86 9.42 -8.60
N VAL A 154 -6.10 9.26 -7.52
CA VAL A 154 -5.68 7.94 -7.06
C VAL A 154 -5.73 7.85 -5.55
N TRP A 155 -5.70 6.62 -5.04
CA TRP A 155 -5.74 6.38 -3.59
C TRP A 155 -4.58 5.50 -3.16
N ALA A 156 -4.18 5.63 -1.90
CA ALA A 156 -3.09 4.84 -1.36
C ALA A 156 -3.56 3.44 -0.98
N VAL A 157 -3.00 2.44 -1.65
CA VAL A 157 -3.36 1.05 -1.39
C VAL A 157 -2.32 0.37 -0.52
N VAL A 158 -2.78 -0.47 0.41
CA VAL A 158 -1.88 -1.20 1.31
C VAL A 158 -2.43 -2.57 1.64
N ASP A 159 -1.54 -3.51 1.94
CA ASP A 159 -1.93 -4.87 2.28
C ASP A 159 -1.04 -5.44 3.38
N LEU A 160 -1.65 -6.17 4.31
CA LEU A 160 -0.91 -6.77 5.42
C LEU A 160 -1.11 -8.28 5.45
N TYR A 161 -0.25 -9.00 4.73
CA TYR A 161 -0.33 -10.46 4.68
C TYR A 161 1.05 -11.09 4.81
N GLY A 162 1.12 -12.18 5.56
CA GLY A 162 2.39 -12.86 5.75
C GLY A 162 3.38 -12.04 6.56
N LYS A 163 4.46 -11.62 5.91
CA LYS A 163 5.49 -10.82 6.57
C LYS A 163 4.87 -9.61 7.27
N CYS A 164 4.23 -8.74 6.49
CA CYS A 164 3.59 -7.56 7.05
C CYS A 164 2.22 -7.89 7.63
N THR A 165 1.96 -7.38 8.83
CA THR A 165 0.69 -7.64 9.51
C THR A 165 0.04 -6.33 9.94
N GLN A 166 0.86 -5.37 10.36
CA GLN A 166 0.36 -4.08 10.81
C GLN A 166 1.08 -2.94 10.10
N ILE A 167 0.39 -1.81 9.95
CA ILE A 167 0.98 -0.65 9.28
C ILE A 167 0.42 0.65 9.86
N THR A 168 1.16 1.73 9.70
CA THR A 168 0.74 3.04 10.19
C THR A 168 1.18 4.16 9.26
N VAL A 169 0.23 4.97 8.81
CA VAL A 169 0.51 6.08 7.92
C VAL A 169 1.19 7.23 8.65
N LEU A 170 2.30 7.69 8.12
CA LEU A 170 3.05 8.78 8.73
C LEU A 170 2.34 10.12 8.51
N GLY A 1 4.09 25.81 3.74
CA GLY A 1 3.04 25.41 2.82
C GLY A 1 2.11 24.37 3.41
N SER A 2 1.15 23.93 2.61
CA SER A 2 0.20 22.92 3.06
C SER A 2 0.80 21.52 3.00
N SER A 3 0.76 20.82 4.13
CA SER A 3 1.31 19.48 4.21
C SER A 3 1.08 18.87 5.59
N GLY A 4 0.10 17.98 5.70
CA GLY A 4 -0.20 17.36 6.97
C GLY A 4 -0.91 16.02 6.80
N SER A 5 -1.91 15.99 5.93
CA SER A 5 -2.67 14.78 5.69
C SER A 5 -2.15 14.04 4.45
N SER A 6 -1.39 12.98 4.68
CA SER A 6 -0.82 12.20 3.58
C SER A 6 -1.91 11.41 2.87
N GLY A 7 -2.98 11.09 3.59
CA GLY A 7 -4.07 10.34 3.00
C GLY A 7 -4.87 9.58 4.03
N GLU A 8 -4.27 9.35 5.20
CA GLU A 8 -4.94 8.63 6.27
C GLU A 8 -5.32 7.22 5.82
N LEU A 9 -6.07 6.52 6.67
CA LEU A 9 -6.50 5.16 6.37
C LEU A 9 -8.03 5.05 6.42
N HIS A 10 -8.62 4.53 5.34
CA HIS A 10 -10.07 4.37 5.27
C HIS A 10 -10.57 3.46 6.40
N PRO A 11 -11.70 3.84 7.01
CA PRO A 11 -12.30 3.07 8.10
C PRO A 11 -12.89 1.74 7.62
N ARG A 12 -13.10 1.63 6.31
CA ARG A 12 -13.66 0.41 5.74
C ARG A 12 -12.54 -0.55 5.33
N THR A 13 -12.47 -1.68 6.03
CA THR A 13 -11.45 -2.68 5.74
C THR A 13 -12.06 -4.08 5.64
N GLY A 14 -11.32 -5.01 5.06
CA GLY A 14 -11.80 -6.38 4.92
C GLY A 14 -12.21 -6.98 6.25
N ARG A 15 -12.70 -8.21 6.20
CA ARG A 15 -13.14 -8.91 7.42
C ARG A 15 -11.96 -9.18 8.34
N LEU A 16 -10.90 -9.77 7.78
CA LEU A 16 -9.71 -10.09 8.55
C LEU A 16 -8.97 -8.82 8.96
N VAL A 17 -8.92 -7.85 8.05
CA VAL A 17 -8.24 -6.59 8.32
C VAL A 17 -9.06 -5.72 9.26
N SER A 18 -8.38 -4.95 10.10
CA SER A 18 -9.06 -4.07 11.06
C SER A 18 -8.36 -2.71 11.13
N LEU A 19 -9.13 -1.68 11.41
CA LEU A 19 -8.59 -0.32 11.51
C LEU A 19 -8.57 0.14 12.96
N SER A 20 -7.43 0.69 13.39
CA SER A 20 -7.29 1.17 14.76
C SER A 20 -8.35 2.23 15.08
N ALA A 21 -8.68 2.36 16.36
CA ALA A 21 -9.68 3.33 16.80
C ALA A 21 -9.37 4.72 16.25
N CYS A 22 -8.26 5.29 16.69
CA CYS A 22 -7.85 6.62 16.24
C CYS A 22 -7.69 6.65 14.72
N GLY A 23 -7.39 5.50 14.14
CA GLY A 23 -7.20 5.42 12.70
C GLY A 23 -5.76 5.58 12.29
N ARG A 24 -5.53 5.80 10.99
CA ARG A 24 -4.18 5.98 10.48
C ARG A 24 -3.32 4.76 10.79
N THR A 25 -3.97 3.62 11.01
CA THR A 25 -3.27 2.39 11.32
C THR A 25 -4.07 1.17 10.87
N ALA A 26 -3.39 0.22 10.24
CA ALA A 26 -4.04 -0.99 9.77
C ALA A 26 -3.39 -2.24 10.37
N ARG A 27 -4.18 -3.30 10.51
CA ARG A 27 -3.67 -4.55 11.07
C ARG A 27 -4.54 -5.73 10.64
N ARG A 28 -4.05 -6.94 10.87
CA ARG A 28 -4.77 -8.15 10.51
C ARG A 28 -5.35 -8.84 11.74
N GLN A 29 -6.34 -9.68 11.53
CA GLN A 29 -6.99 -10.40 12.63
C GLN A 29 -6.53 -11.85 12.67
N GLN A 30 -6.08 -12.36 11.52
CA GLN A 30 -5.62 -13.74 11.43
C GLN A 30 -4.11 -13.79 11.22
N PRO A 31 -3.36 -13.56 12.31
CA PRO A 31 -1.90 -13.57 12.27
C PRO A 31 -1.34 -14.98 12.08
N GLY A 32 -1.84 -15.93 12.87
CA GLY A 32 -1.37 -17.29 12.76
C GLY A 32 -2.41 -18.21 12.14
N GLN A 33 -2.79 -17.90 10.90
CA GLN A 33 -3.78 -18.70 10.19
C GLN A 33 -3.83 -18.32 8.71
N GLU A 34 -4.37 -17.13 8.42
CA GLU A 34 -4.48 -16.65 7.06
C GLU A 34 -3.61 -15.42 6.85
N PHE A 35 -3.58 -14.92 5.61
CA PHE A 35 -2.79 -13.74 5.27
C PHE A 35 -3.51 -12.88 4.24
N ASN A 36 -3.52 -13.35 3.00
CA ASN A 36 -4.18 -12.62 1.91
C ASN A 36 -5.70 -12.79 1.99
N HIS A 37 -6.40 -11.65 2.06
CA HIS A 37 -7.86 -11.67 2.13
C HIS A 37 -8.42 -10.26 2.03
N GLY A 38 -8.30 -9.50 3.11
CA GLY A 38 -8.80 -8.14 3.12
C GLY A 38 -7.79 -7.13 2.59
N LEU A 39 -8.07 -5.86 2.79
CA LEU A 39 -7.17 -4.80 2.32
C LEU A 39 -7.43 -3.50 3.08
N VAL A 40 -6.56 -2.52 2.88
CA VAL A 40 -6.68 -1.23 3.54
C VAL A 40 -6.26 -0.09 2.61
N LEU A 41 -7.20 0.77 2.26
CA LEU A 41 -6.91 1.90 1.38
C LEU A 41 -6.89 3.20 2.17
N SER A 42 -6.45 4.28 1.51
CA SER A 42 -6.36 5.59 2.15
C SER A 42 -7.75 6.21 2.29
N ARG A 43 -7.86 7.19 3.17
CA ARG A 43 -9.13 7.86 3.41
C ARG A 43 -9.49 8.78 2.24
N GLU A 44 -8.51 9.56 1.78
CA GLU A 44 -8.72 10.47 0.66
C GLU A 44 -7.75 10.17 -0.47
N PRO A 45 -8.08 10.67 -1.68
CA PRO A 45 -7.25 10.47 -2.87
C PRO A 45 -5.94 11.24 -2.80
N LEU A 46 -4.83 10.51 -2.88
CA LEU A 46 -3.51 11.12 -2.82
C LEU A 46 -3.35 12.20 -3.89
N ARG A 47 -3.13 13.43 -3.44
CA ARG A 47 -2.97 14.56 -4.36
C ARG A 47 -1.60 14.52 -5.03
N ASP A 48 -1.33 15.52 -5.86
CA ASP A 48 -0.06 15.61 -6.55
C ASP A 48 1.06 16.02 -5.60
N GLY A 49 2.18 15.29 -5.65
CA GLY A 49 3.30 15.59 -4.78
C GLY A 49 3.22 14.85 -3.45
N ARG A 50 2.05 14.87 -2.83
CA ARG A 50 1.85 14.19 -1.55
C ARG A 50 2.28 12.73 -1.64
N VAL A 51 3.10 12.30 -0.68
CA VAL A 51 3.58 10.93 -0.65
C VAL A 51 3.02 10.18 0.55
N PHE A 52 2.22 9.15 0.28
CA PHE A 52 1.62 8.35 1.34
C PHE A 52 2.63 7.37 1.93
N THR A 53 3.22 7.74 3.06
CA THR A 53 4.20 6.91 3.73
C THR A 53 3.55 6.02 4.79
N VAL A 54 4.17 4.88 5.07
CA VAL A 54 3.65 3.95 6.06
C VAL A 54 4.77 3.14 6.69
N ARG A 55 4.68 2.95 8.01
CA ARG A 55 5.70 2.18 8.74
C ARG A 55 5.15 0.82 9.15
N ILE A 56 6.05 -0.09 9.49
CA ILE A 56 5.67 -1.44 9.91
C ILE A 56 5.59 -1.53 11.43
N ASP A 57 4.37 -1.38 11.96
CA ASP A 57 4.16 -1.46 13.40
C ASP A 57 4.72 -2.75 13.97
N ARG A 58 4.31 -3.87 13.39
CA ARG A 58 4.77 -5.18 13.85
C ARG A 58 4.91 -6.15 12.67
N LYS A 59 5.99 -6.92 12.66
CA LYS A 59 6.23 -7.89 11.60
C LYS A 59 6.41 -9.29 12.17
N VAL A 60 5.56 -10.21 11.72
CA VAL A 60 5.62 -11.59 12.18
C VAL A 60 6.66 -12.39 11.40
N ASN A 61 7.51 -13.11 12.12
CA ASN A 61 8.55 -13.92 11.49
C ASN A 61 8.19 -15.40 11.53
N SER A 62 6.93 -15.70 11.26
CA SER A 62 6.44 -17.07 11.27
C SER A 62 6.15 -17.57 9.86
N TRP A 63 5.86 -16.63 8.97
CA TRP A 63 5.57 -16.96 7.57
C TRP A 63 6.74 -16.58 6.67
N SER A 64 6.51 -16.65 5.36
CA SER A 64 7.55 -16.33 4.39
C SER A 64 6.99 -15.45 3.27
N GLY A 65 5.92 -14.72 3.57
CA GLY A 65 5.31 -13.85 2.58
C GLY A 65 5.99 -12.50 2.50
N SER A 66 5.26 -11.51 1.99
CA SER A 66 5.81 -10.16 1.85
C SER A 66 4.71 -9.11 2.03
N ILE A 67 5.09 -7.84 1.93
CA ILE A 67 4.14 -6.76 2.07
C ILE A 67 3.83 -6.11 0.73
N GLU A 68 2.55 -5.85 0.48
CA GLU A 68 2.12 -5.25 -0.78
C GLU A 68 1.62 -3.82 -0.55
N ILE A 69 2.06 -2.90 -1.39
CA ILE A 69 1.66 -1.50 -1.28
C ILE A 69 1.70 -0.81 -2.64
N GLY A 70 0.76 0.09 -2.88
CA GLY A 70 0.72 0.81 -4.14
C GLY A 70 -0.42 1.82 -4.19
N VAL A 71 -0.98 2.01 -5.39
CA VAL A 71 -2.08 2.94 -5.57
C VAL A 71 -3.19 2.32 -6.41
N THR A 72 -4.38 2.92 -6.34
CA THR A 72 -5.53 2.43 -7.10
C THR A 72 -6.28 3.57 -7.76
N ALA A 73 -7.16 3.23 -8.69
CA ALA A 73 -7.96 4.23 -9.39
C ALA A 73 -9.42 4.19 -8.93
N LEU A 74 -9.80 3.12 -8.26
CA LEU A 74 -11.16 2.97 -7.77
C LEU A 74 -11.31 3.57 -6.38
N ASP A 75 -12.52 4.02 -6.06
CA ASP A 75 -12.79 4.63 -4.76
C ASP A 75 -12.96 3.56 -3.69
N PRO A 76 -12.37 3.80 -2.50
CA PRO A 76 -12.45 2.87 -1.39
C PRO A 76 -13.85 2.80 -0.78
N SER A 77 -14.66 3.81 -1.07
CA SER A 77 -16.02 3.86 -0.55
C SER A 77 -16.91 2.81 -1.23
N VAL A 78 -16.47 2.34 -2.40
CA VAL A 78 -17.22 1.34 -3.14
C VAL A 78 -16.28 0.36 -3.84
N LEU A 79 -15.14 0.10 -3.22
CA LEU A 79 -14.15 -0.82 -3.79
C LEU A 79 -14.33 -2.22 -3.22
N ASP A 80 -14.04 -3.23 -4.04
CA ASP A 80 -14.16 -4.62 -3.62
C ASP A 80 -12.80 -5.20 -3.26
N PHE A 81 -12.48 -5.17 -1.98
CA PHE A 81 -11.20 -5.70 -1.50
C PHE A 81 -10.97 -7.11 -2.02
N PRO A 82 -10.09 -7.22 -3.05
CA PRO A 82 -9.75 -8.50 -3.66
C PRO A 82 -8.93 -9.40 -2.74
N SER A 83 -8.41 -10.48 -3.29
CA SER A 83 -7.60 -11.42 -2.50
C SER A 83 -6.43 -10.70 -1.85
N SER A 84 -5.84 -9.76 -2.58
CA SER A 84 -4.70 -9.01 -2.07
C SER A 84 -4.54 -7.69 -2.84
N ALA A 85 -3.63 -6.85 -2.36
CA ALA A 85 -3.36 -5.56 -2.99
C ALA A 85 -3.04 -5.73 -4.47
N THR A 86 -2.23 -6.74 -4.78
CA THR A 86 -1.83 -7.00 -6.16
C THR A 86 -3.01 -7.54 -6.97
N GLY A 87 -4.10 -7.87 -6.29
CA GLY A 87 -5.27 -8.39 -6.96
C GLY A 87 -6.25 -7.30 -7.34
N LEU A 88 -5.77 -6.07 -7.38
CA LEU A 88 -6.60 -4.93 -7.73
C LEU A 88 -6.50 -4.60 -9.22
N LYS A 89 -7.64 -4.38 -9.86
CA LYS A 89 -7.67 -4.06 -11.28
C LYS A 89 -8.19 -2.64 -11.51
N GLY A 90 -8.48 -2.32 -12.76
CA GLY A 90 -8.98 -1.00 -13.09
C GLY A 90 -7.99 0.10 -12.76
N GLY A 91 -6.79 -0.01 -13.30
CA GLY A 91 -5.76 0.99 -13.04
C GLY A 91 -5.25 0.94 -11.61
N SER A 92 -4.81 -0.24 -11.18
CA SER A 92 -4.29 -0.42 -9.83
C SER A 92 -2.83 -0.86 -9.86
N TRP A 93 -1.95 0.04 -9.44
CA TRP A 93 -0.52 -0.27 -9.42
C TRP A 93 -0.09 -0.78 -8.05
N VAL A 94 0.52 -1.96 -8.03
CA VAL A 94 0.98 -2.55 -6.79
C VAL A 94 2.41 -3.07 -6.91
N VAL A 95 3.16 -3.01 -5.81
CA VAL A 95 4.54 -3.47 -5.80
C VAL A 95 4.69 -4.74 -4.97
N SER A 96 5.01 -5.85 -5.63
CA SER A 96 5.18 -7.12 -4.95
C SER A 96 6.64 -7.34 -4.55
N GLY A 97 7.26 -6.29 -4.01
CA GLY A 97 8.65 -6.39 -3.60
C GLY A 97 9.60 -6.44 -4.78
N CYS A 98 10.16 -5.29 -5.13
CA CYS A 98 11.10 -5.21 -6.25
C CYS A 98 10.40 -5.57 -7.56
N SER A 99 9.07 -5.54 -7.55
CA SER A 99 8.30 -5.88 -8.74
C SER A 99 7.04 -5.00 -8.83
N VAL A 100 7.03 -4.10 -9.81
CA VAL A 100 5.89 -3.21 -10.00
C VAL A 100 4.91 -3.79 -11.01
N LEU A 101 3.65 -3.90 -10.59
CA LEU A 101 2.60 -4.44 -11.45
C LEU A 101 1.44 -3.46 -11.59
N ARG A 102 0.66 -3.61 -12.65
CA ARG A 102 -0.48 -2.74 -12.89
C ARG A 102 -1.69 -3.55 -13.34
N ASP A 103 -2.77 -3.49 -12.57
CA ASP A 103 -3.98 -4.20 -12.89
C ASP A 103 -3.75 -5.71 -12.86
N GLY A 104 -2.73 -6.14 -12.12
CA GLY A 104 -2.42 -7.55 -12.03
C GLY A 104 -1.49 -8.01 -13.15
N ARG A 105 -0.61 -7.12 -13.59
CA ARG A 105 0.33 -7.44 -14.65
C ARG A 105 1.70 -6.84 -14.38
N SER A 106 2.74 -7.66 -14.47
CA SER A 106 4.10 -7.20 -14.22
C SER A 106 4.60 -6.33 -15.37
N VAL A 107 5.12 -5.15 -15.03
CA VAL A 107 5.62 -4.23 -16.03
C VAL A 107 7.08 -3.88 -15.76
N LEU A 108 7.44 -3.79 -14.49
CA LEU A 108 8.80 -3.45 -14.10
C LEU A 108 9.30 -4.40 -13.00
N GLU A 109 10.54 -4.85 -13.14
CA GLU A 109 11.14 -5.76 -12.16
C GLU A 109 12.48 -5.23 -11.69
N GLU A 110 13.00 -5.85 -10.63
CA GLU A 110 14.29 -5.45 -10.07
C GLU A 110 14.29 -3.97 -9.70
N TYR A 111 13.12 -3.47 -9.29
CA TYR A 111 12.98 -2.07 -8.91
C TYR A 111 14.04 -1.66 -7.89
N GLY A 112 14.23 -0.37 -7.72
CA GLY A 112 15.22 0.13 -6.78
C GLY A 112 14.91 -0.29 -5.35
N GLN A 113 13.77 0.17 -4.84
CA GLN A 113 13.36 -0.15 -3.47
C GLN A 113 12.72 -1.54 -3.41
N ASP A 114 13.07 -2.30 -2.37
CA ASP A 114 12.53 -3.65 -2.20
C ASP A 114 11.66 -3.72 -0.96
N LEU A 115 10.38 -4.04 -1.16
CA LEU A 115 9.44 -4.14 -0.05
C LEU A 115 9.55 -5.50 0.65
N ASP A 116 9.81 -6.54 -0.14
CA ASP A 116 9.95 -7.89 0.39
C ASP A 116 11.12 -7.96 1.38
N GLN A 117 12.02 -6.98 1.29
CA GLN A 117 13.18 -6.94 2.17
C GLN A 117 12.82 -6.35 3.53
N LEU A 118 11.76 -5.54 3.56
CA LEU A 118 11.30 -4.92 4.79
C LEU A 118 11.13 -5.95 5.90
N GLY A 119 11.11 -5.49 7.14
CA GLY A 119 10.95 -6.38 8.26
C GLY A 119 11.31 -5.72 9.58
N GLU A 120 10.39 -4.92 10.11
CA GLU A 120 10.62 -4.22 11.38
C GLU A 120 11.87 -3.36 11.31
N GLY A 121 11.70 -2.09 10.99
CA GLY A 121 12.82 -1.17 10.90
C GLY A 121 12.95 -0.57 9.52
N ASP A 122 11.88 -0.61 8.75
CA ASP A 122 11.88 -0.05 7.40
C ASP A 122 10.48 0.35 6.97
N ARG A 123 10.34 1.59 6.51
CA ARG A 123 9.04 2.10 6.07
C ARG A 123 9.04 2.35 4.56
N VAL A 124 7.84 2.43 3.99
CA VAL A 124 7.70 2.66 2.56
C VAL A 124 6.49 3.54 2.27
N GLY A 125 6.55 4.28 1.16
CA GLY A 125 5.45 5.15 0.78
C GLY A 125 5.30 5.27 -0.72
N VAL A 126 4.08 5.58 -1.17
CA VAL A 126 3.81 5.73 -2.60
C VAL A 126 3.48 7.18 -2.94
N GLU A 127 3.60 7.52 -4.22
CA GLU A 127 3.31 8.87 -4.68
C GLU A 127 2.87 8.87 -6.14
N ARG A 128 2.02 9.82 -6.49
CA ARG A 128 1.50 9.92 -7.86
C ARG A 128 1.82 11.29 -8.45
N THR A 129 2.83 11.34 -9.31
CA THR A 129 3.22 12.59 -9.95
C THR A 129 2.11 13.15 -10.82
N VAL A 130 2.10 14.46 -10.99
CA VAL A 130 1.08 15.12 -11.80
C VAL A 130 1.00 14.50 -13.19
N ALA A 131 2.15 14.09 -13.72
CA ALA A 131 2.21 13.48 -15.04
C ALA A 131 1.46 12.14 -15.06
N GLY A 132 1.43 11.46 -13.91
CA GLY A 132 0.75 10.19 -13.82
C GLY A 132 1.71 9.02 -13.66
N GLU A 133 2.78 9.25 -12.90
CA GLU A 133 3.78 8.21 -12.67
C GLU A 133 3.87 7.86 -11.19
N LEU A 134 3.74 6.57 -10.88
CA LEU A 134 3.80 6.11 -9.49
C LEU A 134 5.25 6.07 -9.01
N ARG A 135 5.49 6.64 -7.83
CA ARG A 135 6.82 6.67 -7.25
C ARG A 135 6.81 6.10 -5.82
N LEU A 136 7.95 5.56 -5.40
CA LEU A 136 8.07 4.99 -4.07
C LEU A 136 9.10 5.74 -3.24
N TRP A 137 8.87 5.83 -1.93
CA TRP A 137 9.78 6.52 -1.04
C TRP A 137 10.03 5.71 0.23
N VAL A 138 11.28 5.50 0.57
CA VAL A 138 11.65 4.74 1.76
C VAL A 138 12.34 5.63 2.79
N ASN A 139 11.77 5.70 3.99
CA ASN A 139 12.34 6.50 5.06
C ASN A 139 12.50 7.96 4.62
N GLY A 140 11.69 8.36 3.65
CA GLY A 140 11.76 9.73 3.15
C GLY A 140 12.87 9.92 2.14
N ARG A 141 13.03 8.96 1.25
CA ARG A 141 14.08 9.02 0.22
C ARG A 141 13.55 8.54 -1.13
N ASP A 142 13.94 9.23 -2.18
CA ASP A 142 13.52 8.88 -3.54
C ASP A 142 14.13 7.56 -3.98
N CYS A 143 13.33 6.71 -4.62
CA CYS A 143 13.80 5.42 -5.09
C CYS A 143 13.75 5.33 -6.61
N GLY A 144 12.84 6.11 -7.20
CA GLY A 144 12.70 6.11 -8.64
C GLY A 144 11.24 6.05 -9.08
N VAL A 145 11.02 5.77 -10.36
CA VAL A 145 9.67 5.68 -10.91
C VAL A 145 9.27 4.23 -11.13
N ALA A 146 8.10 3.86 -10.61
CA ALA A 146 7.59 2.50 -10.76
C ALA A 146 6.97 2.30 -12.14
N ALA A 147 5.95 3.09 -12.45
CA ALA A 147 5.27 2.99 -13.74
C ALA A 147 4.67 4.34 -14.14
N THR A 148 4.20 4.42 -15.38
CA THR A 148 3.61 5.64 -15.89
C THR A 148 2.23 5.38 -16.48
N GLY A 149 1.45 6.44 -16.66
CA GLY A 149 0.12 6.30 -17.23
C GLY A 149 -0.95 6.15 -16.16
N LEU A 150 -0.91 7.01 -15.15
CA LEU A 150 -1.88 6.96 -14.06
C LEU A 150 -2.96 8.03 -14.24
N PRO A 151 -4.15 7.76 -13.68
CA PRO A 151 -5.28 8.68 -13.77
C PRO A 151 -5.07 9.95 -12.94
N PRO A 152 -5.97 10.93 -13.12
CA PRO A 152 -5.89 12.21 -12.39
C PRO A 152 -6.21 12.04 -10.92
N ARG A 153 -6.88 10.94 -10.57
CA ARG A 153 -7.25 10.68 -9.19
C ARG A 153 -6.88 9.26 -8.80
N VAL A 154 -6.22 9.12 -7.65
CA VAL A 154 -5.79 7.81 -7.16
C VAL A 154 -5.83 7.76 -5.63
N TRP A 155 -5.73 6.55 -5.09
CA TRP A 155 -5.76 6.36 -3.64
C TRP A 155 -4.60 5.47 -3.19
N ALA A 156 -4.18 5.65 -1.94
CA ALA A 156 -3.09 4.86 -1.38
C ALA A 156 -3.57 3.48 -0.95
N VAL A 157 -3.05 2.44 -1.60
CA VAL A 157 -3.44 1.07 -1.28
C VAL A 157 -2.38 0.39 -0.42
N VAL A 158 -2.83 -0.40 0.54
CA VAL A 158 -1.91 -1.11 1.44
C VAL A 158 -2.48 -2.47 1.84
N ASP A 159 -1.59 -3.41 2.12
CA ASP A 159 -2.00 -4.76 2.51
C ASP A 159 -1.08 -5.30 3.60
N LEU A 160 -1.66 -6.05 4.54
CA LEU A 160 -0.90 -6.65 5.63
C LEU A 160 -1.05 -8.16 5.64
N TYR A 161 -0.17 -8.85 4.91
CA TYR A 161 -0.21 -10.30 4.84
C TYR A 161 1.20 -10.88 4.93
N GLY A 162 1.31 -12.03 5.58
CA GLY A 162 2.60 -12.69 5.73
C GLY A 162 3.52 -11.93 6.68
N LYS A 163 4.68 -11.53 6.17
CA LYS A 163 5.66 -10.82 6.99
C LYS A 163 5.00 -9.62 7.68
N CYS A 164 4.47 -8.69 6.88
CA CYS A 164 3.83 -7.50 7.42
C CYS A 164 2.42 -7.83 7.92
N THR A 165 2.10 -7.37 9.11
CA THR A 165 0.78 -7.61 9.70
C THR A 165 0.09 -6.31 10.07
N GLN A 166 0.87 -5.36 10.60
CA GLN A 166 0.33 -4.07 11.00
C GLN A 166 1.11 -2.94 10.35
N ILE A 167 0.44 -1.82 10.10
CA ILE A 167 1.07 -0.66 9.50
C ILE A 167 0.54 0.64 10.09
N THR A 168 1.28 1.73 9.91
CA THR A 168 0.88 3.03 10.42
C THR A 168 1.31 4.15 9.48
N VAL A 169 0.37 5.03 9.16
CA VAL A 169 0.66 6.15 8.26
C VAL A 169 1.45 7.24 8.98
N LEU A 170 2.56 7.64 8.38
CA LEU A 170 3.41 8.67 8.97
C LEU A 170 2.74 10.04 8.88
N GLY A 1 -3.31 23.17 4.42
CA GLY A 1 -3.82 22.01 5.12
C GLY A 1 -5.28 21.74 4.82
N SER A 2 -5.63 21.73 3.54
CA SER A 2 -7.00 21.49 3.12
C SER A 2 -7.29 19.99 3.07
N SER A 3 -8.51 19.65 2.67
CA SER A 3 -8.92 18.25 2.58
C SER A 3 -8.07 17.51 1.55
N GLY A 4 -8.13 16.18 1.59
CA GLY A 4 -7.37 15.37 0.67
C GLY A 4 -5.88 15.41 0.95
N SER A 5 -5.39 14.40 1.67
CA SER A 5 -3.97 14.33 2.01
C SER A 5 -3.55 12.88 2.23
N SER A 6 -2.30 12.69 2.66
CA SER A 6 -1.76 11.36 2.90
C SER A 6 -1.40 11.18 4.38
N GLY A 7 -2.41 10.87 5.18
CA GLY A 7 -2.17 10.68 6.60
C GLY A 7 -3.33 9.97 7.28
N GLU A 8 -4.09 9.20 6.52
CA GLU A 8 -5.23 8.46 7.05
C GLU A 8 -5.49 7.20 6.24
N LEU A 9 -6.45 6.40 6.70
CA LEU A 9 -6.80 5.16 6.02
C LEU A 9 -8.30 4.91 6.08
N HIS A 10 -8.89 4.54 4.96
CA HIS A 10 -10.32 4.27 4.89
C HIS A 10 -10.74 3.28 5.98
N PRO A 11 -11.89 3.54 6.61
CA PRO A 11 -12.43 2.70 7.67
C PRO A 11 -12.91 1.34 7.15
N ARG A 12 -13.70 1.37 6.08
CA ARG A 12 -14.22 0.14 5.48
C ARG A 12 -13.09 -0.80 5.11
N THR A 13 -13.12 -2.01 5.67
CA THR A 13 -12.11 -3.01 5.40
C THR A 13 -12.67 -4.41 5.54
N GLY A 14 -11.87 -5.41 5.15
CA GLY A 14 -12.30 -6.79 5.24
C GLY A 14 -12.63 -7.21 6.65
N ARG A 15 -12.88 -8.51 6.85
CA ARG A 15 -13.21 -9.03 8.17
C ARG A 15 -11.96 -9.13 9.04
N LEU A 16 -10.98 -9.89 8.57
CA LEU A 16 -9.73 -10.08 9.31
C LEU A 16 -8.99 -8.75 9.45
N VAL A 17 -9.28 -7.82 8.56
CA VAL A 17 -8.64 -6.51 8.58
C VAL A 17 -9.17 -5.65 9.73
N SER A 18 -8.25 -4.95 10.41
CA SER A 18 -8.63 -4.10 11.53
C SER A 18 -8.06 -2.69 11.36
N LEU A 19 -8.93 -1.69 11.53
CA LEU A 19 -8.51 -0.30 11.40
C LEU A 19 -8.47 0.39 12.75
N SER A 20 -7.56 1.35 12.90
CA SER A 20 -7.41 2.09 14.14
C SER A 20 -8.73 2.76 14.54
N ALA A 21 -8.75 3.32 15.74
CA ALA A 21 -9.95 4.00 16.24
C ALA A 21 -10.23 5.27 15.45
N CYS A 22 -9.18 6.01 15.14
CA CYS A 22 -9.30 7.26 14.39
C CYS A 22 -9.37 6.99 12.89
N GLY A 23 -8.69 5.92 12.46
CA GLY A 23 -8.68 5.57 11.06
C GLY A 23 -7.38 5.95 10.37
N ARG A 24 -6.27 5.54 10.97
CA ARG A 24 -4.95 5.84 10.41
C ARG A 24 -3.97 4.72 10.71
N THR A 25 -4.50 3.52 10.92
CA THR A 25 -3.66 2.35 11.22
C THR A 25 -4.34 1.07 10.76
N ALA A 26 -3.57 0.20 10.11
CA ALA A 26 -4.09 -1.07 9.63
C ALA A 26 -3.36 -2.25 10.26
N ARG A 27 -4.11 -3.29 10.62
CA ARG A 27 -3.54 -4.47 11.25
C ARG A 27 -4.45 -5.67 11.07
N ARG A 28 -3.85 -6.85 10.89
CA ARG A 28 -4.62 -8.08 10.72
C ARG A 28 -5.00 -8.68 12.06
N GLN A 29 -6.18 -9.29 12.12
CA GLN A 29 -6.66 -9.91 13.34
C GLN A 29 -6.28 -11.38 13.40
N GLN A 30 -6.16 -12.00 12.23
CA GLN A 30 -5.81 -13.42 12.15
C GLN A 30 -4.56 -13.62 11.30
N PRO A 31 -3.43 -13.04 11.76
CA PRO A 31 -2.15 -13.14 11.05
C PRO A 31 -1.56 -14.55 11.10
N GLY A 32 -1.85 -15.26 12.18
CA GLY A 32 -1.35 -16.62 12.34
C GLY A 32 -2.42 -17.66 12.10
N GLN A 33 -3.06 -17.60 10.94
CA GLN A 33 -4.11 -18.55 10.60
C GLN A 33 -4.48 -18.44 9.12
N GLU A 34 -4.51 -17.21 8.60
CA GLU A 34 -4.85 -16.98 7.21
C GLU A 34 -3.78 -16.14 6.52
N PHE A 35 -4.00 -15.84 5.25
CA PHE A 35 -3.04 -15.05 4.48
C PHE A 35 -3.76 -13.95 3.70
N ASN A 36 -4.62 -14.35 2.77
CA ASN A 36 -5.37 -13.41 1.94
C ASN A 36 -6.83 -13.36 2.37
N HIS A 37 -7.37 -12.15 2.47
CA HIS A 37 -8.76 -11.96 2.87
C HIS A 37 -9.26 -10.58 2.47
N GLY A 38 -8.83 -9.57 3.22
CA GLY A 38 -9.24 -8.21 2.94
C GLY A 38 -8.08 -7.32 2.56
N LEU A 39 -8.30 -6.00 2.58
CA LEU A 39 -7.26 -5.04 2.24
C LEU A 39 -7.42 -3.75 3.03
N VAL A 40 -6.69 -2.72 2.62
CA VAL A 40 -6.75 -1.43 3.29
C VAL A 40 -6.30 -0.30 2.37
N LEU A 41 -7.21 0.64 2.11
CA LEU A 41 -6.90 1.77 1.23
C LEU A 41 -6.94 3.07 2.01
N SER A 42 -6.49 4.15 1.36
CA SER A 42 -6.47 5.46 1.99
C SER A 42 -7.88 6.06 2.07
N ARG A 43 -8.07 6.99 2.99
CA ARG A 43 -9.36 7.63 3.17
C ARG A 43 -9.64 8.63 2.05
N GLU A 44 -8.63 9.40 1.68
CA GLU A 44 -8.76 10.40 0.62
C GLU A 44 -7.78 10.11 -0.51
N PRO A 45 -8.08 10.64 -1.71
CA PRO A 45 -7.24 10.46 -2.89
C PRO A 45 -5.92 11.23 -2.78
N LEU A 46 -4.82 10.50 -2.85
CA LEU A 46 -3.49 11.11 -2.76
C LEU A 46 -3.33 12.21 -3.81
N ARG A 47 -3.07 13.43 -3.33
CA ARG A 47 -2.89 14.56 -4.22
C ARG A 47 -1.49 14.57 -4.84
N ASP A 48 -1.26 15.48 -5.77
CA ASP A 48 0.04 15.59 -6.43
C ASP A 48 1.11 16.04 -5.46
N GLY A 49 2.24 15.33 -5.46
CA GLY A 49 3.33 15.68 -4.57
C GLY A 49 3.28 14.93 -3.25
N ARG A 50 2.10 14.89 -2.65
CA ARG A 50 1.91 14.19 -1.38
C ARG A 50 2.35 12.73 -1.48
N VAL A 51 3.16 12.29 -0.54
CA VAL A 51 3.65 10.92 -0.54
C VAL A 51 3.08 10.14 0.65
N PHE A 52 2.24 9.15 0.36
CA PHE A 52 1.63 8.34 1.40
C PHE A 52 2.64 7.34 1.97
N THR A 53 3.22 7.70 3.11
CA THR A 53 4.20 6.85 3.77
C THR A 53 3.55 5.96 4.82
N VAL A 54 4.18 4.83 5.11
CA VAL A 54 3.65 3.89 6.10
C VAL A 54 4.78 3.08 6.74
N ARG A 55 4.74 2.96 8.06
CA ARG A 55 5.75 2.22 8.80
C ARG A 55 5.18 0.91 9.33
N ILE A 56 6.05 -0.08 9.52
CA ILE A 56 5.63 -1.39 10.03
C ILE A 56 5.81 -1.47 11.54
N ASP A 57 4.70 -1.40 12.26
CA ASP A 57 4.72 -1.47 13.72
C ASP A 57 4.82 -2.92 14.18
N ARG A 58 4.34 -3.84 13.36
CA ARG A 58 4.38 -5.26 13.70
C ARG A 58 4.76 -6.10 12.48
N LYS A 59 5.69 -7.02 12.68
CA LYS A 59 6.14 -7.89 11.61
C LYS A 59 6.52 -9.28 12.13
N VAL A 60 5.85 -10.30 11.62
CA VAL A 60 6.10 -11.67 12.04
C VAL A 60 7.13 -12.34 11.14
N ASN A 61 8.17 -12.90 11.76
CA ASN A 61 9.23 -13.57 11.01
C ASN A 61 9.01 -15.08 11.00
N SER A 62 7.76 -15.49 10.80
CA SER A 62 7.42 -16.90 10.77
C SER A 62 6.88 -17.30 9.40
N TRP A 63 6.31 -16.33 8.68
CA TRP A 63 5.77 -16.58 7.35
C TRP A 63 6.85 -16.51 6.30
N SER A 64 6.45 -16.64 5.03
CA SER A 64 7.39 -16.60 3.92
C SER A 64 6.85 -15.76 2.78
N GLY A 65 5.92 -14.88 3.09
CA GLY A 65 5.33 -14.02 2.08
C GLY A 65 5.98 -12.65 2.02
N SER A 66 5.25 -11.67 1.51
CA SER A 66 5.77 -10.31 1.39
C SER A 66 4.65 -9.29 1.56
N ILE A 67 5.01 -8.01 1.48
CA ILE A 67 4.03 -6.93 1.62
C ILE A 67 3.74 -6.29 0.27
N GLU A 68 2.49 -5.90 0.06
CA GLU A 68 2.08 -5.28 -1.19
C GLU A 68 1.54 -3.87 -0.94
N ILE A 69 2.18 -2.88 -1.55
CA ILE A 69 1.77 -1.49 -1.40
C ILE A 69 1.83 -0.74 -2.72
N GLY A 70 0.87 0.15 -2.94
CA GLY A 70 0.83 0.92 -4.17
C GLY A 70 -0.33 1.90 -4.19
N VAL A 71 -0.92 2.08 -5.37
CA VAL A 71 -2.04 3.00 -5.53
C VAL A 71 -3.09 2.42 -6.47
N THR A 72 -4.30 2.99 -6.42
CA THR A 72 -5.38 2.53 -7.26
C THR A 72 -6.25 3.70 -7.73
N ALA A 73 -6.96 3.50 -8.83
CA ALA A 73 -7.82 4.54 -9.39
C ALA A 73 -9.25 4.39 -8.89
N LEU A 74 -9.59 3.18 -8.46
CA LEU A 74 -10.94 2.90 -7.95
C LEU A 74 -11.13 3.51 -6.57
N ASP A 75 -12.39 3.71 -6.20
CA ASP A 75 -12.73 4.28 -4.90
C ASP A 75 -12.93 3.19 -3.85
N PRO A 76 -12.37 3.41 -2.64
CA PRO A 76 -12.48 2.46 -1.54
C PRO A 76 -13.90 2.36 -0.99
N SER A 77 -14.70 3.39 -1.25
CA SER A 77 -16.08 3.42 -0.78
C SER A 77 -16.92 2.36 -1.48
N VAL A 78 -16.42 1.89 -2.62
CA VAL A 78 -17.13 0.87 -3.39
C VAL A 78 -16.16 -0.08 -4.09
N LEU A 79 -15.03 -0.33 -3.43
CA LEU A 79 -14.01 -1.21 -3.99
C LEU A 79 -14.11 -2.61 -3.39
N ASP A 80 -13.85 -3.62 -4.21
CA ASP A 80 -13.92 -5.01 -3.75
C ASP A 80 -12.53 -5.50 -3.35
N PHE A 81 -12.16 -5.28 -2.10
CA PHE A 81 -10.86 -5.70 -1.59
C PHE A 81 -10.60 -7.17 -1.91
N PRO A 82 -9.77 -7.42 -2.92
CA PRO A 82 -9.43 -8.79 -3.35
C PRO A 82 -8.56 -9.51 -2.33
N SER A 83 -8.02 -10.67 -2.73
CA SER A 83 -7.17 -11.45 -1.84
C SER A 83 -5.98 -10.63 -1.36
N SER A 84 -5.37 -9.88 -2.27
CA SER A 84 -4.22 -9.05 -1.94
C SER A 84 -4.21 -7.78 -2.78
N ALA A 85 -3.39 -6.81 -2.37
CA ALA A 85 -3.27 -5.55 -3.08
C ALA A 85 -2.93 -5.78 -4.55
N THR A 86 -2.07 -6.76 -4.81
CA THR A 86 -1.65 -7.07 -6.17
C THR A 86 -2.81 -7.68 -6.96
N GLY A 87 -3.86 -8.07 -6.26
CA GLY A 87 -5.01 -8.67 -6.91
C GLY A 87 -6.07 -7.64 -7.26
N LEU A 88 -5.66 -6.38 -7.39
CA LEU A 88 -6.58 -5.30 -7.71
C LEU A 88 -6.57 -5.00 -9.21
N LYS A 89 -7.71 -4.60 -9.74
CA LYS A 89 -7.83 -4.29 -11.16
C LYS A 89 -8.35 -2.86 -11.36
N GLY A 90 -8.69 -2.53 -12.60
CA GLY A 90 -9.20 -1.20 -12.90
C GLY A 90 -8.18 -0.11 -12.60
N GLY A 91 -7.00 -0.24 -13.20
CA GLY A 91 -5.96 0.75 -12.97
C GLY A 91 -5.47 0.77 -11.54
N SER A 92 -4.85 -0.33 -11.11
CA SER A 92 -4.34 -0.44 -9.76
C SER A 92 -2.88 -0.88 -9.76
N TRP A 93 -1.99 0.04 -9.41
CA TRP A 93 -0.56 -0.25 -9.37
C TRP A 93 -0.14 -0.78 -8.01
N VAL A 94 0.52 -1.93 -8.00
CA VAL A 94 0.97 -2.53 -6.75
C VAL A 94 2.40 -3.06 -6.88
N VAL A 95 3.14 -3.01 -5.78
CA VAL A 95 4.53 -3.48 -5.78
C VAL A 95 4.67 -4.74 -4.94
N SER A 96 5.00 -5.85 -5.60
CA SER A 96 5.16 -7.13 -4.91
C SER A 96 6.62 -7.35 -4.51
N GLY A 97 7.25 -6.30 -4.01
CA GLY A 97 8.64 -6.39 -3.59
C GLY A 97 9.59 -6.44 -4.77
N CYS A 98 10.14 -5.29 -5.13
CA CYS A 98 11.08 -5.21 -6.24
C CYS A 98 10.39 -5.60 -7.55
N SER A 99 9.06 -5.59 -7.54
CA SER A 99 8.29 -5.95 -8.73
C SER A 99 7.03 -5.11 -8.82
N VAL A 100 7.00 -4.21 -9.81
CA VAL A 100 5.84 -3.34 -10.00
C VAL A 100 4.83 -3.98 -10.95
N LEU A 101 3.56 -3.95 -10.55
CA LEU A 101 2.49 -4.53 -11.37
C LEU A 101 1.31 -3.57 -11.48
N ARG A 102 0.50 -3.77 -12.50
CA ARG A 102 -0.67 -2.92 -12.73
C ARG A 102 -1.86 -3.74 -13.19
N ASP A 103 -2.94 -3.69 -12.41
CA ASP A 103 -4.15 -4.44 -12.73
C ASP A 103 -3.89 -5.94 -12.70
N GLY A 104 -2.82 -6.34 -12.01
CA GLY A 104 -2.49 -7.75 -11.92
C GLY A 104 -1.55 -8.20 -13.03
N ARG A 105 -0.69 -7.28 -13.47
CA ARG A 105 0.26 -7.57 -14.54
C ARG A 105 1.61 -6.92 -14.28
N SER A 106 2.67 -7.71 -14.33
CA SER A 106 4.01 -7.20 -14.09
C SER A 106 4.48 -6.32 -15.25
N VAL A 107 4.99 -5.14 -14.91
CA VAL A 107 5.47 -4.21 -15.93
C VAL A 107 6.93 -3.86 -15.69
N LEU A 108 7.33 -3.80 -14.43
CA LEU A 108 8.70 -3.47 -14.07
C LEU A 108 9.21 -4.38 -12.96
N GLU A 109 10.49 -4.72 -13.01
CA GLU A 109 11.09 -5.58 -12.00
C GLU A 109 12.46 -5.06 -11.59
N GLU A 110 12.99 -5.59 -10.49
CA GLU A 110 14.29 -5.18 -9.98
C GLU A 110 14.27 -3.70 -9.56
N TYR A 111 13.08 -3.21 -9.22
CA TYR A 111 12.92 -1.82 -8.81
C TYR A 111 13.90 -1.46 -7.69
N GLY A 112 14.26 -0.19 -7.61
CA GLY A 112 15.18 0.25 -6.59
C GLY A 112 14.76 -0.18 -5.20
N GLN A 113 13.56 0.23 -4.80
CA GLN A 113 13.03 -0.12 -3.48
C GLN A 113 12.46 -1.53 -3.48
N ASP A 114 12.94 -2.35 -2.55
CA ASP A 114 12.47 -3.73 -2.43
C ASP A 114 11.72 -3.96 -1.13
N LEU A 115 10.40 -4.02 -1.21
CA LEU A 115 9.56 -4.22 -0.03
C LEU A 115 9.94 -5.52 0.68
N ASP A 116 10.49 -6.47 -0.08
CA ASP A 116 10.89 -7.75 0.48
C ASP A 116 11.96 -7.56 1.56
N GLN A 117 12.62 -6.41 1.53
CA GLN A 117 13.67 -6.11 2.50
C GLN A 117 13.07 -5.65 3.82
N LEU A 118 11.87 -5.09 3.75
CA LEU A 118 11.19 -4.61 4.95
C LEU A 118 11.10 -5.71 6.01
N GLY A 119 10.82 -5.31 7.25
CA GLY A 119 10.71 -6.28 8.33
C GLY A 119 11.01 -5.67 9.68
N GLU A 120 10.05 -4.91 10.22
CA GLU A 120 10.22 -4.27 11.52
C GLU A 120 11.50 -3.44 11.54
N GLY A 121 11.37 -2.16 11.18
CA GLY A 121 12.52 -1.28 11.17
C GLY A 121 12.62 -0.47 9.88
N ASP A 122 11.80 -0.82 8.91
CA ASP A 122 11.80 -0.12 7.63
C ASP A 122 10.39 0.31 7.24
N ARG A 123 10.30 1.41 6.50
CA ARG A 123 9.01 1.94 6.07
C ARG A 123 9.01 2.22 4.58
N VAL A 124 7.82 2.33 4.00
CA VAL A 124 7.68 2.60 2.57
C VAL A 124 6.49 3.51 2.29
N GLY A 125 6.54 4.22 1.17
CA GLY A 125 5.45 5.11 0.81
C GLY A 125 5.31 5.27 -0.69
N VAL A 126 4.10 5.61 -1.13
CA VAL A 126 3.84 5.79 -2.56
C VAL A 126 3.51 7.24 -2.87
N GLU A 127 3.63 7.61 -4.15
CA GLU A 127 3.36 8.97 -4.57
C GLU A 127 2.91 9.00 -6.04
N ARG A 128 2.03 9.94 -6.37
CA ARG A 128 1.53 10.07 -7.73
C ARG A 128 1.91 11.42 -8.33
N THR A 129 2.95 11.42 -9.17
CA THR A 129 3.42 12.64 -9.80
C THR A 129 2.35 13.24 -10.70
N VAL A 130 2.37 14.57 -10.83
CA VAL A 130 1.40 15.27 -11.67
C VAL A 130 1.36 14.68 -13.07
N ALA A 131 2.52 14.27 -13.57
CA ALA A 131 2.63 13.69 -14.90
C ALA A 131 1.81 12.40 -15.00
N GLY A 132 1.69 11.69 -13.88
CA GLY A 132 0.93 10.45 -13.87
C GLY A 132 1.82 9.23 -13.70
N GLU A 133 2.87 9.37 -12.90
CA GLU A 133 3.80 8.26 -12.66
C GLU A 133 3.88 7.93 -11.17
N LEU A 134 3.79 6.64 -10.86
CA LEU A 134 3.85 6.19 -9.47
C LEU A 134 5.29 6.20 -8.97
N ARG A 135 5.48 6.73 -7.77
CA ARG A 135 6.81 6.79 -7.17
C ARG A 135 6.80 6.18 -5.77
N LEU A 136 7.94 5.62 -5.37
CA LEU A 136 8.06 4.99 -4.06
C LEU A 136 9.13 5.70 -3.22
N TRP A 137 8.88 5.78 -1.92
CA TRP A 137 9.82 6.43 -1.00
C TRP A 137 10.06 5.58 0.24
N VAL A 138 11.32 5.40 0.59
CA VAL A 138 11.68 4.61 1.76
C VAL A 138 12.40 5.45 2.81
N ASN A 139 11.89 5.43 4.03
CA ASN A 139 12.48 6.19 5.12
C ASN A 139 12.65 7.65 4.73
N GLY A 140 11.78 8.14 3.86
CA GLY A 140 11.85 9.52 3.40
C GLY A 140 12.97 9.74 2.40
N ARG A 141 13.10 8.82 1.46
CA ARG A 141 14.12 8.91 0.43
C ARG A 141 13.58 8.52 -0.94
N ASP A 142 14.06 9.19 -1.98
CA ASP A 142 13.62 8.92 -3.34
C ASP A 142 14.24 7.63 -3.87
N CYS A 143 13.42 6.78 -4.47
CA CYS A 143 13.90 5.51 -5.01
C CYS A 143 13.72 5.48 -6.53
N GLY A 144 12.77 6.27 -7.03
CA GLY A 144 12.52 6.31 -8.45
C GLY A 144 11.05 6.13 -8.79
N VAL A 145 10.76 5.99 -10.07
CA VAL A 145 9.38 5.82 -10.52
C VAL A 145 9.12 4.38 -10.97
N ALA A 146 8.03 3.80 -10.48
CA ALA A 146 7.67 2.44 -10.83
C ALA A 146 7.16 2.35 -12.27
N ALA A 147 6.10 3.10 -12.56
CA ALA A 147 5.51 3.11 -13.89
C ALA A 147 4.88 4.46 -14.20
N THR A 148 4.29 4.58 -15.40
CA THR A 148 3.66 5.82 -15.82
C THR A 148 2.28 5.56 -16.40
N GLY A 149 1.51 6.63 -16.58
CA GLY A 149 0.17 6.49 -17.14
C GLY A 149 -0.89 6.34 -16.05
N LEU A 150 -0.88 7.24 -15.09
CA LEU A 150 -1.84 7.21 -13.99
C LEU A 150 -2.90 8.30 -14.16
N PRO A 151 -4.10 8.05 -13.60
CA PRO A 151 -5.21 9.00 -13.66
C PRO A 151 -4.96 10.25 -12.82
N PRO A 152 -5.84 11.25 -12.98
CA PRO A 152 -5.73 12.51 -12.23
C PRO A 152 -6.04 12.33 -10.74
N ARG A 153 -6.72 11.24 -10.41
CA ARG A 153 -7.07 10.96 -9.02
C ARG A 153 -6.76 9.51 -8.66
N VAL A 154 -6.01 9.34 -7.58
CA VAL A 154 -5.64 8.00 -7.13
C VAL A 154 -5.69 7.90 -5.60
N TRP A 155 -5.66 6.67 -5.10
CA TRP A 155 -5.70 6.45 -3.66
C TRP A 155 -4.55 5.55 -3.22
N ALA A 156 -4.14 5.70 -1.96
CA ALA A 156 -3.04 4.90 -1.41
C ALA A 156 -3.52 3.51 -1.01
N VAL A 157 -3.02 2.50 -1.71
CA VAL A 157 -3.39 1.12 -1.43
C VAL A 157 -2.34 0.42 -0.57
N VAL A 158 -2.80 -0.40 0.37
CA VAL A 158 -1.90 -1.13 1.25
C VAL A 158 -2.43 -2.52 1.56
N ASP A 159 -1.53 -3.45 1.87
CA ASP A 159 -1.91 -4.81 2.19
C ASP A 159 -0.97 -5.42 3.24
N LEU A 160 -1.54 -6.15 4.18
CA LEU A 160 -0.76 -6.78 5.24
C LEU A 160 -0.95 -8.30 5.24
N TYR A 161 -0.13 -8.99 4.46
CA TYR A 161 -0.21 -10.44 4.38
C TYR A 161 1.18 -11.06 4.42
N GLY A 162 1.35 -12.08 5.26
CA GLY A 162 2.63 -12.76 5.39
C GLY A 162 3.58 -12.01 6.31
N LYS A 163 4.71 -11.58 5.76
CA LYS A 163 5.71 -10.86 6.54
C LYS A 163 5.07 -9.70 7.29
N CYS A 164 4.49 -8.76 6.55
CA CYS A 164 3.85 -7.60 7.15
C CYS A 164 2.54 -7.99 7.83
N THR A 165 2.19 -7.27 8.89
CA THR A 165 0.97 -7.54 9.63
C THR A 165 0.29 -6.25 10.08
N GLN A 166 1.10 -5.30 10.54
CA GLN A 166 0.59 -4.02 11.00
C GLN A 166 1.28 -2.87 10.30
N ILE A 167 0.55 -1.79 10.06
CA ILE A 167 1.10 -0.61 9.39
C ILE A 167 0.47 0.66 9.92
N THR A 168 1.20 1.78 9.82
CA THR A 168 0.71 3.06 10.29
C THR A 168 1.09 4.18 9.33
N VAL A 169 0.11 4.96 8.91
CA VAL A 169 0.34 6.07 7.99
C VAL A 169 1.03 7.24 8.69
N LEU A 170 2.08 7.75 8.08
CA LEU A 170 2.83 8.88 8.65
C LEU A 170 2.14 10.20 8.32
N GLY A 1 9.68 15.96 8.09
CA GLY A 1 8.62 16.63 7.37
C GLY A 1 7.69 17.39 8.29
N SER A 2 6.83 18.22 7.69
CA SER A 2 5.88 19.01 8.46
C SER A 2 4.57 18.24 8.68
N SER A 3 3.86 18.60 9.74
CA SER A 3 2.60 17.94 10.06
C SER A 3 1.57 18.16 8.96
N GLY A 4 0.39 17.57 9.13
CA GLY A 4 -0.66 17.72 8.14
C GLY A 4 -1.40 16.43 7.88
N SER A 5 -1.51 16.04 6.61
CA SER A 5 -2.21 14.82 6.23
C SER A 5 -1.58 14.20 4.99
N SER A 6 -1.55 12.87 4.95
CA SER A 6 -0.97 12.15 3.83
C SER A 6 -2.05 11.41 3.05
N GLY A 7 -3.11 11.01 3.75
CA GLY A 7 -4.20 10.29 3.10
C GLY A 7 -5.00 9.47 4.08
N GLU A 8 -4.41 9.15 5.23
CA GLU A 8 -5.08 8.37 6.25
C GLU A 8 -5.43 6.98 5.73
N LEU A 9 -6.23 6.24 6.49
CA LEU A 9 -6.64 4.89 6.11
C LEU A 9 -8.14 4.73 6.23
N HIS A 10 -8.78 4.33 5.12
CA HIS A 10 -10.22 4.14 5.11
C HIS A 10 -10.66 3.22 6.24
N PRO A 11 -11.79 3.56 6.87
CA PRO A 11 -12.35 2.79 7.98
C PRO A 11 -12.89 1.43 7.53
N ARG A 12 -13.11 1.30 6.23
CA ARG A 12 -13.63 0.06 5.67
C ARG A 12 -12.49 -0.89 5.30
N THR A 13 -12.54 -2.11 5.83
CA THR A 13 -11.51 -3.10 5.56
C THR A 13 -12.13 -4.46 5.29
N GLY A 14 -11.28 -5.45 5.03
CA GLY A 14 -11.77 -6.80 4.76
C GLY A 14 -12.34 -7.46 5.99
N ARG A 15 -12.13 -8.78 6.11
CA ARG A 15 -12.63 -9.53 7.24
C ARG A 15 -11.58 -9.62 8.34
N LEU A 16 -10.41 -10.15 7.99
CA LEU A 16 -9.32 -10.30 8.94
C LEU A 16 -8.66 -8.95 9.24
N VAL A 17 -8.75 -8.04 8.28
CA VAL A 17 -8.17 -6.71 8.44
C VAL A 17 -9.01 -5.85 9.38
N SER A 18 -8.33 -5.04 10.18
CA SER A 18 -9.01 -4.17 11.14
C SER A 18 -8.37 -2.78 11.16
N LEU A 19 -9.21 -1.76 11.32
CA LEU A 19 -8.72 -0.38 11.36
C LEU A 19 -8.87 0.20 12.76
N SER A 20 -7.80 0.83 13.24
CA SER A 20 -7.80 1.44 14.56
C SER A 20 -8.94 2.44 14.70
N ALA A 21 -9.27 2.78 15.94
CA ALA A 21 -10.33 3.74 16.22
C ALA A 21 -10.10 5.05 15.46
N CYS A 22 -8.91 5.62 15.64
CA CYS A 22 -8.57 6.89 14.99
C CYS A 22 -8.78 6.78 13.48
N GLY A 23 -8.50 5.60 12.93
CA GLY A 23 -8.67 5.39 11.50
C GLY A 23 -7.40 5.71 10.73
N ARG A 24 -6.26 5.57 11.38
CA ARG A 24 -4.97 5.84 10.74
C ARG A 24 -3.98 4.72 11.01
N THR A 25 -4.50 3.52 11.26
CA THR A 25 -3.66 2.36 11.53
C THR A 25 -4.33 1.08 11.06
N ALA A 26 -3.56 0.24 10.36
CA ALA A 26 -4.08 -1.03 9.84
C ALA A 26 -3.36 -2.20 10.48
N ARG A 27 -4.10 -3.28 10.72
CA ARG A 27 -3.52 -4.48 11.33
C ARG A 27 -4.38 -5.71 11.00
N ARG A 28 -3.72 -6.87 10.92
CA ARG A 28 -4.41 -8.12 10.62
C ARG A 28 -4.95 -8.76 11.89
N GLN A 29 -5.93 -9.64 11.74
CA GLN A 29 -6.54 -10.32 12.87
C GLN A 29 -6.17 -11.81 12.87
N GLN A 30 -5.82 -12.32 11.69
CA GLN A 30 -5.46 -13.73 11.55
C GLN A 30 -3.97 -13.88 11.26
N PRO A 31 -3.13 -13.65 12.29
CA PRO A 31 -1.68 -13.75 12.17
C PRO A 31 -1.21 -15.19 11.98
N GLY A 32 -1.78 -16.10 12.76
CA GLY A 32 -1.41 -17.49 12.66
C GLY A 32 -2.52 -18.35 12.07
N GLN A 33 -2.86 -18.09 10.82
CA GLN A 33 -3.91 -18.85 10.15
C GLN A 33 -3.92 -18.55 8.65
N GLU A 34 -4.28 -17.33 8.28
CA GLU A 34 -4.32 -16.93 6.88
C GLU A 34 -3.60 -15.60 6.67
N PHE A 35 -3.24 -15.32 5.42
CA PHE A 35 -2.54 -14.08 5.09
C PHE A 35 -3.34 -13.25 4.09
N ASN A 36 -3.48 -13.77 2.87
CA ASN A 36 -4.23 -13.08 1.83
C ASN A 36 -5.73 -13.12 2.11
N HIS A 37 -6.26 -12.02 2.63
CA HIS A 37 -7.68 -11.94 2.95
C HIS A 37 -8.03 -10.53 3.45
N GLY A 38 -8.31 -9.63 2.52
CA GLY A 38 -8.66 -8.27 2.89
C GLY A 38 -7.69 -7.25 2.34
N LEU A 39 -7.95 -5.98 2.61
CA LEU A 39 -7.08 -4.90 2.15
C LEU A 39 -7.37 -3.60 2.90
N VAL A 40 -6.51 -2.61 2.71
CA VAL A 40 -6.67 -1.32 3.36
C VAL A 40 -6.24 -0.18 2.45
N LEU A 41 -7.18 0.67 2.08
CA LEU A 41 -6.89 1.81 1.20
C LEU A 41 -6.90 3.11 1.99
N SER A 42 -6.46 4.19 1.35
CA SER A 42 -6.40 5.49 1.98
C SER A 42 -7.79 6.10 2.11
N ARG A 43 -7.92 7.08 2.99
CA ARG A 43 -9.21 7.74 3.21
C ARG A 43 -9.53 8.70 2.07
N GLU A 44 -8.53 9.44 1.63
CA GLU A 44 -8.70 10.40 0.53
C GLU A 44 -7.70 10.14 -0.58
N PRO A 45 -8.01 10.61 -1.80
CA PRO A 45 -7.15 10.45 -2.97
C PRO A 45 -5.87 11.28 -2.88
N LEU A 46 -4.73 10.60 -2.92
CA LEU A 46 -3.45 11.28 -2.83
C LEU A 46 -3.35 12.40 -3.85
N ARG A 47 -2.80 13.54 -3.42
CA ARG A 47 -2.65 14.69 -4.31
C ARG A 47 -1.27 14.70 -4.96
N ASP A 48 -1.12 15.53 -6.00
CA ASP A 48 0.14 15.64 -6.71
C ASP A 48 1.27 16.03 -5.76
N GLY A 49 2.34 15.23 -5.76
CA GLY A 49 3.47 15.52 -4.90
C GLY A 49 3.37 14.80 -3.57
N ARG A 50 2.20 14.84 -2.95
CA ARG A 50 1.98 14.19 -1.67
C ARG A 50 2.43 12.74 -1.72
N VAL A 51 3.20 12.32 -0.72
CA VAL A 51 3.69 10.95 -0.65
C VAL A 51 3.10 10.22 0.56
N PHE A 52 2.29 9.21 0.28
CA PHE A 52 1.66 8.42 1.34
C PHE A 52 2.65 7.44 1.95
N THR A 53 3.23 7.83 3.08
CA THR A 53 4.19 6.99 3.77
C THR A 53 3.51 6.13 4.84
N VAL A 54 4.12 5.00 5.15
CA VAL A 54 3.58 4.09 6.16
C VAL A 54 4.69 3.28 6.82
N ARG A 55 4.63 3.18 8.15
CA ARG A 55 5.62 2.44 8.91
C ARG A 55 5.09 1.08 9.33
N ILE A 56 5.98 0.09 9.40
CA ILE A 56 5.59 -1.26 9.78
C ILE A 56 5.58 -1.42 11.30
N ASP A 57 4.40 -1.32 11.90
CA ASP A 57 4.26 -1.46 13.34
C ASP A 57 4.84 -2.78 13.82
N ARG A 58 4.41 -3.87 13.21
CA ARG A 58 4.89 -5.20 13.58
C ARG A 58 5.04 -6.08 12.34
N LYS A 59 5.93 -7.06 12.43
CA LYS A 59 6.19 -7.97 11.32
C LYS A 59 6.55 -9.37 11.82
N VAL A 60 5.73 -10.36 11.48
CA VAL A 60 5.98 -11.74 11.90
C VAL A 60 6.96 -12.43 10.96
N ASN A 61 7.88 -13.18 11.54
CA ASN A 61 8.88 -13.91 10.76
C ASN A 61 8.62 -15.41 10.80
N SER A 62 7.36 -15.79 10.63
CA SER A 62 6.98 -17.19 10.65
C SER A 62 6.52 -17.65 9.27
N TRP A 63 6.03 -16.71 8.46
CA TRP A 63 5.56 -17.02 7.13
C TRP A 63 6.66 -16.78 6.10
N SER A 64 6.34 -17.01 4.83
CA SER A 64 7.31 -16.84 3.75
C SER A 64 6.75 -15.90 2.67
N GLY A 65 5.82 -15.03 3.07
CA GLY A 65 5.22 -14.10 2.13
C GLY A 65 5.95 -12.77 2.10
N SER A 66 5.26 -11.73 1.63
CA SER A 66 5.85 -10.39 1.54
C SER A 66 4.77 -9.33 1.73
N ILE A 67 5.19 -8.07 1.69
CA ILE A 67 4.28 -6.95 1.85
C ILE A 67 4.00 -6.27 0.51
N GLU A 68 2.73 -5.95 0.27
CA GLU A 68 2.33 -5.29 -0.98
C GLU A 68 1.82 -3.88 -0.70
N ILE A 69 2.24 -2.93 -1.53
CA ILE A 69 1.83 -1.55 -1.38
C ILE A 69 1.85 -0.81 -2.72
N GLY A 70 0.89 0.08 -2.91
CA GLY A 70 0.84 0.84 -4.15
C GLY A 70 -0.32 1.81 -4.17
N VAL A 71 -0.92 2.00 -5.35
CA VAL A 71 -2.05 2.92 -5.50
C VAL A 71 -3.09 2.36 -6.46
N THR A 72 -4.31 2.89 -6.39
CA THR A 72 -5.39 2.45 -7.25
C THR A 72 -6.24 3.62 -7.71
N ALA A 73 -6.94 3.44 -8.83
CA ALA A 73 -7.78 4.49 -9.38
C ALA A 73 -9.23 4.32 -8.92
N LEU A 74 -9.51 3.21 -8.23
CA LEU A 74 -10.84 2.93 -7.73
C LEU A 74 -11.06 3.58 -6.37
N ASP A 75 -12.32 3.71 -5.98
CA ASP A 75 -12.66 4.31 -4.69
C ASP A 75 -12.91 3.23 -3.64
N PRO A 76 -12.37 3.47 -2.43
CA PRO A 76 -12.51 2.53 -1.31
C PRO A 76 -13.94 2.46 -0.78
N SER A 77 -14.71 3.51 -1.06
CA SER A 77 -16.09 3.57 -0.61
C SER A 77 -16.95 2.52 -1.31
N VAL A 78 -16.46 2.04 -2.45
CA VAL A 78 -17.18 1.03 -3.22
C VAL A 78 -16.20 0.07 -3.89
N LEU A 79 -15.09 -0.20 -3.23
CA LEU A 79 -14.08 -1.12 -3.76
C LEU A 79 -14.25 -2.52 -3.19
N ASP A 80 -13.97 -3.52 -4.00
CA ASP A 80 -14.09 -4.91 -3.59
C ASP A 80 -12.73 -5.49 -3.23
N PHE A 81 -12.41 -5.48 -1.94
CA PHE A 81 -11.13 -6.00 -1.46
C PHE A 81 -10.87 -7.39 -2.02
N PRO A 82 -9.99 -7.46 -3.03
CA PRO A 82 -9.64 -8.74 -3.67
C PRO A 82 -8.80 -9.64 -2.77
N SER A 83 -8.26 -10.70 -3.33
CA SER A 83 -7.45 -11.64 -2.57
C SER A 83 -6.20 -10.95 -2.02
N SER A 84 -5.75 -9.91 -2.70
CA SER A 84 -4.56 -9.17 -2.26
C SER A 84 -4.45 -7.86 -3.04
N ALA A 85 -3.57 -6.97 -2.56
CA ALA A 85 -3.35 -5.68 -3.20
C ALA A 85 -3.01 -5.85 -4.67
N THR A 86 -2.14 -6.82 -4.96
CA THR A 86 -1.72 -7.09 -6.33
C THR A 86 -2.89 -7.61 -7.17
N GLY A 87 -3.97 -8.00 -6.50
CA GLY A 87 -5.13 -8.51 -7.20
C GLY A 87 -6.14 -7.42 -7.50
N LEU A 88 -5.69 -6.19 -7.56
CA LEU A 88 -6.56 -5.05 -7.84
C LEU A 88 -6.54 -4.71 -9.32
N LYS A 89 -7.74 -4.53 -9.89
CA LYS A 89 -7.86 -4.19 -11.31
C LYS A 89 -8.53 -2.83 -11.49
N GLY A 90 -8.88 -2.51 -12.73
CA GLY A 90 -9.53 -1.24 -13.01
C GLY A 90 -8.57 -0.07 -12.93
N GLY A 91 -7.31 -0.32 -13.25
CA GLY A 91 -6.31 0.73 -13.19
C GLY A 91 -5.71 0.90 -11.81
N SER A 92 -5.01 -0.14 -11.35
CA SER A 92 -4.38 -0.10 -10.03
C SER A 92 -2.95 -0.64 -10.10
N TRP A 93 -2.02 0.10 -9.51
CA TRP A 93 -0.62 -0.30 -9.50
C TRP A 93 -0.20 -0.81 -8.12
N VAL A 94 0.45 -1.96 -8.10
CA VAL A 94 0.89 -2.56 -6.85
C VAL A 94 2.33 -3.06 -6.97
N VAL A 95 3.07 -3.00 -5.86
CA VAL A 95 4.45 -3.46 -5.84
C VAL A 95 4.60 -4.75 -5.03
N SER A 96 4.87 -5.85 -5.72
CA SER A 96 5.03 -7.14 -5.06
C SER A 96 6.48 -7.39 -4.69
N GLY A 97 7.11 -6.37 -4.09
CA GLY A 97 8.50 -6.50 -3.69
C GLY A 97 9.45 -6.51 -4.87
N CYS A 98 9.98 -5.34 -5.21
CA CYS A 98 10.90 -5.21 -6.34
C CYS A 98 10.22 -5.58 -7.65
N SER A 99 8.89 -5.56 -7.64
CA SER A 99 8.11 -5.89 -8.84
C SER A 99 6.87 -5.02 -8.93
N VAL A 100 6.86 -4.11 -9.91
CA VAL A 100 5.73 -3.21 -10.12
C VAL A 100 4.74 -3.80 -11.12
N LEU A 101 3.48 -3.92 -10.72
CA LEU A 101 2.44 -4.46 -11.60
C LEU A 101 1.29 -3.48 -11.74
N ARG A 102 0.45 -3.70 -12.75
CA ARG A 102 -0.70 -2.83 -12.99
C ARG A 102 -1.91 -3.65 -13.43
N ASP A 103 -2.97 -3.61 -12.63
CA ASP A 103 -4.19 -4.35 -12.95
C ASP A 103 -3.93 -5.85 -12.95
N GLY A 104 -2.89 -6.26 -12.23
CA GLY A 104 -2.55 -7.67 -12.16
C GLY A 104 -1.63 -8.11 -13.29
N ARG A 105 -0.76 -7.20 -13.71
CA ARG A 105 0.19 -7.50 -14.78
C ARG A 105 1.55 -6.87 -14.50
N SER A 106 2.60 -7.69 -14.59
CA SER A 106 3.95 -7.22 -14.34
C SER A 106 4.46 -6.34 -15.48
N VAL A 107 4.98 -5.18 -15.13
CA VAL A 107 5.49 -4.23 -16.13
C VAL A 107 6.95 -3.87 -15.84
N LEU A 108 7.29 -3.76 -14.56
CA LEU A 108 8.64 -3.42 -14.15
C LEU A 108 9.12 -4.34 -13.03
N GLU A 109 10.40 -4.68 -13.07
CA GLU A 109 10.99 -5.56 -12.05
C GLU A 109 12.36 -5.04 -11.61
N GLU A 110 12.86 -5.59 -10.51
CA GLU A 110 14.15 -5.19 -9.99
C GLU A 110 14.13 -3.72 -9.55
N TYR A 111 12.95 -3.24 -9.18
CA TYR A 111 12.78 -1.86 -8.74
C TYR A 111 13.79 -1.51 -7.66
N GLY A 112 14.14 -0.23 -7.57
CA GLY A 112 15.09 0.22 -6.57
C GLY A 112 14.71 -0.24 -5.17
N GLN A 113 13.52 0.14 -4.73
CA GLN A 113 13.05 -0.24 -3.40
C GLN A 113 12.49 -1.65 -3.41
N ASP A 114 12.95 -2.46 -2.45
CA ASP A 114 12.50 -3.85 -2.34
C ASP A 114 11.71 -4.06 -1.05
N LEU A 115 10.39 -4.19 -1.18
CA LEU A 115 9.53 -4.41 -0.03
C LEU A 115 9.83 -5.75 0.64
N ASP A 116 10.26 -6.72 -0.16
CA ASP A 116 10.58 -8.04 0.37
C ASP A 116 11.72 -7.96 1.38
N GLN A 117 12.46 -6.87 1.34
CA GLN A 117 13.58 -6.67 2.25
C GLN A 117 13.10 -6.14 3.59
N LEU A 118 11.98 -5.42 3.57
CA LEU A 118 11.41 -4.85 4.79
C LEU A 118 11.24 -5.92 5.87
N GLY A 119 10.92 -5.49 7.08
CA GLY A 119 10.72 -6.42 8.17
C GLY A 119 11.07 -5.82 9.52
N GLU A 120 10.18 -4.96 10.03
CA GLU A 120 10.40 -4.32 11.32
C GLU A 120 11.64 -3.44 11.28
N GLY A 121 11.44 -2.14 11.08
CA GLY A 121 12.55 -1.21 11.03
C GLY A 121 12.74 -0.62 9.65
N ASP A 122 11.70 -0.68 8.83
CA ASP A 122 11.75 -0.13 7.47
C ASP A 122 10.36 0.29 7.00
N ARG A 123 10.21 1.58 6.74
CA ARG A 123 8.92 2.11 6.28
C ARG A 123 8.95 2.36 4.77
N VAL A 124 7.77 2.46 4.18
CA VAL A 124 7.65 2.69 2.75
C VAL A 124 6.46 3.58 2.43
N GLY A 125 6.53 4.27 1.28
CA GLY A 125 5.44 5.15 0.89
C GLY A 125 5.32 5.26 -0.62
N VAL A 126 4.12 5.61 -1.09
CA VAL A 126 3.87 5.76 -2.51
C VAL A 126 3.56 7.20 -2.87
N GLU A 127 3.68 7.53 -4.15
CA GLU A 127 3.41 8.89 -4.63
C GLU A 127 3.01 8.87 -6.10
N ARG A 128 2.10 9.76 -6.47
CA ARG A 128 1.63 9.87 -7.85
C ARG A 128 1.98 11.22 -8.44
N THR A 129 2.93 11.23 -9.37
CA THR A 129 3.36 12.47 -10.01
C THR A 129 2.25 13.03 -10.91
N VAL A 130 2.28 14.34 -11.11
CA VAL A 130 1.28 15.01 -11.94
C VAL A 130 1.18 14.35 -13.32
N ALA A 131 2.32 13.90 -13.83
CA ALA A 131 2.36 13.25 -15.13
C ALA A 131 1.62 11.92 -15.11
N GLY A 132 1.61 11.27 -13.94
CA GLY A 132 0.93 10.00 -13.81
C GLY A 132 1.90 8.85 -13.62
N GLU A 133 2.98 9.10 -12.89
CA GLU A 133 3.98 8.06 -12.64
C GLU A 133 4.03 7.69 -11.16
N LEU A 134 3.90 6.40 -10.88
CA LEU A 134 3.93 5.92 -9.50
C LEU A 134 5.36 5.88 -8.97
N ARG A 135 5.58 6.49 -7.82
CA ARG A 135 6.90 6.53 -7.20
C ARG A 135 6.84 6.00 -5.77
N LEU A 136 7.95 5.42 -5.32
CA LEU A 136 8.03 4.87 -3.97
C LEU A 136 9.13 5.57 -3.16
N TRP A 137 8.89 5.71 -1.86
CA TRP A 137 9.86 6.35 -0.98
C TRP A 137 10.07 5.53 0.29
N VAL A 138 11.33 5.39 0.70
CA VAL A 138 11.66 4.64 1.90
C VAL A 138 12.46 5.48 2.88
N ASN A 139 11.96 5.57 4.11
CA ASN A 139 12.63 6.36 5.14
C ASN A 139 12.77 7.82 4.72
N GLY A 140 11.92 8.24 3.78
CA GLY A 140 11.96 9.60 3.31
C GLY A 140 13.04 9.81 2.26
N ARG A 141 13.13 8.88 1.32
CA ARG A 141 14.14 8.97 0.26
C ARG A 141 13.53 8.57 -1.09
N ASP A 142 14.13 9.04 -2.17
CA ASP A 142 13.66 8.74 -3.51
C ASP A 142 14.20 7.39 -3.99
N CYS A 143 13.31 6.52 -4.43
CA CYS A 143 13.70 5.20 -4.91
C CYS A 143 13.68 5.15 -6.43
N GLY A 144 12.82 5.97 -7.04
CA GLY A 144 12.72 6.00 -8.49
C GLY A 144 11.30 5.79 -8.97
N VAL A 145 11.13 5.68 -10.29
CA VAL A 145 9.81 5.48 -10.88
C VAL A 145 9.45 4.00 -10.93
N ALA A 146 8.17 3.72 -10.80
CA ALA A 146 7.68 2.33 -10.83
C ALA A 146 6.89 2.06 -12.11
N ALA A 147 5.89 2.89 -12.37
CA ALA A 147 5.06 2.73 -13.56
C ALA A 147 4.49 4.07 -14.01
N THR A 148 4.31 4.22 -15.31
CA THR A 148 3.77 5.46 -15.88
C THR A 148 2.40 5.22 -16.51
N GLY A 149 1.54 6.23 -16.42
CA GLY A 149 0.21 6.11 -16.99
C GLY A 149 -0.87 6.01 -15.92
N LEU A 150 -0.80 6.88 -14.93
CA LEU A 150 -1.78 6.88 -13.84
C LEU A 150 -2.72 8.07 -13.96
N PRO A 151 -3.95 7.90 -13.47
CA PRO A 151 -4.98 8.95 -13.50
C PRO A 151 -4.66 10.10 -12.56
N PRO A 152 -5.37 11.22 -12.71
CA PRO A 152 -5.19 12.41 -11.88
C PRO A 152 -5.64 12.20 -10.45
N ARG A 153 -6.49 11.18 -10.25
CA ARG A 153 -7.01 10.88 -8.92
C ARG A 153 -6.73 9.42 -8.56
N VAL A 154 -5.92 9.22 -7.51
CA VAL A 154 -5.57 7.87 -7.07
C VAL A 154 -5.58 7.79 -5.54
N TRP A 155 -5.67 6.57 -5.02
CA TRP A 155 -5.69 6.35 -3.58
C TRP A 155 -4.53 5.45 -3.16
N ALA A 156 -4.10 5.61 -1.91
CA ALA A 156 -3.00 4.81 -1.37
C ALA A 156 -3.47 3.43 -0.96
N VAL A 157 -2.98 2.40 -1.65
CA VAL A 157 -3.35 1.03 -1.35
C VAL A 157 -2.29 0.34 -0.51
N VAL A 158 -2.73 -0.48 0.45
CA VAL A 158 -1.82 -1.20 1.33
C VAL A 158 -2.40 -2.55 1.74
N ASP A 159 -1.53 -3.53 1.94
CA ASP A 159 -1.94 -4.87 2.33
C ASP A 159 -1.02 -5.44 3.40
N LEU A 160 -1.60 -6.17 4.34
CA LEU A 160 -0.82 -6.78 5.42
C LEU A 160 -1.01 -8.29 5.44
N TYR A 161 -0.16 -9.00 4.71
CA TYR A 161 -0.24 -10.46 4.65
C TYR A 161 1.15 -11.08 4.77
N GLY A 162 1.24 -12.17 5.51
CA GLY A 162 2.51 -12.85 5.69
C GLY A 162 3.45 -12.10 6.62
N LYS A 163 4.45 -11.44 6.05
CA LYS A 163 5.41 -10.67 6.83
C LYS A 163 4.75 -9.47 7.48
N CYS A 164 4.22 -8.57 6.65
CA CYS A 164 3.56 -7.37 7.13
C CYS A 164 2.25 -7.72 7.85
N THR A 165 2.12 -7.27 9.09
CA THR A 165 0.93 -7.54 9.88
C THR A 165 0.21 -6.23 10.26
N GLN A 166 0.98 -5.25 10.70
CA GLN A 166 0.43 -3.96 11.09
C GLN A 166 1.15 -2.82 10.39
N ILE A 167 0.47 -1.70 10.22
CA ILE A 167 1.05 -0.53 9.56
C ILE A 167 0.44 0.76 10.10
N THR A 168 1.20 1.85 10.01
CA THR A 168 0.74 3.15 10.48
C THR A 168 1.21 4.26 9.56
N VAL A 169 0.26 5.07 9.09
CA VAL A 169 0.57 6.19 8.20
C VAL A 169 1.33 7.29 8.95
N LEU A 170 2.20 7.98 8.23
CA LEU A 170 2.98 9.07 8.83
C LEU A 170 2.51 10.42 8.31
N GLY A 1 -0.91 26.19 13.35
CA GLY A 1 -1.68 25.84 12.17
C GLY A 1 -1.12 24.62 11.46
N SER A 2 -0.41 23.77 12.20
CA SER A 2 0.19 22.57 11.63
C SER A 2 -0.89 21.57 11.23
N SER A 3 -1.35 21.68 9.99
CA SER A 3 -2.39 20.79 9.47
C SER A 3 -1.94 20.12 8.17
N GLY A 4 -1.39 18.92 8.28
CA GLY A 4 -0.93 18.21 7.10
C GLY A 4 -1.32 16.75 7.13
N SER A 5 -2.05 16.31 6.11
CA SER A 5 -2.49 14.92 6.01
C SER A 5 -1.87 14.24 4.80
N SER A 6 -1.70 12.92 4.90
CA SER A 6 -1.11 12.15 3.81
C SER A 6 -2.19 11.38 3.05
N GLY A 7 -3.24 10.97 3.77
CA GLY A 7 -4.32 10.23 3.15
C GLY A 7 -5.14 9.45 4.15
N GLU A 8 -4.54 9.14 5.30
CA GLU A 8 -5.22 8.39 6.34
C GLU A 8 -5.58 6.99 5.86
N LEU A 9 -6.39 6.30 6.64
CA LEU A 9 -6.82 4.94 6.30
C LEU A 9 -8.35 4.85 6.22
N HIS A 10 -8.83 4.06 5.29
CA HIS A 10 -10.28 3.89 5.11
C HIS A 10 -10.85 2.99 6.20
N PRO A 11 -12.04 3.35 6.69
CA PRO A 11 -12.72 2.60 7.75
C PRO A 11 -13.23 1.25 7.26
N ARG A 12 -13.38 1.12 5.95
CA ARG A 12 -13.87 -0.12 5.35
C ARG A 12 -12.70 -1.04 4.99
N THR A 13 -12.76 -2.28 5.44
CA THR A 13 -11.72 -3.25 5.17
C THR A 13 -12.29 -4.67 5.11
N GLY A 14 -11.40 -5.65 4.97
CA GLY A 14 -11.83 -7.04 4.90
C GLY A 14 -12.47 -7.51 6.19
N ARG A 15 -12.47 -8.81 6.42
CA ARG A 15 -13.05 -9.39 7.62
C ARG A 15 -11.99 -9.56 8.71
N LEU A 16 -10.80 -9.97 8.31
CA LEU A 16 -9.70 -10.18 9.25
C LEU A 16 -8.87 -8.92 9.39
N VAL A 17 -9.40 -7.79 8.91
CA VAL A 17 -8.70 -6.52 8.99
C VAL A 17 -9.23 -5.67 10.13
N SER A 18 -8.35 -4.90 10.76
CA SER A 18 -8.74 -4.04 11.87
C SER A 18 -8.18 -2.63 11.68
N LEU A 19 -9.06 -1.64 11.84
CA LEU A 19 -8.67 -0.25 11.69
C LEU A 19 -8.66 0.47 13.04
N SER A 20 -7.73 1.42 13.19
CA SER A 20 -7.62 2.17 14.43
C SER A 20 -8.93 2.87 14.77
N ALA A 21 -9.08 3.25 16.04
CA ALA A 21 -10.29 3.93 16.49
C ALA A 21 -10.52 5.22 15.70
N CYS A 22 -9.45 5.98 15.49
CA CYS A 22 -9.54 7.23 14.76
C CYS A 22 -9.59 6.99 13.25
N GLY A 23 -8.91 5.93 12.81
CA GLY A 23 -8.90 5.60 11.40
C GLY A 23 -7.61 6.01 10.72
N ARG A 24 -6.49 5.50 11.22
CA ARG A 24 -5.18 5.82 10.65
C ARG A 24 -4.17 4.73 10.95
N THR A 25 -4.67 3.53 11.21
CA THR A 25 -3.81 2.39 11.52
C THR A 25 -4.46 1.07 11.11
N ALA A 26 -3.76 0.30 10.29
CA ALA A 26 -4.28 -0.98 9.83
C ALA A 26 -3.48 -2.14 10.42
N ARG A 27 -4.18 -3.24 10.71
CA ARG A 27 -3.54 -4.42 11.29
C ARG A 27 -4.36 -5.67 11.03
N ARG A 28 -3.72 -6.83 11.11
CA ARG A 28 -4.39 -8.10 10.89
C ARG A 28 -5.09 -8.57 12.16
N GLN A 29 -6.05 -9.47 12.01
CA GLN A 29 -6.79 -10.01 13.13
C GLN A 29 -6.74 -11.54 13.16
N GLN A 30 -5.88 -12.10 12.31
CA GLN A 30 -5.73 -13.55 12.22
C GLN A 30 -4.34 -13.92 11.74
N PRO A 31 -3.33 -13.67 12.59
CA PRO A 31 -1.93 -13.97 12.27
C PRO A 31 -1.66 -15.48 12.24
N GLY A 32 -2.12 -16.18 13.27
CA GLY A 32 -1.91 -17.62 13.35
C GLY A 32 -3.07 -18.40 12.78
N GLN A 33 -3.39 -18.13 11.51
CA GLN A 33 -4.50 -18.82 10.85
C GLN A 33 -4.40 -18.64 9.33
N GLU A 34 -4.33 -17.40 8.89
CA GLU A 34 -4.23 -17.11 7.46
C GLU A 34 -3.42 -15.84 7.21
N PHE A 35 -3.26 -15.48 5.94
CA PHE A 35 -2.49 -14.30 5.58
C PHE A 35 -3.37 -13.29 4.83
N ASN A 36 -3.83 -13.69 3.65
CA ASN A 36 -4.67 -12.82 2.83
C ASN A 36 -6.13 -12.96 3.24
N HIS A 37 -6.92 -11.92 2.96
CA HIS A 37 -8.33 -11.91 3.30
C HIS A 37 -9.02 -10.66 2.75
N GLY A 38 -8.40 -9.51 2.99
CA GLY A 38 -8.97 -8.25 2.52
C GLY A 38 -7.91 -7.27 2.07
N LEU A 39 -8.09 -6.01 2.41
CA LEU A 39 -7.14 -4.96 2.05
C LEU A 39 -7.39 -3.69 2.85
N VAL A 40 -6.57 -2.68 2.62
CA VAL A 40 -6.69 -1.40 3.32
C VAL A 40 -6.25 -0.24 2.43
N LEU A 41 -7.19 0.63 2.09
CA LEU A 41 -6.90 1.79 1.24
C LEU A 41 -6.92 3.07 2.06
N SER A 42 -6.47 4.17 1.44
CA SER A 42 -6.44 5.46 2.11
C SER A 42 -7.83 6.06 2.20
N ARG A 43 -8.05 6.90 3.20
CA ARG A 43 -9.34 7.55 3.39
C ARG A 43 -9.67 8.48 2.23
N GLU A 44 -8.67 9.22 1.76
CA GLU A 44 -8.86 10.14 0.65
C GLU A 44 -7.79 9.92 -0.43
N PRO A 45 -8.06 10.42 -1.64
CA PRO A 45 -7.14 10.30 -2.77
C PRO A 45 -5.89 11.15 -2.59
N LEU A 46 -4.74 10.59 -2.96
CA LEU A 46 -3.47 11.30 -2.84
C LEU A 46 -3.37 12.42 -3.86
N ARG A 47 -2.95 13.59 -3.40
CA ARG A 47 -2.82 14.75 -4.27
C ARG A 47 -1.43 14.80 -4.89
N ASP A 48 -1.29 15.60 -5.95
CA ASP A 48 -0.02 15.73 -6.64
C ASP A 48 1.10 16.10 -5.67
N GLY A 49 2.13 15.26 -5.61
CA GLY A 49 3.24 15.51 -4.72
C GLY A 49 3.09 14.81 -3.38
N ARG A 50 1.84 14.62 -2.96
CA ARG A 50 1.56 13.96 -1.68
C ARG A 50 2.06 12.52 -1.70
N VAL A 51 2.93 12.18 -0.76
CA VAL A 51 3.48 10.84 -0.67
C VAL A 51 2.91 10.10 0.54
N PHE A 52 2.20 9.01 0.27
CA PHE A 52 1.61 8.21 1.33
C PHE A 52 2.63 7.25 1.94
N THR A 53 3.20 7.63 3.07
CA THR A 53 4.20 6.81 3.74
C THR A 53 3.56 5.92 4.80
N VAL A 54 4.17 4.77 5.05
CA VAL A 54 3.65 3.83 6.05
C VAL A 54 4.79 3.05 6.70
N ARG A 55 4.68 2.84 8.01
CA ARG A 55 5.70 2.11 8.75
C ARG A 55 5.14 0.78 9.28
N ILE A 56 5.97 -0.24 9.32
CA ILE A 56 5.57 -1.55 9.81
C ILE A 56 5.53 -1.58 11.33
N ASP A 57 4.34 -1.36 11.89
CA ASP A 57 4.18 -1.37 13.34
C ASP A 57 4.53 -2.74 13.93
N ARG A 58 4.26 -3.79 13.16
CA ARG A 58 4.54 -5.14 13.60
C ARG A 58 4.88 -6.05 12.42
N LYS A 59 5.80 -6.98 12.62
CA LYS A 59 6.22 -7.89 11.58
C LYS A 59 6.50 -9.28 12.15
N VAL A 60 5.73 -10.27 11.70
CA VAL A 60 5.90 -11.64 12.17
C VAL A 60 6.99 -12.36 11.38
N ASN A 61 7.90 -13.01 12.11
CA ASN A 61 8.98 -13.73 11.47
C ASN A 61 8.71 -15.23 11.46
N SER A 62 7.43 -15.59 11.40
CA SER A 62 7.04 -17.00 11.38
C SER A 62 6.53 -17.41 10.01
N TRP A 63 5.98 -16.44 9.27
CA TRP A 63 5.46 -16.70 7.93
C TRP A 63 6.57 -16.58 6.89
N SER A 64 6.20 -16.71 5.62
CA SER A 64 7.16 -16.62 4.53
C SER A 64 6.58 -15.83 3.35
N GLY A 65 5.81 -14.79 3.67
CA GLY A 65 5.21 -13.97 2.64
C GLY A 65 5.93 -12.65 2.46
N SER A 66 5.21 -11.65 1.95
CA SER A 66 5.78 -10.33 1.73
C SER A 66 4.73 -9.25 1.91
N ILE A 67 5.15 -8.00 1.75
CA ILE A 67 4.24 -6.86 1.90
C ILE A 67 3.89 -6.26 0.54
N GLU A 68 2.65 -5.80 0.41
CA GLU A 68 2.19 -5.21 -0.84
C GLU A 68 1.67 -3.78 -0.60
N ILE A 69 2.13 -2.85 -1.43
CA ILE A 69 1.72 -1.46 -1.31
C ILE A 69 1.78 -0.75 -2.65
N GLY A 70 0.83 0.14 -2.89
CA GLY A 70 0.80 0.88 -4.15
C GLY A 70 -0.35 1.87 -4.21
N VAL A 71 -0.93 2.02 -5.39
CA VAL A 71 -2.05 2.95 -5.58
C VAL A 71 -3.13 2.32 -6.46
N THR A 72 -4.33 2.89 -6.42
CA THR A 72 -5.44 2.40 -7.21
C THR A 72 -6.33 3.55 -7.68
N ALA A 73 -6.79 3.46 -8.93
CA ALA A 73 -7.64 4.49 -9.49
C ALA A 73 -9.08 4.35 -8.98
N LEU A 74 -9.42 3.16 -8.49
CA LEU A 74 -10.75 2.90 -7.99
C LEU A 74 -10.95 3.57 -6.62
N ASP A 75 -12.21 3.73 -6.23
CA ASP A 75 -12.54 4.35 -4.95
C ASP A 75 -12.77 3.29 -3.88
N PRO A 76 -12.23 3.53 -2.68
CA PRO A 76 -12.37 2.61 -1.54
C PRO A 76 -13.80 2.57 -1.00
N SER A 77 -14.58 3.60 -1.33
CA SER A 77 -15.97 3.67 -0.87
C SER A 77 -16.82 2.62 -1.56
N VAL A 78 -16.33 2.09 -2.66
CA VAL A 78 -17.05 1.06 -3.41
C VAL A 78 -16.08 0.12 -4.11
N LEU A 79 -14.93 -0.11 -3.49
CA LEU A 79 -13.92 -1.01 -4.05
C LEU A 79 -14.09 -2.42 -3.51
N ASP A 80 -13.83 -3.41 -4.35
CA ASP A 80 -13.95 -4.81 -3.95
C ASP A 80 -12.60 -5.37 -3.54
N PHE A 81 -12.26 -5.22 -2.27
CA PHE A 81 -10.98 -5.72 -1.75
C PHE A 81 -10.76 -7.17 -2.15
N PRO A 82 -9.92 -7.40 -3.16
CA PRO A 82 -9.60 -8.74 -3.66
C PRO A 82 -8.78 -9.55 -2.66
N SER A 83 -8.26 -10.69 -3.10
CA SER A 83 -7.46 -11.55 -2.25
C SER A 83 -6.26 -10.80 -1.69
N SER A 84 -5.60 -10.02 -2.54
CA SER A 84 -4.44 -9.25 -2.13
C SER A 84 -4.34 -7.95 -2.91
N ALA A 85 -3.47 -7.06 -2.46
CA ALA A 85 -3.27 -5.77 -3.12
C ALA A 85 -2.95 -5.95 -4.60
N THR A 86 -2.12 -6.95 -4.89
CA THR A 86 -1.72 -7.23 -6.26
C THR A 86 -2.89 -7.77 -7.08
N GLY A 87 -3.98 -8.11 -6.39
CA GLY A 87 -5.15 -8.63 -7.06
C GLY A 87 -6.15 -7.54 -7.43
N LEU A 88 -5.67 -6.31 -7.49
CA LEU A 88 -6.52 -5.17 -7.83
C LEU A 88 -6.47 -4.87 -9.32
N LYS A 89 -7.63 -4.61 -9.90
CA LYS A 89 -7.72 -4.30 -11.33
C LYS A 89 -8.46 -2.99 -11.56
N GLY A 90 -8.59 -2.60 -12.83
CA GLY A 90 -9.28 -1.36 -13.16
C GLY A 90 -8.36 -0.16 -13.10
N GLY A 91 -7.05 -0.41 -13.18
CA GLY A 91 -6.09 0.68 -13.13
C GLY A 91 -5.48 0.86 -11.76
N SER A 92 -4.88 -0.21 -11.24
CA SER A 92 -4.26 -0.16 -9.92
C SER A 92 -2.82 -0.67 -9.98
N TRP A 93 -1.90 0.13 -9.45
CA TRP A 93 -0.48 -0.24 -9.44
C TRP A 93 -0.07 -0.77 -8.08
N VAL A 94 0.57 -1.94 -8.06
CA VAL A 94 1.02 -2.55 -6.83
C VAL A 94 2.46 -3.05 -6.95
N VAL A 95 3.19 -3.02 -5.84
CA VAL A 95 4.57 -3.48 -5.83
C VAL A 95 4.72 -4.78 -5.04
N SER A 96 4.99 -5.87 -5.75
CA SER A 96 5.14 -7.17 -5.11
C SER A 96 6.61 -7.42 -4.74
N GLY A 97 7.23 -6.42 -4.12
CA GLY A 97 8.62 -6.55 -3.72
C GLY A 97 9.57 -6.51 -4.89
N CYS A 98 10.11 -5.33 -5.17
CA CYS A 98 11.03 -5.16 -6.29
C CYS A 98 10.37 -5.51 -7.61
N SER A 99 9.04 -5.50 -7.63
CA SER A 99 8.28 -5.82 -8.82
C SER A 99 7.02 -4.95 -8.92
N VAL A 100 7.02 -4.04 -9.88
CA VAL A 100 5.87 -3.16 -10.08
C VAL A 100 4.89 -3.75 -11.09
N LEU A 101 3.64 -3.90 -10.66
CA LEU A 101 2.60 -4.46 -11.53
C LEU A 101 1.42 -3.50 -11.63
N ARG A 102 0.61 -3.69 -12.68
CA ARG A 102 -0.56 -2.84 -12.89
C ARG A 102 -1.76 -3.66 -13.34
N ASP A 103 -2.81 -3.64 -12.53
CA ASP A 103 -4.02 -4.40 -12.83
C ASP A 103 -3.75 -5.89 -12.82
N GLY A 104 -2.69 -6.30 -12.13
CA GLY A 104 -2.34 -7.70 -12.05
C GLY A 104 -1.42 -8.13 -13.18
N ARG A 105 -0.58 -7.20 -13.64
CA ARG A 105 0.35 -7.49 -14.73
C ARG A 105 1.71 -6.86 -14.45
N SER A 106 2.76 -7.66 -14.59
CA SER A 106 4.12 -7.18 -14.35
C SER A 106 4.59 -6.27 -15.48
N VAL A 107 5.09 -5.09 -15.12
CA VAL A 107 5.57 -4.13 -16.11
C VAL A 107 7.02 -3.75 -15.84
N LEU A 108 7.38 -3.66 -14.57
CA LEU A 108 8.74 -3.32 -14.17
C LEU A 108 9.24 -4.22 -13.05
N GLU A 109 10.51 -4.62 -13.15
CA GLU A 109 11.11 -5.49 -12.15
C GLU A 109 12.45 -4.92 -11.67
N GLU A 110 13.00 -5.52 -10.61
CA GLU A 110 14.27 -5.08 -10.05
C GLU A 110 14.21 -3.60 -9.67
N TYR A 111 13.03 -3.16 -9.24
CA TYR A 111 12.84 -1.77 -8.85
C TYR A 111 13.87 -1.36 -7.79
N GLY A 112 14.17 -0.05 -7.74
CA GLY A 112 15.13 0.44 -6.78
C GLY A 112 14.81 0.00 -5.36
N GLN A 113 13.63 0.38 -4.88
CA GLN A 113 13.22 0.02 -3.53
C GLN A 113 12.67 -1.40 -3.49
N ASP A 114 13.07 -2.15 -2.47
CA ASP A 114 12.62 -3.53 -2.31
C ASP A 114 11.74 -3.67 -1.06
N LEU A 115 10.47 -4.00 -1.28
CA LEU A 115 9.53 -4.17 -0.18
C LEU A 115 9.72 -5.52 0.50
N ASP A 116 10.10 -6.52 -0.29
CA ASP A 116 10.31 -7.87 0.23
C ASP A 116 11.44 -7.88 1.26
N GLN A 117 12.26 -6.83 1.23
CA GLN A 117 13.38 -6.71 2.16
C GLN A 117 12.91 -6.18 3.51
N LEU A 118 11.81 -5.44 3.50
CA LEU A 118 11.27 -4.86 4.72
C LEU A 118 11.10 -5.92 5.80
N GLY A 119 10.83 -5.49 7.03
CA GLY A 119 10.64 -6.41 8.12
C GLY A 119 11.00 -5.81 9.47
N GLU A 120 10.11 -4.98 10.01
CA GLU A 120 10.34 -4.34 11.29
C GLU A 120 11.63 -3.52 11.26
N GLY A 121 11.50 -2.23 10.94
CA GLY A 121 12.67 -1.36 10.88
C GLY A 121 12.86 -0.74 9.52
N ASP A 122 11.80 -0.75 8.71
CA ASP A 122 11.86 -0.18 7.37
C ASP A 122 10.47 0.25 6.90
N ARG A 123 10.32 1.54 6.63
CA ARG A 123 9.04 2.08 6.17
C ARG A 123 9.07 2.36 4.67
N VAL A 124 7.89 2.40 4.05
CA VAL A 124 7.78 2.66 2.63
C VAL A 124 6.55 3.49 2.31
N GLY A 125 6.59 4.23 1.21
CA GLY A 125 5.47 5.06 0.82
C GLY A 125 5.35 5.20 -0.69
N VAL A 126 4.16 5.53 -1.16
CA VAL A 126 3.91 5.70 -2.59
C VAL A 126 3.64 7.16 -2.93
N GLU A 127 3.76 7.49 -4.21
CA GLU A 127 3.52 8.85 -4.67
C GLU A 127 3.05 8.87 -6.13
N ARG A 128 2.26 9.87 -6.48
CA ARG A 128 1.74 10.00 -7.84
C ARG A 128 2.11 11.36 -8.44
N THR A 129 3.09 11.35 -9.32
CA THR A 129 3.54 12.59 -9.97
C THR A 129 2.43 13.20 -10.81
N VAL A 130 2.46 14.52 -10.96
CA VAL A 130 1.46 15.23 -11.75
C VAL A 130 1.36 14.64 -13.15
N ALA A 131 2.48 14.16 -13.68
CA ALA A 131 2.51 13.58 -15.01
C ALA A 131 1.74 12.26 -15.05
N GLY A 132 1.68 11.58 -13.91
CA GLY A 132 0.96 10.32 -13.84
C GLY A 132 1.90 9.13 -13.69
N GLU A 133 2.96 9.33 -12.91
CA GLU A 133 3.94 8.27 -12.68
C GLU A 133 4.01 7.90 -11.20
N LEU A 134 3.83 6.62 -10.90
CA LEU A 134 3.87 6.14 -9.53
C LEU A 134 5.30 6.01 -9.04
N ARG A 135 5.57 6.58 -7.86
CA ARG A 135 6.91 6.54 -7.28
C ARG A 135 6.86 5.99 -5.86
N LEU A 136 8.02 5.58 -5.35
CA LEU A 136 8.10 5.04 -4.00
C LEU A 136 9.09 5.84 -3.16
N TRP A 137 8.90 5.81 -1.85
CA TRP A 137 9.79 6.53 -0.93
C TRP A 137 10.06 5.70 0.32
N VAL A 138 11.35 5.54 0.65
CA VAL A 138 11.75 4.78 1.81
C VAL A 138 12.44 5.66 2.84
N ASN A 139 11.92 5.66 4.07
CA ASN A 139 12.49 6.46 5.14
C ASN A 139 12.58 7.93 4.74
N GLY A 140 11.70 8.34 3.83
CA GLY A 140 11.68 9.71 3.37
C GLY A 140 12.75 9.99 2.34
N ARG A 141 12.94 9.05 1.42
CA ARG A 141 13.94 9.19 0.37
C ARG A 141 13.40 8.69 -0.96
N ASP A 142 13.63 9.46 -2.02
CA ASP A 142 13.17 9.10 -3.35
C ASP A 142 13.88 7.84 -3.85
N CYS A 143 13.12 6.95 -4.49
CA CYS A 143 13.68 5.70 -5.00
C CYS A 143 13.65 5.70 -6.53
N GLY A 144 12.75 6.47 -7.11
CA GLY A 144 12.65 6.54 -8.56
C GLY A 144 11.22 6.41 -9.05
N VAL A 145 11.06 5.89 -10.25
CA VAL A 145 9.73 5.70 -10.84
C VAL A 145 9.40 4.22 -11.01
N ALA A 146 8.14 3.87 -10.79
CA ALA A 146 7.70 2.49 -10.93
C ALA A 146 6.95 2.27 -12.24
N ALA A 147 5.91 3.08 -12.45
CA ALA A 147 5.11 2.97 -13.65
C ALA A 147 4.59 4.35 -14.10
N THR A 148 4.18 4.44 -15.35
CA THR A 148 3.67 5.69 -15.90
C THR A 148 2.27 5.51 -16.47
N GLY A 149 1.56 6.62 -16.68
CA GLY A 149 0.23 6.57 -17.23
C GLY A 149 -0.83 6.40 -16.16
N LEU A 150 -0.79 7.27 -15.15
CA LEU A 150 -1.76 7.20 -14.06
C LEU A 150 -2.81 8.31 -14.20
N PRO A 151 -4.00 8.06 -13.63
CA PRO A 151 -5.11 9.02 -13.69
C PRO A 151 -4.85 10.25 -12.83
N PRO A 152 -5.72 11.27 -12.98
CA PRO A 152 -5.60 12.52 -12.23
C PRO A 152 -5.89 12.35 -10.74
N ARG A 153 -6.59 11.27 -10.41
CA ARG A 153 -6.94 10.98 -9.02
C ARG A 153 -6.65 9.52 -8.68
N VAL A 154 -5.92 9.31 -7.59
CA VAL A 154 -5.56 7.97 -7.16
C VAL A 154 -5.65 7.85 -5.64
N TRP A 155 -5.68 6.61 -5.15
CA TRP A 155 -5.76 6.36 -3.72
C TRP A 155 -4.60 5.48 -3.25
N ALA A 156 -4.21 5.65 -1.99
CA ALA A 156 -3.11 4.87 -1.43
C ALA A 156 -3.58 3.48 -1.03
N VAL A 157 -3.06 2.45 -1.70
CA VAL A 157 -3.43 1.08 -1.41
C VAL A 157 -2.37 0.39 -0.55
N VAL A 158 -2.83 -0.41 0.41
CA VAL A 158 -1.93 -1.12 1.31
C VAL A 158 -2.48 -2.49 1.67
N ASP A 159 -1.59 -3.40 2.04
CA ASP A 159 -1.99 -4.76 2.41
C ASP A 159 -1.08 -5.31 3.50
N LEU A 160 -1.67 -6.05 4.44
CA LEU A 160 -0.91 -6.63 5.54
C LEU A 160 -1.08 -8.14 5.58
N TYR A 161 -0.22 -8.85 4.86
CA TYR A 161 -0.28 -10.30 4.81
C TYR A 161 1.11 -10.92 4.93
N GLY A 162 1.21 -12.00 5.68
CA GLY A 162 2.50 -12.67 5.86
C GLY A 162 3.41 -11.91 6.80
N LYS A 163 4.56 -11.47 6.30
CA LYS A 163 5.52 -10.74 7.10
C LYS A 163 4.88 -9.49 7.71
N CYS A 164 4.42 -8.60 6.86
CA CYS A 164 3.78 -7.36 7.31
C CYS A 164 2.31 -7.59 7.65
N THR A 165 1.96 -7.43 8.92
CA THR A 165 0.59 -7.62 9.36
C THR A 165 0.04 -6.35 10.00
N GLN A 166 0.90 -5.36 10.19
CA GLN A 166 0.49 -4.09 10.79
C GLN A 166 1.15 -2.92 10.07
N ILE A 167 0.35 -1.92 9.73
CA ILE A 167 0.85 -0.73 9.05
C ILE A 167 0.24 0.54 9.62
N THR A 168 0.99 1.64 9.56
CA THR A 168 0.52 2.91 10.08
C THR A 168 1.06 4.07 9.24
N VAL A 169 0.18 5.01 8.91
CA VAL A 169 0.57 6.17 8.12
C VAL A 169 1.45 7.11 8.92
N LEU A 170 2.46 7.68 8.26
CA LEU A 170 3.38 8.61 8.91
C LEU A 170 2.88 10.05 8.80
N GLY A 1 2.89 15.16 17.27
CA GLY A 1 3.29 16.39 16.62
C GLY A 1 2.17 16.99 15.79
N SER A 2 2.18 16.74 14.49
CA SER A 2 1.15 17.27 13.59
C SER A 2 -0.21 16.65 13.90
N SER A 3 -1.27 17.33 13.46
CA SER A 3 -2.63 16.85 13.69
C SER A 3 -3.18 16.17 12.44
N GLY A 4 -2.91 16.77 11.29
CA GLY A 4 -3.39 16.21 10.04
C GLY A 4 -2.53 15.06 9.55
N SER A 5 -2.84 14.56 8.36
CA SER A 5 -2.08 13.45 7.78
C SER A 5 -1.94 13.61 6.27
N SER A 6 -1.39 12.61 5.61
CA SER A 6 -1.18 12.64 4.17
C SER A 6 -2.40 12.08 3.43
N GLY A 7 -2.59 10.76 3.54
CA GLY A 7 -3.71 10.12 2.89
C GLY A 7 -4.62 9.40 3.87
N GLU A 8 -4.14 9.20 5.09
CA GLU A 8 -4.93 8.53 6.12
C GLU A 8 -5.30 7.12 5.68
N LEU A 9 -6.10 6.45 6.50
CA LEU A 9 -6.53 5.08 6.19
C LEU A 9 -8.05 4.96 6.26
N HIS A 10 -8.65 4.49 5.17
CA HIS A 10 -10.10 4.33 5.13
C HIS A 10 -10.60 3.47 6.27
N PRO A 11 -11.74 3.86 6.86
CA PRO A 11 -12.35 3.14 7.99
C PRO A 11 -12.92 1.78 7.56
N ARG A 12 -13.08 1.60 6.26
CA ARG A 12 -13.63 0.36 5.73
C ARG A 12 -12.50 -0.63 5.40
N THR A 13 -12.53 -1.79 6.06
CA THR A 13 -11.51 -2.81 5.84
C THR A 13 -12.14 -4.16 5.52
N GLY A 14 -11.31 -5.13 5.16
CA GLY A 14 -11.81 -6.45 4.84
C GLY A 14 -12.43 -7.14 6.03
N ARG A 15 -12.43 -8.47 6.01
CA ARG A 15 -13.00 -9.26 7.10
C ARG A 15 -11.94 -9.61 8.13
N LEU A 16 -10.71 -9.76 7.68
CA LEU A 16 -9.60 -10.11 8.56
C LEU A 16 -8.84 -8.86 9.00
N VAL A 17 -8.85 -7.84 8.14
CA VAL A 17 -8.17 -6.58 8.45
C VAL A 17 -9.02 -5.71 9.37
N SER A 18 -8.34 -4.91 10.21
CA SER A 18 -9.03 -4.03 11.14
C SER A 18 -8.37 -2.66 11.19
N LEU A 19 -9.17 -1.63 11.41
CA LEU A 19 -8.66 -0.26 11.48
C LEU A 19 -8.72 0.27 12.91
N SER A 20 -7.61 0.84 13.36
CA SER A 20 -7.53 1.40 14.71
C SER A 20 -8.62 2.43 14.93
N ALA A 21 -8.77 2.87 16.18
CA ALA A 21 -9.77 3.87 16.54
C ALA A 21 -9.42 5.23 15.95
N CYS A 22 -8.12 5.47 15.77
CA CYS A 22 -7.66 6.74 15.22
C CYS A 22 -8.00 6.84 13.73
N GLY A 23 -8.09 5.69 13.07
CA GLY A 23 -8.41 5.67 11.66
C GLY A 23 -7.19 5.93 10.79
N ARG A 24 -6.00 5.73 11.35
CA ARG A 24 -4.76 5.94 10.63
C ARG A 24 -3.78 4.80 10.86
N THR A 25 -4.32 3.63 11.18
CA THR A 25 -3.50 2.45 11.44
C THR A 25 -4.21 1.17 11.02
N ALA A 26 -3.51 0.32 10.28
CA ALA A 26 -4.08 -0.94 9.82
C ALA A 26 -3.37 -2.12 10.46
N ARG A 27 -4.13 -3.19 10.71
CA ARG A 27 -3.58 -4.39 11.33
C ARG A 27 -4.45 -5.61 11.04
N ARG A 28 -3.84 -6.79 11.02
CA ARG A 28 -4.56 -8.02 10.75
C ARG A 28 -5.22 -8.56 12.03
N GLN A 29 -6.23 -9.40 11.85
CA GLN A 29 -6.94 -9.98 12.99
C GLN A 29 -6.65 -11.48 13.10
N GLN A 30 -6.37 -12.11 11.96
CA GLN A 30 -6.09 -13.54 11.93
C GLN A 30 -4.83 -13.82 11.11
N PRO A 31 -3.69 -13.28 11.56
CA PRO A 31 -2.40 -13.47 10.87
C PRO A 31 -1.90 -14.90 10.98
N GLY A 32 -2.57 -15.70 11.80
CA GLY A 32 -2.15 -17.09 11.98
C GLY A 32 -3.00 -18.05 11.17
N GLN A 33 -4.13 -17.57 10.67
CA GLN A 33 -5.03 -18.39 9.88
C GLN A 33 -4.67 -18.33 8.39
N GLU A 34 -4.74 -17.12 7.83
CA GLU A 34 -4.42 -16.92 6.42
C GLU A 34 -3.71 -15.59 6.20
N PHE A 35 -3.45 -15.26 4.95
CA PHE A 35 -2.77 -14.01 4.60
C PHE A 35 -3.66 -13.14 3.71
N ASN A 36 -3.81 -13.54 2.46
CA ASN A 36 -4.63 -12.80 1.51
C ASN A 36 -6.11 -12.94 1.84
N HIS A 37 -6.82 -11.82 1.84
CA HIS A 37 -8.24 -11.82 2.13
C HIS A 37 -8.82 -10.41 2.00
N GLY A 38 -8.48 -9.54 2.95
CA GLY A 38 -8.97 -8.17 2.92
C GLY A 38 -7.94 -7.20 2.40
N LEU A 39 -8.20 -5.91 2.59
CA LEU A 39 -7.29 -4.86 2.15
C LEU A 39 -7.52 -3.57 2.92
N VAL A 40 -6.63 -2.60 2.70
CA VAL A 40 -6.74 -1.31 3.37
C VAL A 40 -6.30 -0.17 2.45
N LEU A 41 -7.23 0.71 2.11
CA LEU A 41 -6.93 1.84 1.24
C LEU A 41 -6.89 3.14 2.03
N SER A 42 -6.44 4.22 1.39
CA SER A 42 -6.34 5.51 2.04
C SER A 42 -7.72 6.16 2.17
N ARG A 43 -7.86 7.04 3.15
CA ARG A 43 -9.13 7.73 3.38
C ARG A 43 -9.44 8.69 2.23
N GLU A 44 -8.43 9.44 1.80
CA GLU A 44 -8.60 10.39 0.72
C GLU A 44 -7.62 10.10 -0.42
N PRO A 45 -7.93 10.64 -1.61
CA PRO A 45 -7.09 10.45 -2.80
C PRO A 45 -5.76 11.18 -2.71
N LEU A 46 -4.68 10.48 -2.99
CA LEU A 46 -3.35 11.06 -2.93
C LEU A 46 -3.19 12.17 -3.97
N ARG A 47 -3.03 13.40 -3.51
CA ARG A 47 -2.87 14.54 -4.41
C ARG A 47 -1.46 14.57 -4.99
N ASP A 48 -1.23 15.49 -5.93
CA ASP A 48 0.07 15.63 -6.57
C ASP A 48 1.13 16.02 -5.54
N GLY A 49 2.23 15.27 -5.53
CA GLY A 49 3.31 15.56 -4.59
C GLY A 49 3.18 14.78 -3.30
N ARG A 50 1.97 14.73 -2.76
CA ARG A 50 1.70 14.02 -1.52
C ARG A 50 2.21 12.58 -1.60
N VAL A 51 3.01 12.19 -0.61
CA VAL A 51 3.57 10.84 -0.58
C VAL A 51 3.02 10.06 0.61
N PHE A 52 2.19 9.07 0.32
CA PHE A 52 1.59 8.24 1.37
C PHE A 52 2.61 7.26 1.94
N THR A 53 3.20 7.61 3.06
CA THR A 53 4.20 6.76 3.71
C THR A 53 3.56 5.88 4.77
N VAL A 54 4.19 4.73 5.03
CA VAL A 54 3.67 3.79 6.02
C VAL A 54 4.81 2.96 6.62
N ARG A 55 4.78 2.81 7.94
CA ARG A 55 5.80 2.04 8.64
C ARG A 55 5.23 0.72 9.16
N ILE A 56 6.12 -0.25 9.37
CA ILE A 56 5.70 -1.56 9.86
C ILE A 56 5.67 -1.59 11.38
N ASP A 57 4.48 -1.37 11.94
CA ASP A 57 4.31 -1.37 13.40
C ASP A 57 4.73 -2.71 13.99
N ARG A 58 4.34 -3.79 13.34
CA ARG A 58 4.68 -5.13 13.80
C ARG A 58 4.81 -6.10 12.63
N LYS A 59 5.86 -6.90 12.64
CA LYS A 59 6.10 -7.87 11.58
C LYS A 59 6.14 -9.29 12.14
N VAL A 60 5.38 -10.19 11.52
CA VAL A 60 5.34 -11.58 11.96
C VAL A 60 6.49 -12.39 11.37
N ASN A 61 7.00 -13.34 12.14
CA ASN A 61 8.10 -14.18 11.69
C ASN A 61 7.70 -15.65 11.70
N SER A 62 6.66 -15.99 10.96
CA SER A 62 6.17 -17.36 10.89
C SER A 62 6.02 -17.81 9.44
N TRP A 63 5.54 -16.90 8.59
CA TRP A 63 5.35 -17.20 7.17
C TRP A 63 6.59 -16.84 6.36
N SER A 64 6.47 -16.88 5.04
CA SER A 64 7.58 -16.57 4.16
C SER A 64 7.11 -15.71 2.99
N GLY A 65 6.08 -14.90 3.23
CA GLY A 65 5.55 -14.04 2.19
C GLY A 65 6.20 -12.67 2.19
N SER A 66 5.48 -11.67 1.68
CA SER A 66 6.00 -10.31 1.62
C SER A 66 4.87 -9.30 1.75
N ILE A 67 5.22 -8.02 1.72
CA ILE A 67 4.24 -6.95 1.85
C ILE A 67 3.99 -6.28 0.49
N GLU A 68 2.74 -5.89 0.25
CA GLU A 68 2.38 -5.23 -1.00
C GLU A 68 1.82 -3.83 -0.73
N ILE A 69 2.24 -2.88 -1.56
CA ILE A 69 1.78 -1.50 -1.42
C ILE A 69 1.81 -0.78 -2.77
N GLY A 70 0.83 0.10 -2.99
CA GLY A 70 0.76 0.85 -4.22
C GLY A 70 -0.39 1.83 -4.25
N VAL A 71 -1.01 1.98 -5.40
CA VAL A 71 -2.13 2.90 -5.56
C VAL A 71 -3.24 2.29 -6.41
N THR A 72 -4.40 2.93 -6.42
CA THR A 72 -5.54 2.45 -7.20
C THR A 72 -6.26 3.61 -7.88
N ALA A 73 -7.13 3.27 -8.83
CA ALA A 73 -7.89 4.28 -9.55
C ALA A 73 -9.35 4.30 -9.10
N LEU A 74 -9.76 3.23 -8.43
CA LEU A 74 -11.14 3.12 -7.94
C LEU A 74 -11.27 3.74 -6.55
N ASP A 75 -12.49 4.13 -6.20
CA ASP A 75 -12.75 4.75 -4.90
C ASP A 75 -12.95 3.67 -3.83
N PRO A 76 -12.36 3.90 -2.65
CA PRO A 76 -12.46 2.96 -1.52
C PRO A 76 -13.86 2.92 -0.92
N SER A 77 -14.65 3.95 -1.21
CA SER A 77 -16.01 4.03 -0.69
C SER A 77 -16.91 3.01 -1.37
N VAL A 78 -16.48 2.52 -2.52
CA VAL A 78 -17.24 1.53 -3.28
C VAL A 78 -16.32 0.54 -3.98
N LEU A 79 -15.19 0.25 -3.37
CA LEU A 79 -14.22 -0.68 -3.94
C LEU A 79 -14.42 -2.09 -3.39
N ASP A 80 -14.14 -3.09 -4.22
CA ASP A 80 -14.29 -4.48 -3.82
C ASP A 80 -12.94 -5.09 -3.46
N PHE A 81 -12.61 -5.07 -2.17
CA PHE A 81 -11.34 -5.62 -1.70
C PHE A 81 -11.13 -7.03 -2.23
N PRO A 82 -10.27 -7.16 -3.25
CA PRO A 82 -9.97 -8.46 -3.86
C PRO A 82 -9.16 -9.37 -2.94
N SER A 83 -8.66 -10.47 -3.49
CA SER A 83 -7.87 -11.42 -2.71
C SER A 83 -6.69 -10.72 -2.03
N SER A 84 -6.05 -9.81 -2.75
CA SER A 84 -4.91 -9.07 -2.22
C SER A 84 -4.71 -7.76 -2.97
N ALA A 85 -3.76 -6.96 -2.51
CA ALA A 85 -3.47 -5.68 -3.14
C ALA A 85 -3.19 -5.84 -4.62
N THR A 86 -2.40 -6.86 -4.96
CA THR A 86 -2.06 -7.13 -6.36
C THR A 86 -3.27 -7.62 -7.14
N GLY A 87 -4.35 -7.94 -6.43
CA GLY A 87 -5.56 -8.43 -7.06
C GLY A 87 -6.38 -7.30 -7.65
N LEU A 88 -6.25 -6.11 -7.08
CA LEU A 88 -7.00 -4.94 -7.56
C LEU A 88 -6.74 -4.71 -9.05
N LYS A 89 -7.81 -4.37 -9.78
CA LYS A 89 -7.69 -4.12 -11.21
C LYS A 89 -8.28 -2.76 -11.56
N GLY A 90 -8.45 -2.51 -12.86
CA GLY A 90 -9.00 -1.25 -13.31
C GLY A 90 -8.09 -0.08 -13.01
N GLY A 91 -6.85 -0.16 -13.50
CA GLY A 91 -5.89 0.91 -13.27
C GLY A 91 -5.39 0.94 -11.85
N SER A 92 -4.86 -0.20 -11.38
CA SER A 92 -4.34 -0.30 -10.02
C SER A 92 -2.89 -0.78 -10.03
N TRP A 93 -2.01 0.03 -9.45
CA TRP A 93 -0.59 -0.30 -9.39
C TRP A 93 -0.22 -0.84 -8.00
N VAL A 94 0.44 -2.00 -7.99
CA VAL A 94 0.86 -2.61 -6.73
C VAL A 94 2.29 -3.13 -6.82
N VAL A 95 3.01 -3.06 -5.70
CA VAL A 95 4.40 -3.51 -5.65
C VAL A 95 4.52 -4.79 -4.83
N SER A 96 4.87 -5.88 -5.48
CA SER A 96 5.02 -7.17 -4.81
C SER A 96 6.48 -7.39 -4.39
N GLY A 97 7.12 -6.33 -3.90
CA GLY A 97 8.50 -6.43 -3.47
C GLY A 97 9.46 -6.46 -4.64
N CYS A 98 10.01 -5.29 -4.97
CA CYS A 98 10.95 -5.19 -6.07
C CYS A 98 10.29 -5.54 -7.40
N SER A 99 8.96 -5.56 -7.41
CA SER A 99 8.20 -5.90 -8.60
C SER A 99 6.92 -5.06 -8.68
N VAL A 100 6.89 -4.14 -9.64
CA VAL A 100 5.72 -3.28 -9.82
C VAL A 100 4.77 -3.86 -10.87
N LEU A 101 3.51 -4.00 -10.50
CA LEU A 101 2.51 -4.53 -11.41
C LEU A 101 1.32 -3.58 -11.55
N ARG A 102 0.58 -3.71 -12.64
CA ARG A 102 -0.58 -2.85 -12.90
C ARG A 102 -1.76 -3.68 -13.39
N ASP A 103 -2.85 -3.65 -12.63
CA ASP A 103 -4.05 -4.38 -13.00
C ASP A 103 -3.79 -5.89 -13.00
N GLY A 104 -2.75 -6.30 -12.28
CA GLY A 104 -2.41 -7.71 -12.21
C GLY A 104 -1.44 -8.13 -13.30
N ARG A 105 -0.56 -7.21 -13.71
CA ARG A 105 0.41 -7.49 -14.75
C ARG A 105 1.76 -6.85 -14.42
N SER A 106 2.82 -7.64 -14.49
CA SER A 106 4.16 -7.15 -14.20
C SER A 106 4.66 -6.24 -15.31
N VAL A 107 5.13 -5.05 -14.93
CA VAL A 107 5.64 -4.08 -15.90
C VAL A 107 7.09 -3.70 -15.58
N LEU A 108 7.41 -3.65 -14.29
CA LEU A 108 8.75 -3.30 -13.86
C LEU A 108 9.27 -4.30 -12.83
N GLU A 109 10.55 -4.63 -12.93
CA GLU A 109 11.17 -5.58 -12.00
C GLU A 109 12.49 -5.03 -11.47
N GLU A 110 13.03 -5.70 -10.45
CA GLU A 110 14.29 -5.28 -9.85
C GLU A 110 14.23 -3.82 -9.42
N TYR A 111 13.04 -3.39 -8.98
CA TYR A 111 12.85 -2.01 -8.56
C TYR A 111 13.90 -1.61 -7.51
N GLY A 112 14.02 -0.30 -7.29
CA GLY A 112 14.99 0.19 -6.33
C GLY A 112 14.71 -0.31 -4.92
N GLN A 113 13.56 0.06 -4.38
CA GLN A 113 13.18 -0.35 -3.04
C GLN A 113 12.59 -1.76 -3.04
N ASP A 114 12.98 -2.56 -2.04
CA ASP A 114 12.49 -3.93 -1.94
C ASP A 114 11.62 -4.10 -0.70
N LEU A 115 10.32 -4.25 -0.90
CA LEU A 115 9.38 -4.42 0.21
C LEU A 115 9.59 -5.76 0.89
N ASP A 116 10.01 -6.76 0.12
CA ASP A 116 10.25 -8.09 0.65
C ASP A 116 11.46 -8.09 1.58
N GLN A 117 12.27 -7.05 1.48
CA GLN A 117 13.47 -6.93 2.31
C GLN A 117 13.13 -6.35 3.68
N LEU A 118 12.03 -5.62 3.75
CA LEU A 118 11.59 -5.01 5.01
C LEU A 118 11.54 -6.05 6.12
N GLY A 119 11.66 -5.59 7.36
CA GLY A 119 11.62 -6.49 8.50
C GLY A 119 11.70 -5.75 9.83
N GLU A 120 10.62 -5.09 10.20
CA GLU A 120 10.57 -4.34 11.45
C GLU A 120 11.74 -3.35 11.53
N GLY A 121 11.50 -2.13 11.06
CA GLY A 121 12.53 -1.11 11.09
C GLY A 121 12.62 -0.35 9.79
N ASP A 122 11.84 -0.76 8.80
CA ASP A 122 11.84 -0.11 7.49
C ASP A 122 10.42 0.29 7.09
N ARG A 123 10.30 1.42 6.41
CA ARG A 123 9.00 1.92 5.97
C ARG A 123 9.01 2.21 4.48
N VAL A 124 7.82 2.30 3.89
CA VAL A 124 7.69 2.57 2.46
C VAL A 124 6.47 3.43 2.18
N GLY A 125 6.53 4.20 1.10
CA GLY A 125 5.41 5.06 0.74
C GLY A 125 5.27 5.22 -0.77
N VAL A 126 4.07 5.56 -1.21
CA VAL A 126 3.80 5.74 -2.63
C VAL A 126 3.43 7.19 -2.94
N GLU A 127 3.58 7.58 -4.20
CA GLU A 127 3.26 8.93 -4.62
C GLU A 127 2.85 8.97 -6.10
N ARG A 128 1.92 9.86 -6.42
CA ARG A 128 1.45 9.99 -7.80
C ARG A 128 1.77 11.37 -8.36
N THR A 129 2.78 11.43 -9.23
CA THR A 129 3.19 12.69 -9.83
C THR A 129 2.07 13.28 -10.68
N VAL A 130 2.14 14.60 -10.90
CA VAL A 130 1.12 15.29 -11.70
C VAL A 130 0.97 14.63 -13.07
N ALA A 131 2.08 14.22 -13.66
CA ALA A 131 2.06 13.57 -14.96
C ALA A 131 1.38 12.21 -14.89
N GLY A 132 1.34 11.64 -13.70
CA GLY A 132 0.71 10.34 -13.52
C GLY A 132 1.73 9.22 -13.42
N GLU A 133 2.85 9.49 -12.76
CA GLU A 133 3.91 8.50 -12.60
C GLU A 133 3.98 8.02 -11.15
N LEU A 134 4.06 6.70 -10.98
CA LEU A 134 4.14 6.12 -9.64
C LEU A 134 5.55 6.27 -9.07
N ARG A 135 5.62 6.76 -7.84
CA ARG A 135 6.90 6.96 -7.17
C ARG A 135 6.89 6.35 -5.77
N LEU A 136 8.02 5.77 -5.37
CA LEU A 136 8.14 5.16 -4.06
C LEU A 136 9.09 5.94 -3.16
N TRP A 137 8.85 5.88 -1.86
CA TRP A 137 9.69 6.59 -0.90
C TRP A 137 9.96 5.73 0.33
N VAL A 138 11.24 5.52 0.64
CA VAL A 138 11.62 4.72 1.80
C VAL A 138 12.33 5.57 2.84
N ASN A 139 11.81 5.55 4.06
CA ASN A 139 12.39 6.32 5.16
C ASN A 139 12.57 7.78 4.77
N GLY A 140 11.70 8.25 3.87
CA GLY A 140 11.78 9.63 3.42
C GLY A 140 12.84 9.83 2.36
N ARG A 141 13.00 8.84 1.49
CA ARG A 141 13.98 8.92 0.42
C ARG A 141 13.42 8.35 -0.88
N ASP A 142 13.61 9.08 -1.97
CA ASP A 142 13.11 8.64 -3.28
C ASP A 142 13.69 7.27 -3.65
N CYS A 143 12.85 6.42 -4.22
CA CYS A 143 13.28 5.09 -4.62
C CYS A 143 13.30 4.96 -6.15
N GLY A 144 12.50 5.78 -6.81
CA GLY A 144 12.44 5.74 -8.26
C GLY A 144 11.02 5.80 -8.79
N VAL A 145 10.81 5.29 -10.00
CA VAL A 145 9.49 5.30 -10.62
C VAL A 145 8.98 3.87 -10.81
N ALA A 146 7.82 3.57 -10.22
CA ALA A 146 7.22 2.25 -10.34
C ALA A 146 6.60 2.05 -11.72
N ALA A 147 5.75 2.99 -12.12
CA ALA A 147 5.09 2.92 -13.42
C ALA A 147 4.66 4.30 -13.90
N THR A 148 4.06 4.35 -15.08
CA THR A 148 3.60 5.61 -15.65
C THR A 148 2.24 5.46 -16.30
N GLY A 149 1.51 6.57 -16.44
CA GLY A 149 0.21 6.53 -17.06
C GLY A 149 -0.91 6.36 -16.04
N LEU A 150 -0.85 7.17 -14.98
CA LEU A 150 -1.87 7.12 -13.93
C LEU A 150 -2.92 8.21 -14.12
N PRO A 151 -4.13 7.95 -13.63
CA PRO A 151 -5.24 8.91 -13.72
C PRO A 151 -5.03 10.14 -12.85
N PRO A 152 -5.90 11.14 -13.03
CA PRO A 152 -5.83 12.39 -12.26
C PRO A 152 -6.21 12.19 -10.80
N ARG A 153 -6.90 11.10 -10.52
CA ARG A 153 -7.33 10.80 -9.15
C ARG A 153 -6.95 9.37 -8.77
N VAL A 154 -6.20 9.23 -7.68
CA VAL A 154 -5.78 7.91 -7.21
C VAL A 154 -5.81 7.83 -5.68
N TRP A 155 -5.72 6.62 -5.16
CA TRP A 155 -5.73 6.41 -3.72
C TRP A 155 -4.58 5.51 -3.28
N ALA A 156 -4.14 5.66 -2.04
CA ALA A 156 -3.06 4.86 -1.51
C ALA A 156 -3.55 3.47 -1.09
N VAL A 157 -3.05 2.43 -1.75
CA VAL A 157 -3.44 1.07 -1.45
C VAL A 157 -2.38 0.38 -0.59
N VAL A 158 -2.84 -0.41 0.37
CA VAL A 158 -1.94 -1.14 1.26
C VAL A 158 -2.52 -2.50 1.64
N ASP A 159 -1.64 -3.46 1.91
CA ASP A 159 -2.06 -4.81 2.29
C ASP A 159 -1.14 -5.37 3.37
N LEU A 160 -1.74 -6.06 4.34
CA LEU A 160 -0.99 -6.66 5.44
C LEU A 160 -1.18 -8.16 5.47
N TYR A 161 -0.31 -8.88 4.76
CA TYR A 161 -0.39 -10.34 4.70
C TYR A 161 1.00 -10.96 4.85
N GLY A 162 1.04 -12.19 5.35
CA GLY A 162 2.30 -12.88 5.53
C GLY A 162 3.23 -12.15 6.49
N LYS A 163 4.40 -11.77 6.00
CA LYS A 163 5.38 -11.07 6.82
C LYS A 163 4.75 -9.86 7.50
N CYS A 164 4.25 -8.93 6.70
CA CYS A 164 3.61 -7.71 7.22
C CYS A 164 2.23 -8.03 7.79
N THR A 165 1.90 -7.39 8.90
CA THR A 165 0.61 -7.60 9.55
C THR A 165 0.01 -6.28 10.02
N GLN A 166 0.86 -5.40 10.54
CA GLN A 166 0.40 -4.10 11.03
C GLN A 166 1.18 -2.97 10.36
N ILE A 167 0.48 -1.85 10.12
CA ILE A 167 1.11 -0.71 9.48
C ILE A 167 0.50 0.60 10.00
N THR A 168 1.28 1.68 9.90
CA THR A 168 0.82 2.99 10.36
C THR A 168 1.31 4.09 9.44
N VAL A 169 0.45 5.07 9.18
CA VAL A 169 0.80 6.19 8.31
C VAL A 169 1.71 7.18 9.04
N LEU A 170 2.84 7.49 8.42
CA LEU A 170 3.80 8.43 9.00
C LEU A 170 3.30 9.87 8.88
N GLY A 1 -10.69 23.42 4.81
CA GLY A 1 -12.01 22.85 4.60
C GLY A 1 -11.96 21.39 4.20
N SER A 2 -11.38 21.12 3.03
CA SER A 2 -11.27 19.76 2.53
C SER A 2 -10.08 19.61 1.59
N SER A 3 -8.88 19.73 2.16
CA SER A 3 -7.66 19.61 1.37
C SER A 3 -7.19 18.17 1.30
N GLY A 4 -6.78 17.75 0.10
CA GLY A 4 -6.32 16.38 -0.10
C GLY A 4 -4.87 16.20 0.32
N SER A 5 -4.58 15.05 0.92
CA SER A 5 -3.22 14.74 1.37
C SER A 5 -3.05 13.25 1.65
N SER A 6 -1.92 12.89 2.22
CA SER A 6 -1.63 11.50 2.53
C SER A 6 -1.18 11.35 3.99
N GLY A 7 -2.13 11.03 4.86
CA GLY A 7 -1.82 10.86 6.27
C GLY A 7 -2.94 10.17 7.03
N GLU A 8 -3.73 9.38 6.32
CA GLU A 8 -4.84 8.65 6.94
C GLU A 8 -5.15 7.38 6.16
N LEU A 9 -6.11 6.60 6.66
CA LEU A 9 -6.49 5.36 6.01
C LEU A 9 -8.00 5.14 6.13
N HIS A 10 -8.63 4.77 5.02
CA HIS A 10 -10.07 4.52 5.00
C HIS A 10 -10.47 3.55 6.10
N PRO A 11 -11.62 3.83 6.75
CA PRO A 11 -12.13 2.98 7.84
C PRO A 11 -12.62 1.63 7.34
N ARG A 12 -13.18 1.62 6.13
CA ARG A 12 -13.69 0.38 5.55
C ARG A 12 -12.54 -0.57 5.18
N THR A 13 -12.59 -1.77 5.74
CA THR A 13 -11.56 -2.77 5.47
C THR A 13 -12.17 -4.10 5.03
N GLY A 14 -11.32 -5.10 4.83
CA GLY A 14 -11.80 -6.40 4.42
C GLY A 14 -12.35 -7.22 5.58
N ARG A 15 -12.18 -8.53 5.50
CA ARG A 15 -12.66 -9.42 6.56
C ARG A 15 -11.57 -9.70 7.58
N LEU A 16 -10.38 -10.03 7.09
CA LEU A 16 -9.24 -10.31 7.97
C LEU A 16 -8.41 -9.06 8.21
N VAL A 17 -9.02 -7.90 7.97
CA VAL A 17 -8.32 -6.62 8.17
C VAL A 17 -9.06 -5.75 9.17
N SER A 18 -8.30 -5.10 10.04
CA SER A 18 -8.88 -4.22 11.05
C SER A 18 -8.07 -2.94 11.20
N LEU A 19 -8.74 -1.85 11.55
CA LEU A 19 -8.08 -0.57 11.71
C LEU A 19 -8.32 -0.01 13.12
N SER A 20 -7.50 0.95 13.52
CA SER A 20 -7.62 1.56 14.84
C SER A 20 -8.73 2.62 14.84
N ALA A 21 -9.19 2.97 16.04
CA ALA A 21 -10.24 3.97 16.19
C ALA A 21 -9.89 5.25 15.43
N CYS A 22 -8.67 5.73 15.62
CA CYS A 22 -8.21 6.95 14.96
C CYS A 22 -8.31 6.81 13.44
N GLY A 23 -8.19 5.57 12.96
CA GLY A 23 -8.25 5.33 11.53
C GLY A 23 -6.94 5.62 10.82
N ARG A 24 -5.84 5.52 11.56
CA ARG A 24 -4.52 5.78 11.00
C ARG A 24 -3.58 4.61 11.27
N THR A 25 -4.15 3.43 11.48
CA THR A 25 -3.37 2.24 11.75
C THR A 25 -4.10 0.98 11.30
N ALA A 26 -3.45 0.19 10.46
CA ALA A 26 -4.05 -1.04 9.95
C ALA A 26 -3.31 -2.27 10.47
N ARG A 27 -4.02 -3.37 10.60
CA ARG A 27 -3.44 -4.61 11.10
C ARG A 27 -4.26 -5.82 10.66
N ARG A 28 -3.71 -7.02 10.86
CA ARG A 28 -4.40 -8.24 10.49
C ARG A 28 -5.36 -8.69 11.58
N GLN A 29 -6.33 -9.52 11.21
CA GLN A 29 -7.31 -10.02 12.18
C GLN A 29 -7.11 -11.51 12.42
N GLN A 30 -6.58 -12.21 11.43
CA GLN A 30 -6.34 -13.64 11.54
C GLN A 30 -4.88 -13.97 11.28
N PRO A 31 -3.99 -13.48 12.14
CA PRO A 31 -2.55 -13.70 12.02
C PRO A 31 -2.16 -15.15 12.31
N GLY A 32 -3.11 -15.90 12.88
CA GLY A 32 -2.85 -17.30 13.21
C GLY A 32 -3.69 -18.25 12.38
N GLN A 33 -3.74 -18.01 11.07
CA GLN A 33 -4.52 -18.85 10.17
C GLN A 33 -4.20 -18.55 8.72
N GLU A 34 -4.68 -17.41 8.24
CA GLU A 34 -4.44 -17.01 6.85
C GLU A 34 -3.61 -15.72 6.81
N PHE A 35 -3.27 -15.30 5.60
CA PHE A 35 -2.48 -14.09 5.40
C PHE A 35 -3.25 -13.06 4.57
N ASN A 36 -3.36 -13.34 3.27
CA ASN A 36 -4.06 -12.43 2.36
C ASN A 36 -5.58 -12.65 2.45
N HIS A 37 -6.33 -11.56 2.30
CA HIS A 37 -7.78 -11.64 2.36
C HIS A 37 -8.40 -10.26 2.12
N GLY A 38 -8.24 -9.37 3.10
CA GLY A 38 -8.78 -8.03 2.97
C GLY A 38 -7.76 -7.03 2.49
N LEU A 39 -8.12 -5.75 2.53
CA LEU A 39 -7.23 -4.69 2.08
C LEU A 39 -7.51 -3.38 2.82
N VAL A 40 -6.62 -2.41 2.67
CA VAL A 40 -6.77 -1.12 3.33
C VAL A 40 -6.26 0.01 2.44
N LEU A 41 -7.16 0.90 2.04
CA LEU A 41 -6.80 2.02 1.19
C LEU A 41 -6.79 3.32 1.99
N SER A 42 -6.29 4.39 1.36
CA SER A 42 -6.22 5.69 2.03
C SER A 42 -7.60 6.31 2.14
N ARG A 43 -7.71 7.34 2.99
CA ARG A 43 -8.98 8.02 3.21
C ARG A 43 -9.27 8.98 2.06
N GLU A 44 -8.25 9.70 1.62
CA GLU A 44 -8.41 10.66 0.53
C GLU A 44 -7.49 10.31 -0.64
N PRO A 45 -7.80 10.84 -1.82
CA PRO A 45 -7.02 10.60 -3.03
C PRO A 45 -5.65 11.27 -2.98
N LEU A 46 -4.60 10.48 -3.14
CA LEU A 46 -3.23 11.00 -3.11
C LEU A 46 -3.08 12.18 -4.07
N ARG A 47 -2.84 13.36 -3.51
CA ARG A 47 -2.68 14.56 -4.33
C ARG A 47 -1.27 14.61 -4.93
N ASP A 48 -1.09 15.51 -5.90
CA ASP A 48 0.20 15.65 -6.56
C ASP A 48 1.27 16.08 -5.57
N GLY A 49 2.39 15.36 -5.57
CA GLY A 49 3.48 15.67 -4.66
C GLY A 49 3.39 14.90 -3.35
N ARG A 50 2.22 14.94 -2.72
CA ARG A 50 2.01 14.24 -1.46
C ARG A 50 2.43 12.78 -1.57
N VAL A 51 3.21 12.32 -0.61
CA VAL A 51 3.68 10.95 -0.59
C VAL A 51 3.10 10.17 0.59
N PHE A 52 2.25 9.20 0.29
CA PHE A 52 1.62 8.39 1.33
C PHE A 52 2.62 7.40 1.93
N THR A 53 3.19 7.76 3.07
CA THR A 53 4.16 6.91 3.75
C THR A 53 3.50 6.04 4.80
N VAL A 54 4.08 4.87 5.05
CA VAL A 54 3.54 3.94 6.03
C VAL A 54 4.65 3.12 6.69
N ARG A 55 4.60 3.02 8.01
CA ARG A 55 5.60 2.27 8.76
C ARG A 55 5.00 0.98 9.33
N ILE A 56 5.82 -0.06 9.39
CA ILE A 56 5.37 -1.35 9.91
C ILE A 56 5.35 -1.35 11.43
N ASP A 57 4.16 -1.13 12.00
CA ASP A 57 4.00 -1.10 13.45
C ASP A 57 4.45 -2.42 14.07
N ARG A 58 4.27 -3.51 13.34
CA ARG A 58 4.66 -4.83 13.82
C ARG A 58 4.80 -5.82 12.66
N LYS A 59 5.62 -6.83 12.85
CA LYS A 59 5.84 -7.84 11.81
C LYS A 59 6.10 -9.21 12.44
N VAL A 60 5.29 -10.20 12.07
CA VAL A 60 5.44 -11.54 12.59
C VAL A 60 6.48 -12.33 11.80
N ASN A 61 7.07 -13.35 12.44
CA ASN A 61 8.08 -14.18 11.80
C ASN A 61 7.64 -15.63 11.74
N SER A 62 6.37 -15.85 11.45
CA SER A 62 5.82 -17.20 11.37
C SER A 62 5.50 -17.57 9.92
N TRP A 63 5.25 -16.56 9.10
CA TRP A 63 4.94 -16.78 7.68
C TRP A 63 6.10 -16.36 6.80
N SER A 64 6.05 -16.76 5.53
CA SER A 64 7.11 -16.42 4.58
C SER A 64 6.57 -15.54 3.46
N GLY A 65 5.50 -14.81 3.74
CA GLY A 65 4.90 -13.93 2.75
C GLY A 65 5.65 -12.63 2.60
N SER A 66 4.97 -11.62 2.09
CA SER A 66 5.57 -10.30 1.89
C SER A 66 4.55 -9.19 2.07
N ILE A 67 4.99 -7.96 1.93
CA ILE A 67 4.10 -6.80 2.07
C ILE A 67 3.79 -6.17 0.72
N GLU A 68 2.52 -5.83 0.51
CA GLU A 68 2.09 -5.23 -0.74
C GLU A 68 1.61 -3.79 -0.51
N ILE A 69 2.07 -2.88 -1.37
CA ILE A 69 1.68 -1.48 -1.26
C ILE A 69 1.75 -0.79 -2.62
N GLY A 70 0.81 0.12 -2.87
CA GLY A 70 0.79 0.84 -4.12
C GLY A 70 -0.35 1.84 -4.19
N VAL A 71 -0.97 1.94 -5.36
CA VAL A 71 -2.08 2.87 -5.56
C VAL A 71 -3.15 2.27 -6.46
N THR A 72 -4.30 2.93 -6.53
CA THR A 72 -5.40 2.46 -7.35
C THR A 72 -6.26 3.61 -7.83
N ALA A 73 -6.93 3.42 -8.97
CA ALA A 73 -7.79 4.44 -9.54
C ALA A 73 -9.26 4.19 -9.18
N LEU A 74 -9.49 3.42 -8.13
CA LEU A 74 -10.84 3.10 -7.69
C LEU A 74 -11.07 3.59 -6.26
N ASP A 75 -12.13 4.36 -6.06
CA ASP A 75 -12.48 4.87 -4.75
C ASP A 75 -12.70 3.73 -3.76
N PRO A 76 -12.17 3.89 -2.54
CA PRO A 76 -12.31 2.89 -1.49
C PRO A 76 -13.74 2.79 -0.96
N SER A 77 -14.54 3.81 -1.23
CA SER A 77 -15.92 3.84 -0.79
C SER A 77 -16.77 2.84 -1.56
N VAL A 78 -16.32 2.52 -2.77
CA VAL A 78 -17.04 1.57 -3.62
C VAL A 78 -16.07 0.61 -4.30
N LEU A 79 -14.99 0.28 -3.62
CA LEU A 79 -13.98 -0.63 -4.16
C LEU A 79 -14.21 -2.06 -3.67
N ASP A 80 -13.86 -3.02 -4.51
CA ASP A 80 -14.03 -4.43 -4.15
C ASP A 80 -12.71 -5.04 -3.69
N PHE A 81 -12.48 -5.01 -2.39
CA PHE A 81 -11.26 -5.55 -1.81
C PHE A 81 -11.01 -6.98 -2.30
N PRO A 82 -10.07 -7.11 -3.25
CA PRO A 82 -9.71 -8.42 -3.83
C PRO A 82 -8.99 -9.31 -2.83
N SER A 83 -8.45 -10.42 -3.33
CA SER A 83 -7.72 -11.36 -2.49
C SER A 83 -6.48 -10.73 -1.91
N SER A 84 -5.95 -9.73 -2.60
CA SER A 84 -4.74 -9.03 -2.16
C SER A 84 -4.53 -7.75 -2.96
N ALA A 85 -3.66 -6.88 -2.45
CA ALA A 85 -3.37 -5.62 -3.12
C ALA A 85 -2.98 -5.84 -4.58
N THR A 86 -2.08 -6.80 -4.81
CA THR A 86 -1.65 -7.11 -6.16
C THR A 86 -2.77 -7.69 -7.00
N GLY A 87 -3.85 -8.10 -6.33
CA GLY A 87 -4.98 -8.67 -7.03
C GLY A 87 -6.02 -7.63 -7.38
N LEU A 88 -5.60 -6.37 -7.48
CA LEU A 88 -6.51 -5.28 -7.80
C LEU A 88 -6.58 -5.06 -9.31
N LYS A 89 -7.70 -4.51 -9.78
CA LYS A 89 -7.87 -4.24 -11.20
C LYS A 89 -8.45 -2.85 -11.43
N GLY A 90 -8.80 -2.55 -12.67
CA GLY A 90 -9.36 -1.25 -13.00
C GLY A 90 -8.35 -0.13 -12.83
N GLY A 91 -7.18 -0.29 -13.43
CA GLY A 91 -6.15 0.74 -13.33
C GLY A 91 -5.61 0.87 -11.92
N SER A 92 -4.95 -0.18 -11.44
CA SER A 92 -4.38 -0.19 -10.10
C SER A 92 -2.95 -0.74 -10.11
N TRP A 93 -2.02 0.04 -9.58
CA TRP A 93 -0.63 -0.36 -9.53
C TRP A 93 -0.25 -0.84 -8.13
N VAL A 94 0.44 -1.98 -8.06
CA VAL A 94 0.86 -2.54 -6.79
C VAL A 94 2.29 -3.06 -6.86
N VAL A 95 3.02 -2.95 -5.75
CA VAL A 95 4.40 -3.40 -5.69
C VAL A 95 4.52 -4.64 -4.82
N SER A 96 4.83 -5.78 -5.44
CA SER A 96 4.99 -7.03 -4.72
C SER A 96 6.44 -7.26 -4.32
N GLY A 97 7.08 -6.20 -3.84
CA GLY A 97 8.47 -6.30 -3.43
C GLY A 97 9.43 -6.36 -4.61
N CYS A 98 9.96 -5.20 -4.99
CA CYS A 98 10.89 -5.13 -6.12
C CYS A 98 10.20 -5.54 -7.41
N SER A 99 8.87 -5.52 -7.40
CA SER A 99 8.10 -5.90 -8.58
C SER A 99 6.83 -5.07 -8.69
N VAL A 100 6.80 -4.18 -9.69
CA VAL A 100 5.66 -3.32 -9.91
C VAL A 100 4.70 -3.92 -10.93
N LEU A 101 3.44 -4.08 -10.52
CA LEU A 101 2.42 -4.65 -11.40
C LEU A 101 1.24 -3.70 -11.55
N ARG A 102 0.43 -3.92 -12.59
CA ARG A 102 -0.73 -3.09 -12.84
C ARG A 102 -1.93 -3.94 -13.26
N ASP A 103 -2.99 -3.89 -12.47
CA ASP A 103 -4.20 -4.65 -12.75
C ASP A 103 -3.92 -6.14 -12.71
N GLY A 104 -2.85 -6.52 -12.02
CA GLY A 104 -2.49 -7.92 -11.91
C GLY A 104 -1.56 -8.37 -13.02
N ARG A 105 -0.71 -7.46 -13.47
CA ARG A 105 0.23 -7.76 -14.55
C ARG A 105 1.60 -7.12 -14.27
N SER A 106 2.65 -7.93 -14.36
CA SER A 106 4.01 -7.44 -14.11
C SER A 106 4.48 -6.56 -15.27
N VAL A 107 4.98 -5.38 -14.93
CA VAL A 107 5.48 -4.44 -15.94
C VAL A 107 6.93 -4.05 -15.65
N LEU A 108 7.27 -3.93 -14.38
CA LEU A 108 8.62 -3.57 -13.98
C LEU A 108 9.15 -4.51 -12.90
N GLU A 109 10.43 -4.86 -13.01
CA GLU A 109 11.05 -5.75 -12.04
C GLU A 109 12.38 -5.19 -11.55
N GLU A 110 12.94 -5.81 -10.53
CA GLU A 110 14.21 -5.37 -9.97
C GLU A 110 14.16 -3.89 -9.59
N TYR A 111 12.99 -3.44 -9.16
CA TYR A 111 12.81 -2.03 -8.78
C TYR A 111 13.87 -1.61 -7.77
N GLY A 112 14.01 -0.29 -7.60
CA GLY A 112 14.99 0.23 -6.67
C GLY A 112 14.78 -0.28 -5.25
N GLN A 113 13.64 0.10 -4.66
CA GLN A 113 13.32 -0.32 -3.31
C GLN A 113 12.75 -1.73 -3.29
N ASP A 114 13.11 -2.50 -2.27
CA ASP A 114 12.64 -3.87 -2.13
C ASP A 114 11.73 -4.02 -0.91
N LEU A 115 10.43 -4.09 -1.15
CA LEU A 115 9.45 -4.22 -0.07
C LEU A 115 9.60 -5.57 0.62
N ASP A 116 10.05 -6.57 -0.14
CA ASP A 116 10.23 -7.91 0.40
C ASP A 116 11.33 -7.93 1.45
N GLN A 117 12.16 -6.89 1.46
CA GLN A 117 13.25 -6.78 2.42
C GLN A 117 12.76 -6.24 3.76
N LEU A 118 11.66 -5.49 3.71
CA LEU A 118 11.08 -4.91 4.92
C LEU A 118 10.87 -5.97 5.99
N GLY A 119 10.62 -5.53 7.22
CA GLY A 119 10.39 -6.46 8.31
C GLY A 119 10.78 -5.87 9.65
N GLU A 120 9.93 -4.99 10.18
CA GLU A 120 10.20 -4.36 11.47
C GLU A 120 11.49 -3.54 11.42
N GLY A 121 11.36 -2.26 11.10
CA GLY A 121 12.52 -1.39 11.02
C GLY A 121 12.69 -0.77 9.65
N ASP A 122 11.62 -0.77 8.87
CA ASP A 122 11.66 -0.20 7.52
C ASP A 122 10.27 0.24 7.08
N ARG A 123 10.18 1.47 6.59
CA ARG A 123 8.92 2.02 6.13
C ARG A 123 8.95 2.31 4.63
N VAL A 124 7.77 2.40 4.02
CA VAL A 124 7.66 2.68 2.59
C VAL A 124 6.46 3.55 2.29
N GLY A 125 6.53 4.29 1.19
CA GLY A 125 5.45 5.17 0.80
C GLY A 125 5.31 5.30 -0.70
N VAL A 126 4.11 5.64 -1.16
CA VAL A 126 3.85 5.80 -2.59
C VAL A 126 3.47 7.23 -2.93
N GLU A 127 3.61 7.59 -4.20
CA GLU A 127 3.28 8.93 -4.64
C GLU A 127 2.93 8.95 -6.14
N ARG A 128 2.05 9.86 -6.51
CA ARG A 128 1.62 9.97 -7.91
C ARG A 128 2.02 11.33 -8.49
N THR A 129 3.04 11.33 -9.34
CA THR A 129 3.52 12.56 -9.97
C THR A 129 2.44 13.18 -10.84
N VAL A 130 2.48 14.51 -10.98
CA VAL A 130 1.51 15.23 -11.78
C VAL A 130 1.43 14.65 -13.20
N ALA A 131 2.59 14.30 -13.76
CA ALA A 131 2.64 13.73 -15.09
C ALA A 131 1.86 12.42 -15.17
N GLY A 132 1.69 11.77 -14.03
CA GLY A 132 0.95 10.52 -13.99
C GLY A 132 1.86 9.32 -13.84
N GLU A 133 2.92 9.48 -13.04
CA GLU A 133 3.86 8.40 -12.80
C GLU A 133 3.94 8.06 -11.31
N LEU A 134 4.10 6.78 -11.01
CA LEU A 134 4.19 6.32 -9.63
C LEU A 134 5.57 6.63 -9.04
N ARG A 135 5.65 6.70 -7.72
CA ARG A 135 6.90 6.98 -7.03
C ARG A 135 6.91 6.34 -5.65
N LEU A 136 8.05 5.76 -5.29
CA LEU A 136 8.20 5.11 -3.99
C LEU A 136 9.17 5.88 -3.10
N TRP A 137 8.96 5.83 -1.80
CA TRP A 137 9.82 6.51 -0.85
C TRP A 137 10.05 5.66 0.39
N VAL A 138 11.32 5.45 0.74
CA VAL A 138 11.67 4.66 1.91
C VAL A 138 12.43 5.50 2.93
N ASN A 139 11.89 5.55 4.15
CA ASN A 139 12.52 6.31 5.22
C ASN A 139 12.70 7.77 4.81
N GLY A 140 11.87 8.23 3.88
CA GLY A 140 11.96 9.60 3.42
C GLY A 140 13.00 9.78 2.34
N ARG A 141 13.13 8.79 1.46
CA ARG A 141 14.09 8.85 0.38
C ARG A 141 13.50 8.29 -0.91
N ASP A 142 13.57 9.08 -1.98
CA ASP A 142 13.02 8.66 -3.27
C ASP A 142 13.65 7.34 -3.72
N CYS A 143 12.82 6.48 -4.29
CA CYS A 143 13.29 5.18 -4.76
C CYS A 143 13.29 5.11 -6.29
N GLY A 144 12.46 5.95 -6.91
CA GLY A 144 12.38 5.98 -8.36
C GLY A 144 10.95 6.03 -8.86
N VAL A 145 10.75 5.62 -10.11
CA VAL A 145 9.41 5.63 -10.70
C VAL A 145 8.94 4.22 -11.02
N ALA A 146 7.74 3.88 -10.56
CA ALA A 146 7.17 2.56 -10.78
C ALA A 146 6.73 2.40 -12.24
N ALA A 147 5.81 3.26 -12.68
CA ALA A 147 5.32 3.21 -14.05
C ALA A 147 4.76 4.56 -14.48
N THR A 148 4.37 4.67 -15.74
CA THR A 148 3.83 5.90 -16.28
C THR A 148 2.47 5.68 -16.93
N GLY A 149 1.59 6.67 -16.81
CA GLY A 149 0.26 6.55 -17.40
C GLY A 149 -0.82 6.40 -16.35
N LEU A 150 -0.76 7.22 -15.31
CA LEU A 150 -1.73 7.17 -14.23
C LEU A 150 -2.78 8.27 -14.39
N PRO A 151 -3.97 8.04 -13.83
CA PRO A 151 -5.08 9.01 -13.89
C PRO A 151 -4.81 10.24 -13.04
N PRO A 152 -5.66 11.26 -13.21
CA PRO A 152 -5.54 12.52 -12.47
C PRO A 152 -5.86 12.36 -10.98
N ARG A 153 -6.57 11.28 -10.66
CA ARG A 153 -6.95 11.01 -9.27
C ARG A 153 -6.64 9.56 -8.91
N VAL A 154 -5.94 9.37 -7.79
CA VAL A 154 -5.58 8.03 -7.34
C VAL A 154 -5.64 7.94 -5.81
N TRP A 155 -5.61 6.72 -5.30
CA TRP A 155 -5.66 6.50 -3.86
C TRP A 155 -4.55 5.55 -3.41
N ALA A 156 -4.14 5.67 -2.15
CA ALA A 156 -3.09 4.82 -1.60
C ALA A 156 -3.63 3.45 -1.22
N VAL A 157 -2.91 2.41 -1.62
CA VAL A 157 -3.31 1.03 -1.32
C VAL A 157 -2.29 0.34 -0.43
N VAL A 158 -2.77 -0.47 0.50
CA VAL A 158 -1.90 -1.19 1.42
C VAL A 158 -2.51 -2.53 1.80
N ASP A 159 -1.66 -3.53 2.01
CA ASP A 159 -2.11 -4.86 2.40
C ASP A 159 -1.21 -5.46 3.47
N LEU A 160 -1.81 -6.19 4.40
CA LEU A 160 -1.06 -6.81 5.49
C LEU A 160 -1.22 -8.33 5.46
N TYR A 161 -0.33 -9.01 4.75
CA TYR A 161 -0.37 -10.46 4.64
C TYR A 161 1.02 -11.05 4.81
N GLY A 162 1.11 -12.15 5.55
CA GLY A 162 2.38 -12.81 5.76
C GLY A 162 3.25 -12.07 6.76
N LYS A 163 4.33 -11.46 6.28
CA LYS A 163 5.24 -10.72 7.12
C LYS A 163 4.56 -9.48 7.72
N CYS A 164 4.09 -8.61 6.84
CA CYS A 164 3.41 -7.39 7.28
C CYS A 164 2.09 -7.71 7.98
N THR A 165 2.01 -7.39 9.27
CA THR A 165 0.81 -7.66 10.05
C THR A 165 0.23 -6.36 10.60
N GLN A 166 1.01 -5.29 10.57
CA GLN A 166 0.57 -3.99 11.06
C GLN A 166 1.23 -2.86 10.30
N ILE A 167 0.52 -1.75 10.17
CA ILE A 167 1.04 -0.59 9.46
C ILE A 167 0.45 0.70 10.01
N THR A 168 1.16 1.82 9.78
CA THR A 168 0.70 3.12 10.26
C THR A 168 1.14 4.23 9.31
N VAL A 169 0.19 5.06 8.91
CA VAL A 169 0.47 6.17 8.00
C VAL A 169 1.27 7.26 8.70
N LEU A 170 2.20 7.87 7.97
CA LEU A 170 3.05 8.93 8.52
C LEU A 170 2.69 10.27 7.91
N GLY A 1 10.25 12.94 11.05
CA GLY A 1 9.79 14.32 10.98
C GLY A 1 8.32 14.42 10.62
N SER A 2 7.75 15.60 10.81
CA SER A 2 6.34 15.83 10.52
C SER A 2 6.18 16.79 9.33
N SER A 3 4.99 16.84 8.77
CA SER A 3 4.71 17.71 7.63
C SER A 3 3.24 18.11 7.61
N GLY A 4 2.36 17.12 7.47
CA GLY A 4 0.94 17.38 7.43
C GLY A 4 0.13 16.18 6.98
N SER A 5 -0.90 16.42 6.17
CA SER A 5 -1.75 15.35 5.68
C SER A 5 -0.97 14.43 4.74
N SER A 6 -1.60 13.31 4.36
CA SER A 6 -0.96 12.35 3.47
C SER A 6 -2.01 11.51 2.75
N GLY A 7 -3.04 11.10 3.49
CA GLY A 7 -4.09 10.29 2.90
C GLY A 7 -4.91 9.56 3.94
N GLU A 8 -4.30 9.29 5.09
CA GLU A 8 -4.97 8.59 6.18
C GLU A 8 -5.40 7.19 5.73
N LEU A 9 -6.19 6.53 6.57
CA LEU A 9 -6.66 5.18 6.27
C LEU A 9 -8.19 5.14 6.26
N HIS A 10 -8.75 4.42 5.29
CA HIS A 10 -10.21 4.29 5.17
C HIS A 10 -10.76 3.40 6.28
N PRO A 11 -11.90 3.81 6.86
CA PRO A 11 -12.55 3.07 7.93
C PRO A 11 -13.16 1.75 7.44
N ARG A 12 -13.43 1.68 6.14
CA ARG A 12 -14.01 0.48 5.54
C ARG A 12 -12.92 -0.50 5.12
N THR A 13 -13.01 -1.73 5.61
CA THR A 13 -12.03 -2.77 5.28
C THR A 13 -12.68 -4.13 5.23
N GLY A 14 -11.89 -5.15 4.86
CA GLY A 14 -12.40 -6.50 4.78
C GLY A 14 -12.79 -7.05 6.14
N ARG A 15 -12.65 -8.36 6.31
CA ARG A 15 -12.99 -9.01 7.56
C ARG A 15 -11.77 -9.13 8.47
N LEU A 16 -10.74 -9.82 7.98
CA LEU A 16 -9.52 -10.00 8.75
C LEU A 16 -8.83 -8.66 9.01
N VAL A 17 -9.16 -7.67 8.20
CA VAL A 17 -8.59 -6.34 8.34
C VAL A 17 -9.20 -5.61 9.54
N SER A 18 -8.34 -4.99 10.35
CA SER A 18 -8.79 -4.27 11.53
C SER A 18 -8.06 -2.94 11.66
N LEU A 19 -8.81 -1.87 11.88
CA LEU A 19 -8.22 -0.54 12.03
C LEU A 19 -8.55 0.05 13.39
N SER A 20 -7.85 1.12 13.75
CA SER A 20 -8.06 1.78 15.04
C SER A 20 -9.30 2.68 14.98
N ALA A 21 -9.65 3.27 16.12
CA ALA A 21 -10.80 4.15 16.21
C ALA A 21 -10.61 5.39 15.34
N CYS A 22 -9.39 5.90 15.30
CA CYS A 22 -9.08 7.08 14.52
C CYS A 22 -9.01 6.74 13.03
N GLY A 23 -8.51 5.56 12.73
CA GLY A 23 -8.40 5.13 11.34
C GLY A 23 -7.06 5.50 10.72
N ARG A 24 -6.00 5.36 11.50
CA ARG A 24 -4.66 5.68 11.02
C ARG A 24 -3.69 4.53 11.29
N THR A 25 -4.24 3.34 11.51
CA THR A 25 -3.42 2.16 11.79
C THR A 25 -4.14 0.89 11.34
N ALA A 26 -3.55 0.21 10.36
CA ALA A 26 -4.12 -1.03 9.84
C ALA A 26 -3.40 -2.25 10.40
N ARG A 27 -4.15 -3.31 10.67
CA ARG A 27 -3.58 -4.54 11.21
C ARG A 27 -4.48 -5.73 10.93
N ARG A 28 -3.89 -6.91 10.83
CA ARG A 28 -4.65 -8.13 10.56
C ARG A 28 -5.20 -8.72 11.86
N GLN A 29 -6.23 -9.55 11.74
CA GLN A 29 -6.84 -10.17 12.90
C GLN A 29 -6.54 -11.66 12.94
N GLN A 30 -6.38 -12.26 11.77
CA GLN A 30 -6.08 -13.69 11.68
C GLN A 30 -4.74 -13.92 10.99
N PRO A 31 -3.66 -13.42 11.63
CA PRO A 31 -2.30 -13.57 11.11
C PRO A 31 -1.80 -15.00 11.17
N GLY A 32 -2.24 -15.73 12.19
CA GLY A 32 -1.83 -17.12 12.34
C GLY A 32 -2.64 -18.07 11.49
N GLN A 33 -3.90 -17.71 11.25
CA GLN A 33 -4.79 -18.55 10.45
C GLN A 33 -4.50 -18.37 8.96
N GLU A 34 -4.37 -17.12 8.54
CA GLU A 34 -4.10 -16.81 7.14
C GLU A 34 -3.30 -15.52 7.01
N PHE A 35 -3.02 -15.12 5.77
CA PHE A 35 -2.27 -13.91 5.51
C PHE A 35 -3.09 -12.91 4.69
N ASN A 36 -3.29 -13.23 3.41
CA ASN A 36 -4.06 -12.37 2.52
C ASN A 36 -5.56 -12.63 2.68
N HIS A 37 -6.35 -11.55 2.63
CA HIS A 37 -7.80 -11.67 2.77
C HIS A 37 -8.48 -10.38 2.34
N GLY A 38 -8.26 -9.32 3.11
CA GLY A 38 -8.87 -8.03 2.79
C GLY A 38 -7.87 -7.05 2.23
N LEU A 39 -8.04 -5.78 2.59
CA LEU A 39 -7.14 -4.73 2.11
C LEU A 39 -7.39 -3.42 2.86
N VAL A 40 -6.49 -2.46 2.68
CA VAL A 40 -6.61 -1.16 3.33
C VAL A 40 -6.18 -0.03 2.40
N LEU A 41 -7.12 0.83 2.06
CA LEU A 41 -6.84 1.96 1.17
C LEU A 41 -6.82 3.27 1.95
N SER A 42 -6.38 4.34 1.28
CA SER A 42 -6.32 5.65 1.92
C SER A 42 -7.71 6.27 2.03
N ARG A 43 -7.84 7.23 2.94
CA ARG A 43 -9.12 7.90 3.16
C ARG A 43 -9.44 8.84 2.00
N GLU A 44 -8.43 9.60 1.56
CA GLU A 44 -8.62 10.53 0.46
C GLU A 44 -7.62 10.26 -0.66
N PRO A 45 -7.95 10.73 -1.87
CA PRO A 45 -7.10 10.54 -3.06
C PRO A 45 -5.81 11.34 -2.99
N LEU A 46 -4.68 10.66 -3.08
CA LEU A 46 -3.38 11.31 -3.02
C LEU A 46 -3.27 12.41 -4.08
N ARG A 47 -2.83 13.59 -3.67
CA ARG A 47 -2.68 14.72 -4.57
C ARG A 47 -1.27 14.76 -5.17
N ASP A 48 -1.11 15.52 -6.25
CA ASP A 48 0.18 15.65 -6.90
C ASP A 48 1.26 16.03 -5.89
N GLY A 49 2.28 15.19 -5.78
CA GLY A 49 3.37 15.47 -4.85
C GLY A 49 3.21 14.73 -3.54
N ARG A 50 1.98 14.72 -3.02
CA ARG A 50 1.69 14.06 -1.75
C ARG A 50 2.20 12.62 -1.77
N VAL A 51 3.00 12.26 -0.77
CA VAL A 51 3.55 10.91 -0.68
C VAL A 51 2.97 10.17 0.52
N PHE A 52 2.20 9.12 0.25
CA PHE A 52 1.59 8.33 1.31
C PHE A 52 2.61 7.37 1.92
N THR A 53 3.18 7.76 3.05
CA THR A 53 4.16 6.93 3.74
C THR A 53 3.51 6.07 4.81
N VAL A 54 4.08 4.90 5.06
CA VAL A 54 3.56 3.98 6.06
C VAL A 54 4.68 3.18 6.71
N ARG A 55 4.59 3.03 8.04
CA ARG A 55 5.59 2.28 8.79
C ARG A 55 5.05 0.95 9.26
N ILE A 56 5.95 -0.02 9.45
CA ILE A 56 5.55 -1.35 9.90
C ILE A 56 5.51 -1.43 11.42
N ASP A 57 4.30 -1.46 11.98
CA ASP A 57 4.14 -1.54 13.42
C ASP A 57 4.41 -2.96 13.93
N ARG A 58 4.03 -3.95 13.13
CA ARG A 58 4.23 -5.34 13.51
C ARG A 58 4.63 -6.18 12.28
N LYS A 59 5.58 -7.08 12.48
CA LYS A 59 6.05 -7.93 11.40
C LYS A 59 6.39 -9.34 11.93
N VAL A 60 5.65 -10.33 11.44
CA VAL A 60 5.85 -11.71 11.86
C VAL A 60 6.88 -12.39 10.96
N ASN A 61 7.76 -13.18 11.59
CA ASN A 61 8.80 -13.88 10.85
C ASN A 61 8.50 -15.38 10.79
N SER A 62 7.22 -15.72 10.89
CA SER A 62 6.79 -17.12 10.85
C SER A 62 6.50 -17.55 9.41
N TRP A 63 5.80 -16.70 8.68
CA TRP A 63 5.45 -17.00 7.29
C TRP A 63 6.62 -16.70 6.36
N SER A 64 6.38 -16.76 5.05
CA SER A 64 7.41 -16.51 4.07
C SER A 64 6.87 -15.62 2.94
N GLY A 65 5.85 -14.83 3.25
CA GLY A 65 5.27 -13.96 2.25
C GLY A 65 5.97 -12.61 2.18
N SER A 66 5.26 -11.60 1.68
CA SER A 66 5.82 -10.27 1.55
C SER A 66 4.75 -9.20 1.73
N ILE A 67 5.15 -7.94 1.65
CA ILE A 67 4.23 -6.83 1.80
C ILE A 67 3.92 -6.17 0.47
N GLU A 68 2.64 -5.88 0.23
CA GLU A 68 2.23 -5.25 -1.01
C GLU A 68 1.72 -3.83 -0.76
N ILE A 69 2.16 -2.89 -1.60
CA ILE A 69 1.75 -1.50 -1.46
C ILE A 69 1.81 -0.78 -2.81
N GLY A 70 0.87 0.13 -3.03
CA GLY A 70 0.83 0.88 -4.27
C GLY A 70 -0.32 1.87 -4.32
N VAL A 71 -0.90 2.04 -5.50
CA VAL A 71 -2.01 2.97 -5.67
C VAL A 71 -3.10 2.36 -6.56
N THR A 72 -4.28 2.95 -6.52
CA THR A 72 -5.41 2.48 -7.32
C THR A 72 -6.25 3.64 -7.83
N ALA A 73 -7.00 3.40 -8.90
CA ALA A 73 -7.86 4.42 -9.47
C ALA A 73 -9.32 4.17 -9.14
N LEU A 74 -9.56 3.36 -8.10
CA LEU A 74 -10.91 3.05 -7.67
C LEU A 74 -11.16 3.53 -6.24
N ASP A 75 -12.24 4.27 -6.05
CA ASP A 75 -12.59 4.79 -4.74
C ASP A 75 -12.81 3.65 -3.74
N PRO A 76 -12.28 3.82 -2.52
CA PRO A 76 -12.41 2.83 -1.46
C PRO A 76 -13.83 2.71 -0.93
N SER A 77 -14.65 3.72 -1.23
CA SER A 77 -16.04 3.73 -0.78
C SER A 77 -16.87 2.71 -1.56
N VAL A 78 -16.41 2.37 -2.76
CA VAL A 78 -17.11 1.41 -3.60
C VAL A 78 -16.12 0.47 -4.29
N LEU A 79 -15.03 0.17 -3.61
CA LEU A 79 -14.00 -0.71 -4.16
C LEU A 79 -14.23 -2.15 -3.70
N ASP A 80 -13.86 -3.11 -4.55
CA ASP A 80 -14.01 -4.52 -4.23
C ASP A 80 -12.69 -5.11 -3.76
N PHE A 81 -12.44 -5.06 -2.45
CA PHE A 81 -11.22 -5.59 -1.88
C PHE A 81 -10.96 -7.02 -2.34
N PRO A 82 -10.04 -7.18 -3.30
CA PRO A 82 -9.68 -8.49 -3.85
C PRO A 82 -8.94 -9.37 -2.84
N SER A 83 -8.41 -10.48 -3.32
CA SER A 83 -7.68 -11.41 -2.46
C SER A 83 -6.43 -10.76 -1.90
N SER A 84 -5.90 -9.78 -2.63
CA SER A 84 -4.69 -9.08 -2.21
C SER A 84 -4.49 -7.80 -3.03
N ALA A 85 -3.61 -6.93 -2.54
CA ALA A 85 -3.34 -5.68 -3.22
C ALA A 85 -2.96 -5.91 -4.69
N THR A 86 -2.07 -6.87 -4.92
CA THR A 86 -1.62 -7.21 -6.26
C THR A 86 -2.76 -7.77 -7.09
N GLY A 87 -3.84 -8.17 -6.41
CA GLY A 87 -4.99 -8.73 -7.11
C GLY A 87 -6.03 -7.69 -7.45
N LEU A 88 -5.60 -6.44 -7.56
CA LEU A 88 -6.50 -5.34 -7.89
C LEU A 88 -6.52 -5.08 -9.39
N LYS A 89 -7.65 -4.58 -9.89
CA LYS A 89 -7.79 -4.28 -11.30
C LYS A 89 -8.40 -2.90 -11.51
N GLY A 90 -8.72 -2.57 -12.76
CA GLY A 90 -9.30 -1.28 -13.07
C GLY A 90 -8.33 -0.14 -12.86
N GLY A 91 -7.13 -0.27 -13.41
CA GLY A 91 -6.12 0.76 -13.27
C GLY A 91 -5.59 0.86 -11.85
N SER A 92 -4.92 -0.19 -11.40
CA SER A 92 -4.37 -0.22 -10.05
C SER A 92 -2.92 -0.74 -10.07
N TRP A 93 -2.01 0.06 -9.51
CA TRP A 93 -0.61 -0.33 -9.46
C TRP A 93 -0.23 -0.83 -8.07
N VAL A 94 0.46 -1.96 -8.02
CA VAL A 94 0.87 -2.55 -6.77
C VAL A 94 2.30 -3.07 -6.85
N VAL A 95 3.03 -3.00 -5.74
CA VAL A 95 4.40 -3.47 -5.69
C VAL A 95 4.53 -4.74 -4.85
N SER A 96 4.82 -5.85 -5.51
CA SER A 96 4.96 -7.13 -4.84
C SER A 96 6.42 -7.37 -4.43
N GLY A 97 7.04 -6.35 -3.84
CA GLY A 97 8.42 -6.47 -3.41
C GLY A 97 9.39 -6.45 -4.58
N CYS A 98 9.94 -5.27 -4.87
CA CYS A 98 10.88 -5.12 -5.96
C CYS A 98 10.25 -5.51 -7.29
N SER A 99 8.92 -5.51 -7.33
CA SER A 99 8.19 -5.86 -8.54
C SER A 99 6.92 -5.02 -8.68
N VAL A 100 6.92 -4.13 -9.66
CA VAL A 100 5.78 -3.26 -9.89
C VAL A 100 4.80 -3.89 -10.89
N LEU A 101 3.54 -3.96 -10.51
CA LEU A 101 2.51 -4.54 -11.36
C LEU A 101 1.34 -3.59 -11.52
N ARG A 102 0.53 -3.81 -12.56
CA ARG A 102 -0.63 -2.97 -12.82
C ARG A 102 -1.82 -3.82 -13.27
N ASP A 103 -2.89 -3.78 -12.49
CA ASP A 103 -4.09 -4.55 -12.81
C ASP A 103 -3.80 -6.05 -12.79
N GLY A 104 -2.76 -6.44 -12.07
CA GLY A 104 -2.39 -7.85 -11.99
C GLY A 104 -1.44 -8.26 -13.09
N ARG A 105 -0.63 -7.32 -13.55
CA ARG A 105 0.33 -7.60 -14.62
C ARG A 105 1.69 -6.98 -14.31
N SER A 106 2.74 -7.78 -14.40
CA SER A 106 4.09 -7.31 -14.12
C SER A 106 4.60 -6.43 -15.26
N VAL A 107 5.07 -5.24 -14.91
CA VAL A 107 5.59 -4.30 -15.90
C VAL A 107 7.05 -3.94 -15.60
N LEU A 108 7.38 -3.85 -14.33
CA LEU A 108 8.74 -3.51 -13.91
C LEU A 108 9.20 -4.41 -12.79
N GLU A 109 10.46 -4.84 -12.85
CA GLU A 109 11.03 -5.71 -11.84
C GLU A 109 12.36 -5.16 -11.33
N GLU A 110 12.86 -5.75 -10.24
CA GLU A 110 14.12 -5.31 -9.65
C GLU A 110 14.06 -3.83 -9.28
N TYR A 111 12.88 -3.36 -8.92
CA TYR A 111 12.69 -1.97 -8.55
C TYR A 111 13.70 -1.55 -7.48
N GLY A 112 14.01 -0.25 -7.44
CA GLY A 112 14.95 0.26 -6.46
C GLY A 112 14.62 -0.17 -5.05
N GLN A 113 13.40 0.14 -4.61
CA GLN A 113 12.95 -0.22 -3.27
C GLN A 113 12.50 -1.67 -3.21
N ASP A 114 12.91 -2.37 -2.16
CA ASP A 114 12.55 -3.77 -1.99
C ASP A 114 11.65 -3.96 -0.77
N LEU A 115 10.36 -4.11 -1.01
CA LEU A 115 9.40 -4.29 0.07
C LEU A 115 9.55 -5.67 0.72
N ASP A 116 10.08 -6.62 -0.06
CA ASP A 116 10.29 -7.97 0.43
C ASP A 116 11.45 -8.03 1.43
N GLN A 117 12.16 -6.91 1.54
CA GLN A 117 13.30 -6.84 2.45
C GLN A 117 12.89 -6.25 3.80
N LEU A 118 11.81 -5.48 3.79
CA LEU A 118 11.31 -4.86 5.02
C LEU A 118 11.12 -5.90 6.11
N GLY A 119 11.07 -5.44 7.36
CA GLY A 119 10.90 -6.33 8.48
C GLY A 119 11.21 -5.68 9.81
N GLU A 120 10.27 -4.89 10.32
CA GLU A 120 10.45 -4.20 11.59
C GLU A 120 11.69 -3.32 11.55
N GLY A 121 11.51 -2.05 11.22
CA GLY A 121 12.63 -1.13 11.15
C GLY A 121 12.80 -0.52 9.78
N ASP A 122 11.73 -0.54 8.99
CA ASP A 122 11.77 0.02 7.64
C ASP A 122 10.38 0.41 7.18
N ARG A 123 10.24 1.65 6.71
CA ARG A 123 8.95 2.16 6.24
C ARG A 123 8.99 2.42 4.73
N VAL A 124 7.82 2.47 4.12
CA VAL A 124 7.72 2.71 2.69
C VAL A 124 6.49 3.55 2.37
N GLY A 125 6.55 4.28 1.25
CA GLY A 125 5.43 5.11 0.84
C GLY A 125 5.32 5.23 -0.67
N VAL A 126 4.14 5.64 -1.14
CA VAL A 126 3.91 5.79 -2.56
C VAL A 126 3.57 7.24 -2.92
N GLU A 127 3.66 7.57 -4.20
CA GLU A 127 3.37 8.91 -4.67
C GLU A 127 2.94 8.91 -6.14
N ARG A 128 2.07 9.84 -6.49
CA ARG A 128 1.59 9.94 -7.87
C ARG A 128 2.01 11.26 -8.51
N THR A 129 3.04 11.20 -9.34
CA THR A 129 3.54 12.39 -10.02
C THR A 129 2.49 13.00 -10.93
N VAL A 130 2.56 14.31 -11.12
CA VAL A 130 1.61 15.01 -11.98
C VAL A 130 1.54 14.38 -13.36
N ALA A 131 2.70 13.98 -13.88
CA ALA A 131 2.78 13.36 -15.19
C ALA A 131 1.97 12.06 -15.23
N GLY A 132 1.79 11.44 -14.06
CA GLY A 132 1.05 10.20 -13.98
C GLY A 132 1.94 9.00 -13.79
N GLU A 133 3.01 9.17 -13.01
CA GLU A 133 3.95 8.09 -12.74
C GLU A 133 4.00 7.76 -11.26
N LEU A 134 3.82 6.49 -10.92
CA LEU A 134 3.84 6.05 -9.53
C LEU A 134 5.27 5.96 -9.02
N ARG A 135 5.53 6.59 -7.88
CA ARG A 135 6.85 6.57 -7.27
C ARG A 135 6.79 6.07 -5.84
N LEU A 136 7.93 5.60 -5.34
CA LEU A 136 8.01 5.08 -3.98
C LEU A 136 8.99 5.90 -3.14
N TRP A 137 8.82 5.87 -1.82
CA TRP A 137 9.69 6.60 -0.91
C TRP A 137 9.98 5.78 0.34
N VAL A 138 11.26 5.61 0.64
CA VAL A 138 11.68 4.85 1.81
C VAL A 138 12.33 5.75 2.86
N ASN A 139 11.77 5.74 4.06
CA ASN A 139 12.30 6.57 5.15
C ASN A 139 12.42 8.02 4.72
N GLY A 140 11.55 8.44 3.81
CA GLY A 140 11.59 9.81 3.33
C GLY A 140 12.66 10.03 2.28
N ARG A 141 12.86 9.03 1.41
CA ARG A 141 13.86 9.13 0.37
C ARG A 141 13.34 8.56 -0.95
N ASP A 142 13.53 9.31 -2.03
CA ASP A 142 13.07 8.87 -3.35
C ASP A 142 13.74 7.57 -3.76
N CYS A 143 12.97 6.67 -4.34
CA CYS A 143 13.50 5.37 -4.78
C CYS A 143 13.52 5.29 -6.31
N GLY A 144 12.65 6.06 -6.96
CA GLY A 144 12.58 6.05 -8.40
C GLY A 144 11.17 5.97 -8.92
N VAL A 145 11.02 5.51 -10.16
CA VAL A 145 9.70 5.38 -10.77
C VAL A 145 9.31 3.91 -10.92
N ALA A 146 8.03 3.62 -10.67
CA ALA A 146 7.52 2.26 -10.78
C ALA A 146 6.81 2.05 -12.11
N ALA A 147 5.81 2.88 -12.38
CA ALA A 147 5.05 2.78 -13.61
C ALA A 147 4.54 4.15 -14.06
N THR A 148 4.18 4.26 -15.34
CA THR A 148 3.69 5.52 -15.88
C THR A 148 2.30 5.34 -16.47
N GLY A 149 1.61 6.46 -16.71
CA GLY A 149 0.28 6.41 -17.27
C GLY A 149 -0.80 6.26 -16.21
N LEU A 150 -0.79 7.14 -15.23
CA LEU A 150 -1.76 7.10 -14.14
C LEU A 150 -2.81 8.19 -14.31
N PRO A 151 -4.02 7.96 -13.77
CA PRO A 151 -5.12 8.91 -13.84
C PRO A 151 -4.88 10.16 -13.00
N PRO A 152 -5.74 11.17 -13.16
CA PRO A 152 -5.64 12.43 -12.43
C PRO A 152 -5.97 12.27 -10.95
N ARG A 153 -6.67 11.18 -10.62
CA ARG A 153 -7.05 10.91 -9.25
C ARG A 153 -6.73 9.46 -8.87
N VAL A 154 -5.98 9.30 -7.79
CA VAL A 154 -5.60 7.98 -7.32
C VAL A 154 -5.65 7.88 -5.80
N TRP A 155 -5.62 6.66 -5.27
CA TRP A 155 -5.66 6.44 -3.84
C TRP A 155 -4.51 5.56 -3.38
N ALA A 156 -4.08 5.74 -2.13
CA ALA A 156 -2.99 4.95 -1.58
C ALA A 156 -3.47 3.57 -1.14
N VAL A 157 -2.97 2.54 -1.80
CA VAL A 157 -3.36 1.17 -1.49
C VAL A 157 -2.28 0.48 -0.63
N VAL A 158 -2.73 -0.32 0.33
CA VAL A 158 -1.81 -1.03 1.21
C VAL A 158 -2.37 -2.39 1.61
N ASP A 159 -1.48 -3.34 1.86
CA ASP A 159 -1.89 -4.69 2.24
C ASP A 159 -0.96 -5.25 3.31
N LEU A 160 -1.53 -5.99 4.27
CA LEU A 160 -0.75 -6.57 5.35
C LEU A 160 -0.94 -8.09 5.39
N TYR A 161 -0.10 -8.81 4.65
CA TYR A 161 -0.17 -10.26 4.61
C TYR A 161 1.21 -10.89 4.73
N GLY A 162 1.31 -11.97 5.51
CA GLY A 162 2.58 -12.65 5.69
C GLY A 162 3.50 -11.89 6.63
N LYS A 163 4.66 -11.48 6.12
CA LYS A 163 5.63 -10.75 6.91
C LYS A 163 4.99 -9.54 7.60
N CYS A 164 4.48 -8.63 6.77
CA CYS A 164 3.83 -7.43 7.29
C CYS A 164 2.35 -7.68 7.59
N THR A 165 1.97 -7.47 8.84
CA THR A 165 0.58 -7.69 9.25
C THR A 165 0.01 -6.45 9.93
N GLN A 166 0.84 -5.42 10.06
CA GLN A 166 0.43 -4.18 10.69
C GLN A 166 1.16 -2.99 10.11
N ILE A 167 0.43 -1.94 9.75
CA ILE A 167 1.02 -0.74 9.17
C ILE A 167 0.43 0.52 9.80
N THR A 168 1.23 1.58 9.83
CA THR A 168 0.78 2.84 10.42
C THR A 168 1.24 4.02 9.55
N VAL A 169 0.27 4.81 9.09
CA VAL A 169 0.56 5.97 8.26
C VAL A 169 1.31 7.04 9.04
N LEU A 170 2.17 7.79 8.35
CA LEU A 170 2.94 8.85 8.99
C LEU A 170 2.43 10.22 8.59
#